data_4NI8
#
_entry.id   4NI8
#
_cell.length_a   80.523
_cell.length_b   99.896
_cell.length_c   100.427
_cell.angle_alpha   67.04
_cell.angle_beta   88.44
_cell.angle_gamma   68.07
#
_symmetry.space_group_name_H-M   'P 1'
#
loop_
_entity.id
_entity.type
_entity.pdbx_description
1 polymer '5-carboxyvanillate decarboxylase'
2 non-polymer 'MANGANESE (II) ION'
3 non-polymer '5-methoxybenzene-1,3-dicarboxylic acid'
4 non-polymer 1,2-ETHANEDIOL
5 non-polymer GLYCEROL
6 water water
#
_entity_poly.entity_id   1
_entity_poly.type   'polypeptide(L)'
_entity_poly.pdbx_seq_one_letter_code
;SLRLIATEEAVTFQPVVDALRAHSRTDDASLDMILVRDVYGDEPARPAMIGRLSDVTGERLAEMDSNGVDMHLLSLTAPG
VQMFDAETGTRLARIANDLMAQTVAANPTRFAGLGTFAPQDPASAAREIERVATQLRLNGLVINSHTNDLYYDDPFFHPV
FEAIEASGLALYIHPRAPSKQIDRAFRDYGMNSAIWGYGIETSTNAVRMILSGLFDRFPRLKIVLGHMGEAIPFWLWRLD
YMHGNATTFGGAPKLKLKPSEYFRRNFAITTSGVESHAALRYSIEVLGPENVMWAIDYPYQPMAPAVQFIRTAPIPEDVK
AMVAGGNAARIFRIT
;
_entity_poly.pdbx_strand_id   A,B,C,D,E,F,G,H
#
# COMPACT_ATOMS: atom_id res chain seq x y z
N SER A 1 1.43 0.16 25.55
CA SER A 1 0.56 0.42 26.69
C SER A 1 -0.76 1.01 26.22
N LEU A 2 -1.48 0.23 25.43
CA LEU A 2 -2.75 0.63 24.89
C LEU A 2 -3.80 0.76 26.00
N ARG A 3 -4.49 1.89 26.07
CA ARG A 3 -5.57 2.05 27.06
C ARG A 3 -6.86 1.43 26.57
N LEU A 4 -7.27 0.35 27.23
CA LEU A 4 -8.44 -0.41 26.81
C LEU A 4 -9.67 -0.16 27.69
N ILE A 5 -10.68 0.46 27.10
CA ILE A 5 -11.97 0.67 27.76
C ILE A 5 -13.05 -0.15 27.05
N ALA A 6 -13.49 -1.24 27.66
CA ALA A 6 -14.50 -2.11 27.06
C ALA A 6 -15.91 -1.53 27.28
N THR A 7 -16.67 -1.34 26.21
CA THR A 7 -17.89 -0.53 26.32
C THR A 7 -19.24 -1.25 26.37
N GLU A 8 -19.25 -2.59 26.30
CA GLU A 8 -20.53 -3.32 26.38
C GLU A 8 -20.47 -4.47 27.39
N GLU A 9 -20.21 -4.13 28.64
CA GLU A 9 -19.87 -5.14 29.64
C GLU A 9 -21.03 -5.24 30.62
N ALA A 10 -21.72 -6.38 30.57
CA ALA A 10 -22.96 -6.54 31.33
C ALA A 10 -22.72 -6.86 32.80
N VAL A 11 -23.64 -6.41 33.65
CA VAL A 11 -23.59 -6.68 35.08
C VAL A 11 -25.04 -6.84 35.55
N THR A 12 -25.24 -7.50 36.68
CA THR A 12 -26.56 -7.44 37.30
C THR A 12 -26.43 -7.27 38.80
N PHE A 13 -27.57 -7.05 39.46
CA PHE A 13 -27.62 -6.86 40.90
C PHE A 13 -28.73 -7.72 41.45
N GLN A 14 -28.60 -8.13 42.71
CA GLN A 14 -29.55 -9.08 43.29
C GLN A 14 -31.04 -8.71 43.17
N PRO A 15 -31.41 -7.43 43.41
CA PRO A 15 -32.84 -7.12 43.32
C PRO A 15 -33.43 -7.38 41.93
N VAL A 16 -32.64 -7.13 40.89
CA VAL A 16 -33.08 -7.39 39.52
C VAL A 16 -33.12 -8.89 39.26
N VAL A 17 -32.08 -9.60 39.71
CA VAL A 17 -32.06 -11.06 39.60
C VAL A 17 -33.30 -11.70 40.21
N ASP A 18 -33.63 -11.32 41.44
CA ASP A 18 -34.79 -11.87 42.12
C ASP A 18 -36.08 -11.60 41.36
N ALA A 19 -36.20 -10.40 40.79
CA ALA A 19 -37.38 -10.05 40.02
C ALA A 19 -37.48 -10.87 38.74
N LEU A 20 -36.34 -11.11 38.08
CA LEU A 20 -36.36 -11.94 36.88
C LEU A 20 -36.62 -13.41 37.20
N ARG A 21 -36.13 -13.88 38.34
CA ARG A 21 -36.38 -15.25 38.74
C ARG A 21 -37.90 -15.44 38.87
N ALA A 22 -38.55 -14.48 39.54
CA ALA A 22 -39.99 -14.53 39.66
C ALA A 22 -40.65 -14.42 38.29
N HIS A 23 -40.16 -13.51 37.46
CA HIS A 23 -40.77 -13.31 36.14
C HIS A 23 -40.67 -14.55 35.25
N SER A 24 -39.64 -15.37 35.47
CA SER A 24 -39.42 -16.57 34.65
C SER A 24 -40.54 -17.59 34.82
N ARG A 25 -41.30 -17.45 35.90
CA ARG A 25 -42.37 -18.40 36.19
C ARG A 25 -43.70 -17.99 35.61
N THR A 26 -43.74 -16.79 35.01
CA THR A 26 -44.99 -16.27 34.47
C THR A 26 -45.25 -16.76 33.05
N ASP A 27 -46.44 -16.46 32.52
CA ASP A 27 -46.80 -16.88 31.18
C ASP A 27 -46.56 -15.81 30.11
N ASP A 28 -45.63 -14.90 30.40
CA ASP A 28 -45.20 -13.88 29.46
C ASP A 28 -44.82 -14.54 28.13
N ALA A 29 -45.36 -14.01 27.03
CA ALA A 29 -45.12 -14.58 25.70
C ALA A 29 -43.93 -13.94 24.97
N SER A 30 -43.31 -12.94 25.60
CA SER A 30 -42.14 -12.28 25.01
C SER A 30 -41.06 -13.30 24.67
N LEU A 31 -40.42 -13.11 23.53
CA LEU A 31 -39.36 -14.01 23.09
C LEU A 31 -38.15 -13.98 24.03
N ASP A 32 -38.02 -12.92 24.82
CA ASP A 32 -36.96 -12.85 25.82
C ASP A 32 -37.10 -13.91 26.90
N MET A 33 -38.26 -14.56 26.98
CA MET A 33 -38.48 -15.56 28.01
C MET A 33 -37.58 -16.76 27.81
N ILE A 34 -37.13 -16.97 26.58
CA ILE A 34 -36.19 -18.05 26.31
C ILE A 34 -34.91 -17.84 27.10
N LEU A 35 -34.29 -16.68 26.88
CA LEU A 35 -33.12 -16.27 27.67
C LEU A 35 -33.41 -16.22 29.17
N VAL A 36 -34.54 -15.62 29.54
CA VAL A 36 -34.86 -15.44 30.95
C VAL A 36 -34.96 -16.79 31.68
N ARG A 37 -35.62 -17.77 31.08
CA ARG A 37 -35.68 -19.09 31.69
C ARG A 37 -34.29 -19.77 31.72
N ASP A 38 -33.49 -19.59 30.66
CA ASP A 38 -32.16 -20.21 30.57
C ASP A 38 -31.20 -19.68 31.65
N VAL A 39 -31.34 -18.40 31.98
CA VAL A 39 -30.43 -17.79 32.96
C VAL A 39 -31.06 -17.62 34.36
N TYR A 40 -32.29 -17.16 34.41
CA TYR A 40 -32.92 -16.84 35.69
C TYR A 40 -33.96 -17.84 36.17
N GLY A 41 -34.23 -18.87 35.36
CA GLY A 41 -35.25 -19.84 35.66
C GLY A 41 -34.90 -20.81 36.77
N ASP A 42 -35.90 -21.54 37.25
CA ASP A 42 -35.70 -22.47 38.36
C ASP A 42 -34.83 -23.66 37.96
N GLU A 43 -34.84 -23.99 36.67
CA GLU A 43 -34.01 -25.08 36.15
C GLU A 43 -33.20 -24.59 34.95
N PRO A 44 -32.19 -23.74 35.21
CA PRO A 44 -31.52 -22.97 34.15
C PRO A 44 -30.52 -23.79 33.34
N ALA A 45 -30.63 -23.70 32.02
CA ALA A 45 -29.66 -24.34 31.12
C ALA A 45 -28.30 -23.68 31.22
N ARG A 46 -28.27 -22.45 31.72
CA ARG A 46 -27.02 -21.69 31.84
C ARG A 46 -26.83 -21.22 33.29
N PRO A 47 -26.54 -22.17 34.19
CA PRO A 47 -26.58 -21.90 35.63
C PRO A 47 -25.48 -20.99 36.18
N ALA A 48 -24.36 -20.85 35.47
CA ALA A 48 -23.25 -20.04 35.97
C ALA A 48 -23.38 -18.57 35.61
N MET A 49 -24.31 -18.24 34.73
CA MET A 49 -24.39 -16.88 34.19
C MET A 49 -24.74 -15.80 35.23
N ILE A 50 -25.67 -16.09 36.13
CA ILE A 50 -26.01 -15.10 37.16
C ILE A 50 -24.76 -14.73 37.97
N GLY A 51 -23.99 -15.71 38.39
CA GLY A 51 -22.77 -15.45 39.13
C GLY A 51 -21.78 -14.61 38.34
N ARG A 52 -21.65 -14.92 37.05
CA ARG A 52 -20.70 -14.17 36.24
C ARG A 52 -21.14 -12.73 36.00
N LEU A 53 -22.44 -12.54 35.80
CA LEU A 53 -22.98 -11.20 35.62
C LEU A 53 -22.87 -10.39 36.91
N SER A 54 -23.06 -11.07 38.05
CA SER A 54 -23.09 -10.38 39.35
C SER A 54 -21.70 -9.95 39.80
N ASP A 55 -20.71 -10.74 39.42
CA ASP A 55 -19.33 -10.48 39.85
C ASP A 55 -18.74 -9.26 39.16
N VAL A 56 -18.17 -8.37 39.96
CA VAL A 56 -17.44 -7.22 39.44
C VAL A 56 -16.00 -7.23 39.90
N THR A 57 -15.78 -7.40 41.20
CA THR A 57 -14.45 -7.26 41.76
C THR A 57 -13.66 -8.57 41.95
N GLY A 58 -14.26 -9.72 41.62
CA GLY A 58 -13.57 -10.99 41.72
C GLY A 58 -12.97 -11.43 40.40
N GLU A 59 -13.57 -12.44 39.78
CA GLU A 59 -13.09 -12.96 38.50
C GLU A 59 -13.00 -11.90 37.41
N ARG A 60 -14.00 -11.02 37.33
CA ARG A 60 -14.03 -10.01 36.28
C ARG A 60 -12.77 -9.15 36.34
N LEU A 61 -12.48 -8.62 37.53
CA LEU A 61 -11.31 -7.77 37.69
C LEU A 61 -10.00 -8.56 37.49
N ALA A 62 -9.97 -9.80 37.95
CA ALA A 62 -8.77 -10.63 37.76
C ALA A 62 -8.50 -10.83 36.26
N GLU A 63 -9.57 -11.08 35.50
CA GLU A 63 -9.47 -11.25 34.06
C GLU A 63 -9.03 -9.96 33.36
N MET A 64 -9.55 -8.83 33.82
CA MET A 64 -9.11 -7.54 33.31
C MET A 64 -7.61 -7.36 33.56
N ASP A 65 -7.17 -7.73 34.76
CA ASP A 65 -5.76 -7.59 35.09
C ASP A 65 -4.86 -8.51 34.26
N SER A 66 -5.31 -9.75 34.05
N SER A 66 -5.29 -9.75 34.04
CA SER A 66 -4.52 -10.74 33.31
CA SER A 66 -4.47 -10.71 33.32
C SER A 66 -4.40 -10.39 31.84
C SER A 66 -4.41 -10.41 31.83
N ASN A 67 -5.40 -9.68 31.32
CA ASN A 67 -5.42 -9.28 29.90
C ASN A 67 -5.04 -7.82 29.65
N GLY A 68 -4.71 -7.08 30.70
CA GLY A 68 -4.31 -5.70 30.52
C GLY A 68 -5.44 -4.78 30.09
N VAL A 69 -6.65 -5.04 30.56
CA VAL A 69 -7.81 -4.19 30.26
C VAL A 69 -7.96 -3.13 31.36
N ASP A 70 -7.94 -1.86 30.95
CA ASP A 70 -8.02 -0.76 31.92
C ASP A 70 -9.39 -0.66 32.59
N MET A 71 -10.45 -0.72 31.79
CA MET A 71 -11.79 -0.45 32.31
C MET A 71 -12.88 -1.27 31.65
N HIS A 72 -13.95 -1.50 32.42
CA HIS A 72 -15.22 -1.92 31.86
C HIS A 72 -16.23 -0.81 32.06
N LEU A 73 -16.91 -0.43 30.98
CA LEU A 73 -18.10 0.41 31.06
C LEU A 73 -19.28 -0.54 31.29
N LEU A 74 -19.82 -0.53 32.50
CA LEU A 74 -20.82 -1.50 32.93
C LEU A 74 -22.24 -1.09 32.55
N SER A 75 -23.09 -2.06 32.21
CA SER A 75 -24.50 -1.81 31.93
C SER A 75 -25.35 -2.94 32.50
N LEU A 76 -26.51 -2.61 33.07
CA LEU A 76 -27.44 -3.64 33.49
C LEU A 76 -27.79 -4.52 32.30
N THR A 77 -27.58 -5.82 32.48
CA THR A 77 -27.71 -6.79 31.41
C THR A 77 -29.13 -6.82 30.83
N ALA A 78 -29.24 -7.06 29.53
CA ALA A 78 -30.56 -7.23 28.90
C ALA A 78 -31.28 -8.39 29.57
N PRO A 79 -32.62 -8.32 29.73
CA PRO A 79 -33.55 -7.29 29.23
C PRO A 79 -33.72 -6.09 30.16
N GLY A 80 -32.74 -5.84 31.02
CA GLY A 80 -32.80 -4.73 31.95
C GLY A 80 -34.03 -4.80 32.85
N VAL A 81 -34.79 -3.71 32.89
CA VAL A 81 -36.03 -3.67 33.68
C VAL A 81 -37.27 -3.56 32.79
N GLN A 82 -37.09 -3.82 31.49
CA GLN A 82 -38.13 -3.54 30.51
C GLN A 82 -39.24 -4.58 30.43
N MET A 83 -39.02 -5.75 31.02
CA MET A 83 -40.07 -6.78 31.00
C MET A 83 -41.14 -6.63 32.08
N PHE A 84 -40.84 -5.83 33.11
CA PHE A 84 -41.74 -5.69 34.25
C PHE A 84 -42.88 -4.69 33.98
N ASP A 85 -43.89 -4.72 34.83
CA ASP A 85 -44.91 -3.67 34.83
C ASP A 85 -44.24 -2.33 35.14
N ALA A 86 -44.91 -1.23 34.81
CA ALA A 86 -44.31 0.09 34.94
C ALA A 86 -43.85 0.40 36.36
N GLU A 87 -44.68 0.13 37.36
CA GLU A 87 -44.32 0.41 38.75
C GLU A 87 -43.07 -0.36 39.18
N THR A 88 -43.05 -1.66 38.86
CA THR A 88 -41.91 -2.50 39.20
C THR A 88 -40.62 -2.10 38.47
N GLY A 89 -40.74 -1.83 37.18
CA GLY A 89 -39.60 -1.42 36.36
C GLY A 89 -39.01 -0.10 36.84
N THR A 90 -39.89 0.84 37.15
CA THR A 90 -39.48 2.15 37.64
C THR A 90 -38.73 2.03 38.96
N ARG A 91 -39.28 1.21 39.87
CA ARG A 91 -38.67 1.02 41.18
C ARG A 91 -37.31 0.35 41.04
N LEU A 92 -37.25 -0.68 40.21
CA LEU A 92 -36.01 -1.44 40.05
C LEU A 92 -34.92 -0.67 39.30
N ALA A 93 -35.30 0.20 38.37
CA ALA A 93 -34.32 1.03 37.68
C ALA A 93 -33.60 1.94 38.67
N ARG A 94 -34.37 2.55 39.58
CA ARG A 94 -33.78 3.42 40.59
C ARG A 94 -32.75 2.67 41.45
N ILE A 95 -33.14 1.50 41.92
CA ILE A 95 -32.26 0.67 42.73
C ILE A 95 -31.01 0.25 41.95
N ALA A 96 -31.24 -0.25 40.74
CA ALA A 96 -30.13 -0.73 39.91
C ALA A 96 -29.17 0.39 39.57
N ASN A 97 -29.69 1.59 39.34
CA ASN A 97 -28.84 2.74 39.05
C ASN A 97 -28.04 3.20 40.27
N ASP A 98 -28.64 3.13 41.45
CA ASP A 98 -27.94 3.46 42.69
C ASP A 98 -26.78 2.46 42.90
N LEU A 99 -27.07 1.18 42.65
CA LEU A 99 -26.05 0.15 42.82
C LEU A 99 -24.93 0.29 41.79
N MET A 100 -25.29 0.69 40.57
CA MET A 100 -24.31 0.93 39.51
C MET A 100 -23.40 2.08 39.94
N ALA A 101 -23.99 3.16 40.43
CA ALA A 101 -23.20 4.31 40.88
C ALA A 101 -22.24 3.91 42.02
N GLN A 102 -22.71 3.04 42.90
CA GLN A 102 -21.89 2.59 44.02
C GLN A 102 -20.76 1.69 43.53
N THR A 103 -21.06 0.88 42.52
CA THR A 103 -20.07 -0.03 41.95
C THR A 103 -18.94 0.77 41.31
N VAL A 104 -19.33 1.80 40.56
CA VAL A 104 -18.37 2.68 39.92
C VAL A 104 -17.52 3.43 40.96
N ALA A 105 -18.17 3.98 41.96
CA ALA A 105 -17.47 4.75 42.99
C ALA A 105 -16.43 3.92 43.77
N ALA A 106 -16.68 2.62 43.89
CA ALA A 106 -15.80 1.72 44.62
C ALA A 106 -14.44 1.53 43.91
N ASN A 107 -14.46 1.56 42.58
CA ASN A 107 -13.24 1.40 41.80
C ASN A 107 -13.29 2.24 40.53
N PRO A 108 -13.25 3.58 40.68
CA PRO A 108 -13.53 4.48 39.55
C PRO A 108 -12.44 4.52 38.48
N THR A 109 -11.26 3.97 38.75
CA THR A 109 -10.25 3.89 37.69
C THR A 109 -10.44 2.63 36.85
N ARG A 110 -11.28 1.71 37.32
CA ARG A 110 -11.50 0.44 36.61
C ARG A 110 -12.90 0.27 36.05
N PHE A 111 -13.87 1.00 36.61
CA PHE A 111 -15.26 0.86 36.16
C PHE A 111 -15.93 2.19 35.91
N ALA A 112 -16.60 2.28 34.76
CA ALA A 112 -17.54 3.36 34.48
C ALA A 112 -18.92 2.69 34.37
N GLY A 113 -19.98 3.48 34.30
CA GLY A 113 -21.32 2.90 34.34
C GLY A 113 -22.37 3.60 33.52
N LEU A 114 -23.26 2.82 32.92
CA LEU A 114 -24.43 3.35 32.24
C LEU A 114 -25.67 3.14 33.11
N GLY A 115 -26.48 4.18 33.24
CA GLY A 115 -27.75 4.05 33.94
C GLY A 115 -28.84 3.56 33.00
N THR A 116 -29.87 2.93 33.54
CA THR A 116 -30.97 2.50 32.69
C THR A 116 -32.29 3.12 33.20
N PHE A 117 -33.40 2.74 32.59
CA PHE A 117 -34.68 3.34 32.93
C PHE A 117 -35.80 2.43 32.42
N ALA A 118 -37.03 2.70 32.84
CA ALA A 118 -38.17 1.89 32.44
C ALA A 118 -39.11 2.71 31.56
N PRO A 119 -38.91 2.65 30.23
CA PRO A 119 -39.69 3.47 29.29
C PRO A 119 -41.15 3.06 29.23
N GLN A 120 -41.53 2.00 29.95
CA GLN A 120 -42.94 1.66 30.14
C GLN A 120 -43.72 2.88 30.63
N ASP A 121 -43.04 3.72 31.40
CA ASP A 121 -43.59 4.96 31.93
C ASP A 121 -42.65 6.09 31.50
N PRO A 122 -42.90 6.68 30.31
CA PRO A 122 -41.97 7.70 29.81
C PRO A 122 -41.79 8.90 30.75
N ALA A 123 -42.84 9.34 31.44
CA ALA A 123 -42.71 10.48 32.35
C ALA A 123 -41.74 10.17 33.49
N SER A 124 -41.91 9.01 34.10
CA SER A 124 -41.02 8.59 35.19
C SER A 124 -39.61 8.31 34.68
N ALA A 125 -39.51 7.71 33.49
CA ALA A 125 -38.21 7.44 32.89
C ALA A 125 -37.46 8.75 32.64
N ALA A 126 -38.17 9.79 32.24
CA ALA A 126 -37.54 11.08 31.99
C ALA A 126 -36.92 11.62 33.28
N ARG A 127 -37.63 11.45 34.38
CA ARG A 127 -37.14 11.90 35.68
C ARG A 127 -35.92 11.09 36.12
N GLU A 128 -35.93 9.78 35.88
CA GLU A 128 -34.77 8.96 36.24
C GLU A 128 -33.53 9.28 35.39
N ILE A 129 -33.76 9.57 34.11
CA ILE A 129 -32.66 9.94 33.23
C ILE A 129 -31.97 11.21 33.75
N GLU A 130 -32.78 12.18 34.15
CA GLU A 130 -32.26 13.40 34.76
C GLU A 130 -31.46 13.12 36.05
N ARG A 131 -31.96 12.19 36.86
CA ARG A 131 -31.27 11.82 38.11
C ARG A 131 -29.95 11.14 37.82
N VAL A 132 -29.94 10.28 36.81
CA VAL A 132 -28.73 9.55 36.43
C VAL A 132 -27.65 10.54 35.99
N ALA A 133 -28.06 11.54 35.22
CA ALA A 133 -27.12 12.53 34.69
C ALA A 133 -26.60 13.50 35.76
N THR A 134 -27.50 14.03 36.58
CA THR A 134 -27.16 15.14 37.47
C THR A 134 -26.83 14.76 38.92
N GLN A 135 -27.49 13.73 39.44
CA GLN A 135 -27.25 13.32 40.83
C GLN A 135 -26.22 12.20 40.91
N LEU A 136 -26.44 11.13 40.14
CA LEU A 136 -25.53 9.98 40.16
C LEU A 136 -24.28 10.25 39.34
N ARG A 137 -24.43 11.12 38.34
CA ARG A 137 -23.34 11.48 37.43
C ARG A 137 -22.72 10.26 36.77
N LEU A 138 -23.58 9.34 36.31
CA LEU A 138 -23.11 8.19 35.57
C LEU A 138 -22.64 8.60 34.18
N ASN A 139 -22.01 7.66 33.48
CA ASN A 139 -21.32 7.97 32.24
C ASN A 139 -22.18 8.00 30.97
N GLY A 140 -23.40 7.47 31.08
CA GLY A 140 -24.29 7.39 29.93
C GLY A 140 -25.50 6.56 30.31
N LEU A 141 -26.26 6.15 29.31
CA LEU A 141 -27.49 5.39 29.50
C LEU A 141 -27.47 4.14 28.65
N VAL A 142 -28.28 3.16 29.04
CA VAL A 142 -28.46 1.95 28.24
C VAL A 142 -29.93 1.55 28.29
N ILE A 143 -30.42 1.02 27.17
CA ILE A 143 -31.76 0.48 27.09
C ILE A 143 -31.67 -0.66 26.10
N ASN A 144 -32.54 -1.66 26.24
CA ASN A 144 -32.44 -2.85 25.39
C ASN A 144 -33.54 -2.90 24.36
N SER A 145 -33.20 -2.50 23.15
CA SER A 145 -34.13 -2.30 22.04
C SER A 145 -35.56 -1.98 22.48
N HIS A 146 -36.54 -2.74 22.03
CA HIS A 146 -37.96 -2.34 22.19
C HIS A 146 -38.44 -2.30 23.64
N THR A 147 -39.50 -1.53 23.88
CA THR A 147 -40.27 -1.65 25.12
C THR A 147 -41.74 -1.79 24.77
N ASN A 148 -42.41 -2.75 25.41
CA ASN A 148 -43.81 -3.04 25.15
C ASN A 148 -44.10 -3.31 23.68
N ASP A 149 -43.10 -3.85 23.00
CA ASP A 149 -43.22 -4.22 21.58
C ASP A 149 -43.48 -3.00 20.71
N LEU A 150 -42.93 -1.86 21.14
CA LEU A 150 -42.93 -0.64 20.35
C LEU A 150 -41.50 -0.18 20.14
N TYR A 151 -41.28 0.52 19.04
CA TYR A 151 -39.93 0.99 18.71
C TYR A 151 -39.82 2.48 18.98
N TYR A 152 -38.61 3.01 18.99
CA TYR A 152 -38.36 4.34 19.52
C TYR A 152 -38.67 5.50 18.55
N ASP A 153 -39.28 5.19 17.41
CA ASP A 153 -39.90 6.21 16.57
C ASP A 153 -41.26 6.64 17.15
N ASP A 154 -41.83 5.80 18.00
CA ASP A 154 -43.15 6.07 18.56
C ASP A 154 -43.13 7.33 19.42
N PRO A 155 -44.02 8.30 19.13
CA PRO A 155 -44.12 9.54 19.88
C PRO A 155 -44.42 9.31 21.37
N PHE A 156 -44.95 8.14 21.70
CA PHE A 156 -45.08 7.73 23.10
C PHE A 156 -43.77 7.92 23.90
N PHE A 157 -42.62 7.69 23.24
CA PHE A 157 -41.34 7.80 23.92
C PHE A 157 -40.67 9.18 23.82
N HIS A 158 -41.34 10.16 23.21
CA HIS A 158 -40.75 11.49 23.11
C HIS A 158 -40.23 12.11 24.44
N PRO A 159 -40.96 11.94 25.57
CA PRO A 159 -40.42 12.51 26.81
C PRO A 159 -39.08 11.87 27.21
N VAL A 160 -38.92 10.59 26.90
CA VAL A 160 -37.64 9.92 27.13
C VAL A 160 -36.53 10.58 26.33
N PHE A 161 -36.72 10.73 25.02
CA PHE A 161 -35.67 11.28 24.19
C PHE A 161 -35.41 12.76 24.41
N GLU A 162 -36.44 13.51 24.78
CA GLU A 162 -36.25 14.89 25.17
C GLU A 162 -35.30 14.96 26.36
N ALA A 163 -35.50 14.05 27.31
CA ALA A 163 -34.70 14.04 28.52
C ALA A 163 -33.27 13.57 28.23
N ILE A 164 -33.13 12.59 27.36
CA ILE A 164 -31.79 12.11 27.01
C ILE A 164 -31.03 13.21 26.28
N GLU A 165 -31.69 13.87 25.33
CA GLU A 165 -31.02 14.93 24.61
C GLU A 165 -30.55 16.04 25.55
N ALA A 166 -31.43 16.49 26.44
CA ALA A 166 -31.07 17.55 27.37
C ALA A 166 -29.95 17.17 28.33
N SER A 167 -29.90 15.89 28.70
CA SER A 167 -28.89 15.43 29.66
C SER A 167 -27.49 15.41 29.08
N GLY A 168 -27.37 15.28 27.77
CA GLY A 168 -26.07 15.17 27.13
C GLY A 168 -25.46 13.78 27.21
N LEU A 169 -26.15 12.85 27.86
CA LEU A 169 -25.69 11.46 27.95
C LEU A 169 -25.97 10.68 26.68
N ALA A 170 -24.98 9.90 26.22
CA ALA A 170 -25.19 9.00 25.09
C ALA A 170 -26.04 7.82 25.54
N LEU A 171 -26.87 7.31 24.64
CA LEU A 171 -27.72 6.15 24.91
C LEU A 171 -27.26 4.95 24.10
N TYR A 172 -26.78 3.92 24.80
CA TYR A 172 -26.41 2.68 24.16
C TYR A 172 -27.68 1.88 23.99
N ILE A 173 -28.09 1.62 22.76
CA ILE A 173 -29.25 0.77 22.54
C ILE A 173 -28.76 -0.64 22.30
N HIS A 174 -28.80 -1.44 23.36
CA HIS A 174 -28.36 -2.83 23.37
C HIS A 174 -29.48 -3.71 22.83
N PRO A 175 -29.16 -4.91 22.31
CA PRO A 175 -30.25 -5.78 21.85
C PRO A 175 -31.13 -6.38 22.97
N ARG A 176 -32.29 -6.87 22.56
CA ARG A 176 -33.02 -7.90 23.30
C ARG A 176 -33.65 -8.75 22.21
N ALA A 177 -34.40 -9.78 22.58
CA ALA A 177 -34.97 -10.65 21.56
C ALA A 177 -35.99 -9.87 20.72
N PRO A 178 -36.17 -10.28 19.45
CA PRO A 178 -37.21 -9.70 18.58
C PRO A 178 -38.54 -9.48 19.30
N SER A 179 -39.14 -8.32 19.07
CA SER A 179 -40.44 -7.96 19.63
C SER A 179 -41.55 -8.82 19.04
N LYS A 180 -42.74 -8.69 19.59
CA LYS A 180 -43.87 -9.45 19.11
C LYS A 180 -44.24 -9.08 17.68
N GLN A 181 -43.75 -7.94 17.21
CA GLN A 181 -44.03 -7.54 15.83
C GLN A 181 -43.35 -8.47 14.83
N ILE A 182 -42.26 -9.10 15.27
CA ILE A 182 -41.42 -9.85 14.33
C ILE A 182 -41.02 -11.22 14.84
N ASP A 183 -41.34 -11.54 16.09
CA ASP A 183 -40.76 -12.73 16.70
C ASP A 183 -41.15 -14.08 16.08
N ARG A 184 -42.20 -14.13 15.27
CA ARG A 184 -42.63 -15.40 14.70
C ARG A 184 -41.52 -16.08 13.88
N ALA A 185 -40.67 -15.28 13.25
CA ALA A 185 -39.63 -15.79 12.37
C ALA A 185 -38.35 -16.15 13.11
N PHE A 186 -38.32 -15.94 14.43
CA PHE A 186 -37.12 -16.16 15.21
C PHE A 186 -37.27 -17.22 16.30
N ARG A 187 -38.18 -18.17 16.09
CA ARG A 187 -38.47 -19.21 17.09
C ARG A 187 -37.67 -20.50 16.85
N ASP A 188 -36.89 -20.55 15.78
CA ASP A 188 -36.19 -21.78 15.41
C ASP A 188 -34.68 -21.58 15.34
N TYR A 189 -33.94 -22.68 15.55
CA TYR A 189 -32.49 -22.70 15.37
C TYR A 189 -31.73 -21.71 16.27
N GLY A 190 -32.31 -21.37 17.42
CA GLY A 190 -31.68 -20.45 18.36
C GLY A 190 -31.60 -19.02 17.87
N MET A 191 -32.38 -18.72 16.83
CA MET A 191 -32.34 -17.41 16.20
C MET A 191 -32.97 -16.29 17.05
N ASN A 192 -33.55 -16.65 18.20
CA ASN A 192 -34.05 -15.63 19.12
C ASN A 192 -32.95 -14.74 19.64
N SER A 193 -31.72 -15.25 19.60
CA SER A 193 -30.64 -14.67 20.38
C SER A 193 -29.60 -13.94 19.52
N ALA A 194 -28.37 -13.89 20.02
CA ALA A 194 -27.31 -13.14 19.37
C ALA A 194 -26.95 -13.61 17.95
N ILE A 195 -27.22 -14.88 17.65
CA ILE A 195 -26.89 -15.39 16.31
C ILE A 195 -27.64 -14.69 15.16
N TRP A 196 -28.81 -14.13 15.43
CA TRP A 196 -29.53 -13.42 14.36
C TRP A 196 -30.58 -12.42 14.86
N GLY A 197 -31.50 -12.88 15.71
CA GLY A 197 -32.60 -12.04 16.14
C GLY A 197 -32.19 -10.72 16.79
N TYR A 198 -31.19 -10.76 17.66
CA TYR A 198 -30.71 -9.54 18.31
C TYR A 198 -30.38 -8.44 17.31
N GLY A 199 -29.65 -8.81 16.25
CA GLY A 199 -29.25 -7.85 15.24
C GLY A 199 -30.38 -7.28 14.42
N ILE A 200 -31.36 -8.11 14.06
CA ILE A 200 -32.48 -7.67 13.26
C ILE A 200 -33.41 -6.77 14.08
N GLU A 201 -33.65 -7.15 15.33
CA GLU A 201 -34.48 -6.38 16.25
C GLU A 201 -33.90 -4.97 16.48
N THR A 202 -32.60 -4.93 16.78
CA THR A 202 -31.95 -3.68 17.18
C THR A 202 -31.73 -2.74 15.98
N SER A 203 -31.29 -3.29 14.85
CA SER A 203 -31.10 -2.47 13.64
C SER A 203 -32.42 -1.92 13.13
N THR A 204 -33.48 -2.71 13.18
CA THR A 204 -34.78 -2.24 12.72
C THR A 204 -35.30 -1.12 13.60
N ASN A 205 -35.10 -1.25 14.91
CA ASN A 205 -35.42 -0.15 15.84
C ASN A 205 -34.68 1.12 15.40
N ALA A 206 -33.37 1.03 15.22
CA ALA A 206 -32.55 2.20 14.88
C ALA A 206 -32.95 2.79 13.51
N VAL A 207 -33.23 1.93 12.53
CA VAL A 207 -33.64 2.43 11.22
C VAL A 207 -34.99 3.16 11.30
N ARG A 208 -35.92 2.63 12.10
CA ARG A 208 -37.18 3.35 12.31
C ARG A 208 -36.93 4.72 12.95
N MET A 209 -36.02 4.76 13.93
CA MET A 209 -35.70 6.04 14.56
C MET A 209 -35.21 7.06 13.52
N ILE A 210 -34.29 6.64 12.65
CA ILE A 210 -33.77 7.55 11.63
C ILE A 210 -34.84 7.98 10.62
N LEU A 211 -35.56 7.02 10.06
CA LEU A 211 -36.50 7.34 8.99
C LEU A 211 -37.72 8.11 9.47
N SER A 212 -38.02 8.00 10.76
CA SER A 212 -39.17 8.71 11.32
C SER A 212 -38.89 10.19 11.53
N GLY A 213 -37.61 10.56 11.43
CA GLY A 213 -37.18 11.92 11.69
C GLY A 213 -36.93 12.26 13.15
N LEU A 214 -36.73 11.23 13.97
CA LEU A 214 -36.45 11.46 15.39
C LEU A 214 -35.26 12.40 15.59
N PHE A 215 -34.27 12.33 14.68
CA PHE A 215 -33.04 13.09 14.86
C PHE A 215 -33.12 14.49 14.27
N ASP A 216 -34.27 14.82 13.67
CA ASP A 216 -34.56 16.22 13.36
C ASP A 216 -35.25 16.86 14.59
N ARG A 217 -36.05 16.08 15.30
CA ARG A 217 -36.70 16.56 16.51
C ARG A 217 -35.69 16.75 17.65
N PHE A 218 -34.75 15.80 17.75
CA PHE A 218 -33.72 15.79 18.79
C PHE A 218 -32.33 15.62 18.16
N PRO A 219 -31.82 16.69 17.51
CA PRO A 219 -30.58 16.56 16.72
C PRO A 219 -29.30 16.36 17.53
N ARG A 220 -29.36 16.59 18.85
CA ARG A 220 -28.19 16.40 19.70
C ARG A 220 -28.11 15.02 20.36
N LEU A 221 -29.06 14.14 20.06
CA LEU A 221 -28.98 12.78 20.57
C LEU A 221 -27.71 12.08 20.10
N LYS A 222 -27.08 11.33 21.00
CA LYS A 222 -26.02 10.41 20.61
C LYS A 222 -26.47 8.99 20.96
N ILE A 223 -26.48 8.13 19.95
CA ILE A 223 -26.91 6.74 20.12
C ILE A 223 -25.72 5.82 19.85
N VAL A 224 -25.55 4.77 20.66
CA VAL A 224 -24.46 3.83 20.43
C VAL A 224 -25.05 2.44 20.16
N LEU A 225 -24.58 1.80 19.10
CA LEU A 225 -24.99 0.45 18.75
C LEU A 225 -23.78 -0.50 18.77
N GLY A 226 -23.94 -1.64 19.45
CA GLY A 226 -22.92 -2.67 19.48
C GLY A 226 -22.94 -3.54 18.23
N HIS A 227 -22.15 -4.60 18.25
CA HIS A 227 -22.14 -5.61 17.19
C HIS A 227 -21.90 -4.97 15.83
N MET A 228 -20.86 -4.13 15.80
CA MET A 228 -20.42 -3.41 14.61
C MET A 228 -21.58 -2.62 13.99
N GLY A 229 -22.34 -1.94 14.84
CA GLY A 229 -23.44 -1.10 14.39
C GLY A 229 -24.67 -1.87 13.94
N GLU A 230 -24.77 -3.12 14.39
CA GLU A 230 -25.87 -4.00 14.01
C GLU A 230 -26.03 -4.01 12.47
N ALA A 231 -24.88 -3.94 11.80
CA ALA A 231 -24.74 -3.99 10.33
C ALA A 231 -25.26 -2.78 9.58
N ILE A 232 -25.83 -1.81 10.29
CA ILE A 232 -26.26 -0.58 9.60
C ILE A 232 -25.12 0.10 8.79
N PRO A 233 -23.87 0.07 9.30
CA PRO A 233 -22.78 0.63 8.48
C PRO A 233 -22.68 -0.01 7.08
N PHE A 234 -23.10 -1.26 6.95
CA PHE A 234 -23.01 -1.97 5.68
C PHE A 234 -24.08 -1.51 4.69
N TRP A 235 -25.22 -1.08 5.24
CA TRP A 235 -26.39 -0.74 4.43
C TRP A 235 -26.49 0.74 4.04
N LEU A 236 -25.50 1.54 4.38
CA LEU A 236 -25.62 2.99 4.24
C LEU A 236 -25.94 3.49 2.83
N TRP A 237 -25.30 2.91 1.83
CA TRP A 237 -25.50 3.41 0.47
C TRP A 237 -26.93 3.17 0.00
N ARG A 238 -27.47 1.99 0.33
CA ARG A 238 -28.82 1.60 -0.07
C ARG A 238 -29.88 2.35 0.72
N LEU A 239 -29.64 2.55 2.01
CA LEU A 239 -30.52 3.40 2.83
C LEU A 239 -30.66 4.79 2.21
N ASP A 240 -29.52 5.37 1.82
CA ASP A 240 -29.55 6.66 1.13
C ASP A 240 -30.22 6.61 -0.24
N TYR A 241 -29.86 5.63 -1.06
CA TYR A 241 -30.39 5.59 -2.42
C TYR A 241 -31.90 5.46 -2.44
N MET A 242 -32.40 4.53 -1.64
CA MET A 242 -33.83 4.25 -1.62
C MET A 242 -34.68 5.26 -0.85
N HIS A 243 -34.04 6.24 -0.21
CA HIS A 243 -34.81 7.20 0.55
C HIS A 243 -35.73 8.10 -0.29
N GLY A 244 -35.33 8.40 -1.53
CA GLY A 244 -36.18 9.19 -2.41
C GLY A 244 -37.51 8.48 -2.68
N ASN A 245 -37.44 7.21 -3.05
CA ASN A 245 -38.66 6.41 -3.19
C ASN A 245 -39.50 6.40 -1.91
N ALA A 246 -38.85 6.26 -0.76
CA ALA A 246 -39.56 6.18 0.51
C ALA A 246 -40.39 7.45 0.79
N THR A 247 -39.82 8.61 0.50
CA THR A 247 -40.51 9.87 0.76
C THR A 247 -41.47 10.26 -0.37
N THR A 248 -41.22 9.74 -1.57
CA THR A 248 -42.06 10.03 -2.72
C THR A 248 -43.30 9.14 -2.78
N PHE A 249 -43.11 7.84 -2.61
CA PHE A 249 -44.21 6.87 -2.77
C PHE A 249 -44.62 6.20 -1.47
N GLY A 250 -43.77 6.28 -0.45
CA GLY A 250 -43.94 5.45 0.72
C GLY A 250 -44.43 6.16 1.96
N GLY A 251 -44.71 7.45 1.84
CA GLY A 251 -45.20 8.23 2.97
C GLY A 251 -44.19 8.43 4.08
N ALA A 252 -42.91 8.24 3.78
CA ALA A 252 -41.88 8.58 4.75
C ALA A 252 -41.74 10.10 4.83
N PRO A 253 -41.51 10.64 6.03
CA PRO A 253 -41.40 12.10 6.14
C PRO A 253 -40.10 12.64 5.50
N LYS A 254 -40.15 13.84 4.95
CA LYS A 254 -38.95 14.44 4.41
C LYS A 254 -38.02 14.77 5.56
N LEU A 255 -36.74 14.49 5.38
CA LEU A 255 -35.74 14.73 6.41
C LEU A 255 -34.74 15.80 5.99
N LYS A 256 -34.11 16.45 6.97
CA LYS A 256 -33.12 17.47 6.68
C LYS A 256 -31.83 16.88 6.12
N LEU A 257 -31.45 15.69 6.60
CA LEU A 257 -30.22 15.02 6.16
C LEU A 257 -30.53 13.70 5.46
N LYS A 258 -29.51 13.10 4.86
CA LYS A 258 -29.62 11.74 4.34
C LYS A 258 -29.56 10.75 5.50
N PRO A 259 -30.19 9.59 5.36
CA PRO A 259 -30.09 8.58 6.41
C PRO A 259 -28.66 8.29 6.89
N SER A 260 -27.69 8.21 5.98
CA SER A 260 -26.33 7.88 6.38
C SER A 260 -25.69 9.03 7.14
N GLU A 261 -26.15 10.24 6.84
CA GLU A 261 -25.69 11.42 7.56
C GLU A 261 -26.18 11.46 9.00
N TYR A 262 -27.41 11.00 9.24
CA TYR A 262 -27.87 10.85 10.62
C TYR A 262 -27.01 9.81 11.29
N PHE A 263 -26.67 8.75 10.54
CA PHE A 263 -25.93 7.67 11.18
C PHE A 263 -24.55 8.14 11.65
N ARG A 264 -23.85 8.90 10.80
N ARG A 264 -23.87 8.91 10.80
CA ARG A 264 -22.56 9.42 11.21
CA ARG A 264 -22.55 9.45 11.14
C ARG A 264 -22.68 10.52 12.27
C ARG A 264 -22.59 10.63 12.12
N ARG A 265 -23.67 11.40 12.12
CA ARG A 265 -23.79 12.55 13.01
C ARG A 265 -24.23 12.15 14.42
N ASN A 266 -25.22 11.25 14.47
CA ASN A 266 -25.89 10.94 15.72
C ASN A 266 -25.56 9.57 16.32
N PHE A 267 -24.88 8.71 15.59
CA PHE A 267 -24.56 7.39 16.11
C PHE A 267 -23.06 7.16 16.20
N ALA A 268 -22.70 6.23 17.08
CA ALA A 268 -21.37 5.64 17.10
C ALA A 268 -21.56 4.15 17.28
N ILE A 269 -20.52 3.36 17.01
CA ILE A 269 -20.70 1.92 17.10
C ILE A 269 -19.64 1.27 17.98
N THR A 270 -19.89 0.05 18.41
CA THR A 270 -18.86 -0.73 19.08
C THR A 270 -18.63 -2.07 18.39
N THR A 271 -17.52 -2.72 18.70
CA THR A 271 -17.12 -3.95 18.04
C THR A 271 -17.56 -5.21 18.79
N SER A 272 -18.45 -5.05 19.77
CA SER A 272 -18.87 -6.18 20.59
C SER A 272 -19.33 -7.35 19.73
N GLY A 273 -18.75 -8.54 19.97
CA GLY A 273 -19.20 -9.72 19.25
C GLY A 273 -18.89 -9.78 17.77
N VAL A 274 -18.06 -8.86 17.28
CA VAL A 274 -17.68 -8.86 15.87
C VAL A 274 -16.18 -8.62 15.79
N GLU A 275 -15.41 -9.66 16.06
CA GLU A 275 -13.96 -9.55 16.14
C GLU A 275 -13.36 -9.85 14.77
N SER A 276 -13.77 -9.05 13.80
CA SER A 276 -13.33 -9.18 12.42
C SER A 276 -12.54 -7.93 12.04
N HIS A 277 -11.27 -8.11 11.69
CA HIS A 277 -10.46 -6.99 11.24
C HIS A 277 -11.02 -6.37 9.97
N ALA A 278 -11.58 -7.20 9.09
CA ALA A 278 -12.17 -6.70 7.84
C ALA A 278 -13.38 -5.82 8.12
N ALA A 279 -14.24 -6.25 9.03
CA ALA A 279 -15.43 -5.48 9.36
C ALA A 279 -15.06 -4.19 10.08
N LEU A 280 -14.05 -4.28 10.95
CA LEU A 280 -13.51 -3.09 11.64
C LEU A 280 -12.97 -2.05 10.65
N ARG A 281 -12.17 -2.50 9.69
CA ARG A 281 -11.60 -1.60 8.69
C ARG A 281 -12.69 -0.96 7.84
N TYR A 282 -13.68 -1.77 7.42
CA TYR A 282 -14.81 -1.25 6.68
C TYR A 282 -15.52 -0.14 7.47
N SER A 283 -15.73 -0.38 8.76
CA SER A 283 -16.49 0.55 9.59
C SER A 283 -15.74 1.86 9.81
N ILE A 284 -14.44 1.74 10.06
CA ILE A 284 -13.60 2.94 10.18
C ILE A 284 -13.61 3.73 8.89
N GLU A 285 -13.56 3.03 7.75
CA GLU A 285 -13.60 3.72 6.47
C GLU A 285 -14.89 4.51 6.20
N VAL A 286 -16.05 3.93 6.51
CA VAL A 286 -17.32 4.55 6.13
C VAL A 286 -17.90 5.45 7.20
N LEU A 287 -17.48 5.25 8.46
CA LEU A 287 -17.99 6.05 9.57
C LEU A 287 -17.00 7.08 10.05
N GLY A 288 -15.71 6.83 9.80
CA GLY A 288 -14.66 7.66 10.37
C GLY A 288 -14.16 7.00 11.65
N PRO A 289 -12.86 7.18 11.94
CA PRO A 289 -12.25 6.53 13.12
C PRO A 289 -12.80 7.04 14.45
N GLU A 290 -13.43 8.21 14.49
CA GLU A 290 -13.96 8.72 15.77
C GLU A 290 -15.24 8.03 16.20
N ASN A 291 -15.83 7.25 15.29
CA ASN A 291 -17.15 6.71 15.52
C ASN A 291 -17.16 5.22 15.86
N VAL A 292 -15.99 4.64 16.07
CA VAL A 292 -15.89 3.21 16.37
C VAL A 292 -15.22 2.94 17.70
N MET A 293 -15.84 2.13 18.55
CA MET A 293 -15.29 1.83 19.88
C MET A 293 -15.14 0.34 20.08
N TRP A 294 -14.17 -0.04 20.89
CA TRP A 294 -13.96 -1.44 21.23
C TRP A 294 -14.85 -1.87 22.40
N ALA A 295 -15.22 -3.14 22.40
CA ALA A 295 -15.95 -3.75 23.50
C ALA A 295 -15.65 -5.24 23.56
N ILE A 296 -15.99 -5.88 24.66
CA ILE A 296 -15.81 -7.31 24.82
C ILE A 296 -17.14 -8.05 24.74
N ASP A 297 -18.17 -7.49 25.36
CA ASP A 297 -19.45 -8.17 25.56
C ASP A 297 -19.32 -9.26 26.64
N TYR A 298 -18.51 -8.98 27.64
CA TYR A 298 -18.36 -9.86 28.80
C TYR A 298 -19.65 -9.79 29.60
N PRO A 299 -20.08 -10.92 30.21
CA PRO A 299 -19.49 -12.25 30.26
C PRO A 299 -20.03 -13.19 29.18
N TYR A 300 -20.73 -12.65 28.19
CA TYR A 300 -21.27 -13.48 27.11
C TYR A 300 -20.20 -13.84 26.09
N GLN A 301 -19.13 -13.05 26.07
CA GLN A 301 -17.92 -13.38 25.31
C GLN A 301 -16.75 -13.27 26.26
N PRO A 302 -15.70 -14.08 26.02
CA PRO A 302 -14.48 -14.04 26.84
C PRO A 302 -13.60 -12.83 26.51
N MET A 303 -12.83 -12.37 27.50
CA MET A 303 -12.04 -11.16 27.32
C MET A 303 -10.81 -11.35 26.43
N ALA A 304 -10.08 -12.45 26.61
CA ALA A 304 -8.80 -12.62 25.90
C ALA A 304 -8.87 -12.45 24.37
N PRO A 305 -9.78 -13.16 23.70
CA PRO A 305 -9.87 -12.97 22.24
C PRO A 305 -10.29 -11.56 21.83
N ALA A 306 -11.17 -10.93 22.60
CA ALA A 306 -11.60 -9.57 22.25
C ALA A 306 -10.43 -8.62 22.38
N VAL A 307 -9.61 -8.82 23.41
CA VAL A 307 -8.45 -7.97 23.63
C VAL A 307 -7.41 -8.18 22.53
N GLN A 308 -7.16 -9.43 22.18
CA GLN A 308 -6.15 -9.71 21.18
C GLN A 308 -6.59 -9.24 19.78
N PHE A 309 -7.90 -9.23 19.55
CA PHE A 309 -8.48 -8.68 18.32
C PHE A 309 -8.07 -7.22 18.11
N ILE A 310 -8.26 -6.38 19.13
CA ILE A 310 -7.89 -4.97 18.97
C ILE A 310 -6.36 -4.73 19.02
N ARG A 311 -5.65 -5.51 19.85
CA ARG A 311 -4.21 -5.32 19.96
C ARG A 311 -3.48 -5.67 18.67
N THR A 312 -4.10 -6.51 17.86
CA THR A 312 -3.47 -6.95 16.61
C THR A 312 -4.15 -6.32 15.40
N ALA A 313 -5.04 -5.36 15.61
CA ALA A 313 -5.75 -4.76 14.47
C ALA A 313 -4.78 -4.09 13.50
N PRO A 314 -4.95 -4.36 12.20
CA PRO A 314 -4.02 -3.81 11.21
C PRO A 314 -4.40 -2.36 10.87
N ILE A 315 -4.30 -1.50 11.88
CA ILE A 315 -4.58 -0.07 11.76
C ILE A 315 -3.45 0.72 12.44
N PRO A 316 -3.25 1.98 12.06
CA PRO A 316 -2.18 2.76 12.68
C PRO A 316 -2.39 2.89 14.18
N GLU A 317 -1.32 3.11 14.91
CA GLU A 317 -1.39 3.15 16.36
C GLU A 317 -2.28 4.26 16.91
N ASP A 318 -2.29 5.42 16.26
CA ASP A 318 -3.18 6.49 16.75
C ASP A 318 -4.66 6.16 16.58
N VAL A 319 -5.03 5.55 15.45
CA VAL A 319 -6.38 5.09 15.25
C VAL A 319 -6.72 3.94 16.21
N LYS A 320 -5.77 3.03 16.43
CA LYS A 320 -6.02 1.95 17.37
C LYS A 320 -6.33 2.50 18.77
N ALA A 321 -5.61 3.55 19.19
CA ALA A 321 -5.84 4.16 20.48
C ALA A 321 -7.24 4.75 20.57
N MET A 322 -7.69 5.37 19.49
CA MET A 322 -9.04 5.93 19.46
C MET A 322 -10.08 4.83 19.65
N VAL A 323 -9.95 3.77 18.87
CA VAL A 323 -10.89 2.66 18.95
C VAL A 323 -10.84 1.93 20.30
N ALA A 324 -9.63 1.69 20.79
CA ALA A 324 -9.45 0.94 22.02
C ALA A 324 -9.98 1.65 23.26
N GLY A 325 -9.95 2.97 23.28
CA GLY A 325 -10.41 3.69 24.46
C GLY A 325 -10.66 5.18 24.34
N GLY A 326 -9.98 5.83 23.41
CA GLY A 326 -10.07 7.28 23.30
C GLY A 326 -11.47 7.77 22.96
N ASN A 327 -12.13 7.10 22.01
CA ASN A 327 -13.48 7.51 21.64
C ASN A 327 -14.45 7.29 22.79
N ALA A 328 -14.29 6.18 23.51
CA ALA A 328 -15.16 5.88 24.66
C ALA A 328 -14.98 6.94 25.74
N ALA A 329 -13.74 7.34 25.97
CA ALA A 329 -13.47 8.36 27.00
C ALA A 329 -14.17 9.67 26.67
N ARG A 330 -14.21 10.03 25.39
CA ARG A 330 -14.98 11.19 24.95
C ARG A 330 -16.50 10.99 25.08
N ILE A 331 -17.00 9.92 24.45
CA ILE A 331 -18.44 9.73 24.35
C ILE A 331 -19.08 9.46 25.70
N PHE A 332 -18.34 8.76 26.55
CA PHE A 332 -18.88 8.39 27.86
C PHE A 332 -18.24 9.11 29.04
N ARG A 333 -17.64 10.27 28.78
CA ARG A 333 -17.16 11.17 29.82
C ARG A 333 -16.27 10.48 30.83
N ILE A 334 -15.22 9.83 30.35
CA ILE A 334 -14.29 9.15 31.25
C ILE A 334 -12.95 9.89 31.22
N THR A 335 -12.44 10.24 32.39
CA THR A 335 -11.13 10.87 32.49
C THR A 335 -10.00 9.84 32.41
N SER B 1 17.77 9.57 18.23
CA SER B 1 16.76 9.80 19.27
C SER B 1 15.91 8.56 19.55
N LEU B 2 16.05 7.53 18.72
CA LEU B 2 15.36 6.27 19.00
C LEU B 2 15.98 5.67 20.26
N ARG B 3 15.16 5.39 21.26
CA ARG B 3 15.68 4.79 22.50
C ARG B 3 15.80 3.28 22.36
N LEU B 4 17.04 2.79 22.37
CA LEU B 4 17.32 1.39 22.15
C LEU B 4 17.69 0.70 23.45
N ILE B 5 16.88 -0.27 23.83
CA ILE B 5 17.14 -1.08 25.03
C ILE B 5 17.25 -2.53 24.58
N ALA B 6 18.47 -3.05 24.56
CA ALA B 6 18.70 -4.41 24.09
C ALA B 6 18.38 -5.38 25.21
N THR B 7 17.54 -6.37 24.93
CA THR B 7 16.96 -7.20 26.00
C THR B 7 17.55 -8.59 26.22
N GLU B 8 18.54 -9.01 25.43
CA GLU B 8 19.12 -10.34 25.65
C GLU B 8 20.64 -10.31 25.68
N GLU B 9 21.18 -9.56 26.63
CA GLU B 9 22.59 -9.23 26.61
C GLU B 9 23.31 -9.96 27.72
N ALA B 10 24.18 -10.89 27.33
CA ALA B 10 24.75 -11.84 28.28
C ALA B 10 25.94 -11.25 29.03
N VAL B 11 26.11 -11.69 30.27
CA VAL B 11 27.22 -11.25 31.11
C VAL B 11 27.63 -12.45 31.95
N THR B 12 28.84 -12.42 32.51
CA THR B 12 29.21 -13.40 33.51
C THR B 12 30.03 -12.73 34.59
N PHE B 13 30.31 -13.48 35.66
CA PHE B 13 31.04 -12.96 36.81
C PHE B 13 32.07 -14.00 37.22
N GLN B 14 33.16 -13.56 37.84
CA GLN B 14 34.28 -14.46 38.09
C GLN B 14 33.93 -15.71 38.92
N PRO B 15 33.07 -15.60 39.95
CA PRO B 15 32.75 -16.83 40.69
C PRO B 15 32.07 -17.88 39.82
N VAL B 16 31.29 -17.45 38.84
CA VAL B 16 30.59 -18.38 37.96
C VAL B 16 31.56 -18.93 36.94
N VAL B 17 32.41 -18.06 36.37
CA VAL B 17 33.43 -18.52 35.44
C VAL B 17 34.29 -19.61 36.08
N ASP B 18 34.76 -19.36 37.29
CA ASP B 18 35.62 -20.35 37.99
C ASP B 18 34.91 -21.68 38.19
N ALA B 19 33.63 -21.62 38.53
CA ALA B 19 32.84 -22.83 38.73
C ALA B 19 32.64 -23.61 37.44
N LEU B 20 32.45 -22.89 36.33
CA LEU B 20 32.28 -23.55 35.03
C LEU B 20 33.61 -24.09 34.50
N ARG B 21 34.70 -23.38 34.73
CA ARG B 21 36.02 -23.91 34.40
C ARG B 21 36.24 -25.26 35.08
N ALA B 22 35.90 -25.35 36.36
CA ALA B 22 36.01 -26.62 37.08
C ALA B 22 35.07 -27.66 36.51
N HIS B 23 33.85 -27.24 36.19
CA HIS B 23 32.83 -28.16 35.67
C HIS B 23 33.24 -28.74 34.31
N SER B 24 33.98 -27.96 33.52
CA SER B 24 34.37 -28.36 32.17
C SER B 24 35.24 -29.61 32.19
N ARG B 25 35.83 -29.91 33.34
CA ARG B 25 36.73 -31.06 33.46
C ARG B 25 36.01 -32.33 33.90
N THR B 26 34.72 -32.22 34.18
CA THR B 26 33.95 -33.35 34.71
C THR B 26 33.37 -34.20 33.59
N ASP B 27 32.76 -35.32 33.97
CA ASP B 27 32.22 -36.26 32.98
C ASP B 27 30.72 -36.09 32.76
N ASP B 28 30.22 -34.90 33.06
CA ASP B 28 28.84 -34.51 32.81
C ASP B 28 28.50 -34.83 31.35
N ALA B 29 27.40 -35.54 31.13
CA ALA B 29 27.00 -35.93 29.78
C ALA B 29 26.09 -34.90 29.09
N SER B 30 25.76 -33.83 29.82
CA SER B 30 24.88 -32.80 29.26
C SER B 30 25.43 -32.25 27.96
N LEU B 31 24.56 -32.05 26.98
CA LEU B 31 24.97 -31.49 25.69
C LEU B 31 25.56 -30.08 25.83
N ASP B 32 25.25 -29.38 26.91
CA ASP B 32 25.90 -28.09 27.15
C ASP B 32 27.41 -28.18 27.36
N MET B 33 27.91 -29.38 27.61
CA MET B 33 29.34 -29.54 27.84
C MET B 33 30.17 -29.15 26.61
N ILE B 34 29.57 -29.21 25.43
CA ILE B 34 30.26 -28.74 24.22
C ILE B 34 30.60 -27.25 24.33
N LEU B 35 29.58 -26.44 24.56
CA LEU B 35 29.79 -25.01 24.80
C LEU B 35 30.71 -24.76 25.99
N VAL B 36 30.47 -25.47 27.10
CA VAL B 36 31.22 -25.23 28.32
C VAL B 36 32.73 -25.46 28.10
N ARG B 37 33.08 -26.53 27.39
CA ARG B 37 34.49 -26.79 27.07
C ARG B 37 35.07 -25.77 26.08
N ASP B 38 34.28 -25.39 25.09
CA ASP B 38 34.68 -24.41 24.07
C ASP B 38 34.99 -23.05 24.68
N VAL B 39 34.21 -22.64 25.70
CA VAL B 39 34.36 -21.32 26.29
C VAL B 39 35.15 -21.32 27.60
N TYR B 40 34.86 -22.28 28.47
CA TYR B 40 35.43 -22.29 29.82
C TYR B 40 36.50 -23.34 30.03
N GLY B 41 36.78 -24.13 29.00
CA GLY B 41 37.77 -25.20 29.13
C GLY B 41 39.21 -24.73 29.17
N ASP B 42 40.10 -25.64 29.53
CA ASP B 42 41.53 -25.34 29.60
C ASP B 42 42.15 -25.09 28.22
N GLU B 43 41.53 -25.62 27.17
CA GLU B 43 41.99 -25.40 25.81
C GLU B 43 40.84 -24.87 24.95
N PRO B 44 40.37 -23.65 25.24
CA PRO B 44 39.12 -23.17 24.66
C PRO B 44 39.19 -22.93 23.15
N ALA B 45 38.21 -23.48 22.43
CA ALA B 45 38.08 -23.23 21.01
C ALA B 45 37.55 -21.83 20.76
N ARG B 46 36.93 -21.24 21.79
CA ARG B 46 36.32 -19.93 21.67
C ARG B 46 36.87 -19.02 22.77
N PRO B 47 38.16 -18.67 22.67
CA PRO B 47 38.89 -18.02 23.77
C PRO B 47 38.50 -16.56 24.04
N ALA B 48 37.77 -15.93 23.12
CA ALA B 48 37.39 -14.54 23.28
C ALA B 48 36.18 -14.36 24.18
N MET B 49 35.39 -15.42 24.34
CA MET B 49 34.06 -15.26 24.93
C MET B 49 34.02 -14.86 26.41
N ILE B 50 34.86 -15.48 27.25
CA ILE B 50 34.86 -15.11 28.66
C ILE B 50 35.10 -13.61 28.87
N GLY B 51 36.07 -13.07 28.13
CA GLY B 51 36.42 -11.66 28.25
C GLY B 51 35.28 -10.77 27.82
N ARG B 52 34.63 -11.14 26.72
CA ARG B 52 33.53 -10.32 26.22
C ARG B 52 32.33 -10.39 27.16
N LEU B 53 32.08 -11.58 27.71
CA LEU B 53 30.98 -11.79 28.66
C LEU B 53 31.24 -11.05 29.96
N SER B 54 32.49 -11.06 30.41
CA SER B 54 32.86 -10.47 31.69
C SER B 54 32.88 -8.95 31.63
N ASP B 55 33.18 -8.41 30.46
CA ASP B 55 33.31 -6.97 30.33
C ASP B 55 31.96 -6.25 30.24
N VAL B 56 31.79 -5.21 31.04
CA VAL B 56 30.59 -4.40 31.03
C VAL B 56 30.88 -2.95 30.69
N THR B 57 31.84 -2.35 31.39
CA THR B 57 32.08 -0.92 31.25
C THR B 57 33.22 -0.56 30.30
N GLY B 58 33.85 -1.56 29.71
CA GLY B 58 34.93 -1.32 28.75
C GLY B 58 34.42 -1.32 27.32
N GLU B 59 34.87 -2.32 26.55
CA GLU B 59 34.46 -2.46 25.15
C GLU B 59 32.95 -2.47 24.96
N ARG B 60 32.22 -3.13 25.85
CA ARG B 60 30.76 -3.19 25.72
C ARG B 60 30.13 -1.80 25.71
N LEU B 61 30.53 -0.99 26.69
CA LEU B 61 29.97 0.36 26.80
C LEU B 61 30.45 1.22 25.63
N ALA B 62 31.69 0.98 25.20
CA ALA B 62 32.24 1.73 24.08
C ALA B 62 31.43 1.45 22.82
N GLU B 63 31.10 0.18 22.60
CA GLU B 63 30.29 -0.23 21.45
C GLU B 63 28.88 0.34 21.52
N MET B 64 28.32 0.36 22.72
CA MET B 64 26.99 0.95 22.92
C MET B 64 27.02 2.42 22.54
N ASP B 65 28.08 3.11 22.94
CA ASP B 65 28.21 4.53 22.63
C ASP B 65 28.36 4.77 21.13
N SER B 66 29.22 3.97 20.49
N SER B 66 29.22 3.98 20.48
CA SER B 66 29.50 4.11 19.07
CA SER B 66 29.48 4.18 19.06
C SER B 66 28.28 3.83 18.20
C SER B 66 28.27 3.84 18.19
N ASN B 67 27.40 2.96 18.67
CA ASN B 67 26.20 2.59 17.92
C ASN B 67 24.91 3.25 18.42
N GLY B 68 25.04 4.12 19.41
CA GLY B 68 23.88 4.80 19.96
C GLY B 68 22.88 3.91 20.66
N VAL B 69 23.35 2.88 21.38
CA VAL B 69 22.50 2.02 22.19
C VAL B 69 22.38 2.58 23.60
N ASP B 70 21.16 2.82 24.07
CA ASP B 70 20.98 3.43 25.38
C ASP B 70 21.28 2.43 26.51
N MET B 71 20.72 1.23 26.43
CA MET B 71 20.84 0.25 27.51
C MET B 71 21.04 -1.19 27.06
N HIS B 72 21.71 -1.97 27.91
CA HIS B 72 21.63 -3.42 27.85
C HIS B 72 20.87 -3.91 29.07
N LEU B 73 19.91 -4.80 28.84
CA LEU B 73 19.32 -5.59 29.91
C LEU B 73 20.21 -6.83 30.06
N LEU B 74 20.97 -6.87 31.15
CA LEU B 74 21.97 -7.93 31.37
C LEU B 74 21.39 -9.22 31.95
N SER B 75 21.91 -10.36 31.52
CA SER B 75 21.48 -11.65 32.06
C SER B 75 22.68 -12.57 32.21
N LEU B 76 22.75 -13.30 33.32
CA LEU B 76 23.80 -14.29 33.46
C LEU B 76 23.71 -15.27 32.28
N THR B 77 24.84 -15.45 31.60
CA THR B 77 24.89 -16.20 30.37
C THR B 77 24.53 -17.67 30.58
N ALA B 78 23.91 -18.28 29.58
CA ALA B 78 23.59 -19.70 29.62
C ALA B 78 24.90 -20.46 29.77
N PRO B 79 24.90 -21.56 30.52
CA PRO B 79 23.77 -22.24 31.16
C PRO B 79 23.47 -21.73 32.58
N GLY B 80 23.90 -20.52 32.91
CA GLY B 80 23.59 -19.93 34.21
C GLY B 80 24.18 -20.75 35.34
N VAL B 81 23.38 -21.05 36.36
CA VAL B 81 23.81 -21.90 37.46
C VAL B 81 23.14 -23.28 37.44
N GLN B 82 22.56 -23.63 36.30
CA GLN B 82 21.70 -24.82 36.23
C GLN B 82 22.42 -26.16 36.10
N MET B 83 23.70 -26.15 35.75
CA MET B 83 24.44 -27.41 35.62
C MET B 83 24.99 -27.92 36.95
N PHE B 84 25.06 -27.05 37.94
CA PHE B 84 25.67 -27.41 39.21
C PHE B 84 24.73 -28.23 40.07
N ASP B 85 25.28 -28.92 41.07
CA ASP B 85 24.46 -29.55 42.10
C ASP B 85 23.65 -28.46 42.82
N ALA B 86 22.59 -28.87 43.52
CA ALA B 86 21.63 -27.93 44.09
C ALA B 86 22.28 -26.93 45.05
N GLU B 87 23.12 -27.43 45.95
CA GLU B 87 23.79 -26.58 46.93
C GLU B 87 24.66 -25.52 46.24
N THR B 88 25.43 -25.95 45.25
CA THR B 88 26.33 -25.04 44.54
C THR B 88 25.55 -24.03 43.69
N GLY B 89 24.53 -24.51 42.99
CA GLY B 89 23.70 -23.62 42.19
C GLY B 89 23.03 -22.54 43.03
N THR B 90 22.51 -22.93 44.18
CA THR B 90 21.81 -22.01 45.08
C THR B 90 22.77 -20.93 45.60
N ARG B 91 23.97 -21.34 45.98
CA ARG B 91 25.01 -20.43 46.47
C ARG B 91 25.44 -19.47 45.38
N LEU B 92 25.64 -19.98 44.17
CA LEU B 92 26.15 -19.15 43.10
C LEU B 92 25.08 -18.20 42.57
N ALA B 93 23.83 -18.62 42.63
CA ALA B 93 22.73 -17.75 42.20
C ALA B 93 22.71 -16.48 43.04
N ARG B 94 22.84 -16.64 44.35
CA ARG B 94 22.88 -15.49 45.26
C ARG B 94 24.06 -14.57 44.93
N ILE B 95 25.24 -15.18 44.74
CA ILE B 95 26.43 -14.40 44.43
C ILE B 95 26.28 -13.66 43.09
N ALA B 96 25.82 -14.39 42.07
CA ALA B 96 25.64 -13.78 40.75
C ALA B 96 24.59 -12.67 40.78
N ASN B 97 23.52 -12.86 41.56
CA ASN B 97 22.48 -11.83 41.62
C ASN B 97 22.96 -10.58 42.37
N ASP B 98 23.74 -10.77 43.43
CA ASP B 98 24.37 -9.65 44.12
C ASP B 98 25.28 -8.86 43.16
N LEU B 99 26.10 -9.58 42.39
CA LEU B 99 27.01 -8.94 41.44
C LEU B 99 26.24 -8.26 40.30
N MET B 100 25.14 -8.86 39.86
CA MET B 100 24.27 -8.22 38.88
C MET B 100 23.73 -6.88 39.41
N ALA B 101 23.24 -6.88 40.64
CA ALA B 101 22.67 -5.68 41.23
C ALA B 101 23.72 -4.58 41.34
N GLN B 102 24.94 -4.98 41.71
CA GLN B 102 26.06 -4.06 41.84
C GLN B 102 26.45 -3.48 40.49
N THR B 103 26.39 -4.32 39.46
CA THR B 103 26.73 -3.88 38.10
C THR B 103 25.74 -2.84 37.63
N VAL B 104 24.47 -3.11 37.87
CA VAL B 104 23.40 -2.17 37.53
C VAL B 104 23.56 -0.86 38.30
N ALA B 105 23.82 -0.97 39.60
CA ALA B 105 23.94 0.22 40.42
C ALA B 105 25.12 1.12 40.02
N ALA B 106 26.13 0.54 39.38
CA ALA B 106 27.29 1.36 38.98
C ALA B 106 26.99 2.23 37.76
N ASN B 107 26.06 1.79 36.92
CA ASN B 107 25.68 2.57 35.72
C ASN B 107 24.22 2.34 35.36
N PRO B 108 23.29 2.82 36.22
CA PRO B 108 21.88 2.45 36.10
C PRO B 108 21.13 3.12 34.94
N THR B 109 21.72 4.11 34.28
CA THR B 109 21.10 4.65 33.07
C THR B 109 21.49 3.83 31.83
N ARG B 110 22.49 2.97 31.98
CA ARG B 110 23.00 2.18 30.84
C ARG B 110 22.73 0.70 30.96
N PHE B 111 22.54 0.21 32.18
CA PHE B 111 22.34 -1.22 32.39
C PHE B 111 21.17 -1.48 33.32
N ALA B 112 20.34 -2.43 32.91
CA ALA B 112 19.33 -3.02 33.77
C ALA B 112 19.70 -4.50 33.92
N GLY B 113 19.07 -5.21 34.84
CA GLY B 113 19.49 -6.59 35.06
C GLY B 113 18.40 -7.60 35.38
N LEU B 114 18.59 -8.82 34.92
CA LEU B 114 17.71 -9.93 35.25
C LEU B 114 18.40 -10.80 36.29
N GLY B 115 17.68 -11.15 37.35
CA GLY B 115 18.22 -12.10 38.33
C GLY B 115 17.98 -13.54 37.88
N THR B 116 18.77 -14.47 38.37
CA THR B 116 18.54 -15.88 38.04
C THR B 116 18.37 -16.71 39.30
N PHE B 117 18.23 -18.02 39.14
CA PHE B 117 17.98 -18.88 40.29
C PHE B 117 18.34 -20.31 39.92
N ALA B 118 18.39 -21.19 40.92
CA ALA B 118 18.74 -22.58 40.72
C ALA B 118 17.52 -23.46 41.00
N PRO B 119 16.74 -23.75 39.95
CA PRO B 119 15.49 -24.51 40.16
C PRO B 119 15.72 -25.98 40.48
N GLN B 120 16.98 -26.43 40.53
CA GLN B 120 17.32 -27.72 41.10
C GLN B 120 16.70 -27.88 42.49
N ASP B 121 16.57 -26.75 43.20
CA ASP B 121 15.96 -26.71 44.52
C ASP B 121 14.85 -25.65 44.46
N PRO B 122 13.63 -26.09 44.10
CA PRO B 122 12.51 -25.16 43.88
C PRO B 122 12.18 -24.26 45.08
N ALA B 123 12.18 -24.79 46.30
CA ALA B 123 11.90 -23.96 47.48
C ALA B 123 12.94 -22.86 47.67
N SER B 124 14.21 -23.21 47.51
CA SER B 124 15.27 -22.21 47.64
C SER B 124 15.25 -21.20 46.50
N ALA B 125 14.89 -21.66 45.29
CA ALA B 125 14.76 -20.75 44.16
C ALA B 125 13.64 -19.75 44.39
N ALA B 126 12.55 -20.21 44.98
CA ALA B 126 11.42 -19.33 45.31
C ALA B 126 11.85 -18.23 46.28
N ARG B 127 12.65 -18.59 47.28
CA ARG B 127 13.19 -17.62 48.22
C ARG B 127 14.10 -16.61 47.51
N GLU B 128 14.91 -17.08 46.56
CA GLU B 128 15.81 -16.18 45.87
C GLU B 128 15.06 -15.27 44.90
N ILE B 129 13.99 -15.79 44.32
CA ILE B 129 13.15 -15.00 43.42
C ILE B 129 12.54 -13.83 44.21
N GLU B 130 12.07 -14.13 45.42
CA GLU B 130 11.56 -13.10 46.32
C GLU B 130 12.62 -12.05 46.65
N ARG B 131 13.85 -12.50 46.93
CA ARG B 131 14.94 -11.58 47.27
C ARG B 131 15.28 -10.69 46.08
N VAL B 132 15.29 -11.29 44.90
CA VAL B 132 15.57 -10.55 43.68
C VAL B 132 14.55 -9.44 43.46
N ALA B 133 13.28 -9.76 43.68
CA ALA B 133 12.19 -8.81 43.47
C ALA B 133 12.18 -7.69 44.50
N THR B 134 12.25 -8.03 45.77
CA THR B 134 11.97 -7.07 46.83
C THR B 134 13.20 -6.43 47.45
N GLN B 135 14.33 -7.13 47.43
CA GLN B 135 15.55 -6.64 48.07
C GLN B 135 16.54 -6.06 47.05
N LEU B 136 16.90 -6.85 46.05
CA LEU B 136 17.78 -6.36 45.01
C LEU B 136 17.06 -5.41 44.06
N ARG B 137 15.75 -5.58 43.94
CA ARG B 137 14.92 -4.81 43.02
C ARG B 137 15.44 -4.82 41.57
N LEU B 138 15.83 -6.00 41.10
CA LEU B 138 16.21 -6.17 39.70
C LEU B 138 14.98 -6.13 38.79
N ASN B 139 15.22 -6.10 37.49
CA ASN B 139 14.20 -5.77 36.51
C ASN B 139 13.35 -6.96 36.05
N GLY B 140 13.80 -8.17 36.36
CA GLY B 140 13.09 -9.36 35.94
C GLY B 140 13.95 -10.58 36.22
N LEU B 141 13.61 -11.69 35.59
CA LEU B 141 14.29 -12.96 35.82
C LEU B 141 14.72 -13.61 34.50
N VAL B 142 15.72 -14.47 34.59
CA VAL B 142 16.16 -15.25 33.46
C VAL B 142 16.48 -16.68 33.90
N ILE B 143 16.10 -17.64 33.06
CA ILE B 143 16.48 -19.03 33.30
C ILE B 143 16.72 -19.64 31.92
N ASN B 144 17.55 -20.68 31.84
CA ASN B 144 17.95 -21.22 30.54
C ASN B 144 17.33 -22.56 30.25
N SER B 145 16.21 -22.53 29.55
CA SER B 145 15.35 -23.68 29.31
C SER B 145 15.40 -24.71 30.45
N HIS B 146 15.74 -25.96 30.14
CA HIS B 146 15.53 -27.05 31.09
C HIS B 146 16.41 -27.00 32.34
N THR B 147 15.96 -27.70 33.38
CA THR B 147 16.81 -27.94 34.53
C THR B 147 16.68 -29.41 34.88
N ASN B 148 17.81 -30.08 35.05
CA ASN B 148 17.85 -31.51 35.38
C ASN B 148 17.11 -32.35 34.31
N ASP B 149 17.10 -31.84 33.08
CA ASP B 149 16.45 -32.50 31.96
C ASP B 149 14.94 -32.65 32.15
N LEU B 150 14.38 -31.72 32.92
CA LEU B 150 12.93 -31.58 33.05
C LEU B 150 12.48 -30.25 32.47
N TYR B 151 11.26 -30.21 31.96
CA TYR B 151 10.68 -28.99 31.41
C TYR B 151 9.69 -28.37 32.39
N TYR B 152 9.29 -27.12 32.14
CA TYR B 152 8.61 -26.35 33.18
C TYR B 152 7.11 -26.61 33.31
N ASP B 153 6.61 -27.58 32.56
CA ASP B 153 5.30 -28.15 32.87
C ASP B 153 5.32 -29.05 34.12
N ASP B 154 6.50 -29.56 34.48
CA ASP B 154 6.60 -30.48 35.62
C ASP B 154 6.17 -29.78 36.92
N PRO B 155 5.25 -30.38 37.68
CA PRO B 155 4.77 -29.85 38.97
C PRO B 155 5.88 -29.69 40.00
N PHE B 156 7.02 -30.33 39.79
CA PHE B 156 8.22 -30.12 40.61
C PHE B 156 8.56 -28.63 40.70
N PHE B 157 8.32 -27.90 39.62
CA PHE B 157 8.70 -26.49 39.58
C PHE B 157 7.58 -25.53 39.99
N HIS B 158 6.44 -26.06 40.42
CA HIS B 158 5.33 -25.18 40.83
C HIS B 158 5.73 -24.09 41.86
N PRO B 159 6.52 -24.43 42.90
CA PRO B 159 6.92 -23.37 43.85
C PRO B 159 7.69 -22.23 43.19
N VAL B 160 8.44 -22.51 42.12
CA VAL B 160 9.16 -21.48 41.38
C VAL B 160 8.16 -20.54 40.70
N PHE B 161 7.19 -21.12 40.01
CA PHE B 161 6.28 -20.29 39.21
C PHE B 161 5.28 -19.55 40.08
N GLU B 162 4.97 -20.12 41.24
CA GLU B 162 4.17 -19.41 42.22
C GLU B 162 4.88 -18.14 42.65
N ALA B 163 6.17 -18.27 42.96
CA ALA B 163 6.98 -17.14 43.41
C ALA B 163 7.15 -16.12 42.29
N ILE B 164 7.35 -16.60 41.08
CA ILE B 164 7.50 -15.70 39.94
C ILE B 164 6.22 -14.91 39.72
N GLU B 165 5.08 -15.61 39.69
CA GLU B 165 3.81 -14.93 39.49
C GLU B 165 3.57 -13.87 40.57
N ALA B 166 3.85 -14.21 41.82
CA ALA B 166 3.63 -13.30 42.94
C ALA B 166 4.56 -12.09 42.89
N SER B 167 5.75 -12.27 42.32
CA SER B 167 6.74 -11.20 42.28
C SER B 167 6.41 -10.11 41.24
N GLY B 168 5.61 -10.46 40.25
CA GLY B 168 5.37 -9.54 39.14
C GLY B 168 6.51 -9.43 38.15
N LEU B 169 7.62 -10.15 38.40
CA LEU B 169 8.75 -10.13 37.47
C LEU B 169 8.49 -11.01 36.25
N ALA B 170 8.85 -10.51 35.08
CA ALA B 170 8.81 -11.30 33.86
C ALA B 170 9.97 -12.27 33.85
N LEU B 171 9.74 -13.47 33.33
CA LEU B 171 10.79 -14.49 33.21
C LEU B 171 11.21 -14.69 31.76
N TYR B 172 12.46 -14.35 31.47
CA TYR B 172 13.05 -14.63 30.16
C TYR B 172 13.52 -16.08 30.19
N ILE B 173 12.92 -16.93 29.36
CA ILE B 173 13.39 -18.29 29.23
C ILE B 173 14.32 -18.33 28.03
N HIS B 174 15.61 -18.26 28.34
CA HIS B 174 16.69 -18.27 27.35
C HIS B 174 17.02 -19.71 26.97
N PRO B 175 17.63 -19.95 25.79
CA PRO B 175 17.99 -21.33 25.48
C PRO B 175 19.16 -21.88 26.28
N ARG B 176 19.25 -23.20 26.27
CA ARG B 176 20.52 -23.91 26.47
C ARG B 176 20.47 -25.09 25.49
N ALA B 177 21.48 -25.95 25.50
CA ALA B 177 21.47 -27.08 24.56
C ALA B 177 20.33 -28.03 24.89
N PRO B 178 19.82 -28.73 23.86
CA PRO B 178 18.81 -29.78 24.02
C PRO B 178 19.07 -30.67 25.23
N SER B 179 18.03 -30.91 26.02
CA SER B 179 18.12 -31.78 27.19
C SER B 179 18.37 -33.22 26.78
N LYS B 180 18.67 -34.07 27.77
CA LYS B 180 18.87 -35.49 27.50
C LYS B 180 17.65 -36.17 26.89
N GLN B 181 16.47 -35.57 27.02
CA GLN B 181 15.27 -36.16 26.44
C GLN B 181 15.37 -36.17 24.91
N ILE B 182 16.10 -35.19 24.36
CA ILE B 182 16.15 -35.02 22.91
C ILE B 182 17.55 -34.89 22.32
N ASP B 183 18.61 -34.91 23.14
CA ASP B 183 19.92 -34.52 22.62
C ASP B 183 20.57 -35.45 21.59
N ARG B 184 20.09 -36.70 21.50
CA ARG B 184 20.68 -37.65 20.57
C ARG B 184 20.67 -37.14 19.12
N ALA B 185 19.64 -36.36 18.76
CA ALA B 185 19.50 -35.88 17.39
C ALA B 185 20.28 -34.59 17.11
N PHE B 186 20.98 -34.08 18.11
CA PHE B 186 21.64 -32.78 17.97
C PHE B 186 23.14 -32.86 18.20
N ARG B 187 23.72 -34.02 17.90
CA ARG B 187 25.14 -34.27 18.15
C ARG B 187 26.02 -34.01 16.93
N ASP B 188 25.40 -33.69 15.80
CA ASP B 188 26.15 -33.53 14.55
C ASP B 188 25.99 -32.15 13.94
N TYR B 189 26.97 -31.75 13.13
CA TYR B 189 26.89 -30.50 12.36
C TYR B 189 26.70 -29.26 13.22
N GLY B 190 27.18 -29.32 14.46
CA GLY B 190 27.08 -28.19 15.38
C GLY B 190 25.67 -27.85 15.78
N MET B 191 24.75 -28.80 15.59
CA MET B 191 23.34 -28.55 15.87
C MET B 191 23.00 -28.49 17.36
N ASN B 192 23.99 -28.72 18.23
CA ASN B 192 23.76 -28.55 19.67
C ASN B 192 23.45 -27.10 20.01
N SER B 193 23.90 -26.20 19.15
CA SER B 193 23.99 -24.78 19.49
C SER B 193 22.84 -23.95 18.89
N ALA B 194 23.09 -22.66 18.77
CA ALA B 194 22.11 -21.69 18.25
C ALA B 194 21.56 -22.01 16.86
N ILE B 195 22.35 -22.69 16.04
CA ILE B 195 21.92 -22.97 14.67
C ILE B 195 20.63 -23.80 14.61
N TRP B 196 20.40 -24.67 15.60
CA TRP B 196 19.15 -25.45 15.58
C TRP B 196 18.66 -25.92 16.95
N GLY B 197 19.54 -26.60 17.69
CA GLY B 197 19.16 -27.17 18.97
C GLY B 197 18.56 -26.20 19.98
N TYR B 198 19.17 -25.02 20.12
CA TYR B 198 18.66 -23.99 21.04
C TYR B 198 17.16 -23.71 20.84
N GLY B 199 16.75 -23.53 19.59
CA GLY B 199 15.36 -23.20 19.29
C GLY B 199 14.39 -24.35 19.54
N ILE B 200 14.79 -25.56 19.18
CA ILE B 200 13.95 -26.74 19.38
C ILE B 200 13.79 -27.00 20.89
N GLU B 201 14.89 -26.89 21.62
CA GLU B 201 14.86 -27.09 23.07
C GLU B 201 13.93 -26.09 23.74
N THR B 202 14.07 -24.81 23.40
CA THR B 202 13.35 -23.79 24.12
C THR B 202 11.88 -23.74 23.73
N SER B 203 11.59 -23.89 22.44
CA SER B 203 10.20 -23.84 21.99
C SER B 203 9.43 -25.02 22.54
N THR B 204 10.07 -26.18 22.62
CA THR B 204 9.41 -27.38 23.14
C THR B 204 9.08 -27.21 24.62
N ASN B 205 9.99 -26.62 25.38
CA ASN B 205 9.74 -26.26 26.78
C ASN B 205 8.48 -25.39 26.88
N ALA B 206 8.45 -24.31 26.09
CA ALA B 206 7.34 -23.37 26.13
C ALA B 206 6.00 -24.00 25.72
N VAL B 207 6.02 -24.82 24.67
CA VAL B 207 4.79 -25.49 24.23
C VAL B 207 4.26 -26.42 25.32
N ARG B 208 5.15 -27.15 26.00
CA ARG B 208 4.74 -28.01 27.10
C ARG B 208 4.10 -27.16 28.21
N MET B 209 4.72 -26.02 28.52
CA MET B 209 4.17 -25.14 29.54
C MET B 209 2.75 -24.74 29.18
N ILE B 210 2.53 -24.32 27.94
CA ILE B 210 1.20 -23.93 27.50
C ILE B 210 0.19 -25.07 27.53
N LEU B 211 0.53 -26.20 26.90
CA LEU B 211 -0.42 -27.30 26.77
C LEU B 211 -0.73 -27.99 28.09
N SER B 212 0.18 -27.88 29.05
CA SER B 212 -0.01 -28.49 30.37
C SER B 212 -1.00 -27.70 31.23
N GLY B 213 -1.35 -26.51 30.78
CA GLY B 213 -2.23 -25.64 31.55
C GLY B 213 -1.55 -24.82 32.64
N LEU B 214 -0.23 -24.67 32.54
CA LEU B 214 0.51 -23.88 33.53
C LEU B 214 -0.07 -22.46 33.65
N PHE B 215 -0.51 -21.91 32.53
CA PHE B 215 -1.01 -20.53 32.54
C PHE B 215 -2.47 -20.38 32.95
N ASP B 216 -3.14 -21.49 33.21
CA ASP B 216 -4.41 -21.46 33.95
C ASP B 216 -4.14 -21.48 35.46
N ARG B 217 -3.11 -22.20 35.87
CA ARG B 217 -2.71 -22.24 37.27
C ARG B 217 -2.10 -20.89 37.71
N PHE B 218 -1.26 -20.34 36.85
CA PHE B 218 -0.58 -19.07 37.10
C PHE B 218 -0.84 -18.05 35.97
N PRO B 219 -2.05 -17.49 35.91
CA PRO B 219 -2.46 -16.69 34.75
C PRO B 219 -1.76 -15.34 34.62
N ARG B 220 -1.10 -14.86 35.67
CA ARG B 220 -0.39 -13.58 35.61
C ARG B 220 1.09 -13.72 35.27
N LEU B 221 1.54 -14.94 34.98
CA LEU B 221 2.92 -15.09 34.53
C LEU B 221 3.18 -14.32 33.24
N LYS B 222 4.34 -13.68 33.17
CA LYS B 222 4.81 -13.15 31.90
C LYS B 222 6.14 -13.82 31.52
N ILE B 223 6.15 -14.47 30.35
CA ILE B 223 7.32 -15.18 29.86
C ILE B 223 7.85 -14.47 28.62
N VAL B 224 9.16 -14.33 28.50
CA VAL B 224 9.74 -13.71 27.32
C VAL B 224 10.62 -14.75 26.61
N LEU B 225 10.48 -14.87 25.30
CA LEU B 225 11.34 -15.77 24.51
C LEU B 225 12.07 -14.96 23.44
N GLY B 226 13.35 -15.24 23.27
CA GLY B 226 14.15 -14.56 22.25
C GLY B 226 14.04 -15.27 20.92
N HIS B 227 14.91 -14.92 19.98
CA HIS B 227 15.00 -15.59 18.67
C HIS B 227 13.65 -15.62 17.97
N MET B 228 13.01 -14.45 17.97
CA MET B 228 11.69 -14.22 17.40
C MET B 228 10.69 -15.23 17.94
N GLY B 229 10.69 -15.40 19.26
CA GLY B 229 9.74 -16.28 19.92
C GLY B 229 10.02 -17.76 19.73
N GLU B 230 11.26 -18.08 19.35
CA GLU B 230 11.67 -19.46 19.06
C GLU B 230 10.73 -20.14 18.06
N ALA B 231 10.26 -19.33 17.10
CA ALA B 231 9.34 -19.74 16.03
C ALA B 231 7.91 -20.10 16.43
N ILE B 232 7.60 -20.07 17.71
CA ILE B 232 6.23 -20.29 18.13
C ILE B 232 5.23 -19.35 17.43
N PRO B 233 5.59 -18.07 17.23
CA PRO B 233 4.63 -17.25 16.46
C PRO B 233 4.26 -17.81 15.08
N PHE B 234 5.16 -18.54 14.43
CA PHE B 234 4.86 -19.10 13.12
C PHE B 234 3.88 -20.26 13.16
N TRP B 235 3.87 -20.98 14.28
CA TRP B 235 3.06 -22.18 14.46
C TRP B 235 1.69 -21.95 15.10
N LEU B 236 1.32 -20.70 15.38
CA LEU B 236 0.09 -20.42 16.15
C LEU B 236 -1.20 -21.06 15.60
N TRP B 237 -1.42 -20.97 14.29
CA TRP B 237 -2.65 -21.49 13.72
C TRP B 237 -2.77 -23.01 13.94
N ARG B 238 -1.66 -23.71 13.71
CA ARG B 238 -1.65 -25.17 13.79
C ARG B 238 -1.74 -25.66 15.23
N LEU B 239 -1.07 -24.95 16.14
CA LEU B 239 -1.21 -25.20 17.56
C LEU B 239 -2.66 -25.12 18.00
N ASP B 240 -3.36 -24.11 17.50
CA ASP B 240 -4.77 -23.94 17.82
C ASP B 240 -5.61 -25.02 17.16
N TYR B 241 -5.38 -25.25 15.86
CA TYR B 241 -6.22 -26.18 15.13
C TYR B 241 -6.19 -27.56 15.74
N MET B 242 -4.98 -28.03 16.02
CA MET B 242 -4.77 -29.39 16.49
C MET B 242 -5.05 -29.60 17.99
N HIS B 243 -5.36 -28.52 18.71
CA HIS B 243 -5.63 -28.64 20.15
C HIS B 243 -6.88 -29.48 20.48
N GLY B 244 -7.93 -29.37 19.66
CA GLY B 244 -9.10 -30.21 19.81
C GLY B 244 -8.78 -31.70 19.84
N ASN B 245 -8.02 -32.16 18.85
CA ASN B 245 -7.53 -33.55 18.83
C ASN B 245 -6.73 -33.90 20.07
N ALA B 246 -5.90 -32.95 20.50
CA ALA B 246 -5.03 -33.21 21.63
C ALA B 246 -5.81 -33.45 22.94
N THR B 247 -6.88 -32.70 23.15
CA THR B 247 -7.69 -32.86 24.36
C THR B 247 -8.77 -33.93 24.20
N THR B 248 -9.10 -34.28 22.96
CA THR B 248 -10.13 -35.28 22.73
C THR B 248 -9.60 -36.71 22.82
N PHE B 249 -8.48 -36.98 22.15
CA PHE B 249 -7.92 -38.33 22.24
C PHE B 249 -6.43 -38.38 22.60
N GLY B 250 -5.81 -37.22 22.80
CA GLY B 250 -4.41 -37.17 23.16
C GLY B 250 -4.17 -37.05 24.65
N GLY B 251 -5.25 -36.93 25.42
CA GLY B 251 -5.13 -36.86 26.86
C GLY B 251 -4.69 -35.51 27.41
N ALA B 252 -4.60 -34.50 26.54
CA ALA B 252 -4.24 -33.17 26.98
C ALA B 252 -5.35 -32.58 27.84
N PRO B 253 -4.97 -31.78 28.86
CA PRO B 253 -5.99 -31.19 29.73
C PRO B 253 -6.79 -30.11 29.01
N LYS B 254 -8.06 -29.98 29.36
CA LYS B 254 -8.86 -28.89 28.81
C LYS B 254 -8.32 -27.58 29.36
N LEU B 255 -8.21 -26.58 28.50
CA LEU B 255 -7.71 -25.27 28.86
C LEU B 255 -8.79 -24.20 28.72
N LYS B 256 -8.65 -23.12 29.47
CA LYS B 256 -9.61 -22.02 29.40
C LYS B 256 -9.52 -21.26 28.10
N LEU B 257 -8.31 -21.13 27.55
CA LEU B 257 -8.08 -20.38 26.33
C LEU B 257 -7.50 -21.28 25.24
N LYS B 258 -7.41 -20.77 24.01
CA LYS B 258 -6.66 -21.43 22.95
C LYS B 258 -5.16 -21.28 23.19
N PRO B 259 -4.35 -22.24 22.69
CA PRO B 259 -2.89 -22.09 22.80
C PRO B 259 -2.35 -20.74 22.33
N SER B 260 -2.81 -20.23 21.19
CA SER B 260 -2.31 -18.93 20.71
C SER B 260 -2.72 -17.79 21.63
N GLU B 261 -3.82 -17.96 22.33
CA GLU B 261 -4.30 -16.94 23.26
C GLU B 261 -3.41 -16.86 24.50
N TYR B 262 -2.94 -18.00 25.00
CA TYR B 262 -1.92 -17.99 26.04
C TYR B 262 -0.66 -17.33 25.51
N PHE B 263 -0.31 -17.61 24.27
CA PHE B 263 0.94 -17.06 23.77
C PHE B 263 0.86 -15.52 23.72
N ARG B 264 -0.27 -14.98 23.28
CA ARG B 264 -0.39 -13.53 23.22
C ARG B 264 -0.63 -12.91 24.59
N ARG B 265 -1.33 -13.62 25.48
CA ARG B 265 -1.63 -13.05 26.80
C ARG B 265 -0.41 -13.10 27.73
N ASN B 266 0.27 -14.23 27.74
CA ASN B 266 1.31 -14.51 28.73
C ASN B 266 2.75 -14.41 28.23
N PHE B 267 2.96 -14.31 26.92
CA PHE B 267 4.31 -14.24 26.37
C PHE B 267 4.57 -12.94 25.61
N ALA B 268 5.84 -12.57 25.57
CA ALA B 268 6.32 -11.56 24.63
C ALA B 268 7.59 -12.12 24.04
N ILE B 269 8.05 -11.55 22.95
CA ILE B 269 9.22 -12.09 22.25
C ILE B 269 10.26 -11.01 22.00
N THR B 270 11.49 -11.43 21.72
CA THR B 270 12.53 -10.50 21.30
C THR B 270 13.11 -10.95 19.97
N THR B 271 13.83 -10.04 19.33
CA THR B 271 14.36 -10.28 17.98
C THR B 271 15.79 -10.80 18.00
N SER B 272 16.29 -11.20 19.17
CA SER B 272 17.68 -11.67 19.28
C SER B 272 18.02 -12.70 18.22
N GLY B 273 19.09 -12.46 17.48
CA GLY B 273 19.56 -13.44 16.50
C GLY B 273 18.66 -13.66 15.30
N VAL B 274 17.65 -12.82 15.13
CA VAL B 274 16.76 -12.94 13.98
C VAL B 274 16.56 -11.55 13.35
N GLU B 275 17.57 -11.10 12.63
CA GLU B 275 17.57 -9.76 12.05
C GLU B 275 16.94 -9.78 10.66
N SER B 276 15.69 -10.24 10.63
CA SER B 276 14.91 -10.34 9.40
C SER B 276 13.72 -9.39 9.48
N HIS B 277 13.66 -8.42 8.56
CA HIS B 277 12.51 -7.53 8.53
C HIS B 277 11.19 -8.29 8.26
N ALA B 278 11.25 -9.31 7.42
CA ALA B 278 10.07 -10.12 7.12
C ALA B 278 9.55 -10.86 8.36
N ALA B 279 10.46 -11.47 9.11
CA ALA B 279 10.04 -12.21 10.31
C ALA B 279 9.52 -11.25 11.39
N LEU B 280 10.13 -10.06 11.46
CA LEU B 280 9.69 -9.02 12.37
C LEU B 280 8.28 -8.55 12.04
N ARG B 281 8.04 -8.26 10.77
CA ARG B 281 6.71 -7.81 10.36
C ARG B 281 5.66 -8.90 10.60
N TYR B 282 6.02 -10.14 10.32
CA TYR B 282 5.13 -11.27 10.59
C TYR B 282 4.75 -11.29 12.09
N SER B 283 5.75 -11.15 12.95
CA SER B 283 5.50 -11.26 14.38
C SER B 283 4.64 -10.11 14.90
N ILE B 284 4.90 -8.90 14.41
CA ILE B 284 4.09 -7.75 14.82
C ILE B 284 2.64 -7.96 14.38
N GLU B 285 2.46 -8.52 13.19
CA GLU B 285 1.12 -8.77 12.68
C GLU B 285 0.33 -9.79 13.52
N VAL B 286 0.96 -10.91 13.86
CA VAL B 286 0.23 -11.96 14.56
C VAL B 286 0.23 -11.85 16.10
N LEU B 287 1.19 -11.13 16.66
CA LEU B 287 1.25 -10.97 18.11
C LEU B 287 0.76 -9.61 18.61
N GLY B 288 0.84 -8.61 17.74
CA GLY B 288 0.59 -7.23 18.14
C GLY B 288 1.91 -6.53 18.43
N PRO B 289 1.99 -5.23 18.15
CA PRO B 289 3.27 -4.54 18.32
C PRO B 289 3.71 -4.39 19.78
N GLU B 290 2.80 -4.53 20.74
CA GLU B 290 3.23 -4.46 22.15
C GLU B 290 3.97 -5.70 22.61
N ASN B 291 4.00 -6.75 21.79
CA ASN B 291 4.54 -8.04 22.21
C ASN B 291 5.93 -8.37 21.64
N VAL B 292 6.53 -7.42 20.93
CA VAL B 292 7.82 -7.65 20.27
C VAL B 292 8.88 -6.68 20.76
N MET B 293 10.01 -7.19 21.25
CA MET B 293 11.08 -6.32 21.73
C MET B 293 12.37 -6.55 20.95
N TRP B 294 13.18 -5.50 20.83
CA TRP B 294 14.47 -5.63 20.18
C TRP B 294 15.52 -6.17 21.14
N ALA B 295 16.51 -6.85 20.58
CA ALA B 295 17.65 -7.33 21.34
C ALA B 295 18.83 -7.48 20.40
N ILE B 296 20.03 -7.59 20.96
CA ILE B 296 21.24 -7.80 20.18
C ILE B 296 21.73 -9.24 20.30
N ASP B 297 21.65 -9.79 21.52
CA ASP B 297 22.29 -11.07 21.85
C ASP B 297 23.82 -10.91 21.90
N TYR B 298 24.28 -9.75 22.36
CA TYR B 298 25.70 -9.52 22.60
C TYR B 298 26.13 -10.38 23.78
N PRO B 299 27.34 -10.97 23.75
CA PRO B 299 28.42 -10.87 22.75
C PRO B 299 28.42 -11.97 21.70
N TYR B 300 27.37 -12.80 21.71
CA TYR B 300 27.27 -13.86 20.72
C TYR B 300 26.93 -13.31 19.31
N GLN B 301 26.27 -12.16 19.26
CA GLN B 301 26.08 -11.37 18.03
C GLN B 301 26.73 -10.00 18.24
N PRO B 302 27.22 -9.36 17.15
CA PRO B 302 27.76 -7.99 17.22
C PRO B 302 26.66 -6.93 17.25
N MET B 303 26.95 -5.77 17.83
CA MET B 303 25.92 -4.76 18.02
C MET B 303 25.53 -4.03 16.73
N ALA B 304 26.50 -3.66 15.91
CA ALA B 304 26.16 -2.79 14.77
C ALA B 304 25.07 -3.34 13.84
N PRO B 305 25.19 -4.61 13.41
CA PRO B 305 24.12 -5.12 12.53
C PRO B 305 22.75 -5.16 13.22
N ALA B 306 22.72 -5.53 14.49
CA ALA B 306 21.44 -5.61 15.20
C ALA B 306 20.79 -4.23 15.30
N VAL B 307 21.61 -3.23 15.60
CA VAL B 307 21.13 -1.86 15.70
C VAL B 307 20.59 -1.37 14.37
N GLN B 308 21.35 -1.62 13.31
CA GLN B 308 20.96 -1.14 11.98
C GLN B 308 19.72 -1.88 11.48
N PHE B 309 19.56 -3.13 11.90
CA PHE B 309 18.35 -3.89 11.62
C PHE B 309 17.10 -3.16 12.11
N ILE B 310 17.10 -2.72 13.36
CA ILE B 310 15.92 -2.04 13.89
C ILE B 310 15.77 -0.58 13.38
N ARG B 311 16.89 0.14 13.28
CA ARG B 311 16.85 1.51 12.76
C ARG B 311 16.29 1.61 11.33
N THR B 312 16.48 0.55 10.55
CA THR B 312 15.97 0.52 9.17
C THR B 312 14.70 -0.30 8.96
N ALA B 313 14.08 -0.77 10.05
CA ALA B 313 12.90 -1.62 9.91
C ALA B 313 11.76 -0.88 9.20
N PRO B 314 11.11 -1.54 8.22
CA PRO B 314 10.04 -0.86 7.45
C PRO B 314 8.72 -0.89 8.19
N ILE B 315 8.70 -0.20 9.33
CA ILE B 315 7.53 -0.08 10.19
C ILE B 315 7.40 1.39 10.60
N PRO B 316 6.19 1.82 11.00
CA PRO B 316 6.04 3.23 11.35
C PRO B 316 6.88 3.59 12.58
N GLU B 317 7.22 4.88 12.71
CA GLU B 317 8.07 5.31 13.82
C GLU B 317 7.51 5.00 15.22
N ASP B 318 6.20 5.15 15.41
CA ASP B 318 5.64 4.81 16.73
C ASP B 318 5.80 3.32 17.08
N VAL B 319 5.53 2.45 16.10
CA VAL B 319 5.75 1.02 16.33
C VAL B 319 7.22 0.72 16.53
N LYS B 320 8.09 1.37 15.75
CA LYS B 320 9.53 1.18 15.90
C LYS B 320 10.00 1.53 17.31
N ALA B 321 9.47 2.63 17.85
CA ALA B 321 9.82 3.04 19.22
C ALA B 321 9.40 2.00 20.25
N MET B 322 8.23 1.38 20.05
CA MET B 322 7.78 0.33 20.96
C MET B 322 8.74 -0.85 20.93
N VAL B 323 9.07 -1.30 19.72
CA VAL B 323 9.95 -2.44 19.57
C VAL B 323 11.36 -2.16 20.07
N ALA B 324 11.87 -0.97 19.76
CA ALA B 324 13.24 -0.63 20.10
C ALA B 324 13.49 -0.51 21.60
N GLY B 325 12.47 -0.09 22.36
CA GLY B 325 12.65 0.07 23.79
C GLY B 325 11.43 0.27 24.66
N GLY B 326 10.37 0.83 24.09
CA GLY B 326 9.18 1.12 24.87
C GLY B 326 8.54 -0.11 25.52
N ASN B 327 8.44 -1.21 24.76
CA ASN B 327 7.90 -2.45 25.31
C ASN B 327 8.78 -3.00 26.42
N ALA B 328 10.11 -2.98 26.22
CA ALA B 328 11.04 -3.44 27.25
C ALA B 328 10.95 -2.57 28.51
N ALA B 329 10.76 -1.26 28.34
CA ALA B 329 10.67 -0.39 29.51
C ALA B 329 9.45 -0.77 30.35
N ARG B 330 8.37 -1.17 29.68
CA ARG B 330 7.16 -1.62 30.38
C ARG B 330 7.36 -2.98 31.03
N ILE B 331 7.75 -3.97 30.23
CA ILE B 331 7.84 -5.35 30.69
C ILE B 331 8.92 -5.51 31.77
N PHE B 332 10.02 -4.78 31.63
CA PHE B 332 11.15 -4.95 32.55
C PHE B 332 11.35 -3.77 33.49
N ARG B 333 10.28 -2.99 33.72
CA ARG B 333 10.27 -1.97 34.76
C ARG B 333 11.46 -1.00 34.68
N ILE B 334 11.71 -0.46 33.48
CA ILE B 334 12.80 0.48 33.31
C ILE B 334 12.25 1.87 33.10
N THR B 335 12.71 2.82 33.91
CA THR B 335 12.29 4.22 33.73
C THR B 335 13.08 4.88 32.60
N SER C 1 3.44 23.26 10.09
CA SER C 1 4.49 24.04 10.75
C SER C 1 5.78 23.24 10.82
N LEU C 2 6.21 22.75 9.67
CA LEU C 2 7.44 22.00 9.56
C LEU C 2 8.63 22.86 9.92
N ARG C 3 9.49 22.40 10.84
CA ARG C 3 10.72 23.13 11.12
C ARG C 3 11.80 22.73 10.12
N LEU C 4 12.22 23.70 9.31
CA LEU C 4 13.19 23.44 8.24
C LEU C 4 14.55 24.02 8.58
N ILE C 5 15.55 23.15 8.68
CA ILE C 5 16.93 23.54 8.95
C ILE C 5 17.76 23.08 7.74
N ALA C 6 18.21 24.02 6.92
CA ALA C 6 18.96 23.69 5.70
C ALA C 6 20.43 23.47 6.06
N THR C 7 21.00 22.34 5.68
CA THR C 7 22.31 21.94 6.20
C THR C 7 23.56 22.12 5.33
N GLU C 8 23.42 22.64 4.11
CA GLU C 8 24.61 22.82 3.24
C GLU C 8 24.57 24.19 2.59
N GLU C 9 24.60 25.23 3.42
CA GLU C 9 24.34 26.58 2.93
C GLU C 9 25.62 27.38 2.99
N ALA C 10 26.11 27.75 1.81
CA ALA C 10 27.43 28.31 1.68
C ALA C 10 27.45 29.80 2.00
N VAL C 11 28.57 30.26 2.55
CA VAL C 11 28.76 31.66 2.85
C VAL C 11 30.23 31.96 2.59
N THR C 12 30.59 33.22 2.44
CA THR C 12 31.99 33.59 2.45
C THR C 12 32.21 34.89 3.20
N PHE C 13 33.47 35.25 3.39
CA PHE C 13 33.81 36.46 4.14
C PHE C 13 34.91 37.18 3.37
N GLN C 14 34.96 38.50 3.51
CA GLN C 14 35.89 39.31 2.72
C GLN C 14 37.37 38.87 2.75
N PRO C 15 37.92 38.52 3.93
CA PRO C 15 39.33 38.09 3.94
C PRO C 15 39.58 36.87 3.05
N VAL C 16 38.61 35.96 2.96
CA VAL C 16 38.76 34.77 2.13
C VAL C 16 38.58 35.13 0.66
N VAL C 17 37.57 35.95 0.37
CA VAL C 17 37.34 36.44 -0.99
C VAL C 17 38.59 37.13 -1.53
N ASP C 18 39.17 38.02 -0.74
CA ASP C 18 40.36 38.73 -1.17
C ASP C 18 41.52 37.77 -1.49
N ALA C 19 41.68 36.74 -0.67
CA ALA C 19 42.77 35.79 -0.89
C ALA C 19 42.53 34.95 -2.14
N LEU C 20 41.27 34.61 -2.40
CA LEU C 20 40.94 33.85 -3.60
C LEU C 20 41.05 34.69 -4.87
N ARG C 21 40.73 35.98 -4.78
CA ARG C 21 40.95 36.88 -5.91
C ARG C 21 42.41 36.87 -6.29
N ALA C 22 43.29 36.95 -5.29
CA ALA C 22 44.72 36.90 -5.55
C ALA C 22 45.10 35.53 -6.10
N HIS C 23 44.55 34.48 -5.51
CA HIS C 23 44.88 33.12 -5.94
C HIS C 23 44.46 32.87 -7.39
N SER C 24 43.37 33.51 -7.81
CA SER C 24 42.86 33.35 -9.17
C SER C 24 43.87 33.74 -10.26
N ARG C 25 44.88 34.54 -9.89
CA ARG C 25 45.86 35.04 -10.85
C ARG C 25 47.09 34.15 -10.97
N THR C 26 47.21 33.15 -10.09
CA THR C 26 48.39 32.29 -10.06
C THR C 26 48.30 31.14 -11.06
N ASP C 27 49.40 30.41 -11.23
CA ASP C 27 49.41 29.28 -12.17
C ASP C 27 49.04 27.95 -11.55
N ASP C 28 48.30 28.00 -10.44
CA ASP C 28 47.83 26.79 -9.77
C ASP C 28 47.14 25.87 -10.81
N ALA C 29 47.51 24.60 -10.81
CA ALA C 29 46.99 23.66 -11.80
C ALA C 29 45.74 22.92 -11.30
N SER C 30 45.39 23.15 -10.04
CA SER C 30 44.20 22.50 -9.46
C SER C 30 42.96 22.74 -10.32
N LEU C 31 42.16 21.70 -10.47
CA LEU C 31 40.94 21.80 -11.26
C LEU C 31 39.95 22.77 -10.63
N ASP C 32 40.10 23.07 -9.34
CA ASP C 32 39.26 24.09 -8.69
C ASP C 32 39.45 25.49 -9.29
N MET C 33 40.54 25.69 -10.03
CA MET C 33 40.83 27.00 -10.61
C MET C 33 39.77 27.41 -11.64
N ILE C 34 39.04 26.45 -12.19
CA ILE C 34 37.96 26.79 -13.10
C ILE C 34 36.88 27.58 -12.34
N LEU C 35 36.41 26.99 -11.25
CA LEU C 35 35.48 27.68 -10.35
C LEU C 35 36.06 28.97 -9.80
N VAL C 36 37.31 28.95 -9.37
CA VAL C 36 37.91 30.11 -8.73
C VAL C 36 37.96 31.31 -9.69
N ARG C 37 38.35 31.06 -10.94
CA ARG C 37 38.36 32.15 -11.93
C ARG C 37 36.93 32.63 -12.28
N ASP C 38 35.99 31.70 -12.35
CA ASP C 38 34.60 32.02 -12.69
C ASP C 38 33.95 32.92 -11.65
N VAL C 39 34.32 32.73 -10.39
CA VAL C 39 33.67 33.44 -9.30
C VAL C 39 34.54 34.56 -8.71
N TYR C 40 35.83 34.27 -8.53
CA TYR C 40 36.74 35.19 -7.84
C TYR C 40 37.71 35.90 -8.78
N GLY C 41 37.66 35.52 -10.05
CA GLY C 41 38.57 36.07 -11.04
C GLY C 41 38.31 37.51 -11.44
N ASP C 42 39.29 38.08 -12.14
CA ASP C 42 39.22 39.48 -12.58
C ASP C 42 38.20 39.69 -13.69
N GLU C 43 37.89 38.64 -14.42
CA GLU C 43 36.85 38.72 -15.45
C GLU C 43 35.85 37.58 -15.25
N PRO C 44 35.08 37.64 -14.16
CA PRO C 44 34.30 36.46 -13.75
C PRO C 44 33.07 36.18 -14.60
N ALA C 45 32.91 34.91 -14.97
CA ALA C 45 31.74 34.43 -15.69
C ALA C 45 30.52 34.44 -14.79
N ARG C 46 30.77 34.40 -13.48
CA ARG C 46 29.70 34.38 -12.48
C ARG C 46 29.85 35.55 -11.50
N PRO C 47 29.62 36.79 -11.99
CA PRO C 47 29.94 38.01 -11.23
C PRO C 47 29.05 38.30 -10.02
N ALA C 48 27.84 37.74 -9.97
CA ALA C 48 26.95 38.00 -8.84
C ALA C 48 27.19 37.04 -7.68
N MET C 49 28.01 36.03 -7.91
CA MET C 49 28.15 34.97 -6.91
C MET C 49 28.81 35.41 -5.60
N ILE C 50 29.86 36.22 -5.68
CA ILE C 50 30.51 36.69 -4.45
C ILE C 50 29.50 37.41 -3.55
N GLY C 51 28.70 38.29 -4.14
CA GLY C 51 27.67 38.99 -3.39
C GLY C 51 26.66 38.05 -2.75
N ARG C 52 26.26 37.03 -3.49
CA ARG C 52 25.23 36.11 -3.00
C ARG C 52 25.77 35.25 -1.84
N LEU C 53 27.03 34.82 -1.96
CA LEU C 53 27.67 34.07 -0.90
C LEU C 53 27.92 34.92 0.35
N SER C 54 28.29 36.18 0.13
CA SER C 54 28.64 37.06 1.24
C SER C 54 27.43 37.48 2.06
N ASP C 55 26.28 37.54 1.41
CA ASP C 55 25.06 38.03 2.06
C ASP C 55 24.46 37.00 3.00
N VAL C 56 24.12 37.44 4.21
CA VAL C 56 23.48 36.59 5.18
C VAL C 56 22.12 37.16 5.62
N THR C 57 22.12 38.44 5.99
CA THR C 57 20.92 39.06 6.56
C THR C 57 20.06 39.85 5.56
N GLY C 58 20.47 39.88 4.29
CA GLY C 58 19.71 40.59 3.27
C GLY C 58 18.83 39.65 2.46
N GLU C 59 19.19 39.45 1.19
CA GLU C 59 18.41 38.59 0.29
C GLU C 59 18.24 37.17 0.85
N ARG C 60 19.29 36.62 1.46
CA ARG C 60 19.22 35.27 2.02
C ARG C 60 18.11 35.14 3.06
N LEU C 61 18.12 36.04 4.04
CA LEU C 61 17.13 36.00 5.09
C LEU C 61 15.73 36.30 4.55
N ALA C 62 15.64 37.22 3.59
CA ALA C 62 14.33 37.52 3.01
C ALA C 62 13.76 36.27 2.32
N GLU C 63 14.62 35.52 1.64
CA GLU C 63 14.19 34.31 0.95
C GLU C 63 13.79 33.22 1.94
N MET C 64 14.53 33.15 3.05
CA MET C 64 14.17 32.19 4.09
C MET C 64 12.77 32.53 4.62
N ASP C 65 12.50 33.81 4.84
CA ASP C 65 11.20 34.22 5.36
C ASP C 65 10.08 33.94 4.36
N SER C 66 10.35 34.19 3.07
CA SER C 66 9.35 33.97 2.02
C SER C 66 8.99 32.51 1.86
N ASN C 67 9.95 31.63 2.13
CA ASN C 67 9.73 30.19 1.96
C ASN C 67 9.49 29.42 3.25
N GLY C 68 9.52 30.12 4.38
CA GLY C 68 9.20 29.48 5.65
C GLY C 68 10.33 28.59 6.12
N VAL C 69 11.55 28.98 5.81
CA VAL C 69 12.74 28.24 6.27
C VAL C 69 13.20 28.79 7.61
N ASP C 70 13.29 27.92 8.63
CA ASP C 70 13.68 28.37 9.96
C ASP C 70 15.15 28.77 10.04
N MET C 71 16.03 27.92 9.51
CA MET C 71 17.47 28.12 9.70
C MET C 71 18.31 27.73 8.51
N HIS C 72 19.46 28.38 8.38
CA HIS C 72 20.57 27.88 7.55
C HIS C 72 21.71 27.47 8.46
N LEU C 73 22.25 26.28 8.22
CA LEU C 73 23.53 25.88 8.80
C LEU C 73 24.60 26.32 7.80
N LEU C 74 25.34 27.35 8.17
CA LEU C 74 26.30 28.01 7.28
C LEU C 74 27.64 27.30 7.26
N SER C 75 28.25 27.24 6.08
CA SER C 75 29.60 26.71 5.93
C SER C 75 30.41 27.59 4.96
N LEU C 76 31.68 27.83 5.26
CA LEU C 76 32.54 28.56 4.32
C LEU C 76 32.56 27.80 3.00
N THR C 77 32.26 28.49 1.91
CA THR C 77 32.08 27.85 0.61
C THR C 77 33.34 27.13 0.14
N ALA C 78 33.17 26.04 -0.60
CA ALA C 78 34.32 25.38 -1.23
C ALA C 78 35.04 26.37 -2.16
N PRO C 79 36.37 26.28 -2.26
CA PRO C 79 37.28 25.28 -1.68
C PRO C 79 37.81 25.66 -0.29
N GLY C 80 37.09 26.50 0.44
CA GLY C 80 37.47 26.86 1.78
C GLY C 80 38.81 27.57 1.83
N VAL C 81 39.70 27.11 2.72
CA VAL C 81 41.05 27.67 2.82
C VAL C 81 42.09 26.65 2.37
N GLN C 82 41.62 25.59 1.70
CA GLN C 82 42.47 24.46 1.37
C GLN C 82 43.41 24.66 0.18
N MET C 83 43.18 25.69 -0.63
CA MET C 83 44.06 25.94 -1.79
C MET C 83 45.31 26.72 -1.44
N PHE C 84 45.33 27.29 -0.24
CA PHE C 84 46.40 28.20 0.17
C PHE C 84 47.60 27.44 0.74
N ASP C 85 48.74 28.12 0.84
CA ASP C 85 49.87 27.53 1.55
C ASP C 85 49.46 27.35 3.02
N ALA C 86 50.18 26.50 3.74
CA ALA C 86 49.82 26.16 5.12
C ALA C 86 49.63 27.38 6.03
N GLU C 87 50.61 28.27 6.07
CA GLU C 87 50.53 29.44 6.95
C GLU C 87 49.33 30.32 6.61
N THR C 88 49.07 30.52 5.33
CA THR C 88 47.94 31.34 4.90
C THR C 88 46.61 30.68 5.23
N GLY C 89 46.51 29.38 4.95
CA GLY C 89 45.29 28.65 5.23
C GLY C 89 44.99 28.63 6.72
N THR C 90 46.02 28.40 7.53
CA THR C 90 45.86 28.37 8.98
C THR C 90 45.37 29.72 9.49
N ARG C 91 45.97 30.79 8.99
CA ARG C 91 45.58 32.13 9.44
C ARG C 91 44.14 32.45 9.02
N LEU C 92 43.79 32.12 7.78
CA LEU C 92 42.46 32.44 7.27
C LEU C 92 41.36 31.57 7.88
N ALA C 93 41.69 30.32 8.23
CA ALA C 93 40.71 29.48 8.92
C ALA C 93 40.27 30.11 10.25
N ARG C 94 41.24 30.60 11.02
CA ARG C 94 40.93 31.24 12.28
C ARG C 94 40.04 32.46 12.07
N ILE C 95 40.42 33.30 11.12
CA ILE C 95 39.66 34.50 10.80
C ILE C 95 38.23 34.17 10.37
N ALA C 96 38.11 33.25 9.41
CA ALA C 96 36.80 32.83 8.90
C ALA C 96 35.93 32.19 9.99
N ASN C 97 36.55 31.39 10.85
CA ASN C 97 35.81 30.78 11.96
C ASN C 97 35.30 31.83 12.95
N ASP C 98 36.12 32.84 13.24
CA ASP C 98 35.67 33.88 14.14
C ASP C 98 34.52 34.65 13.52
N LEU C 99 34.60 34.90 12.21
CA LEU C 99 33.55 35.65 11.53
C LEU C 99 32.27 34.81 11.48
N MET C 100 32.43 33.50 11.32
CA MET C 100 31.30 32.58 11.34
C MET C 100 30.58 32.63 12.68
N ALA C 101 31.35 32.60 13.77
CA ALA C 101 30.75 32.66 15.11
C ALA C 101 30.02 33.98 15.34
N GLN C 102 30.63 35.08 14.91
CA GLN C 102 29.97 36.39 14.97
C GLN C 102 28.67 36.42 14.18
N THR C 103 28.69 35.81 12.99
CA THR C 103 27.52 35.80 12.11
C THR C 103 26.38 35.04 12.80
N VAL C 104 26.73 33.92 13.41
CA VAL C 104 25.76 33.09 14.12
C VAL C 104 25.22 33.84 15.35
N ALA C 105 26.10 34.48 16.10
CA ALA C 105 25.69 35.20 17.31
C ALA C 105 24.74 36.36 17.02
N ALA C 106 24.83 36.94 15.83
CA ALA C 106 23.99 38.06 15.44
C ALA C 106 22.53 37.66 15.24
N ASN C 107 22.32 36.42 14.80
CA ASN C 107 20.96 35.91 14.59
C ASN C 107 20.91 34.42 14.87
N PRO C 108 21.04 34.04 16.16
CA PRO C 108 21.23 32.63 16.51
C PRO C 108 20.00 31.76 16.37
N THR C 109 18.82 32.36 16.18
CA THR C 109 17.65 31.51 15.93
C THR C 109 17.48 31.23 14.44
N ARG C 110 18.26 31.92 13.61
CA ARG C 110 18.14 31.76 12.16
C ARG C 110 19.37 31.13 11.52
N PHE C 111 20.52 31.24 12.18
CA PHE C 111 21.75 30.69 11.61
C PHE C 111 22.55 29.87 12.61
N ALA C 112 23.02 28.72 12.14
CA ALA C 112 23.99 27.92 12.87
C ALA C 112 25.22 27.88 11.97
N GLY C 113 26.34 27.35 12.45
CA GLY C 113 27.55 27.42 11.64
C GLY C 113 28.51 26.28 11.86
N LEU C 114 29.20 25.92 10.77
CA LEU C 114 30.25 24.91 10.81
C LEU C 114 31.58 25.64 10.71
N GLY C 115 32.55 25.22 11.52
CA GLY C 115 33.88 25.80 11.44
C GLY C 115 34.71 25.01 10.44
N THR C 116 35.76 25.63 9.91
CA THR C 116 36.63 24.92 8.98
C THR C 116 38.09 24.96 9.47
N PHE C 117 39.00 24.40 8.69
CA PHE C 117 40.38 24.29 9.12
C PHE C 117 41.27 24.05 7.91
N ALA C 118 42.57 24.17 8.10
CA ALA C 118 43.51 23.99 7.01
C ALA C 118 44.34 22.73 7.25
N PRO C 119 43.91 21.59 6.67
CA PRO C 119 44.60 20.30 6.91
C PRO C 119 45.97 20.25 6.26
N GLN C 120 46.36 21.28 5.51
CA GLN C 120 47.73 21.39 5.03
C GLN C 120 48.74 21.25 6.19
N ASP C 121 48.31 21.68 7.38
CA ASP C 121 49.09 21.59 8.61
C ASP C 121 48.23 20.88 9.66
N PRO C 122 48.30 19.54 9.71
CA PRO C 122 47.41 18.75 10.57
C PRO C 122 47.51 19.10 12.05
N ALA C 123 48.70 19.44 12.54
CA ALA C 123 48.84 19.79 13.95
C ALA C 123 48.13 21.10 14.27
N SER C 124 48.29 22.08 13.40
CA SER C 124 47.61 23.38 13.58
C SER C 124 46.11 23.25 13.36
N ALA C 125 45.71 22.40 12.41
CA ALA C 125 44.29 22.12 12.19
C ALA C 125 43.63 21.50 13.43
N ALA C 126 44.34 20.57 14.07
CA ALA C 126 43.87 19.96 15.31
C ALA C 126 43.61 21.00 16.39
N ARG C 127 44.55 21.94 16.53
CA ARG C 127 44.38 23.01 17.51
C ARG C 127 43.16 23.87 17.17
N GLU C 128 42.95 24.15 15.89
CA GLU C 128 41.82 24.99 15.51
C GLU C 128 40.50 24.25 15.72
N ILE C 129 40.48 22.95 15.44
CA ILE C 129 39.30 22.14 15.69
C ILE C 129 38.89 22.20 17.18
N GLU C 130 39.87 22.10 18.07
CA GLU C 130 39.59 22.23 19.50
C GLU C 130 39.02 23.60 19.85
N ARG C 131 39.60 24.65 19.26
CA ARG C 131 39.11 26.02 19.49
C ARG C 131 37.68 26.18 18.97
N VAL C 132 37.39 25.60 17.81
CA VAL C 132 36.06 25.69 17.23
C VAL C 132 35.03 25.02 18.16
N ALA C 133 35.41 23.88 18.72
CA ALA C 133 34.49 23.13 19.58
C ALA C 133 34.32 23.76 20.97
N THR C 134 35.41 24.24 21.56
CA THR C 134 35.39 24.62 22.97
C THR C 134 35.26 26.12 23.24
N GLN C 135 35.83 26.95 22.38
CA GLN C 135 35.77 28.39 22.57
C GLN C 135 34.66 29.05 21.74
N LEU C 136 34.62 28.74 20.45
CA LEU C 136 33.59 29.32 19.58
C LEU C 136 32.27 28.61 19.77
N ARG C 137 32.34 27.34 20.13
CA ARG C 137 31.16 26.49 20.30
C ARG C 137 30.28 26.49 19.06
N LEU C 138 30.92 26.32 17.90
CA LEU C 138 30.19 26.19 16.65
C LEU C 138 29.49 24.84 16.60
N ASN C 139 28.64 24.64 15.60
CA ASN C 139 27.76 23.48 15.55
C ASN C 139 28.38 22.22 14.95
N GLY C 140 29.53 22.38 14.31
CA GLY C 140 30.16 21.24 13.67
C GLY C 140 31.30 21.75 12.80
N LEU C 141 31.73 20.91 11.87
CA LEU C 141 32.89 21.22 11.05
C LEU C 141 32.61 20.95 9.57
N VAL C 142 33.34 21.66 8.70
CA VAL C 142 33.24 21.43 7.27
C VAL C 142 34.65 21.42 6.65
N ILE C 143 34.84 20.54 5.67
CA ILE C 143 36.06 20.53 4.88
C ILE C 143 35.65 20.08 3.48
N ASN C 144 36.39 20.51 2.45
CA ASN C 144 35.99 20.24 1.07
C ASN C 144 36.84 19.19 0.41
N SER C 145 36.35 17.95 0.45
CA SER C 145 37.09 16.77 0.01
C SER C 145 38.62 16.90 0.19
N HIS C 146 39.38 16.62 -0.85
CA HIS C 146 40.84 16.47 -0.71
C HIS C 146 41.60 17.71 -0.22
N THR C 147 42.77 17.48 0.37
CA THR C 147 43.74 18.55 0.59
C THR C 147 45.09 18.12 0.05
N ASN C 148 45.73 19.02 -0.70
CA ASN C 148 47.03 18.75 -1.33
C ASN C 148 47.00 17.49 -2.19
N ASP C 149 45.83 17.20 -2.72
CA ASP C 149 45.60 16.04 -3.60
C ASP C 149 45.82 14.71 -2.86
N LEU C 150 45.57 14.74 -1.57
CA LEU C 150 45.58 13.52 -0.76
C LEU C 150 44.18 13.29 -0.21
N TYR C 151 43.83 12.03 0.02
CA TYR C 151 42.54 11.71 0.58
C TYR C 151 42.66 11.36 2.06
N TYR C 152 41.54 11.31 2.76
CA TYR C 152 41.58 11.29 4.23
C TYR C 152 41.84 9.93 4.85
N ASP C 153 42.14 8.95 4.01
CA ASP C 153 42.71 7.69 4.50
C ASP C 153 44.19 7.86 4.86
N ASP C 154 44.84 8.88 4.31
CA ASP C 154 46.28 9.09 4.51
C ASP C 154 46.59 9.38 5.98
N PRO C 155 47.52 8.60 6.57
CA PRO C 155 47.86 8.79 7.99
C PRO C 155 48.39 10.18 8.31
N PHE C 156 48.79 10.94 7.29
CA PHE C 156 49.18 12.33 7.45
C PHE C 156 48.10 13.12 8.20
N PHE C 157 46.84 12.78 7.95
CA PHE C 157 45.72 13.52 8.52
C PHE C 157 45.21 12.95 9.84
N HIS C 158 45.88 11.94 10.39
CA HIS C 158 45.45 11.36 11.66
C HIS C 158 45.25 12.37 12.81
N PRO C 159 46.17 13.34 12.98
CA PRO C 159 45.93 14.31 14.06
C PRO C 159 44.65 15.11 13.87
N VAL C 160 44.23 15.32 12.63
CA VAL C 160 42.97 16.01 12.38
C VAL C 160 41.81 15.18 12.89
N PHE C 161 41.78 13.91 12.53
CA PHE C 161 40.65 13.07 12.89
C PHE C 161 40.63 12.71 14.37
N GLU C 162 41.80 12.58 14.97
CA GLU C 162 41.88 12.43 16.43
C GLU C 162 41.17 13.60 17.12
N ALA C 163 41.43 14.81 16.65
CA ALA C 163 40.83 15.99 17.26
C ALA C 163 39.34 16.08 16.95
N ILE C 164 38.95 15.71 15.74
CA ILE C 164 37.55 15.77 15.38
C ILE C 164 36.79 14.77 16.25
N GLU C 165 37.30 13.55 16.36
CA GLU C 165 36.63 12.54 17.17
C GLU C 165 36.49 12.99 18.62
N ALA C 166 37.57 13.51 19.18
CA ALA C 166 37.56 13.96 20.57
C ALA C 166 36.62 15.14 20.80
N SER C 167 36.42 15.96 19.78
CA SER C 167 35.61 17.15 19.93
C SER C 167 34.11 16.85 19.97
N GLY C 168 33.71 15.73 19.41
CA GLY C 168 32.29 15.40 19.32
C GLY C 168 31.56 16.09 18.16
N LEU C 169 32.26 16.93 17.41
CA LEU C 169 31.66 17.64 16.27
C LEU C 169 31.57 16.76 15.01
N ALA C 170 30.41 16.78 14.36
CA ALA C 170 30.26 16.10 13.07
C ALA C 170 31.04 16.86 11.99
N LEU C 171 31.63 16.13 11.04
CA LEU C 171 32.37 16.74 9.94
C LEU C 171 31.63 16.57 8.62
N TYR C 172 31.19 17.67 8.04
CA TYR C 172 30.58 17.67 6.73
C TYR C 172 31.72 17.67 5.72
N ILE C 173 31.81 16.62 4.91
CA ILE C 173 32.80 16.63 3.84
C ILE C 173 32.10 17.04 2.56
N HIS C 174 32.21 18.32 2.26
CA HIS C 174 31.61 18.93 1.08
C HIS C 174 32.51 18.63 -0.13
N PRO C 175 31.96 18.68 -1.36
CA PRO C 175 32.88 18.47 -2.48
C PRO C 175 33.84 19.64 -2.77
N ARG C 176 34.85 19.32 -3.55
CA ARG C 176 35.55 20.29 -4.39
C ARG C 176 35.84 19.58 -5.70
N ALA C 177 36.51 20.26 -6.64
CA ALA C 177 36.79 19.64 -7.94
C ALA C 177 37.70 18.42 -7.74
N PRO C 178 37.59 17.41 -8.63
CA PRO C 178 38.48 16.24 -8.63
C PRO C 178 39.94 16.62 -8.40
N SER C 179 40.63 15.86 -7.56
CA SER C 179 42.03 16.10 -7.26
C SER C 179 42.91 15.80 -8.47
N LYS C 180 44.19 16.12 -8.37
CA LYS C 180 45.14 15.83 -9.43
C LYS C 180 45.27 14.34 -9.75
N GLN C 181 44.89 13.50 -8.80
CA GLN C 181 44.92 12.06 -9.02
C GLN C 181 43.92 11.64 -10.12
N ILE C 182 42.83 12.37 -10.25
CA ILE C 182 41.78 11.96 -11.18
C ILE C 182 41.31 13.04 -12.14
N ASP C 183 41.86 14.25 -12.05
CA ASP C 183 41.27 15.39 -12.77
C ASP C 183 41.32 15.35 -14.29
N ARG C 184 42.22 14.56 -14.86
CA ARG C 184 42.32 14.45 -16.32
C ARG C 184 41.00 14.09 -17.01
N ALA C 185 40.18 13.27 -16.36
CA ALA C 185 38.93 12.81 -16.97
C ALA C 185 37.77 13.79 -16.79
N PHE C 186 38.04 14.93 -16.14
CA PHE C 186 36.96 15.85 -15.79
C PHE C 186 37.19 17.24 -16.35
N ARG C 187 37.90 17.31 -17.46
CA ARG C 187 38.23 18.61 -18.04
C ARG C 187 37.25 19.03 -19.13
N ASP C 188 36.31 18.16 -19.46
CA ASP C 188 35.39 18.44 -20.58
C ASP C 188 33.92 18.49 -20.14
N TYR C 189 33.11 19.21 -20.93
CA TYR C 189 31.67 19.25 -20.75
C TYR C 189 31.23 19.72 -19.35
N GLY C 190 32.04 20.56 -18.73
CA GLY C 190 31.73 21.10 -17.41
C GLY C 190 31.75 20.08 -16.30
N MET C 191 32.45 18.97 -16.54
CA MET C 191 32.43 17.86 -15.60
C MET C 191 33.32 18.09 -14.38
N ASN C 192 34.07 19.19 -14.37
CA ASN C 192 34.85 19.54 -13.18
C ASN C 192 33.97 19.77 -11.96
N SER C 193 32.73 20.15 -12.23
CA SER C 193 31.84 20.71 -11.21
C SER C 193 30.75 19.74 -10.71
N ALA C 194 29.63 20.32 -10.28
CA ALA C 194 28.57 19.57 -9.62
C ALA C 194 27.94 18.50 -10.50
N ILE C 195 28.01 18.70 -11.81
CA ILE C 195 27.36 17.74 -12.71
C ILE C 195 27.96 16.34 -12.66
N TRP C 196 29.24 16.21 -12.33
CA TRP C 196 29.83 14.87 -12.20
C TRP C 196 31.06 14.79 -11.30
N GLY C 197 32.05 15.66 -11.55
CA GLY C 197 33.29 15.65 -10.80
C GLY C 197 33.14 15.69 -9.30
N TYR C 198 32.29 16.60 -8.80
CA TYR C 198 32.11 16.77 -7.36
C TYR C 198 31.77 15.45 -6.67
N GLY C 199 30.85 14.71 -7.27
CA GLY C 199 30.39 13.46 -6.70
C GLY C 199 31.43 12.35 -6.71
N ILE C 200 32.13 12.22 -7.84
CA ILE C 200 33.18 11.22 -7.95
C ILE C 200 34.34 11.48 -6.97
N GLU C 201 34.78 12.73 -6.93
CA GLU C 201 35.82 13.16 -5.99
C GLU C 201 35.46 12.88 -4.53
N THR C 202 34.27 13.32 -4.10
CA THR C 202 33.90 13.23 -2.70
C THR C 202 33.60 11.79 -2.28
N SER C 203 32.88 11.06 -3.12
CA SER C 203 32.55 9.68 -2.80
C SER C 203 33.82 8.81 -2.74
N THR C 204 34.77 9.06 -3.64
CA THR C 204 36.01 8.27 -3.66
C THR C 204 36.81 8.52 -2.38
N ASN C 205 36.83 9.79 -1.95
CA ASN C 205 37.42 10.14 -0.65
C ASN C 205 36.77 9.32 0.48
N ALA C 206 35.45 9.41 0.59
CA ALA C 206 34.73 8.67 1.62
C ALA C 206 34.94 7.15 1.60
N VAL C 207 34.96 6.57 0.40
CA VAL C 207 35.19 5.13 0.27
C VAL C 207 36.61 4.75 0.71
N ARG C 208 37.61 5.57 0.33
CA ARG C 208 38.98 5.33 0.83
C ARG C 208 39.03 5.37 2.36
N MET C 209 38.33 6.32 2.95
CA MET C 209 38.28 6.44 4.41
C MET C 209 37.73 5.17 5.04
N ILE C 210 36.61 4.67 4.49
CA ILE C 210 36.02 3.45 5.01
C ILE C 210 36.93 2.22 4.85
N LEU C 211 37.40 1.98 3.63
CA LEU C 211 38.19 0.79 3.34
C LEU C 211 39.56 0.77 4.01
N SER C 212 40.08 1.96 4.30
CA SER C 212 41.38 2.05 4.97
C SER C 212 41.31 1.68 6.45
N GLY C 213 40.10 1.60 7.00
CA GLY C 213 39.91 1.32 8.41
C GLY C 213 39.94 2.53 9.33
N LEU C 214 39.73 3.72 8.77
CA LEU C 214 39.77 4.94 9.55
C LEU C 214 38.76 4.88 10.70
N PHE C 215 37.62 4.25 10.46
CA PHE C 215 36.56 4.20 11.46
C PHE C 215 36.70 3.07 12.48
N ASP C 216 37.71 2.23 12.32
CA ASP C 216 38.14 1.38 13.42
C ASP C 216 39.09 2.18 14.32
N ARG C 217 39.92 3.03 13.72
CA ARG C 217 40.84 3.86 14.49
C ARG C 217 40.07 4.93 15.27
N PHE C 218 39.07 5.52 14.62
CA PHE C 218 38.29 6.62 15.19
C PHE C 218 36.78 6.30 15.07
N PRO C 219 36.30 5.37 15.93
CA PRO C 219 34.94 4.84 15.74
C PRO C 219 33.82 5.78 16.14
N ARG C 220 34.14 6.90 16.77
CA ARG C 220 33.13 7.87 17.16
C ARG C 220 33.02 9.04 16.19
N LEU C 221 33.80 9.01 15.11
CA LEU C 221 33.66 10.04 14.07
C LEU C 221 32.25 10.04 13.50
N LYS C 222 31.72 11.23 13.26
CA LYS C 222 30.48 11.38 12.50
C LYS C 222 30.80 12.19 11.25
N ILE C 223 30.55 11.58 10.08
CA ILE C 223 30.79 12.25 8.81
C ILE C 223 29.47 12.52 8.11
N VAL C 224 29.33 13.69 7.50
CA VAL C 224 28.10 14.01 6.77
C VAL C 224 28.45 14.24 5.30
N LEU C 225 27.69 13.62 4.39
CA LEU C 225 27.88 13.84 2.96
C LEU C 225 26.59 14.38 2.32
N GLY C 226 26.70 15.44 1.54
CA GLY C 226 25.59 15.98 0.78
C GLY C 226 25.29 15.21 -0.48
N HIS C 227 24.40 15.77 -1.31
CA HIS C 227 24.11 15.22 -2.62
C HIS C 227 23.67 13.75 -2.54
N MET C 228 22.75 13.53 -1.61
CA MET C 228 22.18 12.23 -1.30
C MET C 228 23.28 11.21 -1.01
N GLY C 229 24.29 11.65 -0.26
CA GLY C 229 25.36 10.77 0.15
C GLY C 229 26.39 10.49 -0.93
N GLU C 230 26.42 11.37 -1.94
CA GLU C 230 27.34 11.23 -3.07
C GLU C 230 27.22 9.84 -3.69
N ALA C 231 25.98 9.35 -3.69
CA ALA C 231 25.55 8.05 -4.24
C ALA C 231 26.08 6.80 -3.55
N ILE C 232 26.88 6.96 -2.50
CA ILE C 232 27.32 5.80 -1.74
C ILE C 232 26.13 4.92 -1.24
N PRO C 233 25.00 5.55 -0.84
CA PRO C 233 23.89 4.68 -0.43
C PRO C 233 23.43 3.71 -1.51
N PHE C 234 23.62 4.06 -2.78
CA PHE C 234 23.21 3.18 -3.88
C PHE C 234 24.15 2.00 -4.05
N TRP C 235 25.40 2.17 -3.64
CA TRP C 235 26.46 1.17 -3.87
C TRP C 235 26.68 0.22 -2.67
N LEU C 236 25.87 0.33 -1.63
CA LEU C 236 26.15 -0.41 -0.38
C LEU C 236 26.28 -1.93 -0.53
N TRP C 237 25.38 -2.54 -1.31
CA TRP C 237 25.40 -3.99 -1.41
C TRP C 237 26.71 -4.46 -2.06
N ARG C 238 27.12 -3.78 -3.13
CA ARG C 238 28.33 -4.13 -3.89
C ARG C 238 29.61 -3.85 -3.10
N LEU C 239 29.63 -2.74 -2.37
CA LEU C 239 30.75 -2.47 -1.47
C LEU C 239 30.91 -3.60 -0.47
N ASP C 240 29.79 -4.09 0.07
CA ASP C 240 29.87 -5.21 1.01
C ASP C 240 30.27 -6.50 0.33
N TYR C 241 29.63 -6.81 -0.79
CA TYR C 241 29.89 -8.08 -1.44
C TYR C 241 31.36 -8.22 -1.85
N MET C 242 31.92 -7.17 -2.42
CA MET C 242 33.26 -7.24 -2.97
C MET C 242 34.36 -7.06 -1.94
N HIS C 243 33.99 -6.76 -0.70
CA HIS C 243 34.99 -6.51 0.32
C HIS C 243 35.85 -7.75 0.64
N GLY C 244 35.23 -8.93 0.57
CA GLY C 244 35.97 -10.18 0.75
C GLY C 244 37.15 -10.29 -0.22
N ASN C 245 36.90 -10.06 -1.50
CA ASN C 245 37.99 -10.08 -2.48
C ASN C 245 39.04 -9.02 -2.16
N ALA C 246 38.60 -7.87 -1.69
CA ALA C 246 39.52 -6.77 -1.42
C ALA C 246 40.51 -7.13 -0.33
N THR C 247 40.04 -7.80 0.72
CA THR C 247 40.92 -8.15 1.83
C THR C 247 41.68 -9.44 1.54
N THR C 248 41.13 -10.27 0.64
CA THR C 248 41.79 -11.53 0.29
C THR C 248 42.89 -11.37 -0.76
N PHE C 249 42.56 -10.76 -1.89
CA PHE C 249 43.52 -10.65 -3.00
C PHE C 249 44.03 -9.24 -3.17
N GLY C 250 43.31 -8.26 -2.65
CA GLY C 250 43.60 -6.86 -2.93
C GLY C 250 44.42 -6.11 -1.89
N GLY C 251 44.82 -6.79 -0.83
CA GLY C 251 45.63 -6.19 0.21
C GLY C 251 44.92 -5.19 1.11
N ALA C 252 43.60 -5.11 1.00
CA ALA C 252 42.82 -4.25 1.89
C ALA C 252 42.91 -4.75 3.33
N PRO C 253 42.92 -3.82 4.29
CA PRO C 253 43.01 -4.28 5.68
C PRO C 253 41.71 -4.91 6.16
N LYS C 254 41.82 -5.89 7.05
CA LYS C 254 40.65 -6.46 7.70
C LYS C 254 39.97 -5.41 8.57
N LEU C 255 38.66 -5.32 8.47
CA LEU C 255 37.87 -4.36 9.25
C LEU C 255 36.97 -5.08 10.23
N LYS C 256 36.60 -4.38 11.30
CA LYS C 256 35.70 -4.96 12.29
C LYS C 256 34.27 -5.10 11.75
N LEU C 257 33.85 -4.15 10.92
CA LEU C 257 32.49 -4.07 10.38
C LEU C 257 32.49 -4.19 8.85
N LYS C 258 31.31 -4.38 8.26
CA LYS C 258 31.15 -4.34 6.80
C LYS C 258 31.17 -2.88 6.36
N PRO C 259 31.61 -2.63 5.11
CA PRO C 259 31.60 -1.25 4.59
C PRO C 259 30.26 -0.53 4.81
N SER C 260 29.14 -1.19 4.55
CA SER C 260 27.84 -0.52 4.67
C SER C 260 27.49 -0.23 6.12
N GLU C 261 28.06 -1.01 7.03
CA GLU C 261 27.86 -0.82 8.45
C GLU C 261 28.61 0.41 8.95
N TYR C 262 29.79 0.66 8.40
CA TYR C 262 30.48 1.91 8.71
C TYR C 262 29.64 3.06 8.17
N PHE C 263 29.08 2.87 6.99
CA PHE C 263 28.33 3.96 6.40
C PHE C 263 27.12 4.32 7.26
N ARG C 264 26.40 3.33 7.76
CA ARG C 264 25.25 3.63 8.62
C ARG C 264 25.64 4.08 10.02
N ARG C 265 26.71 3.50 10.58
CA ARG C 265 27.11 3.85 11.94
C ARG C 265 27.77 5.24 11.99
N ASN C 266 28.63 5.52 11.01
CA ASN C 266 29.49 6.70 11.07
C ASN C 266 29.13 7.85 10.16
N PHE C 267 28.22 7.64 9.23
CA PHE C 267 27.83 8.68 8.29
C PHE C 267 26.35 9.06 8.38
N ALA C 268 26.06 10.28 7.97
CA ALA C 268 24.69 10.67 7.67
C ALA C 268 24.76 11.44 6.36
N ILE C 269 23.61 11.66 5.75
CA ILE C 269 23.61 12.27 4.42
C ILE C 269 22.65 13.43 4.36
N THR C 270 22.83 14.29 3.36
CA THR C 270 21.84 15.32 3.11
C THR C 270 21.34 15.29 1.66
N THR C 271 20.24 15.99 1.42
CA THR C 271 19.57 15.95 0.13
C THR C 271 19.99 17.07 -0.80
N SER C 272 21.04 17.82 -0.44
CA SER C 272 21.46 18.95 -1.27
C SER C 272 21.58 18.58 -2.74
N GLY C 273 20.90 19.34 -3.61
CA GLY C 273 21.05 19.15 -5.03
C GLY C 273 20.50 17.86 -5.61
N VAL C 274 19.79 17.08 -4.78
CA VAL C 274 19.13 15.87 -5.23
C VAL C 274 17.67 15.89 -4.79
N GLU C 275 16.86 16.69 -5.48
CA GLU C 275 15.46 16.87 -5.09
C GLU C 275 14.58 15.83 -5.77
N SER C 276 14.87 14.56 -5.46
CA SER C 276 14.16 13.42 -6.05
C SER C 276 13.47 12.65 -4.94
N HIS C 277 12.14 12.59 -4.99
CA HIS C 277 11.41 11.81 -4.00
C HIS C 277 11.82 10.33 -4.03
N ALA C 278 12.12 9.82 -5.23
CA ALA C 278 12.51 8.42 -5.36
C ALA C 278 13.83 8.14 -4.68
N ALA C 279 14.79 9.04 -4.88
CA ALA C 279 16.13 8.88 -4.27
C ALA C 279 16.06 9.08 -2.76
N LEU C 280 15.18 9.98 -2.32
CA LEU C 280 14.99 10.21 -0.89
C LEU C 280 14.40 8.97 -0.23
N ARG C 281 13.39 8.39 -0.87
CA ARG C 281 12.73 7.21 -0.31
C ARG C 281 13.70 6.05 -0.24
N TYR C 282 14.49 5.87 -1.30
CA TYR C 282 15.51 4.83 -1.31
C TYR C 282 16.47 4.98 -0.14
N SER C 283 16.97 6.21 0.06
CA SER C 283 17.95 6.48 1.10
C SER C 283 17.37 6.23 2.49
N ILE C 284 16.16 6.70 2.73
CA ILE C 284 15.50 6.43 3.99
C ILE C 284 15.36 4.93 4.22
N GLU C 285 15.03 4.19 3.17
CA GLU C 285 14.91 2.74 3.27
C GLU C 285 16.22 2.03 3.67
N VAL C 286 17.33 2.41 3.03
CA VAL C 286 18.56 1.65 3.22
C VAL C 286 19.44 2.19 4.37
N LEU C 287 19.25 3.46 4.74
CA LEU C 287 20.04 4.07 5.81
C LEU C 287 19.29 4.21 7.13
N GLY C 288 17.97 4.27 7.05
CA GLY C 288 17.14 4.63 8.19
C GLY C 288 16.80 6.11 8.22
N PRO C 289 15.62 6.46 8.75
CA PRO C 289 15.18 7.87 8.72
C PRO C 289 16.02 8.81 9.58
N GLU C 290 16.75 8.29 10.57
CA GLU C 290 17.59 9.15 11.40
C GLU C 290 18.86 9.64 10.68
N ASN C 291 19.16 9.05 9.53
CA ASN C 291 20.42 9.32 8.83
C ASN C 291 20.30 10.24 7.63
N VAL C 292 19.12 10.82 7.42
CA VAL C 292 18.91 11.67 6.24
C VAL C 292 18.45 13.08 6.63
N MET C 293 19.16 14.10 6.13
CA MET C 293 18.84 15.49 6.44
C MET C 293 18.56 16.28 5.16
N TRP C 294 17.68 17.27 5.28
CA TRP C 294 17.38 18.17 4.18
C TRP C 294 18.42 19.27 4.08
N ALA C 295 18.62 19.77 2.86
CA ALA C 295 19.48 20.91 2.59
C ALA C 295 19.00 21.61 1.31
N ILE C 296 19.47 22.83 1.11
CA ILE C 296 19.16 23.59 -0.11
C ILE C 296 20.35 23.64 -1.07
N ASP C 297 21.55 23.85 -0.52
CA ASP C 297 22.75 24.17 -1.31
C ASP C 297 22.66 25.61 -1.86
N TYR C 298 22.10 26.50 -1.04
CA TYR C 298 22.05 27.92 -1.39
C TYR C 298 23.46 28.46 -1.28
N PRO C 299 23.85 29.40 -2.16
CA PRO C 299 23.12 30.04 -3.25
C PRO C 299 23.32 29.36 -4.60
N TYR C 300 23.97 28.20 -4.62
CA TYR C 300 24.16 27.47 -5.87
C TYR C 300 22.87 26.82 -6.36
N GLN C 301 21.92 26.65 -5.44
CA GLN C 301 20.57 26.20 -5.77
C GLN C 301 19.58 27.17 -5.14
N PRO C 302 18.41 27.35 -5.78
CA PRO C 302 17.39 28.22 -5.22
C PRO C 302 16.58 27.56 -4.11
N MET C 303 16.07 28.36 -3.18
CA MET C 303 15.41 27.83 -1.99
C MET C 303 14.02 27.25 -2.25
N ALA C 304 13.20 27.93 -3.03
CA ALA C 304 11.80 27.51 -3.19
C ALA C 304 11.63 26.06 -3.66
N PRO C 305 12.33 25.65 -4.74
CA PRO C 305 12.21 24.25 -5.16
C PRO C 305 12.67 23.27 -4.08
N ALA C 306 13.77 23.57 -3.38
CA ALA C 306 14.27 22.66 -2.35
C ALA C 306 13.25 22.53 -1.20
N VAL C 307 12.65 23.65 -0.84
CA VAL C 307 11.66 23.66 0.23
C VAL C 307 10.43 22.86 -0.19
N GLN C 308 9.94 23.11 -1.40
CA GLN C 308 8.76 22.41 -1.89
C GLN C 308 8.99 20.90 -2.04
N PHE C 309 10.23 20.54 -2.38
CA PHE C 309 10.65 19.14 -2.44
C PHE C 309 10.38 18.40 -1.14
N ILE C 310 10.83 18.97 -0.02
CA ILE C 310 10.62 18.29 1.25
C ILE C 310 9.18 18.43 1.78
N ARG C 311 8.54 19.59 1.56
CA ARG C 311 7.16 19.79 2.02
C ARG C 311 6.17 18.85 1.36
N THR C 312 6.51 18.39 0.16
CA THR C 312 5.64 17.48 -0.60
C THR C 312 6.13 16.04 -0.62
N ALA C 313 7.16 15.73 0.15
CA ALA C 313 7.71 14.37 0.14
C ALA C 313 6.66 13.33 0.56
N PRO C 314 6.52 12.24 -0.21
CA PRO C 314 5.55 11.19 0.10
C PRO C 314 6.06 10.27 1.21
N ILE C 315 6.16 10.85 2.41
CA ILE C 315 6.64 10.15 3.61
C ILE C 315 5.77 10.64 4.77
N PRO C 316 5.64 9.82 5.83
CA PRO C 316 4.79 10.22 6.97
C PRO C 316 5.31 11.49 7.63
N GLU C 317 4.44 12.23 8.29
CA GLU C 317 4.83 13.52 8.87
C GLU C 317 5.94 13.40 9.91
N ASP C 318 5.95 12.33 10.70
CA ASP C 318 7.02 12.23 11.69
C ASP C 318 8.40 12.05 11.06
N VAL C 319 8.48 11.21 10.02
CA VAL C 319 9.72 11.05 9.29
C VAL C 319 10.07 12.34 8.55
N LYS C 320 9.07 13.03 8.02
CA LYS C 320 9.34 14.28 7.33
C LYS C 320 9.96 15.30 8.30
N ALA C 321 9.45 15.35 9.53
CA ALA C 321 9.99 16.27 10.53
C ALA C 321 11.44 15.94 10.84
N MET C 322 11.76 14.65 10.91
CA MET C 322 13.15 14.22 11.13
C MET C 322 14.06 14.69 10.01
N VAL C 323 13.68 14.42 8.77
CA VAL C 323 14.50 14.83 7.63
C VAL C 323 14.59 16.37 7.51
N ALA C 324 13.47 17.06 7.74
CA ALA C 324 13.44 18.51 7.53
C ALA C 324 14.30 19.28 8.52
N GLY C 325 14.42 18.77 9.75
CA GLY C 325 15.15 19.51 10.77
C GLY C 325 15.54 18.76 12.02
N GLY C 326 14.79 17.72 12.36
CA GLY C 326 15.02 17.00 13.61
C GLY C 326 16.39 16.34 13.66
N ASN C 327 16.76 15.68 12.58
CA ASN C 327 18.07 15.02 12.54
C ASN C 327 19.20 16.05 12.61
N ALA C 328 19.08 17.16 11.87
CA ALA C 328 20.09 18.21 11.89
C ALA C 328 20.25 18.81 13.29
N ALA C 329 19.13 19.00 13.97
CA ALA C 329 19.18 19.55 15.32
C ALA C 329 19.98 18.64 16.25
N ARG C 330 19.84 17.33 16.05
CA ARG C 330 20.60 16.38 16.85
C ARG C 330 22.08 16.35 16.46
N ILE C 331 22.35 16.17 15.17
CA ILE C 331 23.70 15.98 14.68
C ILE C 331 24.55 17.24 14.85
N PHE C 332 23.90 18.39 14.65
CA PHE C 332 24.62 19.66 14.69
C PHE C 332 24.33 20.51 15.92
N ARG C 333 23.86 19.89 17.00
N ARG C 333 23.78 19.87 16.94
CA ARG C 333 23.73 20.56 18.30
CA ARG C 333 23.64 20.45 18.28
C ARG C 333 22.91 21.84 18.24
C ARG C 333 22.92 21.80 18.23
N ILE C 334 21.75 21.80 17.61
CA ILE C 334 20.91 22.99 17.52
C ILE C 334 19.70 22.82 18.43
N THR C 335 19.49 23.79 19.32
CA THR C 335 18.29 23.80 20.13
C THR C 335 17.10 24.26 19.29
N SER D 1 -12.92 15.26 19.12
CA SER D 1 -11.53 15.62 19.39
C SER D 1 -10.80 16.22 18.18
N LEU D 2 -11.23 15.87 16.98
CA LEU D 2 -10.70 16.54 15.79
C LEU D 2 -11.15 17.98 15.86
N ARG D 3 -10.20 18.91 15.84
CA ARG D 3 -10.57 20.33 15.86
C ARG D 3 -10.88 20.83 14.46
N LEU D 4 -12.14 21.23 14.25
CA LEU D 4 -12.62 21.61 12.93
C LEU D 4 -12.84 23.10 12.85
N ILE D 5 -12.08 23.76 11.98
CA ILE D 5 -12.24 25.19 11.73
C ILE D 5 -12.61 25.37 10.25
N ALA D 6 -13.85 25.76 10.00
CA ALA D 6 -14.35 25.89 8.61
C ALA D 6 -13.95 27.26 8.09
N THR D 7 -13.32 27.30 6.92
CA THR D 7 -12.63 28.53 6.51
C THR D 7 -13.34 29.38 5.47
N GLU D 8 -14.48 28.94 4.95
CA GLU D 8 -15.17 29.76 3.92
C GLU D 8 -16.65 29.96 4.25
N GLU D 9 -16.92 30.58 5.39
CA GLU D 9 -18.26 30.61 5.95
C GLU D 9 -18.83 32.01 5.85
N ALA D 10 -19.84 32.16 5.00
CA ALA D 10 -20.34 33.48 4.63
C ALA D 10 -21.30 34.07 5.65
N VAL D 11 -21.27 35.39 5.76
CA VAL D 11 -22.17 36.12 6.64
C VAL D 11 -22.56 37.41 5.93
N THR D 12 -23.64 38.05 6.36
CA THR D 12 -23.93 39.40 5.91
C THR D 12 -24.43 40.24 7.09
N PHE D 13 -24.56 41.54 6.87
CA PHE D 13 -24.99 42.48 7.90
C PHE D 13 -26.05 43.38 7.27
N GLN D 14 -26.95 43.89 8.09
CA GLN D 14 -28.08 44.67 7.57
C GLN D 14 -27.71 45.84 6.64
N PRO D 15 -26.69 46.65 7.00
CA PRO D 15 -26.38 47.76 6.09
C PRO D 15 -25.96 47.30 4.70
N VAL D 16 -25.33 46.14 4.63
CA VAL D 16 -24.92 45.60 3.35
C VAL D 16 -26.12 45.04 2.58
N VAL D 17 -26.98 44.32 3.30
CA VAL D 17 -28.22 43.82 2.72
C VAL D 17 -29.05 44.97 2.15
N ASP D 18 -29.21 46.05 2.92
CA ASP D 18 -30.02 47.17 2.45
C ASP D 18 -29.44 47.78 1.18
N ALA D 19 -28.12 47.87 1.12
CA ALA D 19 -27.46 48.46 -0.03
C ALA D 19 -27.60 47.57 -1.27
N LEU D 20 -27.48 46.26 -1.08
CA LEU D 20 -27.65 45.32 -2.18
C LEU D 20 -29.09 45.26 -2.67
N ARG D 21 -30.05 45.40 -1.75
CA ARG D 21 -31.45 45.46 -2.16
C ARG D 21 -31.69 46.68 -3.05
N ALA D 22 -31.13 47.83 -2.67
CA ALA D 22 -31.25 49.01 -3.52
C ALA D 22 -30.53 48.77 -4.85
N HIS D 23 -29.37 48.15 -4.79
CA HIS D 23 -28.59 47.93 -6.01
C HIS D 23 -29.32 46.99 -6.97
N SER D 24 -30.09 46.06 -6.41
CA SER D 24 -30.78 45.07 -7.24
C SER D 24 -31.79 45.71 -8.20
N ARG D 25 -32.19 46.94 -7.90
CA ARG D 25 -33.20 47.64 -8.70
C ARG D 25 -32.57 48.47 -9.82
N THR D 26 -31.24 48.54 -9.86
CA THR D 26 -30.58 49.34 -10.89
C THR D 26 -30.39 48.55 -12.18
N ASP D 27 -29.85 49.21 -13.20
CA ASP D 27 -29.65 48.56 -14.49
C ASP D 27 -28.21 48.06 -14.70
N ASP D 28 -27.49 47.84 -13.60
CA ASP D 28 -26.15 47.27 -13.63
C ASP D 28 -26.17 46.00 -14.49
N ALA D 29 -25.24 45.91 -15.44
CA ALA D 29 -25.14 44.75 -16.32
C ALA D 29 -24.22 43.65 -15.80
N SER D 30 -23.61 43.84 -14.62
CA SER D 30 -22.75 42.81 -14.04
C SER D 30 -23.48 41.47 -13.95
N LEU D 31 -22.77 40.38 -14.24
CA LEU D 31 -23.36 39.04 -14.17
C LEU D 31 -23.76 38.69 -12.74
N ASP D 32 -23.18 39.39 -11.76
CA ASP D 32 -23.56 39.15 -10.37
C ASP D 32 -25.00 39.58 -10.08
N MET D 33 -25.62 40.33 -10.99
CA MET D 33 -26.99 40.79 -10.77
C MET D 33 -27.96 39.60 -10.72
N ILE D 34 -27.57 38.48 -11.28
CA ILE D 34 -28.41 37.27 -11.19
C ILE D 34 -28.55 36.82 -9.73
N LEU D 35 -27.41 36.55 -9.11
CA LEU D 35 -27.38 36.25 -7.68
C LEU D 35 -28.02 37.37 -6.85
N VAL D 36 -27.67 38.62 -7.15
CA VAL D 36 -28.15 39.73 -6.32
C VAL D 36 -29.68 39.81 -6.34
N ARG D 37 -30.29 39.64 -7.50
CA ARG D 37 -31.75 39.62 -7.56
C ARG D 37 -32.37 38.38 -6.90
N ASP D 38 -31.71 37.23 -7.03
CA ASP D 38 -32.22 35.98 -6.44
C ASP D 38 -32.23 36.04 -4.91
N VAL D 39 -31.24 36.72 -4.33
CA VAL D 39 -31.10 36.77 -2.87
C VAL D 39 -31.55 38.09 -2.25
N TYR D 40 -31.16 39.21 -2.85
CA TYR D 40 -31.36 40.52 -2.22
C TYR D 40 -32.49 41.33 -2.82
N GLY D 41 -33.04 40.86 -3.94
CA GLY D 41 -34.06 41.60 -4.65
C GLY D 41 -35.46 41.62 -4.03
N ASP D 42 -36.36 42.33 -4.70
CA ASP D 42 -37.73 42.47 -4.21
C ASP D 42 -38.57 41.27 -4.62
N GLU D 43 -38.02 40.45 -5.51
CA GLU D 43 -38.72 39.25 -5.97
C GLU D 43 -37.79 38.03 -5.87
N PRO D 44 -37.32 37.72 -4.65
CA PRO D 44 -36.19 36.78 -4.54
C PRO D 44 -36.54 35.31 -4.75
N ALA D 45 -35.86 34.68 -5.71
CA ALA D 45 -36.04 33.26 -5.99
C ALA D 45 -35.49 32.41 -4.85
N ARG D 46 -34.64 33.02 -4.03
CA ARG D 46 -34.01 32.32 -2.91
C ARG D 46 -34.29 33.07 -1.60
N PRO D 47 -35.56 33.04 -1.16
CA PRO D 47 -36.04 33.93 -0.10
C PRO D 47 -35.43 33.68 1.28
N ALA D 48 -34.89 32.48 1.52
CA ALA D 48 -34.41 32.14 2.85
C ALA D 48 -32.97 32.58 3.09
N MET D 49 -32.28 32.95 2.00
CA MET D 49 -30.83 33.11 2.05
C MET D 49 -30.32 34.26 2.91
N ILE D 50 -30.99 35.42 2.87
CA ILE D 50 -30.58 36.53 3.72
C ILE D 50 -30.61 36.14 5.21
N GLY D 51 -31.68 35.45 5.62
CA GLY D 51 -31.80 35.03 7.00
C GLY D 51 -30.70 34.08 7.40
N ARG D 52 -30.36 33.16 6.50
CA ARG D 52 -29.29 32.19 6.79
C ARG D 52 -27.91 32.85 6.83
N LEU D 53 -27.68 33.83 5.95
CA LEU D 53 -26.40 34.58 5.94
C LEU D 53 -26.25 35.45 7.17
N SER D 54 -27.35 36.06 7.60
CA SER D 54 -27.34 37.03 8.70
C SER D 54 -27.20 36.33 10.04
N ASP D 55 -27.72 35.11 10.13
CA ASP D 55 -27.71 34.38 11.38
C ASP D 55 -26.32 33.85 11.74
N VAL D 56 -25.88 34.14 12.95
CA VAL D 56 -24.61 33.62 13.44
C VAL D 56 -24.83 32.77 14.68
N THR D 57 -25.64 33.26 15.61
CA THR D 57 -25.76 32.62 16.92
C THR D 57 -26.99 31.72 17.12
N GLY D 58 -27.83 31.62 16.09
CA GLY D 58 -28.99 30.76 16.16
C GLY D 58 -28.78 29.41 15.48
N GLU D 59 -29.42 29.23 14.33
CA GLU D 59 -29.28 27.98 13.58
C GLU D 59 -27.83 27.62 13.24
N ARG D 60 -27.01 28.62 12.92
CA ARG D 60 -25.62 28.35 12.56
C ARG D 60 -24.86 27.68 13.71
N LEU D 61 -24.95 28.29 14.88
CA LEU D 61 -24.27 27.75 16.06
C LEU D 61 -24.86 26.41 16.47
N ALA D 62 -26.19 26.27 16.35
CA ALA D 62 -26.82 24.99 16.68
C ALA D 62 -26.30 23.89 15.76
N GLU D 63 -26.19 24.20 14.47
CA GLU D 63 -25.63 23.22 13.51
C GLU D 63 -24.17 22.90 13.80
N MET D 64 -23.39 23.92 14.18
CA MET D 64 -22.00 23.66 14.52
C MET D 64 -21.91 22.71 15.71
N ASP D 65 -22.78 22.93 16.69
CA ASP D 65 -22.80 22.08 17.87
C ASP D 65 -23.25 20.65 17.54
N SER D 66 -24.26 20.52 16.69
N SER D 66 -24.26 20.53 16.70
CA SER D 66 -24.78 19.18 16.39
CA SER D 66 -24.80 19.21 16.34
C SER D 66 -23.79 18.36 15.56
C SER D 66 -23.80 18.37 15.56
N ASN D 67 -22.91 19.05 14.83
CA ASN D 67 -21.92 18.37 13.99
C ASN D 67 -20.51 18.36 14.55
N GLY D 68 -20.32 18.97 15.72
CA GLY D 68 -19.03 19.03 16.38
C GLY D 68 -17.99 19.91 15.66
N VAL D 69 -18.46 21.02 15.11
CA VAL D 69 -17.57 22.00 14.45
C VAL D 69 -17.14 23.08 15.44
N ASP D 70 -15.83 23.24 15.62
CA ASP D 70 -15.33 24.18 16.63
C ASP D 70 -15.56 25.64 16.24
N MET D 71 -15.19 25.97 15.01
CA MET D 71 -15.22 27.36 14.57
C MET D 71 -15.66 27.56 13.12
N HIS D 72 -16.28 28.71 12.86
CA HIS D 72 -16.39 29.27 11.51
C HIS D 72 -15.49 30.47 11.42
N LEU D 73 -14.70 30.52 10.34
CA LEU D 73 -13.98 31.73 9.94
C LEU D 73 -14.93 32.48 9.01
N LEU D 74 -15.44 33.61 9.49
CA LEU D 74 -16.52 34.32 8.83
C LEU D 74 -16.00 35.32 7.80
N SER D 75 -16.72 35.43 6.67
CA SER D 75 -16.37 36.40 5.63
C SER D 75 -17.62 37.05 5.09
N LEU D 76 -17.57 38.35 4.82
CA LEU D 76 -18.70 39.00 4.17
C LEU D 76 -18.94 38.32 2.83
N THR D 77 -20.18 37.89 2.63
CA THR D 77 -20.53 37.07 1.47
C THR D 77 -20.32 37.84 0.15
N ALA D 78 -19.98 37.11 -0.91
CA ALA D 78 -19.84 37.73 -2.23
C ALA D 78 -21.18 38.32 -2.64
N PRO D 79 -21.18 39.45 -3.37
CA PRO D 79 -20.04 40.16 -3.96
C PRO D 79 -19.40 41.19 -3.03
N GLY D 80 -19.59 41.03 -1.73
CA GLY D 80 -18.97 41.96 -0.78
C GLY D 80 -19.46 43.38 -0.96
N VAL D 81 -18.54 44.36 -0.93
CA VAL D 81 -18.89 45.74 -1.25
C VAL D 81 -18.41 46.18 -2.63
N GLN D 82 -18.01 45.21 -3.45
CA GLN D 82 -17.35 45.50 -4.72
C GLN D 82 -18.24 46.02 -5.86
N MET D 83 -19.56 45.89 -5.75
CA MET D 83 -20.44 46.34 -6.83
C MET D 83 -20.80 47.82 -6.75
N PHE D 84 -20.61 48.41 -5.58
CA PHE D 84 -21.01 49.79 -5.33
C PHE D 84 -20.02 50.79 -5.92
N ASP D 85 -20.41 52.06 -5.99
CA ASP D 85 -19.44 53.08 -6.35
C ASP D 85 -18.38 53.19 -5.27
N ALA D 86 -17.27 53.87 -5.56
CA ALA D 86 -16.13 53.90 -4.64
C ALA D 86 -16.49 54.44 -3.26
N GLU D 87 -17.19 55.58 -3.23
CA GLU D 87 -17.56 56.20 -1.95
C GLU D 87 -18.44 55.26 -1.10
N THR D 88 -19.43 54.66 -1.73
CA THR D 88 -20.35 53.76 -1.03
C THR D 88 -19.63 52.49 -0.57
N GLY D 89 -18.82 51.91 -1.44
CA GLY D 89 -18.07 50.71 -1.09
C GLY D 89 -17.13 50.95 0.08
N THR D 90 -16.41 52.05 0.04
CA THR D 90 -15.48 52.41 1.11
C THR D 90 -16.19 52.58 2.45
N ARG D 91 -17.32 53.27 2.42
CA ARG D 91 -18.11 53.49 3.62
C ARG D 91 -18.67 52.18 4.18
N LEU D 92 -19.25 51.36 3.30
CA LEU D 92 -19.82 50.08 3.74
C LEU D 92 -18.77 49.07 4.20
N ALA D 93 -17.57 49.13 3.62
CA ALA D 93 -16.51 48.21 4.08
C ALA D 93 -16.16 48.48 5.53
N ARG D 94 -16.03 49.76 5.89
CA ARG D 94 -15.75 50.12 7.28
C ARG D 94 -16.83 49.60 8.21
N ILE D 95 -18.08 49.84 7.85
CA ILE D 95 -19.23 49.38 8.64
C ILE D 95 -19.22 47.85 8.78
N ALA D 96 -19.05 47.16 7.65
CA ALA D 96 -19.05 45.70 7.65
C ALA D 96 -17.90 45.14 8.50
N ASN D 97 -16.75 45.80 8.48
CA ASN D 97 -15.60 45.31 9.24
C ASN D 97 -15.79 45.51 10.73
N ASP D 98 -16.39 46.64 11.10
CA ASP D 98 -16.74 46.90 12.49
C ASP D 98 -17.74 45.85 12.99
N LEU D 99 -18.74 45.53 12.17
CA LEU D 99 -19.73 44.53 12.54
C LEU D 99 -19.14 43.12 12.60
N MET D 100 -18.21 42.82 11.68
CA MET D 100 -17.46 41.57 11.77
C MET D 100 -16.69 41.45 13.07
N ALA D 101 -15.95 42.50 13.42
CA ALA D 101 -15.20 42.49 14.68
C ALA D 101 -16.14 42.27 15.90
N GLN D 102 -17.31 42.90 15.89
CA GLN D 102 -18.27 42.74 16.97
C GLN D 102 -18.88 41.34 17.01
N THR D 103 -19.11 40.76 15.84
CA THR D 103 -19.70 39.42 15.76
C THR D 103 -18.72 38.40 16.32
N VAL D 104 -17.46 38.55 15.95
CA VAL D 104 -16.42 37.65 16.42
C VAL D 104 -16.26 37.79 17.95
N ALA D 105 -16.34 39.01 18.44
CA ALA D 105 -16.13 39.23 19.87
C ALA D 105 -17.26 38.75 20.78
N ALA D 106 -18.44 38.51 20.19
CA ALA D 106 -19.55 37.96 20.95
C ALA D 106 -19.31 36.49 21.30
N ASN D 107 -18.57 35.78 20.44
CA ASN D 107 -18.25 34.37 20.66
C ASN D 107 -16.90 33.99 20.06
N PRO D 108 -15.80 34.55 20.59
CA PRO D 108 -14.47 34.40 19.98
C PRO D 108 -13.88 32.99 20.03
N THR D 109 -14.48 32.08 20.80
CA THR D 109 -14.01 30.71 20.78
C THR D 109 -14.68 29.93 19.65
N ARG D 110 -15.73 30.50 19.06
CA ARG D 110 -16.47 29.81 18.00
C ARG D 110 -16.36 30.49 16.64
N PHE D 111 -15.99 31.77 16.64
CA PHE D 111 -15.91 32.52 15.39
C PHE D 111 -14.64 33.32 15.28
N ALA D 112 -14.04 33.28 14.10
CA ALA D 112 -12.98 34.21 13.72
C ALA D 112 -13.49 34.95 12.49
N GLY D 113 -12.81 36.01 12.09
CA GLY D 113 -13.31 36.79 10.97
C GLY D 113 -12.28 37.36 10.01
N LEU D 114 -12.68 37.45 8.74
CA LEU D 114 -11.90 38.13 7.72
C LEU D 114 -12.51 39.50 7.44
N GLY D 115 -11.67 40.53 7.37
CA GLY D 115 -12.12 41.84 6.95
C GLY D 115 -12.15 41.94 5.44
N THR D 116 -12.90 42.91 4.91
CA THR D 116 -12.92 43.14 3.47
C THR D 116 -12.64 44.61 3.16
N PHE D 117 -12.69 44.96 1.89
CA PHE D 117 -12.34 46.32 1.49
C PHE D 117 -12.91 46.58 0.11
N ALA D 118 -12.87 47.86 -0.29
CA ALA D 118 -13.42 48.28 -1.58
C ALA D 118 -12.28 48.70 -2.50
N PRO D 119 -11.78 47.77 -3.32
CA PRO D 119 -10.64 48.12 -4.16
C PRO D 119 -10.98 49.05 -5.33
N GLN D 120 -12.25 49.46 -5.45
CA GLN D 120 -12.62 50.55 -6.33
C GLN D 120 -11.76 51.80 -6.08
N ASP D 121 -11.28 51.94 -4.84
CA ASP D 121 -10.43 53.05 -4.41
C ASP D 121 -9.22 52.42 -3.72
N PRO D 122 -8.17 52.10 -4.49
CA PRO D 122 -7.04 51.37 -3.90
C PRO D 122 -6.36 52.08 -2.71
N ALA D 123 -6.22 53.40 -2.73
CA ALA D 123 -5.63 54.14 -1.60
C ALA D 123 -6.46 53.98 -0.32
N SER D 124 -7.78 54.15 -0.46
CA SER D 124 -8.66 54.02 0.70
C SER D 124 -8.74 52.58 1.17
N ALA D 125 -8.65 51.64 0.23
CA ALA D 125 -8.64 50.22 0.58
C ALA D 125 -7.40 49.85 1.38
N ALA D 126 -6.26 50.39 0.98
CA ALA D 126 -5.00 50.18 1.71
C ALA D 126 -5.12 50.69 3.14
N ARG D 127 -5.77 51.83 3.32
CA ARG D 127 -5.98 52.36 4.68
C ARG D 127 -6.86 51.43 5.50
N GLU D 128 -7.86 50.84 4.86
CA GLU D 128 -8.80 49.98 5.57
C GLU D 128 -8.15 48.65 5.91
N ILE D 129 -7.32 48.14 5.00
CA ILE D 129 -6.53 46.95 5.27
C ILE D 129 -5.66 47.12 6.52
N GLU D 130 -5.00 48.27 6.61
CA GLU D 130 -4.22 48.62 7.79
C GLU D 130 -5.08 48.63 9.06
N ARG D 131 -6.27 49.23 8.96
CA ARG D 131 -7.16 49.32 10.12
C ARG D 131 -7.65 47.93 10.55
N VAL D 132 -7.93 47.07 9.58
CA VAL D 132 -8.40 45.72 9.87
C VAL D 132 -7.32 44.95 10.63
N ALA D 133 -6.07 45.14 10.20
CA ALA D 133 -4.97 44.37 10.75
C ALA D 133 -4.58 44.87 12.15
N THR D 134 -4.41 46.18 12.28
CA THR D 134 -3.84 46.75 13.51
C THR D 134 -4.87 47.25 14.53
N GLN D 135 -5.98 47.81 14.06
CA GLN D 135 -6.97 48.36 14.99
C GLN D 135 -8.05 47.35 15.38
N LEU D 136 -8.60 46.63 14.41
CA LEU D 136 -9.64 45.64 14.69
C LEU D 136 -9.08 44.27 15.08
N ARG D 137 -7.84 44.01 14.66
CA ARG D 137 -7.17 42.74 14.94
C ARG D 137 -7.96 41.54 14.41
N LEU D 138 -8.51 41.67 13.22
CA LEU D 138 -9.18 40.54 12.57
C LEU D 138 -8.17 39.52 12.06
N ASN D 139 -8.66 38.36 11.61
CA ASN D 139 -7.79 37.22 11.32
C ASN D 139 -7.18 37.18 9.91
N GLY D 140 -7.71 37.99 8.99
CA GLY D 140 -7.22 37.98 7.63
C GLY D 140 -8.17 38.82 6.80
N LEU D 141 -8.11 38.64 5.48
CA LEU D 141 -8.89 39.46 4.55
C LEU D 141 -9.62 38.58 3.54
N VAL D 142 -10.68 39.13 2.94
CA VAL D 142 -11.39 38.46 1.89
C VAL D 142 -11.80 39.48 0.81
N ILE D 143 -11.69 39.06 -0.44
CA ILE D 143 -12.17 39.89 -1.55
C ILE D 143 -12.75 38.90 -2.56
N ASN D 144 -13.66 39.35 -3.41
CA ASN D 144 -14.36 38.44 -4.32
C ASN D 144 -13.98 38.64 -5.76
N SER D 145 -13.00 37.87 -6.21
CA SER D 145 -12.38 38.00 -7.52
C SER D 145 -12.35 39.45 -8.02
N HIS D 146 -12.86 39.69 -9.22
CA HIS D 146 -12.57 40.97 -9.91
C HIS D 146 -13.19 42.20 -9.22
N THR D 147 -12.59 43.35 -9.47
CA THR D 147 -13.25 44.62 -9.18
C THR D 147 -13.19 45.49 -10.41
N ASN D 148 -14.31 46.14 -10.72
CA ASN D 148 -14.42 46.98 -11.92
C ASN D 148 -14.09 46.21 -13.19
N ASP D 149 -14.32 44.90 -13.18
CA ASP D 149 -14.02 44.04 -14.32
C ASP D 149 -12.54 44.08 -14.69
N LEU D 150 -11.71 44.31 -13.67
CA LEU D 150 -10.27 44.21 -13.80
C LEU D 150 -9.75 43.13 -12.89
N TYR D 151 -8.64 42.51 -13.30
CA TYR D 151 -8.03 41.46 -12.47
C TYR D 151 -6.83 41.98 -11.68
N TYR D 152 -6.34 41.19 -10.73
CA TYR D 152 -5.38 41.70 -9.75
C TYR D 152 -3.91 41.73 -10.21
N ASP D 153 -3.68 41.40 -11.47
CA ASP D 153 -2.42 41.75 -12.12
C ASP D 153 -2.34 43.25 -12.46
N ASP D 154 -3.49 43.95 -12.47
CA ASP D 154 -3.48 45.34 -12.91
C ASP D 154 -2.76 46.21 -11.88
N PRO D 155 -1.82 47.05 -12.34
CA PRO D 155 -1.03 47.92 -11.45
C PRO D 155 -1.89 48.87 -10.65
N PHE D 156 -3.13 49.11 -11.12
CA PHE D 156 -4.10 49.92 -10.39
C PHE D 156 -4.21 49.45 -8.96
N PHE D 157 -4.09 48.14 -8.76
CA PHE D 157 -4.28 47.54 -7.43
C PHE D 157 -3.01 47.38 -6.61
N HIS D 158 -1.87 47.82 -7.13
CA HIS D 158 -0.61 47.73 -6.36
C HIS D 158 -0.69 48.28 -4.93
N PRO D 159 -1.33 49.45 -4.72
CA PRO D 159 -1.43 49.93 -3.33
C PRO D 159 -2.16 48.96 -2.38
N VAL D 160 -3.10 48.20 -2.91
CA VAL D 160 -3.83 47.21 -2.11
C VAL D 160 -2.89 46.10 -1.70
N PHE D 161 -2.16 45.56 -2.67
CA PHE D 161 -1.28 44.43 -2.37
C PHE D 161 -0.06 44.81 -1.53
N GLU D 162 0.42 46.04 -1.70
CA GLU D 162 1.46 46.55 -0.83
C GLU D 162 0.97 46.53 0.63
N ALA D 163 -0.24 47.04 0.85
CA ALA D 163 -0.81 47.06 2.19
C ALA D 163 -1.03 45.65 2.74
N ILE D 164 -1.55 44.76 1.90
CA ILE D 164 -1.81 43.40 2.34
C ILE D 164 -0.49 42.71 2.74
N GLU D 165 0.51 42.80 1.88
CA GLU D 165 1.80 42.17 2.18
C GLU D 165 2.38 42.71 3.49
N ALA D 166 2.36 44.04 3.66
CA ALA D 166 2.86 44.66 4.87
C ALA D 166 2.10 44.24 6.14
N SER D 167 0.81 43.97 5.99
CA SER D 167 -0.03 43.64 7.15
C SER D 167 0.23 42.24 7.69
N GLY D 168 0.74 41.35 6.84
CA GLY D 168 0.89 39.95 7.20
C GLY D 168 -0.39 39.12 7.15
N LEU D 169 -1.50 39.76 6.79
CA LEU D 169 -2.78 39.04 6.70
C LEU D 169 -2.88 38.29 5.39
N ALA D 170 -3.36 37.06 5.47
CA ALA D 170 -3.65 36.27 4.27
C ALA D 170 -4.91 36.82 3.61
N LEU D 171 -4.94 36.78 2.27
CA LEU D 171 -6.11 37.25 1.53
C LEU D 171 -6.82 36.07 0.87
N TYR D 172 -8.05 35.83 1.30
CA TYR D 172 -8.88 34.81 0.66
C TYR D 172 -9.53 35.46 -0.56
N ILE D 173 -9.20 34.98 -1.76
CA ILE D 173 -9.87 35.46 -2.97
C ILE D 173 -11.01 34.49 -3.29
N HIS D 174 -12.21 34.89 -2.88
CA HIS D 174 -13.44 34.14 -3.06
C HIS D 174 -13.96 34.45 -4.45
N PRO D 175 -14.79 33.56 -5.02
CA PRO D 175 -15.34 33.92 -6.33
C PRO D 175 -16.40 35.01 -6.33
N ARG D 176 -16.67 35.52 -7.53
CA ARG D 176 -17.93 36.19 -7.83
C ARG D 176 -18.22 35.80 -9.28
N ALA D 177 -19.34 36.25 -9.85
CA ALA D 177 -19.63 35.86 -11.22
C ALA D 177 -18.57 36.40 -12.18
N PRO D 178 -18.37 35.70 -13.31
CA PRO D 178 -17.45 36.14 -14.37
C PRO D 178 -17.60 37.62 -14.70
N SER D 179 -16.47 38.30 -14.81
CA SER D 179 -16.43 39.72 -15.18
C SER D 179 -16.95 39.97 -16.58
N LYS D 180 -17.10 41.25 -16.94
CA LYS D 180 -17.56 41.58 -18.28
C LYS D 180 -16.58 41.16 -19.36
N GLN D 181 -15.34 40.84 -18.98
CA GLN D 181 -14.38 40.37 -19.96
C GLN D 181 -14.80 39.01 -20.52
N ILE D 182 -15.50 38.22 -19.69
CA ILE D 182 -15.80 36.83 -20.05
C ILE D 182 -17.27 36.41 -19.89
N ASP D 183 -18.12 37.30 -19.37
CA ASP D 183 -19.45 36.85 -18.97
C ASP D 183 -20.37 36.37 -20.09
N ARG D 184 -20.09 36.75 -21.34
CA ARG D 184 -20.96 36.37 -22.45
C ARG D 184 -21.15 34.84 -22.51
N ALA D 185 -20.11 34.08 -22.15
CA ALA D 185 -20.17 32.62 -22.25
C ALA D 185 -20.83 31.96 -21.05
N PHE D 186 -21.29 32.76 -20.09
CA PHE D 186 -21.80 32.22 -18.83
C PHE D 186 -23.23 32.64 -18.50
N ARG D 187 -24.00 32.94 -19.53
CA ARG D 187 -25.36 33.42 -19.39
C ARG D 187 -26.39 32.30 -19.45
N ASP D 188 -25.95 31.07 -19.68
CA ASP D 188 -26.87 29.97 -19.93
C ASP D 188 -26.68 28.84 -18.92
N TYR D 189 -27.73 28.05 -18.71
CA TYR D 189 -27.67 26.84 -17.87
C TYR D 189 -27.17 27.07 -16.44
N GLY D 190 -27.39 28.27 -15.92
CA GLY D 190 -26.95 28.64 -14.59
C GLY D 190 -25.44 28.72 -14.39
N MET D 191 -24.71 28.82 -15.50
CA MET D 191 -23.25 28.80 -15.45
C MET D 191 -22.63 30.09 -14.90
N ASN D 192 -23.47 31.09 -14.63
CA ASN D 192 -22.98 32.30 -13.96
C ASN D 192 -22.42 31.99 -12.57
N SER D 193 -22.88 30.89 -12.00
CA SER D 193 -22.73 30.62 -10.58
C SER D 193 -21.66 29.58 -10.28
N ALA D 194 -21.81 28.93 -9.13
CA ALA D 194 -20.81 27.99 -8.63
C ALA D 194 -20.55 26.78 -9.55
N ILE D 195 -21.56 26.41 -10.33
CA ILE D 195 -21.43 25.25 -11.21
C ILE D 195 -20.30 25.38 -12.23
N TRP D 196 -19.96 26.59 -12.66
CA TRP D 196 -18.85 26.73 -13.60
C TRP D 196 -18.18 28.10 -13.60
N GLY D 197 -18.97 29.15 -13.69
CA GLY D 197 -18.43 30.50 -13.85
C GLY D 197 -17.56 30.95 -12.69
N TYR D 198 -17.96 30.61 -11.47
CA TYR D 198 -17.18 31.03 -10.30
C TYR D 198 -15.73 30.55 -10.40
N GLY D 199 -15.57 29.28 -10.78
CA GLY D 199 -14.24 28.69 -10.87
C GLY D 199 -13.38 29.30 -11.96
N ILE D 200 -13.99 29.54 -13.13
CA ILE D 200 -13.26 30.10 -14.26
C ILE D 200 -12.82 31.52 -13.97
N GLU D 201 -13.75 32.32 -13.44
CA GLU D 201 -13.46 33.71 -13.08
C GLU D 201 -12.30 33.80 -12.07
N THR D 202 -12.36 32.97 -11.03
CA THR D 202 -11.43 33.11 -9.92
C THR D 202 -10.05 32.55 -10.29
N SER D 203 -10.05 31.41 -10.99
CA SER D 203 -8.79 30.80 -11.37
C SER D 203 -8.05 31.66 -12.40
N THR D 204 -8.80 32.31 -13.28
CA THR D 204 -8.18 33.16 -14.31
C THR D 204 -7.53 34.37 -13.64
N ASN D 205 -8.22 34.95 -12.66
CA ASN D 205 -7.66 36.02 -11.84
C ASN D 205 -6.32 35.61 -11.25
N ALA D 206 -6.30 34.48 -10.55
CA ALA D 206 -5.09 34.02 -9.88
C ALA D 206 -3.97 33.69 -10.87
N VAL D 207 -4.31 33.11 -12.02
CA VAL D 207 -3.28 32.80 -13.02
C VAL D 207 -2.68 34.11 -13.58
N ARG D 208 -3.53 35.10 -13.85
CA ARG D 208 -3.02 36.41 -14.25
C ARG D 208 -2.10 36.99 -13.19
N MET D 209 -2.46 36.86 -11.92
CA MET D 209 -1.62 37.40 -10.84
C MET D 209 -0.23 36.76 -10.88
N ILE D 210 -0.19 35.43 -11.00
CA ILE D 210 1.08 34.70 -11.07
C ILE D 210 1.90 35.08 -12.29
N LEU D 211 1.31 34.97 -13.47
CA LEU D 211 2.06 35.19 -14.71
C LEU D 211 2.54 36.63 -14.87
N SER D 212 1.83 37.57 -14.25
CA SER D 212 2.18 38.99 -14.34
C SER D 212 3.40 39.32 -13.50
N GLY D 213 3.78 38.42 -12.60
CA GLY D 213 4.90 38.69 -11.72
C GLY D 213 4.54 39.39 -10.41
N LEU D 214 3.25 39.43 -10.09
CA LEU D 214 2.84 40.08 -8.85
C LEU D 214 3.63 39.55 -7.64
N PHE D 215 3.96 38.25 -7.67
CA PHE D 215 4.58 37.63 -6.51
C PHE D 215 6.11 37.78 -6.46
N ASP D 216 6.69 38.38 -7.50
CA ASP D 216 8.07 38.85 -7.40
C ASP D 216 8.06 40.26 -6.78
N ARG D 217 7.01 41.03 -7.08
CA ARG D 217 6.89 42.37 -6.51
C ARG D 217 6.54 42.30 -5.03
N PHE D 218 5.64 41.37 -4.69
CA PHE D 218 5.16 41.20 -3.31
C PHE D 218 5.32 39.74 -2.87
N PRO D 219 6.56 39.32 -2.62
CA PRO D 219 6.83 37.89 -2.40
C PRO D 219 6.30 37.34 -1.08
N ARG D 220 5.89 38.18 -0.16
CA ARG D 220 5.36 37.70 1.12
C ARG D 220 3.83 37.62 1.18
N LEU D 221 3.15 37.91 0.07
CA LEU D 221 1.71 37.74 0.03
C LEU D 221 1.31 36.30 0.30
N LYS D 222 0.21 36.11 0.99
CA LYS D 222 -0.40 34.78 1.11
C LYS D 222 -1.82 34.86 0.58
N ILE D 223 -2.09 34.06 -0.44
CA ILE D 223 -3.41 34.07 -1.04
C ILE D 223 -4.09 32.73 -0.77
N VAL D 224 -5.38 32.77 -0.47
CA VAL D 224 -6.12 31.53 -0.25
C VAL D 224 -7.23 31.41 -1.30
N LEU D 225 -7.34 30.23 -1.91
CA LEU D 225 -8.38 29.93 -2.89
C LEU D 225 -9.23 28.76 -2.43
N GLY D 226 -10.55 28.94 -2.46
CA GLY D 226 -11.48 27.87 -2.16
C GLY D 226 -11.67 26.89 -3.30
N HIS D 227 -12.64 25.98 -3.13
CA HIS D 227 -13.07 25.07 -4.21
C HIS D 227 -11.89 24.29 -4.77
N MET D 228 -11.13 23.72 -3.84
CA MET D 228 -9.92 22.93 -4.11
C MET D 228 -8.97 23.70 -5.02
N GLY D 229 -8.78 24.98 -4.70
CA GLY D 229 -7.84 25.81 -5.41
C GLY D 229 -8.30 26.25 -6.79
N GLU D 230 -9.62 26.25 -6.99
CA GLU D 230 -10.24 26.59 -8.28
C GLU D 230 -9.60 25.83 -9.44
N ALA D 231 -9.22 24.58 -9.14
CA ALA D 231 -8.57 23.63 -10.05
C ALA D 231 -7.16 23.96 -10.51
N ILE D 232 -6.59 25.08 -10.07
CA ILE D 232 -5.20 25.36 -10.39
C ILE D 232 -4.24 24.23 -9.97
N PRO D 233 -4.48 23.58 -8.82
CA PRO D 233 -3.55 22.48 -8.52
C PRO D 233 -3.51 21.38 -9.61
N PHE D 234 -4.60 21.21 -10.33
CA PHE D 234 -4.62 20.20 -11.39
C PHE D 234 -3.81 20.60 -12.61
N TRP D 235 -3.65 21.90 -12.84
CA TRP D 235 -3.00 22.42 -14.05
C TRP D 235 -1.52 22.74 -13.87
N LEU D 236 -0.95 22.46 -12.71
CA LEU D 236 0.41 22.93 -12.40
C LEU D 236 1.48 22.49 -13.42
N TRP D 237 1.45 21.24 -13.86
CA TRP D 237 2.47 20.77 -14.80
C TRP D 237 2.44 21.55 -16.11
N ARG D 238 1.24 21.74 -16.66
CA ARG D 238 1.05 22.46 -17.91
C ARG D 238 1.40 23.95 -17.79
N LEU D 239 1.00 24.56 -16.68
CA LEU D 239 1.37 25.96 -16.39
C LEU D 239 2.89 26.12 -16.44
N ASP D 240 3.61 25.19 -15.82
CA ASP D 240 5.05 25.24 -15.82
C ASP D 240 5.61 24.97 -17.22
N TYR D 241 5.08 23.95 -17.89
CA TYR D 241 5.64 23.53 -19.16
C TYR D 241 5.54 24.64 -20.21
N MET D 242 4.35 25.23 -20.29
CA MET D 242 4.06 26.23 -21.31
C MET D 242 4.60 27.62 -20.98
N HIS D 243 5.16 27.78 -19.79
CA HIS D 243 5.71 29.09 -19.43
C HIS D 243 6.86 29.57 -20.31
N GLY D 244 7.68 28.64 -20.81
CA GLY D 244 8.76 28.97 -21.72
C GLY D 244 8.22 29.67 -22.95
N ASN D 245 7.22 29.06 -23.57
CA ASN D 245 6.56 29.67 -24.73
C ASN D 245 5.99 31.05 -24.41
N ALA D 246 5.37 31.18 -23.24
CA ALA D 246 4.74 32.43 -22.85
C ALA D 246 5.77 33.57 -22.78
N THR D 247 6.94 33.31 -22.19
CA THR D 247 7.96 34.35 -22.09
C THR D 247 8.79 34.50 -23.38
N THR D 248 8.85 33.46 -24.19
CA THR D 248 9.63 33.52 -25.42
C THR D 248 8.86 34.16 -26.56
N PHE D 249 7.64 33.70 -26.80
CA PHE D 249 6.83 34.20 -27.92
C PHE D 249 5.68 35.10 -27.49
N GLY D 250 5.25 35.00 -26.24
CA GLY D 250 4.02 35.62 -25.80
C GLY D 250 4.14 36.92 -25.02
N GLY D 251 5.37 37.40 -24.84
CA GLY D 251 5.58 38.65 -24.12
C GLY D 251 5.31 38.60 -22.62
N ALA D 252 5.24 37.41 -22.07
CA ALA D 252 5.08 37.28 -20.63
C ALA D 252 6.39 37.69 -19.96
N PRO D 253 6.30 38.34 -18.78
CA PRO D 253 7.54 38.78 -18.13
C PRO D 253 8.34 37.59 -17.59
N LYS D 254 9.65 37.73 -17.56
CA LYS D 254 10.48 36.71 -16.93
C LYS D 254 10.24 36.74 -15.42
N LEU D 255 10.11 35.55 -14.84
CA LEU D 255 9.82 35.40 -13.43
C LEU D 255 10.97 34.74 -12.72
N LYS D 256 11.08 34.99 -11.41
CA LYS D 256 12.14 34.37 -10.60
C LYS D 256 11.92 32.88 -10.37
N LEU D 257 10.65 32.49 -10.22
CA LEU D 257 10.27 31.09 -9.95
C LEU D 257 9.42 30.52 -11.07
N LYS D 258 9.15 29.21 -11.00
CA LYS D 258 8.16 28.61 -11.90
C LYS D 258 6.75 28.96 -11.44
N PRO D 259 5.77 28.97 -12.35
CA PRO D 259 4.38 29.21 -11.95
C PRO D 259 3.92 28.32 -10.81
N SER D 260 4.24 27.03 -10.84
CA SER D 260 3.79 26.12 -9.77
C SER D 260 4.49 26.41 -8.44
N GLU D 261 5.65 27.04 -8.52
CA GLU D 261 6.43 27.37 -7.33
C GLU D 261 5.85 28.57 -6.64
N TYR D 262 5.30 29.50 -7.41
CA TYR D 262 4.52 30.58 -6.82
C TYR D 262 3.29 30.00 -6.18
N PHE D 263 2.65 29.04 -6.84
CA PHE D 263 1.42 28.51 -6.27
C PHE D 263 1.68 27.87 -4.91
N ARG D 264 2.74 27.08 -4.80
CA ARG D 264 3.03 26.45 -3.52
C ARG D 264 3.60 27.43 -2.49
N ARG D 265 4.33 28.43 -2.96
CA ARG D 265 4.96 29.38 -2.02
C ARG D 265 3.95 30.38 -1.46
N ASN D 266 3.11 30.92 -2.34
CA ASN D 266 2.26 32.05 -2.00
C ASN D 266 0.78 31.73 -1.84
N PHE D 267 0.36 30.54 -2.23
CA PHE D 267 -1.06 30.17 -2.10
C PHE D 267 -1.27 28.99 -1.15
N ALA D 268 -2.46 28.97 -0.55
CA ALA D 268 -3.01 27.79 0.12
C ALA D 268 -4.43 27.63 -0.42
N ILE D 269 -5.00 26.44 -0.24
CA ILE D 269 -6.33 26.17 -0.77
C ILE D 269 -7.27 25.65 0.29
N THR D 270 -8.57 25.76 0.03
CA THR D 270 -9.54 25.08 0.87
C THR D 270 -10.41 24.12 0.08
N THR D 271 -11.11 23.25 0.80
CA THR D 271 -11.93 22.21 0.19
C THR D 271 -13.38 22.59 -0.02
N SER D 272 -13.72 23.87 0.16
CA SER D 272 -15.12 24.31 0.02
C SER D 272 -15.77 23.80 -1.27
N GLY D 273 -16.93 23.17 -1.12
CA GLY D 273 -17.69 22.73 -2.29
C GLY D 273 -17.03 21.66 -3.15
N VAL D 274 -15.96 21.05 -2.65
CA VAL D 274 -15.31 19.95 -3.36
C VAL D 274 -15.06 18.82 -2.36
N GLU D 275 -16.13 18.11 -2.03
CA GLU D 275 -16.08 17.06 -1.03
C GLU D 275 -15.70 15.74 -1.67
N SER D 276 -14.54 15.73 -2.31
CA SER D 276 -14.03 14.56 -3.04
C SER D 276 -12.73 14.11 -2.38
N HIS D 277 -12.74 12.89 -1.83
CA HIS D 277 -11.50 12.34 -1.26
C HIS D 277 -10.40 12.21 -2.31
N ALA D 278 -10.75 11.85 -3.54
CA ALA D 278 -9.74 11.75 -4.61
C ALA D 278 -9.10 13.11 -4.89
N ALA D 279 -9.91 14.17 -4.96
CA ALA D 279 -9.35 15.50 -5.23
C ALA D 279 -8.54 16.03 -4.05
N LEU D 280 -8.98 15.69 -2.84
CA LEU D 280 -8.25 16.07 -1.61
C LEU D 280 -6.87 15.40 -1.60
N ARG D 281 -6.85 14.09 -1.88
CA ARG D 281 -5.58 13.36 -1.90
C ARG D 281 -4.62 13.91 -2.97
N TYR D 282 -5.15 14.15 -4.18
CA TYR D 282 -4.37 14.77 -5.24
C TYR D 282 -3.76 16.08 -4.75
N SER D 283 -4.57 16.93 -4.13
CA SER D 283 -4.08 18.26 -3.74
C SER D 283 -2.99 18.17 -2.65
N ILE D 284 -3.20 17.28 -1.70
CA ILE D 284 -2.18 17.05 -0.65
C ILE D 284 -0.87 16.57 -1.29
N GLU D 285 -0.97 15.68 -2.27
CA GLU D 285 0.21 15.18 -2.96
C GLU D 285 1.00 16.27 -3.71
N VAL D 286 0.30 17.14 -4.44
CA VAL D 286 1.01 18.11 -5.27
C VAL D 286 1.33 19.44 -4.57
N LEU D 287 0.59 19.74 -3.51
CA LEU D 287 0.81 21.01 -2.80
C LEU D 287 1.51 20.85 -1.47
N GLY D 288 1.44 19.65 -0.90
CA GLY D 288 1.90 19.40 0.46
C GLY D 288 0.77 19.59 1.45
N PRO D 289 0.80 18.83 2.56
CA PRO D 289 -0.32 18.85 3.52
C PRO D 289 -0.48 20.18 4.26
N GLU D 290 0.57 21.01 4.30
CA GLU D 290 0.44 22.29 4.99
C GLU D 290 -0.38 23.31 4.21
N ASN D 291 -0.66 23.01 2.94
CA ASN D 291 -1.28 23.99 2.04
C ASN D 291 -2.76 23.74 1.77
N VAL D 292 -3.35 22.77 2.47
CA VAL D 292 -4.76 22.42 2.25
C VAL D 292 -5.57 22.59 3.55
N MET D 293 -6.67 23.36 3.46
CA MET D 293 -7.54 23.62 4.61
C MET D 293 -8.96 23.17 4.35
N TRP D 294 -9.67 22.77 5.40
CA TRP D 294 -11.07 22.37 5.27
C TRP D 294 -12.00 23.58 5.35
N ALA D 295 -13.14 23.46 4.68
CA ALA D 295 -14.17 24.48 4.72
C ALA D 295 -15.52 23.85 4.46
N ILE D 296 -16.59 24.58 4.77
CA ILE D 296 -17.95 24.09 4.51
C ILE D 296 -18.60 24.83 3.34
N ASP D 297 -18.35 26.14 3.24
CA ASP D 297 -19.12 27.02 2.34
C ASP D 297 -20.58 27.22 2.82
N TYR D 298 -20.77 27.17 4.14
CA TYR D 298 -22.06 27.50 4.75
C TYR D 298 -22.36 28.99 4.49
N PRO D 299 -23.62 29.36 4.20
CA PRO D 299 -24.83 28.53 4.12
C PRO D 299 -25.18 28.04 2.72
N TYR D 300 -24.27 28.19 1.77
CA TYR D 300 -24.52 27.75 0.40
C TYR D 300 -24.40 26.24 0.28
N GLN D 301 -23.67 25.62 1.21
CA GLN D 301 -23.61 24.17 1.37
C GLN D 301 -23.95 23.85 2.82
N PRO D 302 -24.51 22.66 3.06
CA PRO D 302 -24.86 22.22 4.42
C PRO D 302 -23.65 21.68 5.18
N MET D 303 -23.71 21.74 6.50
N MET D 303 -23.70 21.78 6.50
CA MET D 303 -22.56 21.43 7.33
CA MET D 303 -22.56 21.42 7.33
C MET D 303 -22.29 19.94 7.54
C MET D 303 -22.30 19.92 7.42
N ALA D 304 -23.34 19.13 7.65
CA ALA D 304 -23.14 17.69 7.92
C ALA D 304 -22.29 16.94 6.88
N PRO D 305 -22.60 17.11 5.58
CA PRO D 305 -21.79 16.37 4.60
C PRO D 305 -20.34 16.85 4.58
N ALA D 306 -20.14 18.16 4.74
CA ALA D 306 -18.78 18.70 4.71
C ALA D 306 -17.98 18.18 5.89
N VAL D 307 -18.60 18.13 7.06
CA VAL D 307 -17.97 17.56 8.24
C VAL D 307 -17.62 16.09 8.06
N GLN D 308 -18.55 15.33 7.51
CA GLN D 308 -18.36 13.90 7.38
C GLN D 308 -17.31 13.59 6.29
N PHE D 309 -17.27 14.43 5.26
CA PHE D 309 -16.17 14.40 4.27
C PHE D 309 -14.79 14.38 4.91
N ILE D 310 -14.52 15.30 5.83
CA ILE D 310 -13.16 15.38 6.37
C ILE D 310 -12.95 14.33 7.48
N ARG D 311 -13.99 14.06 8.26
CA ARG D 311 -13.88 13.03 9.31
C ARG D 311 -13.59 11.64 8.75
N THR D 312 -14.01 11.38 7.52
CA THR D 312 -13.83 10.05 6.93
C THR D 312 -12.73 10.06 5.86
N ALA D 313 -11.96 11.13 5.76
CA ALA D 313 -10.95 11.23 4.72
C ALA D 313 -9.87 10.16 4.91
N PRO D 314 -9.48 9.47 3.83
CA PRO D 314 -8.50 8.38 3.87
C PRO D 314 -7.07 8.92 3.90
N ILE D 315 -6.76 9.64 4.98
CA ILE D 315 -5.46 10.24 5.21
C ILE D 315 -5.07 9.98 6.67
N PRO D 316 -3.77 10.00 6.97
CA PRO D 316 -3.33 9.75 8.36
C PRO D 316 -3.89 10.81 9.31
N GLU D 317 -4.01 10.45 10.60
CA GLU D 317 -4.65 11.34 11.56
C GLU D 317 -3.91 12.68 11.72
N ASP D 318 -2.58 12.65 11.63
CA ASP D 318 -1.85 13.92 11.80
C ASP D 318 -2.09 14.89 10.63
N VAL D 319 -2.10 14.37 9.41
CA VAL D 319 -2.45 15.18 8.23
C VAL D 319 -3.90 15.65 8.30
N LYS D 320 -4.81 14.76 8.74
CA LYS D 320 -6.22 15.14 8.85
C LYS D 320 -6.38 16.31 9.82
N ALA D 321 -5.65 16.26 10.93
CA ALA D 321 -5.69 17.36 11.90
C ALA D 321 -5.20 18.67 11.29
N MET D 322 -4.17 18.61 10.44
CA MET D 322 -3.70 19.81 9.74
C MET D 322 -4.78 20.37 8.83
N VAL D 323 -5.39 19.51 8.02
CA VAL D 323 -6.37 19.97 7.06
C VAL D 323 -7.64 20.47 7.77
N ALA D 324 -8.04 19.77 8.83
CA ALA D 324 -9.27 20.10 9.53
C ALA D 324 -9.23 21.42 10.27
N GLY D 325 -8.06 21.80 10.75
CA GLY D 325 -7.96 23.05 11.50
C GLY D 325 -6.58 23.59 11.78
N GLY D 326 -5.55 22.74 11.73
CA GLY D 326 -4.23 23.17 12.15
C GLY D 326 -3.66 24.21 11.21
N ASN D 327 -3.79 23.96 9.91
CA ASN D 327 -3.33 24.91 8.90
C ASN D 327 -4.07 26.25 8.99
N ALA D 328 -5.38 26.19 9.17
CA ALA D 328 -6.19 27.41 9.32
C ALA D 328 -5.74 28.21 10.55
N ALA D 329 -5.47 27.52 11.66
CA ALA D 329 -5.04 28.21 12.88
C ALA D 329 -3.74 28.96 12.64
N ARG D 330 -2.86 28.37 11.83
CA ARG D 330 -1.59 29.02 11.47
C ARG D 330 -1.79 30.21 10.52
N ILE D 331 -2.47 29.96 9.41
CA ILE D 331 -2.58 30.94 8.33
C ILE D 331 -3.43 32.15 8.74
N PHE D 332 -4.45 31.90 9.56
CA PHE D 332 -5.36 32.96 9.97
C PHE D 332 -5.18 33.34 11.43
N ARG D 333 -4.06 32.93 12.01
CA ARG D 333 -3.65 33.31 13.36
C ARG D 333 -4.78 33.20 14.37
N ILE D 334 -5.31 31.98 14.48
CA ILE D 334 -6.35 31.67 15.43
C ILE D 334 -5.73 30.93 16.61
N THR D 335 -6.01 31.39 17.83
CA THR D 335 -5.52 30.68 19.00
C THR D 335 -6.41 29.49 19.35
N SER E 1 8.05 -3.73 -25.08
CA SER E 1 7.05 -4.01 -26.10
C SER E 1 5.70 -3.41 -25.70
N LEU E 2 5.74 -2.33 -24.92
CA LEU E 2 4.54 -1.55 -24.69
C LEU E 2 4.10 -0.97 -26.03
N ARG E 3 2.86 -1.24 -26.44
CA ARG E 3 2.36 -0.64 -27.69
C ARG E 3 1.89 0.79 -27.47
N LEU E 4 2.62 1.74 -28.03
CA LEU E 4 2.33 3.15 -27.84
C LEU E 4 1.61 3.75 -29.04
N ILE E 5 0.40 4.27 -28.83
CA ILE E 5 -0.37 4.95 -29.87
C ILE E 5 -0.66 6.36 -29.38
N ALA E 6 0.03 7.34 -29.96
CA ALA E 6 -0.10 8.73 -29.52
C ALA E 6 -1.34 9.33 -30.17
N THR E 7 -2.22 9.92 -29.38
CA THR E 7 -3.55 10.28 -29.88
C THR E 7 -3.81 11.74 -30.25
N GLU E 8 -2.85 12.64 -30.03
CA GLU E 8 -3.11 14.04 -30.35
C GLU E 8 -1.95 14.62 -31.15
N GLU E 9 -1.73 14.05 -32.32
CA GLU E 9 -0.54 14.35 -33.09
C GLU E 9 -0.89 15.17 -34.32
N ALA E 10 -0.43 16.41 -34.33
CA ALA E 10 -0.87 17.38 -35.33
C ALA E 10 -0.11 17.23 -36.64
N VAL E 11 -0.80 17.53 -37.74
CA VAL E 11 -0.21 17.50 -39.06
C VAL E 11 -0.86 18.64 -39.85
N THR E 12 -0.22 19.07 -40.92
CA THR E 12 -0.88 19.97 -41.86
C THR E 12 -0.54 19.58 -43.29
N PHE E 13 -1.19 20.24 -44.25
CA PHE E 13 -1.03 19.94 -45.67
C PHE E 13 -0.92 21.26 -46.41
N GLN E 14 -0.22 21.26 -47.53
CA GLN E 14 0.04 22.50 -48.27
C GLN E 14 -1.19 23.39 -48.57
N PRO E 15 -2.32 22.80 -49.03
CA PRO E 15 -3.46 23.68 -49.33
C PRO E 15 -4.00 24.43 -48.10
N VAL E 16 -3.88 23.83 -46.92
CA VAL E 16 -4.34 24.47 -45.71
C VAL E 16 -3.33 25.52 -45.27
N VAL E 17 -2.05 25.18 -45.34
CA VAL E 17 -0.98 26.12 -45.07
C VAL E 17 -1.12 27.38 -45.93
N ASP E 18 -1.31 27.18 -47.23
CA ASP E 18 -1.46 28.29 -48.15
C ASP E 18 -2.66 29.18 -47.79
N ALA E 19 -3.76 28.56 -47.39
CA ALA E 19 -4.94 29.33 -47.01
C ALA E 19 -4.72 30.10 -45.71
N LEU E 20 -4.00 29.51 -44.78
CA LEU E 20 -3.73 30.17 -43.51
C LEU E 20 -2.73 31.31 -43.68
N ARG E 21 -1.76 31.12 -44.56
CA ARG E 21 -0.82 32.19 -44.89
C ARG E 21 -1.60 33.41 -45.42
N ALA E 22 -2.57 33.17 -46.30
CA ALA E 22 -3.36 34.27 -46.83
C ALA E 22 -4.22 34.85 -45.72
N HIS E 23 -4.77 33.98 -44.89
CA HIS E 23 -5.64 34.44 -43.81
C HIS E 23 -4.89 35.31 -42.80
N SER E 24 -3.60 35.03 -42.64
CA SER E 24 -2.77 35.74 -41.65
C SER E 24 -2.65 37.22 -41.98
N ARG E 25 -2.94 37.58 -43.22
CA ARG E 25 -2.76 38.94 -43.68
C ARG E 25 -4.04 39.76 -43.51
N THR E 26 -5.13 39.10 -43.15
CA THR E 26 -6.43 39.78 -43.02
C THR E 26 -6.57 40.48 -41.66
N ASP E 27 -7.65 41.23 -41.49
CA ASP E 27 -7.89 41.93 -40.23
C ASP E 27 -8.81 41.16 -39.27
N ASP E 28 -8.86 39.85 -39.43
CA ASP E 28 -9.59 38.97 -38.51
C ASP E 28 -9.20 39.28 -37.06
N ALA E 29 -10.20 39.51 -36.22
CA ALA E 29 -9.96 39.83 -34.81
C ALA E 29 -9.91 38.60 -33.90
N SER E 30 -10.15 37.42 -34.45
CA SER E 30 -10.07 36.19 -33.66
C SER E 30 -8.74 36.07 -32.93
N LEU E 31 -8.79 35.64 -31.67
CA LEU E 31 -7.59 35.48 -30.86
C LEU E 31 -6.63 34.43 -31.45
N ASP E 32 -7.14 33.54 -32.31
CA ASP E 32 -6.24 32.59 -32.98
C ASP E 32 -5.25 33.26 -33.93
N MET E 33 -5.52 34.51 -34.30
CA MET E 33 -4.63 35.23 -35.19
C MET E 33 -3.22 35.38 -34.62
N ILE E 34 -3.08 35.29 -33.30
CA ILE E 34 -1.75 35.35 -32.69
C ILE E 34 -0.93 34.15 -33.14
N LEU E 35 -1.44 32.94 -32.88
CA LEU E 35 -0.84 31.71 -33.37
C LEU E 35 -0.66 31.70 -34.90
N VAL E 36 -1.72 32.09 -35.61
CA VAL E 36 -1.69 32.04 -37.06
C VAL E 36 -0.56 32.91 -37.61
N ARG E 37 -0.37 34.11 -37.05
CA ARG E 37 0.76 34.92 -37.48
C ARG E 37 2.12 34.32 -37.07
N ASP E 38 2.20 33.76 -35.87
CA ASP E 38 3.47 33.18 -35.39
C ASP E 38 3.95 32.00 -36.24
N VAL E 39 3.00 31.24 -36.80
CA VAL E 39 3.32 30.02 -37.52
C VAL E 39 3.15 30.15 -39.03
N TYR E 40 2.06 30.78 -39.47
CA TYR E 40 1.75 30.81 -40.90
C TYR E 40 1.99 32.15 -41.57
N GLY E 41 2.32 33.17 -40.78
CA GLY E 41 2.47 34.52 -41.31
C GLY E 41 3.74 34.77 -42.09
N ASP E 42 3.85 35.97 -42.64
CA ASP E 42 5.01 36.36 -43.45
C ASP E 42 6.21 36.69 -42.58
N GLU E 43 6.00 36.87 -41.28
CA GLU E 43 7.08 37.22 -40.37
C GLU E 43 7.02 36.30 -39.14
N PRO E 44 7.14 34.98 -39.36
CA PRO E 44 6.77 34.04 -38.31
C PRO E 44 7.76 33.92 -37.15
N ALA E 45 7.27 34.16 -35.93
CA ALA E 45 8.09 34.00 -34.73
C ALA E 45 8.51 32.54 -34.50
N ARG E 46 7.79 31.61 -35.13
CA ARG E 46 8.04 30.18 -34.98
C ARG E 46 8.25 29.56 -36.38
N PRO E 47 9.39 29.87 -37.01
CA PRO E 47 9.58 29.54 -38.43
C PRO E 47 9.65 28.05 -38.76
N ALA E 48 10.06 27.23 -37.79
CA ALA E 48 10.27 25.82 -38.07
C ALA E 48 8.98 25.00 -38.00
N MET E 49 7.91 25.62 -37.51
N MET E 49 7.92 25.60 -37.48
CA MET E 49 6.72 24.85 -37.16
CA MET E 49 6.70 24.86 -37.16
C MET E 49 5.97 24.27 -38.35
C MET E 49 5.97 24.26 -38.37
N ILE E 50 5.84 25.02 -39.44
CA ILE E 50 5.16 24.50 -40.64
C ILE E 50 5.87 23.23 -41.13
N GLY E 51 7.20 23.27 -41.15
CA GLY E 51 7.97 22.11 -41.56
C GLY E 51 7.73 20.91 -40.67
N ARG E 52 7.67 21.15 -39.36
CA ARG E 52 7.48 20.05 -38.42
C ARG E 52 6.08 19.45 -38.55
N LEU E 53 5.09 20.31 -38.76
CA LEU E 53 3.70 19.89 -38.91
C LEU E 53 3.49 19.12 -40.20
N SER E 54 4.14 19.58 -41.26
CA SER E 54 3.95 19.00 -42.59
C SER E 54 4.64 17.64 -42.72
N ASP E 55 5.74 17.48 -42.00
CA ASP E 55 6.52 16.25 -42.10
C ASP E 55 5.85 15.08 -41.41
N VAL E 56 5.70 13.98 -42.15
CA VAL E 56 5.15 12.75 -41.58
C VAL E 56 6.18 11.62 -41.57
N THR E 57 6.83 11.40 -42.70
CA THR E 57 7.69 10.22 -42.87
C THR E 57 9.18 10.48 -42.71
N GLY E 58 9.56 11.71 -42.41
CA GLY E 58 10.96 12.06 -42.18
C GLY E 58 11.29 12.10 -40.69
N GLU E 59 11.55 13.30 -40.17
CA GLU E 59 11.90 13.48 -38.77
C GLU E 59 10.87 12.87 -37.81
N ARG E 60 9.58 13.01 -38.11
CA ARG E 60 8.54 12.48 -37.24
C ARG E 60 8.68 10.96 -37.07
N LEU E 61 8.80 10.26 -38.20
CA LEU E 61 8.90 8.81 -38.15
C LEU E 61 10.23 8.38 -37.51
N ALA E 62 11.29 9.16 -37.75
CA ALA E 62 12.60 8.83 -37.18
C ALA E 62 12.54 8.93 -35.65
N GLU E 63 11.87 9.95 -35.16
CA GLU E 63 11.69 10.15 -33.73
C GLU E 63 10.78 9.08 -33.14
N MET E 64 9.75 8.69 -33.88
CA MET E 64 8.94 7.57 -33.42
C MET E 64 9.81 6.32 -33.26
N ASP E 65 10.66 6.03 -34.25
CA ASP E 65 11.52 4.85 -34.17
C ASP E 65 12.51 4.92 -33.00
N SER E 66 13.15 6.08 -32.83
N SER E 66 13.15 6.08 -32.81
CA SER E 66 14.13 6.28 -31.77
CA SER E 66 14.15 6.20 -31.75
C SER E 66 13.53 6.10 -30.38
C SER E 66 13.54 6.13 -30.35
N ASN E 67 12.25 6.47 -30.23
CA ASN E 67 11.60 6.38 -28.93
C ASN E 67 10.67 5.17 -28.76
N GLY E 68 10.59 4.31 -29.77
CA GLY E 68 9.74 3.14 -29.67
C GLY E 68 8.25 3.44 -29.68
N VAL E 69 7.83 4.47 -30.44
CA VAL E 69 6.41 4.79 -30.58
C VAL E 69 5.85 4.04 -31.79
N ASP E 70 4.79 3.26 -31.58
CA ASP E 70 4.23 2.44 -32.67
C ASP E 70 3.48 3.31 -33.68
N MET E 71 2.63 4.21 -33.18
CA MET E 71 1.74 4.97 -34.07
C MET E 71 1.49 6.40 -33.63
N HIS E 72 1.22 7.26 -34.61
CA HIS E 72 0.59 8.54 -34.36
C HIS E 72 -0.81 8.50 -34.94
N LEU E 73 -1.78 8.94 -34.14
CA LEU E 73 -3.11 9.25 -34.65
C LEU E 73 -3.07 10.72 -35.07
N LEU E 74 -3.11 10.96 -36.37
CA LEU E 74 -2.90 12.29 -36.94
C LEU E 74 -4.18 13.11 -36.99
N SER E 75 -4.07 14.41 -36.73
CA SER E 75 -5.22 15.32 -36.84
C SER E 75 -4.75 16.61 -37.48
N LEU E 76 -5.58 17.19 -38.35
CA LEU E 76 -5.26 18.50 -38.90
C LEU E 76 -5.13 19.49 -37.75
N THR E 77 -4.02 20.19 -37.71
CA THR E 77 -3.68 21.05 -36.58
C THR E 77 -4.68 22.19 -36.41
N ALA E 78 -4.89 22.61 -35.17
CA ALA E 78 -5.74 23.77 -34.90
C ALA E 78 -5.16 25.00 -35.60
N PRO E 79 -6.03 25.90 -36.08
CA PRO E 79 -7.48 25.94 -35.93
C PRO E 79 -8.21 25.18 -37.03
N GLY E 80 -7.54 24.23 -37.68
CA GLY E 80 -8.22 23.42 -38.70
C GLY E 80 -8.72 24.28 -39.85
N VAL E 81 -9.96 24.08 -40.26
CA VAL E 81 -10.54 24.87 -41.34
C VAL E 81 -11.59 25.84 -40.82
N GLN E 82 -11.61 26.06 -39.50
CA GLN E 82 -12.71 26.78 -38.87
C GLN E 82 -12.64 28.30 -38.94
N MET E 83 -11.49 28.85 -39.31
CA MET E 83 -11.37 30.30 -39.43
C MET E 83 -11.87 30.84 -40.78
N PHE E 84 -12.02 29.97 -41.77
CA PHE E 84 -12.37 30.40 -43.12
C PHE E 84 -13.88 30.62 -43.28
N ASP E 85 -14.28 31.27 -44.37
CA ASP E 85 -15.70 31.36 -44.67
C ASP E 85 -16.23 29.96 -44.97
N ALA E 86 -17.56 29.80 -44.97
CA ALA E 86 -18.16 28.48 -45.14
C ALA E 86 -17.70 27.77 -46.43
N GLU E 87 -17.71 28.46 -47.55
CA GLU E 87 -17.37 27.83 -48.82
C GLU E 87 -15.93 27.33 -48.78
N THR E 88 -15.03 28.16 -48.24
CA THR E 88 -13.62 27.82 -48.21
C THR E 88 -13.33 26.68 -47.24
N GLY E 89 -13.94 26.73 -46.06
CA GLY E 89 -13.73 25.71 -45.04
C GLY E 89 -14.25 24.36 -45.52
N THR E 90 -15.42 24.38 -46.14
CA THR E 90 -16.02 23.15 -46.68
C THR E 90 -15.12 22.52 -47.75
N ARG E 91 -14.59 23.36 -48.64
N ARG E 91 -14.60 23.35 -48.66
CA ARG E 91 -13.69 22.93 -49.69
CA ARG E 91 -13.68 22.88 -49.68
C ARG E 91 -12.38 22.37 -49.13
C ARG E 91 -12.40 22.32 -49.08
N LEU E 92 -11.79 23.08 -48.18
CA LEU E 92 -10.54 22.65 -47.57
C LEU E 92 -10.66 21.42 -46.68
N ALA E 93 -11.80 21.23 -46.04
CA ALA E 93 -12.00 20.03 -45.23
C ALA E 93 -11.97 18.79 -46.11
N ARG E 94 -12.62 18.86 -47.26
CA ARG E 94 -12.62 17.73 -48.19
C ARG E 94 -11.21 17.40 -48.64
N ILE E 95 -10.46 18.44 -49.03
CA ILE E 95 -9.08 18.25 -49.50
C ILE E 95 -8.17 17.69 -48.40
N ALA E 96 -8.26 18.28 -47.21
CA ALA E 96 -7.43 17.84 -46.08
C ALA E 96 -7.76 16.42 -45.66
N ASN E 97 -9.04 16.07 -45.73
CA ASN E 97 -9.47 14.71 -45.41
C ASN E 97 -8.96 13.70 -46.43
N ASP E 98 -9.00 14.05 -47.72
CA ASP E 98 -8.42 13.20 -48.75
C ASP E 98 -6.93 13.01 -48.52
N LEU E 99 -6.22 14.09 -48.18
CA LEU E 99 -4.78 14.00 -47.97
C LEU E 99 -4.48 13.19 -46.71
N MET E 100 -5.30 13.33 -45.69
CA MET E 100 -5.15 12.51 -44.49
C MET E 100 -5.31 11.03 -44.79
N ALA E 101 -6.35 10.69 -45.54
CA ALA E 101 -6.55 9.30 -45.94
C ALA E 101 -5.35 8.75 -46.73
N GLN E 102 -4.78 9.56 -47.61
CA GLN E 102 -3.64 9.13 -48.43
C GLN E 102 -2.40 8.92 -47.56
N THR E 103 -2.22 9.83 -46.61
CA THR E 103 -1.12 9.75 -45.66
C THR E 103 -1.19 8.46 -44.85
N VAL E 104 -2.38 8.17 -44.32
CA VAL E 104 -2.62 6.94 -43.59
C VAL E 104 -2.35 5.71 -44.47
N ALA E 105 -2.88 5.74 -45.69
CA ALA E 105 -2.73 4.61 -46.61
C ALA E 105 -1.28 4.30 -47.00
N ALA E 106 -0.41 5.30 -46.96
CA ALA E 106 0.99 5.11 -47.33
C ALA E 106 1.78 4.36 -46.25
N ASN E 107 1.37 4.52 -45.01
CA ASN E 107 2.03 3.84 -43.87
C ASN E 107 1.03 3.47 -42.78
N PRO E 108 0.11 2.54 -43.08
CA PRO E 108 -1.03 2.31 -42.20
C PRO E 108 -0.70 1.58 -40.90
N THR E 109 0.49 0.98 -40.78
CA THR E 109 0.87 0.39 -39.50
C THR E 109 1.48 1.43 -38.57
N ARG E 110 1.78 2.62 -39.10
CA ARG E 110 2.41 3.66 -38.29
C ARG E 110 1.52 4.88 -38.06
N PHE E 111 0.56 5.10 -38.94
CA PHE E 111 -0.32 6.27 -38.83
C PHE E 111 -1.79 5.92 -38.96
N ALA E 112 -2.58 6.51 -38.08
CA ALA E 112 -4.03 6.49 -38.19
C ALA E 112 -4.45 7.95 -38.36
N GLY E 113 -5.71 8.21 -38.66
CA GLY E 113 -6.08 9.59 -38.95
C GLY E 113 -7.47 9.99 -38.54
N LEU E 114 -7.62 11.24 -38.11
CA LEU E 114 -8.93 11.80 -37.82
C LEU E 114 -9.29 12.76 -38.95
N GLY E 115 -10.53 12.69 -39.42
CA GLY E 115 -11.02 13.65 -40.41
C GLY E 115 -11.56 14.88 -39.72
N THR E 116 -11.68 15.98 -40.46
CA THR E 116 -12.26 17.18 -39.87
C THR E 116 -13.39 17.70 -40.78
N PHE E 117 -14.00 18.81 -40.39
CA PHE E 117 -15.14 19.33 -41.12
C PHE E 117 -15.29 20.81 -40.82
N ALA E 118 -16.14 21.49 -41.58
CA ALA E 118 -16.35 22.92 -41.39
C ALA E 118 -17.76 23.19 -40.85
N PRO E 119 -17.88 23.28 -39.52
CA PRO E 119 -19.19 23.47 -38.89
C PRO E 119 -19.83 24.81 -39.24
N GLN E 120 -19.12 25.71 -39.92
CA GLN E 120 -19.71 26.94 -40.45
C GLN E 120 -20.93 26.63 -41.31
N ASP E 121 -20.93 25.45 -41.93
CA ASP E 121 -22.05 24.99 -42.75
C ASP E 121 -22.46 23.59 -42.24
N PRO E 122 -23.38 23.53 -41.27
CA PRO E 122 -23.73 22.27 -40.62
C PRO E 122 -24.21 21.19 -41.59
N ALA E 123 -25.04 21.55 -42.57
CA ALA E 123 -25.52 20.58 -43.56
C ALA E 123 -24.38 19.97 -44.37
N SER E 124 -23.48 20.83 -44.85
CA SER E 124 -22.33 20.35 -45.61
C SER E 124 -21.36 19.55 -44.74
N ALA E 125 -21.20 19.98 -43.50
CA ALA E 125 -20.35 19.24 -42.56
C ALA E 125 -20.90 17.83 -42.33
N ALA E 126 -22.21 17.72 -42.14
CA ALA E 126 -22.85 16.41 -41.95
C ALA E 126 -22.56 15.47 -43.11
N ARG E 127 -22.58 16.00 -44.33
CA ARG E 127 -22.27 15.21 -45.52
C ARG E 127 -20.81 14.75 -45.47
N GLU E 128 -19.92 15.65 -45.06
CA GLU E 128 -18.51 15.30 -45.06
C GLU E 128 -18.19 14.29 -43.96
N ILE E 129 -18.85 14.40 -42.81
CA ILE E 129 -18.72 13.42 -41.74
C ILE E 129 -19.10 12.02 -42.24
N GLU E 130 -20.21 11.94 -42.96
CA GLU E 130 -20.63 10.68 -43.58
C GLU E 130 -19.57 10.14 -44.54
N ARG E 131 -18.99 11.02 -45.35
CA ARG E 131 -17.96 10.58 -46.32
C ARG E 131 -16.69 10.12 -45.61
N VAL E 132 -16.33 10.81 -44.54
CA VAL E 132 -15.15 10.43 -43.76
C VAL E 132 -15.32 9.02 -43.19
N ALA E 133 -16.53 8.75 -42.71
CA ALA E 133 -16.80 7.48 -42.04
C ALA E 133 -16.92 6.33 -43.04
N THR E 134 -17.64 6.57 -44.13
CA THR E 134 -18.01 5.46 -45.00
C THR E 134 -17.13 5.31 -46.25
N GLN E 135 -16.60 6.41 -46.77
CA GLN E 135 -15.77 6.31 -47.97
C GLN E 135 -14.29 6.31 -47.64
N LEU E 136 -13.83 7.32 -46.90
CA LEU E 136 -12.42 7.40 -46.54
C LEU E 136 -12.07 6.40 -45.44
N ARG E 137 -13.06 6.09 -44.62
CA ARG E 137 -12.91 5.12 -43.52
C ARG E 137 -11.79 5.53 -42.56
N LEU E 138 -11.75 6.82 -42.25
CA LEU E 138 -10.80 7.32 -41.25
C LEU E 138 -11.21 6.87 -39.84
N ASN E 139 -10.35 7.16 -38.87
CA ASN E 139 -10.46 6.52 -37.57
C ASN E 139 -11.37 7.25 -36.60
N GLY E 140 -11.71 8.48 -36.94
CA GLY E 140 -12.51 9.30 -36.06
C GLY E 140 -12.52 10.71 -36.61
N LEU E 141 -12.92 11.66 -35.76
CA LEU E 141 -13.05 13.06 -36.17
C LEU E 141 -12.35 14.01 -35.21
N VAL E 142 -12.00 15.18 -35.71
CA VAL E 142 -11.41 16.24 -34.88
C VAL E 142 -12.03 17.59 -35.24
N ILE E 143 -12.26 18.42 -34.24
CA ILE E 143 -12.69 19.80 -34.44
C ILE E 143 -12.04 20.60 -33.33
N ASN E 144 -11.78 21.89 -33.57
CA ASN E 144 -11.05 22.70 -32.58
C ASN E 144 -11.92 23.68 -31.86
N SER E 145 -12.36 23.30 -30.67
CA SER E 145 -13.37 24.00 -29.88
C SER E 145 -14.36 24.81 -30.73
N HIS E 146 -14.53 26.08 -30.45
CA HIS E 146 -15.62 26.86 -31.06
C HIS E 146 -15.57 27.04 -32.58
N THR E 147 -16.73 27.32 -33.17
CA THR E 147 -16.80 27.78 -34.55
C THR E 147 -17.73 28.99 -34.58
N ASN E 148 -17.32 30.03 -35.31
CA ASN E 148 -18.08 31.27 -35.41
C ASN E 148 -18.35 31.88 -34.03
N ASP E 149 -17.48 31.56 -33.07
CA ASP E 149 -17.63 32.04 -31.69
C ASP E 149 -18.93 31.55 -31.03
N LEU E 150 -19.37 30.37 -31.46
CA LEU E 150 -20.49 29.70 -30.83
C LEU E 150 -19.99 28.36 -30.31
N TYR E 151 -20.61 27.88 -29.23
CA TYR E 151 -20.23 26.60 -28.64
C TYR E 151 -21.21 25.50 -29.05
N TYR E 152 -20.88 24.25 -28.76
CA TYR E 152 -21.59 23.13 -29.39
C TYR E 152 -22.89 22.72 -28.71
N ASP E 153 -23.33 23.52 -27.74
CA ASP E 153 -24.70 23.43 -27.25
C ASP E 153 -25.69 24.09 -28.21
N ASP E 154 -25.20 24.96 -29.09
CA ASP E 154 -26.09 25.72 -29.98
C ASP E 154 -26.79 24.76 -30.94
N PRO E 155 -28.13 24.83 -31.02
CA PRO E 155 -28.89 23.95 -31.93
C PRO E 155 -28.52 24.12 -33.40
N PHE E 156 -27.85 25.23 -33.74
CA PHE E 156 -27.29 25.42 -35.09
C PHE E 156 -26.47 24.21 -35.52
N PHE E 157 -25.78 23.58 -34.56
CA PHE E 157 -24.88 22.48 -34.87
C PHE E 157 -25.52 21.10 -34.75
N HIS E 158 -26.81 21.04 -34.44
CA HIS E 158 -27.47 19.74 -34.33
C HIS E 158 -27.26 18.80 -35.54
N PRO E 159 -27.31 19.33 -36.79
CA PRO E 159 -27.04 18.43 -37.92
C PRO E 159 -25.65 17.80 -37.89
N VAL E 160 -24.67 18.51 -37.33
CA VAL E 160 -23.33 17.96 -37.19
C VAL E 160 -23.33 16.78 -36.21
N PHE E 161 -23.93 16.97 -35.05
CA PHE E 161 -23.89 15.93 -34.04
C PHE E 161 -24.77 14.75 -34.39
N GLU E 162 -25.86 15.01 -35.12
CA GLU E 162 -26.70 13.93 -35.64
C GLU E 162 -25.85 13.01 -36.51
N ALA E 163 -25.06 13.61 -37.40
CA ALA E 163 -24.20 12.84 -38.30
C ALA E 163 -23.06 12.13 -37.58
N ILE E 164 -22.44 12.80 -36.62
CA ILE E 164 -21.37 12.19 -35.84
C ILE E 164 -21.90 10.97 -35.09
N GLU E 165 -23.02 11.15 -34.39
CA GLU E 165 -23.61 10.04 -33.64
C GLU E 165 -23.92 8.85 -34.55
N ALA E 166 -24.52 9.11 -35.71
CA ALA E 166 -24.89 8.04 -36.64
C ALA E 166 -23.66 7.34 -37.22
N SER E 167 -22.56 8.07 -37.35
CA SER E 167 -21.34 7.55 -37.96
C SER E 167 -20.60 6.56 -37.07
N GLY E 168 -20.78 6.70 -35.75
CA GLY E 168 -20.03 5.88 -34.80
C GLY E 168 -18.61 6.38 -34.52
N LEU E 169 -18.20 7.45 -35.20
CA LEU E 169 -16.86 8.02 -35.00
C LEU E 169 -16.76 8.88 -33.75
N ALA E 170 -15.72 8.66 -32.96
CA ALA E 170 -15.43 9.52 -31.82
C ALA E 170 -14.98 10.89 -32.33
N LEU E 171 -15.35 11.94 -31.61
CA LEU E 171 -14.94 13.30 -31.96
C LEU E 171 -13.99 13.86 -30.93
N TYR E 172 -12.76 14.13 -31.37
CA TYR E 172 -11.75 14.77 -30.53
C TYR E 172 -12.02 16.26 -30.63
N ILE E 173 -12.37 16.87 -29.50
CA ILE E 173 -12.52 18.31 -29.48
C ILE E 173 -11.25 18.91 -28.91
N HIS E 174 -10.40 19.34 -29.82
CA HIS E 174 -9.08 19.90 -29.52
C HIS E 174 -9.27 21.39 -29.22
N PRO E 175 -8.32 22.03 -28.50
CA PRO E 175 -8.47 23.47 -28.29
C PRO E 175 -8.27 24.34 -29.52
N ARG E 176 -8.77 25.55 -29.42
CA ARG E 176 -8.24 26.68 -30.17
C ARG E 176 -8.24 27.83 -29.16
N ALA E 177 -7.83 29.03 -29.58
CA ALA E 177 -7.81 30.17 -28.67
C ALA E 177 -9.23 30.54 -28.25
N PRO E 178 -9.36 31.07 -27.04
CA PRO E 178 -10.65 31.58 -26.54
C PRO E 178 -11.44 32.36 -27.58
N SER E 179 -12.72 32.03 -27.68
CA SER E 179 -13.65 32.72 -28.59
C SER E 179 -13.83 34.19 -28.23
N LYS E 180 -14.52 34.91 -29.10
CA LYS E 180 -14.80 36.31 -28.83
C LYS E 180 -15.69 36.50 -27.59
N GLN E 181 -16.35 35.44 -27.15
CA GLN E 181 -17.17 35.57 -25.95
C GLN E 181 -16.31 35.79 -24.72
N ILE E 182 -15.07 35.32 -24.78
CA ILE E 182 -14.21 35.34 -23.58
C ILE E 182 -12.80 35.88 -23.81
N ASP E 183 -12.44 36.24 -25.04
CA ASP E 183 -11.02 36.49 -25.33
C ASP E 183 -10.41 37.72 -24.68
N ARG E 184 -11.24 38.65 -24.22
CA ARG E 184 -10.71 39.88 -23.61
C ARG E 184 -9.76 39.60 -22.45
N ALA E 185 -9.99 38.51 -21.73
CA ALA E 185 -9.21 38.21 -20.52
C ALA E 185 -7.96 37.39 -20.81
N PHE E 186 -7.71 37.12 -22.09
CA PHE E 186 -6.64 36.21 -22.51
C PHE E 186 -5.66 36.88 -23.48
N ARG E 187 -5.60 38.21 -23.44
CA ARG E 187 -4.71 38.94 -24.34
C ARG E 187 -3.32 39.22 -23.72
N ASP E 188 -3.11 38.82 -22.47
CA ASP E 188 -1.86 39.15 -21.78
C ASP E 188 -1.07 37.91 -21.37
N TYR E 189 0.24 38.08 -21.24
CA TYR E 189 1.12 37.04 -20.69
C TYR E 189 1.05 35.71 -21.44
N GLY E 190 0.76 35.77 -22.73
CA GLY E 190 0.70 34.59 -23.57
C GLY E 190 -0.46 33.67 -23.28
N MET E 191 -1.43 34.19 -22.53
CA MET E 191 -2.56 33.36 -22.08
C MET E 191 -3.54 32.95 -23.18
N ASN E 192 -3.36 33.47 -24.39
CA ASN E 192 -4.19 33.05 -25.52
C ASN E 192 -4.03 31.56 -25.84
N SER E 193 -2.88 31.03 -25.44
CA SER E 193 -2.43 29.73 -25.92
C SER E 193 -2.60 28.61 -24.89
N ALA E 194 -1.73 27.62 -24.99
CA ALA E 194 -1.81 26.40 -24.18
C ALA E 194 -1.63 26.64 -22.69
N ILE E 195 -0.93 27.70 -22.31
CA ILE E 195 -0.68 27.96 -20.90
C ILE E 195 -1.96 28.21 -20.10
N TRP E 196 -3.02 28.74 -20.74
CA TRP E 196 -4.26 28.92 -20.00
C TRP E 196 -5.53 28.96 -20.86
N GLY E 197 -5.55 29.81 -21.88
CA GLY E 197 -6.75 30.00 -22.68
C GLY E 197 -7.29 28.74 -23.35
N TYR E 198 -6.40 27.93 -23.91
CA TYR E 198 -6.84 26.67 -24.54
C TYR E 198 -7.74 25.83 -23.64
N GLY E 199 -7.34 25.68 -22.38
CA GLY E 199 -8.08 24.81 -21.47
C GLY E 199 -9.40 25.41 -21.05
N ILE E 200 -9.41 26.72 -20.82
CA ILE E 200 -10.65 27.42 -20.44
C ILE E 200 -11.67 27.39 -21.58
N GLU E 201 -11.21 27.69 -22.78
CA GLU E 201 -12.05 27.67 -23.97
C GLU E 201 -12.69 26.31 -24.17
N THR E 202 -11.86 25.26 -24.14
CA THR E 202 -12.31 23.92 -24.50
C THR E 202 -13.19 23.32 -23.41
N SER E 203 -12.76 23.47 -22.17
CA SER E 203 -13.55 22.94 -21.06
C SER E 203 -14.91 23.62 -21.00
N THR E 204 -14.95 24.91 -21.29
CA THR E 204 -16.22 25.65 -21.22
C THR E 204 -17.18 25.17 -22.31
N ASN E 205 -16.63 24.91 -23.49
CA ASN E 205 -17.41 24.31 -24.58
C ASN E 205 -18.06 22.99 -24.10
N ALA E 206 -17.23 22.08 -23.59
CA ALA E 206 -17.71 20.78 -23.15
C ALA E 206 -18.75 20.86 -22.05
N VAL E 207 -18.53 21.73 -21.06
CA VAL E 207 -19.48 21.91 -19.99
C VAL E 207 -20.83 22.41 -20.54
N ARG E 208 -20.81 23.35 -21.49
CA ARG E 208 -22.06 23.80 -22.11
C ARG E 208 -22.75 22.64 -22.83
N MET E 209 -21.98 21.80 -23.53
CA MET E 209 -22.55 20.64 -24.21
C MET E 209 -23.28 19.75 -23.23
N ILE E 210 -22.63 19.45 -22.10
CA ILE E 210 -23.24 18.59 -21.09
C ILE E 210 -24.48 19.22 -20.45
N LEU E 211 -24.36 20.45 -19.98
CA LEU E 211 -25.45 21.07 -19.25
C LEU E 211 -26.66 21.39 -20.13
N SER E 212 -26.43 21.56 -21.42
CA SER E 212 -27.49 21.87 -22.37
C SER E 212 -28.38 20.67 -22.68
N GLY E 213 -27.93 19.47 -22.29
CA GLY E 213 -28.70 18.26 -22.60
C GLY E 213 -28.34 17.63 -23.95
N LEU E 214 -27.22 18.05 -24.51
CA LEU E 214 -26.82 17.53 -25.82
C LEU E 214 -26.72 16.01 -25.81
N PHE E 215 -26.25 15.45 -24.70
CA PHE E 215 -26.05 14.01 -24.62
C PHE E 215 -27.30 13.21 -24.27
N ASP E 216 -28.40 13.90 -23.99
CA ASP E 216 -29.69 13.24 -23.97
C ASP E 216 -30.25 13.18 -25.40
N ARG E 217 -29.97 14.22 -26.19
CA ARG E 217 -30.42 14.24 -27.57
C ARG E 217 -29.64 13.24 -28.42
N PHE E 218 -28.34 13.14 -28.14
CA PHE E 218 -27.45 12.26 -28.88
C PHE E 218 -26.64 11.41 -27.92
N PRO E 219 -27.28 10.41 -27.29
CA PRO E 219 -26.65 9.66 -26.20
C PRO E 219 -25.52 8.74 -26.63
N ARG E 220 -25.35 8.49 -27.93
CA ARG E 220 -24.27 7.62 -28.37
C ARG E 220 -23.01 8.37 -28.82
N LEU E 221 -23.01 9.69 -28.67
CA LEU E 221 -21.81 10.45 -29.01
C LEU E 221 -20.64 10.04 -28.13
N LYS E 222 -19.45 9.95 -28.73
CA LYS E 222 -18.22 9.83 -27.98
C LYS E 222 -17.35 11.04 -28.26
N ILE E 223 -17.00 11.76 -27.20
CA ILE E 223 -16.16 12.95 -27.29
C ILE E 223 -14.84 12.66 -26.59
N VAL E 224 -13.73 13.13 -27.16
CA VAL E 224 -12.43 12.98 -26.52
C VAL E 224 -11.85 14.36 -26.25
N LEU E 225 -11.34 14.56 -25.04
CA LEU E 225 -10.67 15.81 -24.69
C LEU E 225 -9.22 15.54 -24.30
N GLY E 226 -8.30 16.35 -24.81
CA GLY E 226 -6.91 16.22 -24.44
C GLY E 226 -6.60 16.98 -23.15
N HIS E 227 -5.32 17.06 -22.84
CA HIS E 227 -4.85 17.87 -21.71
C HIS E 227 -5.51 17.45 -20.41
N MET E 228 -5.54 16.14 -20.22
CA MET E 228 -6.14 15.48 -19.06
C MET E 228 -7.58 15.93 -18.87
N GLY E 229 -8.32 15.91 -19.99
CA GLY E 229 -9.73 16.26 -19.96
C GLY E 229 -10.02 17.74 -19.76
N GLU E 230 -9.03 18.59 -20.02
CA GLU E 230 -9.17 20.04 -19.83
C GLU E 230 -9.67 20.35 -18.40
N ALA E 231 -9.18 19.56 -17.46
CA ALA E 231 -9.46 19.65 -16.02
C ALA E 231 -10.88 19.34 -15.57
N ILE E 232 -11.77 19.01 -16.51
CA ILE E 232 -13.12 18.60 -16.14
C ILE E 232 -13.14 17.44 -15.12
N PRO E 233 -12.21 16.46 -15.25
CA PRO E 233 -12.19 15.40 -14.23
C PRO E 233 -12.02 15.92 -12.81
N PHE E 234 -11.34 17.05 -12.65
CA PHE E 234 -11.10 17.58 -11.31
C PHE E 234 -12.38 18.19 -10.71
N TRP E 235 -13.24 18.71 -11.60
CA TRP E 235 -14.44 19.45 -11.19
C TRP E 235 -15.70 18.59 -11.05
N LEU E 236 -15.60 17.28 -11.23
CA LEU E 236 -16.81 16.46 -11.31
C LEU E 236 -17.73 16.56 -10.10
N TRP E 237 -17.17 16.61 -8.90
CA TRP E 237 -18.01 16.61 -7.71
C TRP E 237 -18.85 17.88 -7.66
N ARG E 238 -18.21 19.02 -7.93
CA ARG E 238 -18.87 20.34 -7.86
C ARG E 238 -19.88 20.53 -8.98
N LEU E 239 -19.55 20.03 -10.16
CA LEU E 239 -20.48 20.03 -11.30
C LEU E 239 -21.74 19.29 -10.91
N ASP E 240 -21.59 18.16 -10.24
CA ASP E 240 -22.75 17.37 -9.82
C ASP E 240 -23.49 18.08 -8.71
N TYR E 241 -22.75 18.59 -7.71
CA TYR E 241 -23.41 19.16 -6.56
C TYR E 241 -24.27 20.36 -6.92
N MET E 242 -23.72 21.23 -7.75
CA MET E 242 -24.38 22.50 -8.07
C MET E 242 -25.43 22.39 -9.18
N HIS E 243 -25.56 21.20 -9.76
CA HIS E 243 -26.55 21.03 -10.83
C HIS E 243 -27.99 21.24 -10.37
N GLY E 244 -28.30 20.87 -9.13
CA GLY E 244 -29.62 21.10 -8.58
C GLY E 244 -29.98 22.58 -8.59
N ASN E 245 -29.07 23.43 -8.12
CA ASN E 245 -29.27 24.87 -8.19
C ASN E 245 -29.42 25.34 -9.63
N ALA E 246 -28.61 24.80 -10.53
CA ALA E 246 -28.68 25.21 -11.94
C ALA E 246 -30.06 24.95 -12.56
N THR E 247 -30.66 23.80 -12.25
CA THR E 247 -31.96 23.48 -12.84
C THR E 247 -33.12 24.08 -12.04
N THR E 248 -32.89 24.35 -10.76
CA THR E 248 -33.94 24.90 -9.91
C THR E 248 -34.05 26.42 -10.07
N PHE E 249 -32.91 27.11 -10.02
CA PHE E 249 -32.89 28.57 -10.08
C PHE E 249 -32.30 29.15 -11.37
N GLY E 250 -31.50 28.35 -12.08
CA GLY E 250 -30.74 28.88 -13.20
C GLY E 250 -31.29 28.60 -14.58
N GLY E 251 -32.43 27.92 -14.64
CA GLY E 251 -33.07 27.65 -15.92
C GLY E 251 -32.34 26.63 -16.77
N ALA E 252 -31.47 25.84 -16.16
CA ALA E 252 -30.83 24.74 -16.86
C ALA E 252 -31.86 23.65 -17.06
N PRO E 253 -31.79 22.95 -18.20
CA PRO E 253 -32.77 21.89 -18.46
C PRO E 253 -32.57 20.69 -17.54
N LYS E 254 -33.65 20.02 -17.17
CA LYS E 254 -33.52 18.77 -16.44
C LYS E 254 -32.86 17.73 -17.35
N LEU E 255 -31.93 16.97 -16.78
CA LEU E 255 -31.19 15.97 -17.54
C LEU E 255 -31.49 14.58 -16.99
N LYS E 256 -31.31 13.56 -17.82
CA LYS E 256 -31.55 12.19 -17.38
C LYS E 256 -30.48 11.70 -16.42
N LEU E 257 -29.24 12.17 -16.60
CA LEU E 257 -28.10 11.72 -15.79
C LEU E 257 -27.49 12.91 -15.07
N LYS E 258 -26.57 12.62 -14.13
CA LYS E 258 -25.77 13.68 -13.50
C LYS E 258 -24.69 14.14 -14.47
N PRO E 259 -24.23 15.40 -14.36
CA PRO E 259 -23.14 15.86 -15.24
C PRO E 259 -21.91 14.94 -15.27
N SER E 260 -21.46 14.42 -14.12
CA SER E 260 -20.28 13.54 -14.10
C SER E 260 -20.55 12.20 -14.80
N GLU E 261 -21.81 11.80 -14.83
CA GLU E 261 -22.24 10.58 -15.49
C GLU E 261 -22.22 10.73 -17.00
N TYR E 262 -22.59 11.90 -17.50
CA TYR E 262 -22.33 12.19 -18.92
C TYR E 262 -20.84 12.16 -19.19
N PHE E 263 -20.04 12.74 -18.30
CA PHE E 263 -18.61 12.78 -18.57
C PHE E 263 -18.02 11.37 -18.67
N ARG E 264 -18.41 10.47 -17.79
CA ARG E 264 -17.87 9.10 -17.86
C ARG E 264 -18.49 8.28 -18.99
N ARG E 265 -19.78 8.51 -19.28
CA ARG E 265 -20.44 7.73 -20.32
C ARG E 265 -20.02 8.16 -21.73
N ASN E 266 -19.96 9.46 -21.94
CA ASN E 266 -19.82 10.02 -23.29
C ASN E 266 -18.44 10.60 -23.61
N PHE E 267 -17.57 10.73 -22.62
CA PHE E 267 -16.25 11.30 -22.86
C PHE E 267 -15.11 10.32 -22.53
N ALA E 268 -13.98 10.52 -23.19
CA ALA E 268 -12.71 9.92 -22.78
C ALA E 268 -11.70 11.05 -22.84
N ILE E 269 -10.55 10.85 -22.22
CA ILE E 269 -9.56 11.93 -22.16
C ILE E 269 -8.20 11.46 -22.61
N THR E 270 -7.33 12.41 -22.93
CA THR E 270 -5.94 12.03 -23.20
C THR E 270 -4.99 12.83 -22.34
N THR E 271 -3.73 12.39 -22.30
CA THR E 271 -2.74 12.99 -21.40
C THR E 271 -1.89 14.06 -22.07
N SER E 272 -2.28 14.48 -23.26
CA SER E 272 -1.48 15.45 -24.03
C SER E 272 -1.11 16.65 -23.18
N GLY E 273 0.18 16.98 -23.13
CA GLY E 273 0.62 18.17 -22.42
C GLY E 273 0.47 18.17 -20.91
N VAL E 274 0.10 17.01 -20.33
CA VAL E 274 -0.01 16.90 -18.86
C VAL E 274 0.72 15.65 -18.42
N GLU E 275 2.04 15.75 -18.39
CA GLU E 275 2.88 14.60 -18.07
C GLU E 275 3.08 14.52 -16.56
N SER E 276 1.97 14.40 -15.84
CA SER E 276 1.99 14.34 -14.37
C SER E 276 1.48 13.00 -13.93
N HIS E 277 2.31 12.20 -13.26
CA HIS E 277 1.85 10.93 -12.73
C HIS E 277 0.69 11.11 -11.73
N ALA E 278 0.73 12.19 -10.95
CA ALA E 278 -0.33 12.46 -9.97
C ALA E 278 -1.66 12.75 -10.65
N ALA E 279 -1.62 13.55 -11.71
CA ALA E 279 -2.84 13.88 -12.44
C ALA E 279 -3.36 12.65 -13.18
N LEU E 280 -2.44 11.83 -13.68
CA LEU E 280 -2.82 10.58 -14.34
C LEU E 280 -3.55 9.64 -13.39
N ARG E 281 -2.95 9.43 -12.22
CA ARG E 281 -3.55 8.52 -11.24
C ARG E 281 -4.92 9.03 -10.81
N TYR E 282 -5.04 10.34 -10.59
CA TYR E 282 -6.33 10.93 -10.21
C TYR E 282 -7.37 10.61 -11.28
N SER E 283 -7.00 10.81 -12.55
CA SER E 283 -7.95 10.65 -13.64
C SER E 283 -8.40 9.20 -13.80
N ILE E 284 -7.45 8.27 -13.73
CA ILE E 284 -7.79 6.86 -13.73
C ILE E 284 -8.73 6.51 -12.57
N GLU E 285 -8.50 7.11 -11.40
CA GLU E 285 -9.36 6.85 -10.25
C GLU E 285 -10.81 7.30 -10.45
N VAL E 286 -10.99 8.50 -10.98
CA VAL E 286 -12.33 9.09 -11.07
C VAL E 286 -13.06 8.75 -12.37
N LEU E 287 -12.33 8.42 -13.42
CA LEU E 287 -12.95 8.12 -14.73
C LEU E 287 -12.98 6.64 -15.05
N GLY E 288 -12.06 5.89 -14.47
CA GLY E 288 -11.86 4.49 -14.85
C GLY E 288 -10.76 4.37 -15.87
N PRO E 289 -10.00 3.27 -15.82
CA PRO E 289 -8.82 3.11 -16.71
C PRO E 289 -9.16 3.02 -18.19
N GLU E 290 -10.40 2.66 -18.53
CA GLU E 290 -10.80 2.57 -19.94
C GLU E 290 -10.99 3.94 -20.57
N ASN E 291 -10.99 4.99 -19.76
CA ASN E 291 -11.31 6.31 -20.27
C ASN E 291 -10.13 7.25 -20.42
N VAL E 292 -8.91 6.74 -20.22
CA VAL E 292 -7.72 7.59 -20.31
C VAL E 292 -6.77 7.07 -21.38
N MET E 293 -6.37 7.93 -22.32
CA MET E 293 -5.43 7.56 -23.38
C MET E 293 -4.17 8.43 -23.35
N TRP E 294 -3.04 7.86 -23.77
CA TRP E 294 -1.79 8.59 -23.87
C TRP E 294 -1.72 9.40 -25.17
N ALA E 295 -0.99 10.51 -25.13
CA ALA E 295 -0.73 11.31 -26.32
C ALA E 295 0.59 12.05 -26.11
N ILE E 296 1.14 12.56 -27.20
CA ILE E 296 2.37 13.37 -27.13
C ILE E 296 2.06 14.85 -27.27
N ASP E 297 1.18 15.18 -28.23
CA ASP E 297 0.95 16.55 -28.68
C ASP E 297 2.13 17.05 -29.53
N TYR E 298 2.71 16.12 -30.30
CA TYR E 298 3.76 16.44 -31.26
C TYR E 298 3.13 17.23 -32.41
N PRO E 299 3.82 18.24 -32.95
CA PRO E 299 5.18 18.71 -32.67
C PRO E 299 5.24 19.84 -31.66
N TYR E 300 4.13 20.16 -31.03
CA TYR E 300 4.12 21.25 -30.05
C TYR E 300 4.82 20.83 -28.76
N GLN E 301 4.92 19.52 -28.55
CA GLN E 301 5.70 18.94 -27.46
C GLN E 301 6.59 17.86 -28.03
N PRO E 302 7.75 17.62 -27.41
CA PRO E 302 8.70 16.61 -27.89
C PRO E 302 8.28 15.19 -27.50
N MET E 303 8.72 14.20 -28.28
CA MET E 303 8.29 12.82 -28.04
C MET E 303 8.93 12.15 -26.82
N ALA E 304 10.25 12.29 -26.63
CA ALA E 304 10.93 11.52 -25.58
C ALA E 304 10.32 11.69 -24.19
N PRO E 305 10.08 12.94 -23.76
CA PRO E 305 9.51 13.10 -22.40
C PRO E 305 8.11 12.49 -22.26
N ALA E 306 7.28 12.66 -23.29
CA ALA E 306 5.94 12.07 -23.26
C ALA E 306 6.01 10.55 -23.18
N VAL E 307 6.91 9.96 -23.96
CA VAL E 307 7.09 8.52 -23.94
C VAL E 307 7.59 8.04 -22.57
N GLN E 308 8.56 8.75 -22.01
CA GLN E 308 9.12 8.30 -20.75
C GLN E 308 8.14 8.51 -19.59
N PHE E 309 7.27 9.51 -19.73
CA PHE E 309 6.17 9.72 -18.80
C PHE E 309 5.30 8.47 -18.67
N ILE E 310 4.88 7.89 -19.79
CA ILE E 310 3.97 6.75 -19.70
C ILE E 310 4.74 5.46 -19.38
N ARG E 311 5.97 5.31 -19.90
CA ARG E 311 6.76 4.12 -19.60
C ARG E 311 7.13 4.00 -18.13
N THR E 312 7.17 5.12 -17.41
CA THR E 312 7.53 5.10 -16.00
C THR E 312 6.32 5.32 -15.08
N ALA E 313 5.12 5.31 -15.63
CA ALA E 313 3.94 5.60 -14.81
C ALA E 313 3.76 4.54 -13.72
N PRO E 314 3.48 4.99 -12.48
CA PRO E 314 3.36 4.06 -11.35
C PRO E 314 1.99 3.40 -11.32
N ILE E 315 1.69 2.66 -12.39
CA ILE E 315 0.43 1.94 -12.53
C ILE E 315 0.73 0.50 -12.96
N PRO E 316 -0.20 -0.45 -12.72
CA PRO E 316 0.07 -1.82 -13.11
C PRO E 316 0.24 -1.94 -14.61
N GLU E 317 0.94 -2.98 -15.05
CA GLU E 317 1.24 -3.13 -16.46
C GLU E 317 -0.01 -3.25 -17.35
N ASP E 318 -1.05 -3.94 -16.87
CA ASP E 318 -2.25 -4.04 -17.70
C ASP E 318 -2.95 -2.68 -17.92
N VAL E 319 -3.05 -1.89 -16.86
CA VAL E 319 -3.62 -0.55 -16.98
C VAL E 319 -2.69 0.32 -17.84
N LYS E 320 -1.39 0.13 -17.71
CA LYS E 320 -0.46 0.92 -18.53
C LYS E 320 -0.67 0.61 -20.00
N ALA E 321 -0.91 -0.65 -20.33
CA ALA E 321 -1.14 -1.05 -21.72
C ALA E 321 -2.41 -0.40 -22.26
N MET E 322 -3.44 -0.33 -21.42
CA MET E 322 -4.69 0.30 -21.82
C MET E 322 -4.46 1.78 -22.15
N VAL E 323 -3.84 2.48 -21.21
CA VAL E 323 -3.58 3.90 -21.40
C VAL E 323 -2.64 4.16 -22.59
N ALA E 324 -1.58 3.36 -22.69
CA ALA E 324 -0.58 3.54 -23.75
C ALA E 324 -1.10 3.35 -25.17
N GLY E 325 -2.06 2.45 -25.37
CA GLY E 325 -2.59 2.20 -26.70
C GLY E 325 -3.88 1.39 -26.81
N GLY E 326 -4.15 0.56 -25.82
CA GLY E 326 -5.33 -0.31 -25.89
C GLY E 326 -6.64 0.45 -26.00
N ASN E 327 -6.80 1.49 -25.19
CA ASN E 327 -8.02 2.30 -25.22
C ASN E 327 -8.15 3.02 -26.55
N ALA E 328 -7.04 3.57 -27.05
CA ALA E 328 -7.07 4.24 -28.34
C ALA E 328 -7.45 3.28 -29.47
N ALA E 329 -6.93 2.05 -29.40
CA ALA E 329 -7.23 1.09 -30.45
C ALA E 329 -8.72 0.78 -30.50
N ARG E 330 -9.36 0.77 -29.33
CA ARG E 330 -10.80 0.58 -29.25
C ARG E 330 -11.57 1.80 -29.75
N ILE E 331 -11.25 2.96 -29.18
CA ILE E 331 -12.03 4.16 -29.42
C ILE E 331 -11.87 4.65 -30.86
N PHE E 332 -10.66 4.51 -31.40
CA PHE E 332 -10.36 4.97 -32.76
C PHE E 332 -10.20 3.85 -33.80
N ARG E 333 -10.71 2.67 -33.47
CA ARG E 333 -10.85 1.59 -34.45
C ARG E 333 -9.54 1.29 -35.18
N ILE E 334 -8.50 1.02 -34.40
CA ILE E 334 -7.19 0.67 -34.92
C ILE E 334 -6.94 -0.80 -34.63
N THR E 335 -6.57 -1.55 -35.65
CA THR E 335 -6.18 -2.94 -35.44
C THR E 335 -4.78 -3.02 -34.82
N SER F 1 9.17 -21.79 -13.97
CA SER F 1 8.41 -21.24 -15.10
C SER F 1 8.87 -19.82 -15.44
N LEU F 2 9.41 -19.11 -14.47
CA LEU F 2 10.02 -17.81 -14.75
C LEU F 2 11.18 -18.04 -15.72
N ARG F 3 11.18 -17.36 -16.87
CA ARG F 3 12.29 -17.50 -17.81
C ARG F 3 13.46 -16.60 -17.44
N LEU F 4 14.57 -17.22 -17.04
CA LEU F 4 15.74 -16.49 -16.59
C LEU F 4 16.82 -16.45 -17.66
N ILE F 5 17.11 -15.23 -18.15
CA ILE F 5 18.21 -15.02 -19.08
C ILE F 5 19.22 -14.10 -18.43
N ALA F 6 20.37 -14.66 -18.07
CA ALA F 6 21.41 -13.91 -17.37
C ALA F 6 22.26 -13.16 -18.39
N THR F 7 22.39 -11.84 -18.23
CA THR F 7 22.94 -11.00 -19.29
C THR F 7 24.40 -10.52 -19.16
N GLU F 8 25.11 -10.91 -18.11
CA GLU F 8 26.50 -10.46 -17.98
C GLU F 8 27.41 -11.61 -17.59
N GLU F 9 27.48 -12.62 -18.45
CA GLU F 9 28.12 -13.86 -18.06
C GLU F 9 29.39 -14.05 -18.86
N ALA F 10 30.51 -14.01 -18.14
CA ALA F 10 31.81 -13.94 -18.77
C ALA F 10 32.29 -15.30 -19.23
N VAL F 11 33.05 -15.30 -20.33
CA VAL F 11 33.65 -16.51 -20.87
C VAL F 11 35.01 -16.12 -21.43
N THR F 12 35.90 -17.09 -21.63
CA THR F 12 37.13 -16.84 -22.37
C THR F 12 37.44 -18.02 -23.28
N PHE F 13 38.45 -17.84 -24.14
CA PHE F 13 38.86 -18.87 -25.10
C PHE F 13 40.38 -18.94 -25.07
N GLN F 14 40.93 -20.11 -25.38
CA GLN F 14 42.36 -20.35 -25.25
C GLN F 14 43.27 -19.33 -25.96
N PRO F 15 42.92 -18.92 -27.20
CA PRO F 15 43.81 -17.94 -27.83
C PRO F 15 43.92 -16.63 -27.06
N VAL F 16 42.81 -16.17 -26.45
CA VAL F 16 42.83 -14.96 -25.65
C VAL F 16 43.58 -15.18 -24.33
N VAL F 17 43.30 -16.30 -23.68
CA VAL F 17 44.03 -16.67 -22.47
C VAL F 17 45.55 -16.65 -22.67
N ASP F 18 46.01 -17.33 -23.71
CA ASP F 18 47.44 -17.40 -23.99
C ASP F 18 48.03 -16.03 -24.26
N ALA F 19 47.30 -15.19 -24.99
CA ALA F 19 47.79 -13.84 -25.24
C ALA F 19 47.89 -13.04 -23.95
N LEU F 20 46.92 -13.21 -23.05
CA LEU F 20 46.98 -12.51 -21.75
C LEU F 20 48.07 -13.06 -20.84
N ARG F 21 48.33 -14.36 -20.93
CA ARG F 21 49.43 -14.94 -20.16
C ARG F 21 50.74 -14.25 -20.54
N ALA F 22 50.97 -14.11 -21.84
CA ALA F 22 52.17 -13.43 -22.30
C ALA F 22 52.15 -11.95 -21.90
N HIS F 23 50.98 -11.33 -21.97
CA HIS F 23 50.89 -9.91 -21.65
C HIS F 23 51.22 -9.64 -20.19
N SER F 24 50.91 -10.62 -19.35
CA SER F 24 51.12 -10.50 -17.91
C SER F 24 52.59 -10.33 -17.55
N ARG F 25 53.49 -10.70 -18.46
CA ARG F 25 54.92 -10.62 -18.19
C ARG F 25 55.54 -9.30 -18.64
N THR F 26 54.73 -8.45 -19.27
CA THR F 26 55.24 -7.19 -19.81
C THR F 26 55.20 -6.10 -18.74
N ASP F 27 55.74 -4.93 -19.07
CA ASP F 27 55.77 -3.82 -18.13
C ASP F 27 54.64 -2.81 -18.40
N ASP F 28 53.53 -3.30 -18.95
CA ASP F 28 52.33 -2.49 -19.15
C ASP F 28 51.97 -1.86 -17.81
N ALA F 29 51.69 -0.55 -17.81
CA ALA F 29 51.39 0.15 -16.56
C ALA F 29 49.88 0.29 -16.32
N SER F 30 49.07 -0.25 -17.21
CA SER F 30 47.62 -0.24 -17.05
C SER F 30 47.20 -0.86 -15.71
N LEU F 31 46.21 -0.27 -15.05
CA LEU F 31 45.71 -0.77 -13.77
C LEU F 31 45.07 -2.16 -13.91
N ASP F 32 44.69 -2.53 -15.14
CA ASP F 32 44.16 -3.87 -15.35
C ASP F 32 45.21 -4.95 -15.14
N MET F 33 46.48 -4.55 -15.09
CA MET F 33 47.57 -5.53 -14.91
C MET F 33 47.48 -6.22 -13.57
N ILE F 34 46.80 -5.60 -12.61
CA ILE F 34 46.58 -6.24 -11.31
C ILE F 34 45.76 -7.52 -11.51
N LEU F 35 44.58 -7.37 -12.12
CA LEU F 35 43.73 -8.50 -12.47
C LEU F 35 44.46 -9.46 -13.41
N VAL F 36 45.06 -8.93 -14.46
CA VAL F 36 45.71 -9.79 -15.45
C VAL F 36 46.77 -10.70 -14.80
N ARG F 37 47.58 -10.15 -13.90
CA ARG F 37 48.55 -10.99 -13.19
C ARG F 37 47.87 -12.01 -12.26
N ASP F 38 46.83 -11.57 -11.54
CA ASP F 38 46.14 -12.45 -10.59
C ASP F 38 45.48 -13.64 -11.26
N VAL F 39 44.99 -13.43 -12.48
CA VAL F 39 44.26 -14.49 -13.19
C VAL F 39 45.12 -15.20 -14.23
N TYR F 40 45.86 -14.43 -15.03
CA TYR F 40 46.59 -14.97 -16.17
C TYR F 40 48.10 -15.10 -15.96
N GLY F 41 48.58 -14.66 -14.80
CA GLY F 41 50.01 -14.66 -14.50
C GLY F 41 50.58 -16.04 -14.24
N ASP F 42 51.91 -16.12 -14.20
CA ASP F 42 52.62 -17.37 -14.00
C ASP F 42 52.49 -17.93 -12.58
N GLU F 43 52.27 -17.04 -11.62
CA GLU F 43 52.00 -17.45 -10.24
C GLU F 43 50.73 -16.74 -9.76
N PRO F 44 49.59 -17.21 -10.26
CA PRO F 44 48.33 -16.48 -10.11
C PRO F 44 47.72 -16.57 -8.71
N ALA F 45 47.26 -15.45 -8.18
CA ALA F 45 46.58 -15.45 -6.88
C ALA F 45 45.19 -16.09 -6.98
N ARG F 46 44.63 -16.10 -8.18
CA ARG F 46 43.30 -16.67 -8.42
C ARG F 46 43.41 -17.76 -9.50
N PRO F 47 44.02 -18.90 -9.14
CA PRO F 47 44.41 -19.93 -10.12
C PRO F 47 43.24 -20.70 -10.73
N ALA F 48 42.06 -20.67 -10.11
CA ALA F 48 40.92 -21.41 -10.65
C ALA F 48 40.12 -20.62 -11.69
N MET F 49 40.41 -19.34 -11.83
CA MET F 49 39.54 -18.47 -12.63
C MET F 49 39.55 -18.78 -14.13
N ILE F 50 40.72 -19.05 -14.69
CA ILE F 50 40.79 -19.34 -16.12
C ILE F 50 39.89 -20.54 -16.44
N GLY F 51 39.99 -21.57 -15.62
CA GLY F 51 39.18 -22.77 -15.81
C GLY F 51 37.70 -22.46 -15.73
N ARG F 52 37.32 -21.62 -14.78
CA ARG F 52 35.91 -21.30 -14.61
C ARG F 52 35.37 -20.44 -15.75
N LEU F 53 36.17 -19.48 -16.23
CA LEU F 53 35.78 -18.65 -17.36
C LEU F 53 35.70 -19.47 -18.66
N SER F 54 36.59 -20.44 -18.80
CA SER F 54 36.69 -21.18 -20.05
C SER F 54 35.56 -22.20 -20.18
N ASP F 55 35.07 -22.66 -19.03
CA ASP F 55 34.03 -23.68 -19.03
C ASP F 55 32.65 -23.15 -19.40
N VAL F 56 31.97 -23.88 -20.28
CA VAL F 56 30.63 -23.51 -20.69
C VAL F 56 29.65 -24.66 -20.45
N THR F 57 30.01 -25.86 -20.91
CA THR F 57 29.09 -27.01 -20.88
C THR F 57 29.28 -27.96 -19.69
N GLY F 58 30.23 -27.65 -18.82
CA GLY F 58 30.47 -28.45 -17.63
C GLY F 58 29.79 -27.88 -16.39
N GLU F 59 30.58 -27.36 -15.46
CA GLU F 59 30.03 -26.79 -14.24
C GLU F 59 29.02 -25.68 -14.49
N ARG F 60 29.30 -24.81 -15.46
CA ARG F 60 28.42 -23.67 -15.73
C ARG F 60 27.00 -24.17 -16.05
N LEU F 61 26.91 -25.11 -16.99
CA LEU F 61 25.61 -25.64 -17.38
C LEU F 61 24.96 -26.45 -16.26
N ALA F 62 25.75 -27.22 -15.51
CA ALA F 62 25.21 -27.94 -14.36
C ALA F 62 24.58 -26.97 -13.36
N GLU F 63 25.27 -25.87 -13.08
N GLU F 63 25.27 -25.86 -13.09
CA GLU F 63 24.77 -24.86 -12.17
CA GLU F 63 24.75 -24.87 -12.15
C GLU F 63 23.50 -24.21 -12.71
C GLU F 63 23.54 -24.12 -12.70
N MET F 64 23.48 -23.93 -14.01
CA MET F 64 22.30 -23.34 -14.63
C MET F 64 21.12 -24.31 -14.45
N ASP F 65 21.39 -25.59 -14.64
CA ASP F 65 20.33 -26.61 -14.48
C ASP F 65 19.85 -26.70 -13.03
N SER F 66 20.77 -26.69 -12.07
N SER F 66 20.77 -26.69 -12.07
CA SER F 66 20.40 -26.83 -10.66
CA SER F 66 20.41 -26.83 -10.67
C SER F 66 19.62 -25.63 -10.14
C SER F 66 19.61 -25.63 -10.15
N ASN F 67 19.81 -24.47 -10.77
CA ASN F 67 19.15 -23.24 -10.32
C ASN F 67 18.02 -22.78 -11.24
N GLY F 68 17.74 -23.56 -12.28
CA GLY F 68 16.63 -23.26 -13.16
C GLY F 68 16.87 -22.04 -14.02
N VAL F 69 18.12 -21.84 -14.44
CA VAL F 69 18.45 -20.72 -15.31
C VAL F 69 18.36 -21.17 -16.76
N ASP F 70 17.55 -20.48 -17.56
CA ASP F 70 17.37 -20.87 -18.96
C ASP F 70 18.61 -20.60 -19.81
N MET F 71 19.19 -19.40 -19.70
CA MET F 71 20.27 -19.01 -20.60
C MET F 71 21.32 -18.10 -19.93
N HIS F 72 22.55 -18.18 -20.44
CA HIS F 72 23.55 -17.15 -20.23
C HIS F 72 23.77 -16.45 -21.55
N LEU F 73 23.75 -15.12 -21.52
CA LEU F 73 24.27 -14.31 -22.61
C LEU F 73 25.75 -14.13 -22.33
N LEU F 74 26.59 -14.81 -23.12
CA LEU F 74 28.03 -14.83 -22.92
C LEU F 74 28.77 -13.62 -23.51
N SER F 75 29.79 -13.14 -22.79
CA SER F 75 30.65 -12.08 -23.29
C SER F 75 32.11 -12.41 -22.98
N LEU F 76 33.02 -12.12 -23.91
CA LEU F 76 34.44 -12.25 -23.62
C LEU F 76 34.76 -11.41 -22.40
N THR F 77 35.38 -12.05 -21.40
CA THR F 77 35.65 -11.42 -20.11
C THR F 77 36.57 -10.21 -20.27
N ALA F 78 36.39 -9.21 -19.40
CA ALA F 78 37.27 -8.04 -19.40
C ALA F 78 38.67 -8.52 -19.07
N PRO F 79 39.71 -7.87 -19.64
CA PRO F 79 39.69 -6.67 -20.48
C PRO F 79 39.49 -6.93 -21.97
N GLY F 80 38.90 -8.07 -22.33
CA GLY F 80 38.68 -8.38 -23.74
C GLY F 80 39.96 -8.40 -24.56
N VAL F 81 39.93 -7.75 -25.73
CA VAL F 81 41.13 -7.70 -26.57
C VAL F 81 41.73 -6.30 -26.56
N GLN F 82 41.30 -5.48 -25.60
CA GLN F 82 41.65 -4.06 -25.59
C GLN F 82 43.03 -3.68 -25.07
N MET F 83 43.72 -4.60 -24.39
CA MET F 83 45.05 -4.27 -23.87
C MET F 83 46.15 -4.47 -24.90
N PHE F 84 45.82 -5.17 -25.98
CA PHE F 84 46.80 -5.56 -26.99
C PHE F 84 47.08 -4.43 -27.98
N ASP F 85 48.18 -4.52 -28.73
CA ASP F 85 48.42 -3.59 -29.83
C ASP F 85 47.30 -3.74 -30.87
N ALA F 86 47.14 -2.74 -31.73
CA ALA F 86 46.02 -2.72 -32.69
C ALA F 86 45.93 -3.99 -33.55
N GLU F 87 47.05 -4.41 -34.12
CA GLU F 87 47.05 -5.58 -35.00
C GLU F 87 46.65 -6.85 -34.26
N THR F 88 47.25 -7.08 -33.10
CA THR F 88 46.95 -8.26 -32.28
C THR F 88 45.49 -8.24 -31.81
N GLY F 89 45.01 -7.08 -31.38
CA GLY F 89 43.65 -6.96 -30.90
C GLY F 89 42.66 -7.29 -32.00
N THR F 90 42.91 -6.73 -33.19
CA THR F 90 42.06 -6.96 -34.35
C THR F 90 41.98 -8.44 -34.69
N ARG F 91 43.14 -9.09 -34.71
CA ARG F 91 43.22 -10.52 -34.99
C ARG F 91 42.49 -11.34 -33.93
N LEU F 92 42.72 -11.03 -32.66
CA LEU F 92 42.09 -11.83 -31.62
C LEU F 92 40.58 -11.62 -31.52
N ALA F 93 40.12 -10.42 -31.87
CA ALA F 93 38.68 -10.16 -31.86
C ALA F 93 37.96 -11.11 -32.82
N ARG F 94 38.51 -11.25 -34.02
CA ARG F 94 37.92 -12.15 -35.02
C ARG F 94 37.85 -13.59 -34.52
N ILE F 95 38.96 -14.06 -33.97
CA ILE F 95 39.05 -15.41 -33.43
C ILE F 95 38.05 -15.60 -32.27
N ALA F 96 38.05 -14.69 -31.31
CA ALA F 96 37.14 -14.81 -30.17
C ALA F 96 35.68 -14.77 -30.60
N ASN F 97 35.38 -13.93 -31.60
CA ASN F 97 34.01 -13.85 -32.10
C ASN F 97 33.61 -15.13 -32.82
N ASP F 98 34.53 -15.72 -33.57
CA ASP F 98 34.24 -16.99 -34.23
C ASP F 98 33.98 -18.06 -33.18
N LEU F 99 34.82 -18.09 -32.15
CA LEU F 99 34.67 -19.09 -31.09
C LEU F 99 33.36 -18.88 -30.30
N MET F 100 32.96 -17.62 -30.14
CA MET F 100 31.70 -17.30 -29.47
C MET F 100 30.51 -17.82 -30.29
N ALA F 101 30.53 -17.57 -31.59
CA ALA F 101 29.48 -18.07 -32.47
C ALA F 101 29.39 -19.59 -32.44
N GLN F 102 30.54 -20.25 -32.41
CA GLN F 102 30.55 -21.71 -32.32
C GLN F 102 30.00 -22.20 -30.98
N THR F 103 30.34 -21.50 -29.91
CA THR F 103 29.86 -21.87 -28.58
C THR F 103 28.33 -21.77 -28.54
N VAL F 104 27.80 -20.72 -29.13
CA VAL F 104 26.37 -20.48 -29.16
C VAL F 104 25.71 -21.56 -30.00
N ALA F 105 26.31 -21.89 -31.14
CA ALA F 105 25.71 -22.85 -32.06
C ALA F 105 25.66 -24.26 -31.48
N ALA F 106 26.52 -24.54 -30.51
CA ALA F 106 26.58 -25.86 -29.91
C ALA F 106 25.44 -26.10 -28.91
N ASN F 107 24.93 -25.01 -28.33
CA ASN F 107 23.79 -25.11 -27.40
C ASN F 107 22.93 -23.86 -27.46
N PRO F 108 22.25 -23.63 -28.59
CA PRO F 108 21.62 -22.32 -28.81
C PRO F 108 20.37 -22.03 -28.00
N THR F 109 19.80 -23.03 -27.31
CA THR F 109 18.70 -22.74 -26.38
C THR F 109 19.21 -22.36 -24.99
N ARG F 110 20.48 -22.62 -24.72
CA ARG F 110 21.05 -22.27 -23.41
C ARG F 110 22.03 -21.11 -23.43
N PHE F 111 22.57 -20.78 -24.60
CA PHE F 111 23.57 -19.71 -24.67
C PHE F 111 23.31 -18.76 -25.82
N ALA F 112 23.46 -17.48 -25.53
CA ALA F 112 23.47 -16.45 -26.56
C ALA F 112 24.83 -15.78 -26.42
N GLY F 113 25.20 -14.91 -27.35
CA GLY F 113 26.54 -14.35 -27.30
C GLY F 113 26.69 -12.93 -27.79
N LEU F 114 27.58 -12.19 -27.14
CA LEU F 114 27.95 -10.86 -27.58
C LEU F 114 29.31 -10.94 -28.26
N GLY F 115 29.44 -10.30 -29.42
CA GLY F 115 30.73 -10.17 -30.05
C GLY F 115 31.49 -8.96 -29.53
N THR F 116 32.81 -8.96 -29.69
CA THR F 116 33.62 -7.84 -29.24
C THR F 116 34.47 -7.32 -30.39
N PHE F 117 35.29 -6.30 -30.13
CA PHE F 117 36.06 -5.68 -31.19
C PHE F 117 37.22 -4.94 -30.57
N ALA F 118 38.18 -4.53 -31.40
CA ALA F 118 39.38 -3.86 -30.93
C ALA F 118 39.33 -2.42 -31.41
N PRO F 119 38.80 -1.51 -30.59
CA PRO F 119 38.63 -0.12 -31.06
C PRO F 119 39.95 0.64 -31.11
N GLN F 120 41.06 -0.03 -30.79
CA GLN F 120 42.39 0.51 -31.09
C GLN F 120 42.51 0.91 -32.57
N ASP F 121 41.74 0.23 -33.42
CA ASP F 121 41.69 0.50 -34.86
C ASP F 121 40.21 0.65 -35.24
N PRO F 122 39.67 1.86 -35.11
CA PRO F 122 38.23 2.08 -35.32
C PRO F 122 37.70 1.58 -36.66
N ALA F 123 38.46 1.77 -37.74
CA ALA F 123 38.02 1.30 -39.05
C ALA F 123 37.89 -0.22 -39.10
N SER F 124 38.88 -0.92 -38.55
CA SER F 124 38.82 -2.38 -38.55
C SER F 124 37.75 -2.89 -37.58
N ALA F 125 37.57 -2.18 -36.47
CA ALA F 125 36.53 -2.55 -35.52
C ALA F 125 35.16 -2.42 -36.17
N ALA F 126 34.98 -1.37 -36.97
CA ALA F 126 33.72 -1.17 -37.68
C ALA F 126 33.43 -2.35 -38.62
N ARG F 127 34.47 -2.82 -39.30
CA ARG F 127 34.29 -3.95 -40.20
C ARG F 127 33.91 -5.21 -39.42
N GLU F 128 34.51 -5.40 -38.26
CA GLU F 128 34.20 -6.58 -37.45
C GLU F 128 32.80 -6.52 -36.84
N ILE F 129 32.35 -5.32 -36.46
CA ILE F 129 30.99 -5.15 -35.97
C ILE F 129 29.99 -5.56 -37.03
N GLU F 130 30.24 -5.13 -38.27
CA GLU F 130 29.37 -5.56 -39.38
C GLU F 130 29.36 -7.08 -39.55
N ARG F 131 30.54 -7.69 -39.44
CA ARG F 131 30.63 -9.16 -39.57
C ARG F 131 29.88 -9.87 -38.45
N VAL F 132 30.01 -9.36 -37.23
CA VAL F 132 29.31 -9.90 -36.08
C VAL F 132 27.79 -9.87 -36.28
N ALA F 133 27.29 -8.76 -36.81
CA ALA F 133 25.85 -8.57 -37.00
C ALA F 133 25.28 -9.39 -38.15
N THR F 134 25.96 -9.40 -39.29
CA THR F 134 25.40 -9.98 -40.51
C THR F 134 25.88 -11.38 -40.87
N GLN F 135 27.10 -11.73 -40.48
CA GLN F 135 27.64 -13.03 -40.82
C GLN F 135 27.54 -14.01 -39.66
N LEU F 136 28.06 -13.62 -38.51
CA LEU F 136 28.00 -14.49 -37.33
C LEU F 136 26.60 -14.47 -36.72
N ARG F 137 25.91 -13.35 -36.92
CA ARG F 137 24.57 -13.13 -36.37
C ARG F 137 24.52 -13.33 -34.85
N LEU F 138 25.49 -12.74 -34.16
CA LEU F 138 25.49 -12.77 -32.70
C LEU F 138 24.42 -11.81 -32.14
N ASN F 139 24.19 -11.90 -30.85
CA ASN F 139 23.05 -11.22 -30.25
C ASN F 139 23.28 -9.76 -29.90
N GLY F 140 24.53 -9.34 -29.88
CA GLY F 140 24.85 -7.98 -29.48
C GLY F 140 26.35 -7.81 -29.44
N LEU F 141 26.81 -6.74 -28.78
CA LEU F 141 28.22 -6.44 -28.70
C LEU F 141 28.60 -6.15 -27.25
N VAL F 142 29.87 -6.38 -26.93
CA VAL F 142 30.43 -6.02 -25.63
C VAL F 142 31.78 -5.34 -25.81
N ILE F 143 32.04 -4.32 -24.99
CA ILE F 143 33.35 -3.69 -24.93
C ILE F 143 33.57 -3.34 -23.46
N ASN F 144 34.83 -3.24 -23.03
CA ASN F 144 35.11 -3.01 -21.63
C ASN F 144 35.63 -1.62 -21.34
N SER F 145 34.71 -0.72 -21.01
CA SER F 145 34.98 0.71 -20.84
C SER F 145 36.10 1.21 -21.78
N HIS F 146 37.11 1.88 -21.23
CA HIS F 146 38.05 2.65 -22.05
C HIS F 146 38.89 1.81 -23.01
N THR F 147 39.36 2.46 -24.07
CA THR F 147 40.41 1.87 -24.89
C THR F 147 41.52 2.89 -25.08
N ASN F 148 42.77 2.46 -24.88
CA ASN F 148 43.94 3.34 -24.99
C ASN F 148 43.84 4.54 -24.05
N ASP F 149 43.14 4.35 -22.92
CA ASP F 149 42.91 5.40 -21.94
C ASP F 149 42.16 6.60 -22.52
N LEU F 150 41.32 6.33 -23.52
CA LEU F 150 40.38 7.31 -24.05
C LEU F 150 38.96 6.85 -23.81
N TYR F 151 38.03 7.79 -23.64
CA TYR F 151 36.62 7.46 -23.44
C TYR F 151 35.83 7.68 -24.74
N TYR F 152 34.62 7.12 -24.77
CA TYR F 152 33.90 6.98 -26.04
C TYR F 152 33.18 8.23 -26.53
N ASP F 153 33.41 9.35 -25.86
CA ASP F 153 33.07 10.65 -26.43
C ASP F 153 34.06 11.08 -27.51
N ASP F 154 35.25 10.49 -27.49
CA ASP F 154 36.32 10.91 -28.40
C ASP F 154 35.89 10.63 -29.83
N PRO F 155 36.00 11.63 -30.71
CA PRO F 155 35.64 11.47 -32.13
C PRO F 155 36.47 10.39 -32.83
N PHE F 156 37.60 10.01 -32.25
CA PHE F 156 38.41 8.90 -32.75
C PHE F 156 37.56 7.64 -32.93
N PHE F 157 36.59 7.46 -32.04
CA PHE F 157 35.76 6.26 -32.05
C PHE F 157 34.46 6.39 -32.87
N HIS F 158 34.28 7.51 -33.55
CA HIS F 158 33.07 7.69 -34.36
C HIS F 158 32.79 6.54 -35.35
N PRO F 159 33.81 6.03 -36.07
CA PRO F 159 33.49 4.92 -36.99
C PRO F 159 32.95 3.67 -36.29
N VAL F 160 33.37 3.43 -35.05
CA VAL F 160 32.82 2.34 -34.26
C VAL F 160 31.32 2.55 -34.01
N PHE F 161 30.96 3.70 -33.47
CA PHE F 161 29.55 3.93 -33.14
C PHE F 161 28.65 4.09 -34.38
N GLU F 162 29.21 4.61 -35.46
CA GLU F 162 28.49 4.62 -36.72
C GLU F 162 28.10 3.18 -37.08
N ALA F 163 29.05 2.27 -36.99
CA ALA F 163 28.81 0.86 -37.31
C ALA F 163 27.85 0.16 -36.33
N ILE F 164 27.98 0.45 -35.05
CA ILE F 164 27.08 -0.14 -34.06
C ILE F 164 25.66 0.35 -34.31
N GLU F 165 25.51 1.65 -34.49
CA GLU F 165 24.17 2.19 -34.74
C GLU F 165 23.51 1.53 -35.96
N ALA F 166 24.25 1.40 -37.05
CA ALA F 166 23.71 0.83 -38.29
C ALA F 166 23.36 -0.65 -38.13
N SER F 167 24.08 -1.33 -37.24
CA SER F 167 23.92 -2.77 -37.10
C SER F 167 22.65 -3.13 -36.34
N GLY F 168 22.21 -2.19 -35.50
CA GLY F 168 21.08 -2.44 -34.62
C GLY F 168 21.41 -3.28 -33.39
N LEU F 169 22.67 -3.66 -33.24
CA LEU F 169 23.08 -4.42 -32.06
C LEU F 169 23.26 -3.49 -30.87
N ALA F 170 22.74 -3.90 -29.71
CA ALA F 170 23.02 -3.20 -28.46
C ALA F 170 24.47 -3.42 -28.05
N LEU F 171 25.07 -2.40 -27.43
CA LEU F 171 26.45 -2.49 -26.94
C LEU F 171 26.45 -2.51 -25.42
N TYR F 172 26.88 -3.64 -24.84
CA TYR F 172 27.11 -3.72 -23.41
C TYR F 172 28.47 -3.10 -23.12
N ILE F 173 28.49 -2.00 -22.38
CA ILE F 173 29.77 -1.46 -21.93
C ILE F 173 30.07 -1.97 -20.53
N HIS F 174 30.91 -3.00 -20.47
CA HIS F 174 31.31 -3.66 -19.24
C HIS F 174 32.47 -2.87 -18.61
N PRO F 175 32.69 -3.04 -17.30
CA PRO F 175 33.84 -2.32 -16.74
C PRO F 175 35.20 -2.91 -17.11
N ARG F 176 36.23 -2.12 -16.86
CA ARG F 176 37.60 -2.61 -16.69
C ARG F 176 38.20 -1.66 -15.66
N ALA F 177 39.43 -1.88 -15.25
CA ALA F 177 40.03 -1.04 -14.24
C ALA F 177 40.13 0.41 -14.72
N PRO F 178 40.03 1.37 -13.79
CA PRO F 178 40.21 2.80 -14.07
C PRO F 178 41.35 3.06 -15.04
N SER F 179 41.09 3.87 -16.06
CA SER F 179 42.11 4.24 -17.06
C SER F 179 43.25 5.04 -16.43
N LYS F 180 44.28 5.32 -17.22
CA LYS F 180 45.40 6.13 -16.73
C LYS F 180 45.00 7.56 -16.37
N GLN F 181 43.85 8.01 -16.85
CA GLN F 181 43.39 9.35 -16.52
C GLN F 181 43.02 9.46 -15.05
N ILE F 182 42.61 8.33 -14.45
CA ILE F 182 42.12 8.35 -13.07
C ILE F 182 42.73 7.29 -12.13
N ASP F 183 43.57 6.42 -12.65
CA ASP F 183 44.01 5.25 -11.87
C ASP F 183 44.79 5.55 -10.60
N ARG F 184 45.41 6.73 -10.50
CA ARG F 184 46.20 7.05 -9.32
C ARG F 184 45.44 6.88 -8.00
N ALA F 185 44.14 7.19 -8.01
CA ALA F 185 43.32 7.13 -6.81
C ALA F 185 42.77 5.73 -6.48
N PHE F 186 43.13 4.75 -7.30
CA PHE F 186 42.53 3.42 -7.19
C PHE F 186 43.58 2.32 -7.00
N ARG F 187 44.72 2.68 -6.44
CA ARG F 187 45.83 1.74 -6.24
C ARG F 187 45.83 1.09 -4.86
N ASP F 188 44.90 1.51 -4.01
CA ASP F 188 44.88 1.05 -2.62
C ASP F 188 43.59 0.33 -2.22
N TYR F 189 43.70 -0.57 -1.24
CA TYR F 189 42.54 -1.26 -0.65
C TYR F 189 41.71 -2.04 -1.67
N GLY F 190 42.35 -2.49 -2.75
CA GLY F 190 41.68 -3.28 -3.76
C GLY F 190 40.70 -2.52 -4.62
N MET F 191 40.82 -1.20 -4.59
CA MET F 191 39.86 -0.35 -5.27
C MET F 191 40.03 -0.31 -6.78
N ASN F 192 41.06 -0.97 -7.32
CA ASN F 192 41.18 -1.09 -8.77
C ASN F 192 40.01 -1.85 -9.39
N SER F 193 39.37 -2.69 -8.57
CA SER F 193 38.47 -3.71 -9.07
C SER F 193 36.98 -3.38 -8.86
N ALA F 194 36.16 -4.42 -8.74
CA ALA F 194 34.71 -4.25 -8.68
C ALA F 194 34.22 -3.47 -7.46
N ILE F 195 34.98 -3.50 -6.38
CA ILE F 195 34.55 -2.82 -5.15
C ILE F 195 34.36 -1.31 -5.35
N TRP F 196 35.08 -0.69 -6.28
CA TRP F 196 34.88 0.74 -6.50
C TRP F 196 35.30 1.26 -7.88
N GLY F 197 36.51 0.93 -8.28
CA GLY F 197 37.07 1.45 -9.51
C GLY F 197 36.29 1.13 -10.76
N TYR F 198 35.77 -0.10 -10.83
CA TYR F 198 34.99 -0.51 -12.00
C TYR F 198 33.83 0.43 -12.24
N GLY F 199 33.13 0.78 -11.17
CA GLY F 199 31.94 1.61 -11.28
C GLY F 199 32.25 3.04 -11.68
N ILE F 200 33.32 3.58 -11.12
CA ILE F 200 33.69 4.97 -11.40
C ILE F 200 34.17 5.10 -12.85
N GLU F 201 35.01 4.17 -13.26
CA GLU F 201 35.53 4.13 -14.63
C GLU F 201 34.40 4.06 -15.66
N THR F 202 33.46 3.14 -15.44
CA THR F 202 32.46 2.86 -16.45
C THR F 202 31.41 3.97 -16.49
N SER F 203 30.96 4.41 -15.31
CA SER F 203 29.96 5.48 -15.23
C SER F 203 30.52 6.78 -15.80
N THR F 204 31.77 7.08 -15.53
CA THR F 204 32.39 8.29 -16.09
C THR F 204 32.43 8.23 -17.63
N ASN F 205 32.83 7.09 -18.17
CA ASN F 205 32.74 6.85 -19.62
C ASN F 205 31.35 7.18 -20.17
N ALA F 206 30.32 6.56 -19.58
CA ALA F 206 28.95 6.75 -20.03
C ALA F 206 28.47 8.21 -19.92
N VAL F 207 28.83 8.87 -18.83
CA VAL F 207 28.41 10.27 -18.64
C VAL F 207 29.10 11.17 -19.68
N ARG F 208 30.35 10.88 -19.99
CA ARG F 208 31.03 11.61 -21.06
C ARG F 208 30.34 11.40 -22.40
N MET F 209 29.90 10.17 -22.66
CA MET F 209 29.19 9.87 -23.91
C MET F 209 27.92 10.72 -24.02
N ILE F 210 27.12 10.73 -22.95
CA ILE F 210 25.89 11.53 -22.94
C ILE F 210 26.17 13.04 -23.08
N LEU F 211 27.03 13.57 -22.23
CA LEU F 211 27.26 15.01 -22.23
C LEU F 211 27.93 15.53 -23.50
N SER F 212 28.65 14.67 -24.21
CA SER F 212 29.35 15.06 -25.43
C SER F 212 28.42 15.20 -26.61
N GLY F 213 27.21 14.68 -26.47
CA GLY F 213 26.22 14.70 -27.53
C GLY F 213 26.28 13.49 -28.46
N LEU F 214 26.96 12.44 -28.02
CA LEU F 214 27.10 11.26 -28.84
C LEU F 214 25.74 10.73 -29.30
N PHE F 215 24.74 10.85 -28.44
CA PHE F 215 23.42 10.30 -28.76
C PHE F 215 22.52 11.23 -29.58
N ASP F 216 23.00 12.45 -29.85
CA ASP F 216 22.41 13.25 -30.93
C ASP F 216 23.02 12.85 -32.29
N ARG F 217 24.31 12.49 -32.27
CA ARG F 217 24.98 12.06 -33.50
C ARG F 217 24.44 10.70 -33.94
N PHE F 218 24.26 9.80 -32.96
CA PHE F 218 23.82 8.43 -33.22
C PHE F 218 22.62 8.10 -32.32
N PRO F 219 21.44 8.63 -32.66
CA PRO F 219 20.31 8.53 -31.73
C PRO F 219 19.70 7.14 -31.61
N ARG F 220 20.07 6.21 -32.49
CA ARG F 220 19.54 4.86 -32.42
C ARG F 220 20.44 3.88 -31.68
N LEU F 221 21.52 4.38 -31.07
CA LEU F 221 22.37 3.52 -30.26
C LEU F 221 21.62 2.96 -29.06
N LYS F 222 21.87 1.69 -28.73
CA LYS F 222 21.41 1.16 -27.47
C LYS F 222 22.62 0.72 -26.68
N ILE F 223 22.75 1.27 -25.48
CA ILE F 223 23.86 0.93 -24.61
C ILE F 223 23.34 0.21 -23.37
N VAL F 224 24.07 -0.79 -22.91
CA VAL F 224 23.67 -1.53 -21.71
C VAL F 224 24.78 -1.43 -20.66
N LEU F 225 24.38 -1.09 -19.43
CA LEU F 225 25.31 -0.98 -18.31
C LEU F 225 24.94 -1.93 -17.19
N GLY F 226 25.92 -2.70 -16.70
CA GLY F 226 25.68 -3.59 -15.57
C GLY F 226 25.73 -2.89 -14.22
N HIS F 227 25.68 -3.68 -13.15
CA HIS F 227 25.88 -3.13 -11.79
C HIS F 227 24.88 -2.00 -11.50
N MET F 228 23.63 -2.29 -11.83
CA MET F 228 22.51 -1.39 -11.63
C MET F 228 22.77 -0.04 -12.30
N GLY F 229 23.31 -0.11 -13.51
CA GLY F 229 23.54 1.08 -14.31
C GLY F 229 24.73 1.89 -13.83
N GLU F 230 25.65 1.25 -13.10
CA GLU F 230 26.84 1.92 -12.56
C GLU F 230 26.47 3.20 -11.81
N ALA F 231 25.34 3.10 -11.11
CA ALA F 231 24.74 4.14 -10.28
C ALA F 231 24.24 5.39 -10.99
N ILE F 232 24.40 5.45 -12.31
CA ILE F 232 23.83 6.56 -13.08
C ILE F 232 22.32 6.78 -12.81
N PRO F 233 21.53 5.69 -12.68
CA PRO F 233 20.12 5.96 -12.34
C PRO F 233 19.92 6.76 -11.05
N PHE F 234 20.85 6.69 -10.11
CA PHE F 234 20.72 7.40 -8.84
C PHE F 234 20.99 8.90 -9.00
N TRP F 235 21.82 9.24 -10.00
CA TRP F 235 22.30 10.61 -10.23
C TRP F 235 21.46 11.41 -11.23
N LEU F 236 20.41 10.81 -11.77
CA LEU F 236 19.67 11.45 -12.86
C LEU F 236 19.17 12.87 -12.60
N TRP F 237 18.63 13.11 -11.41
CA TRP F 237 18.06 14.44 -11.12
C TRP F 237 19.15 15.50 -11.14
N ARG F 238 20.29 15.18 -10.54
CA ARG F 238 21.43 16.10 -10.46
C ARG F 238 22.10 16.32 -11.82
N LEU F 239 22.19 15.27 -12.62
CA LEU F 239 22.71 15.39 -13.99
C LEU F 239 21.88 16.37 -14.80
N ASP F 240 20.56 16.25 -14.67
CA ASP F 240 19.65 17.15 -15.37
C ASP F 240 19.74 18.57 -14.82
N TYR F 241 19.70 18.70 -13.49
CA TYR F 241 19.69 20.01 -12.88
C TYR F 241 20.92 20.82 -13.26
N MET F 242 22.09 20.20 -13.16
CA MET F 242 23.35 20.91 -13.38
C MET F 242 23.71 21.08 -14.86
N HIS F 243 22.89 20.53 -15.76
CA HIS F 243 23.23 20.61 -17.18
C HIS F 243 23.21 22.03 -17.72
N GLY F 244 22.33 22.86 -17.16
CA GLY F 244 22.25 24.25 -17.57
C GLY F 244 23.53 24.98 -17.30
N ASN F 245 24.09 24.81 -16.11
CA ASN F 245 25.39 25.41 -15.80
C ASN F 245 26.47 24.91 -16.75
N ALA F 246 26.43 23.62 -17.06
CA ALA F 246 27.45 22.98 -17.87
C ALA F 246 27.48 23.58 -19.27
N THR F 247 26.31 23.81 -19.85
CA THR F 247 26.24 24.35 -21.19
C THR F 247 26.41 25.87 -21.19
N THR F 248 26.10 26.50 -20.06
CA THR F 248 26.20 27.95 -19.92
C THR F 248 27.63 28.41 -19.59
N PHE F 249 28.23 27.78 -18.58
CA PHE F 249 29.56 28.20 -18.10
C PHE F 249 30.65 27.19 -18.39
N GLY F 250 30.27 25.94 -18.60
CA GLY F 250 31.25 24.86 -18.65
C GLY F 250 31.69 24.43 -20.03
N GLY F 251 31.13 25.06 -21.07
CA GLY F 251 31.51 24.74 -22.43
C GLY F 251 30.93 23.43 -22.95
N ALA F 252 30.00 22.84 -22.21
CA ALA F 252 29.33 21.64 -22.68
C ALA F 252 28.44 21.99 -23.88
N PRO F 253 28.36 21.08 -24.84
CA PRO F 253 27.52 21.37 -26.02
C PRO F 253 26.04 21.31 -25.69
N LYS F 254 25.24 22.16 -26.34
CA LYS F 254 23.80 22.06 -26.22
C LYS F 254 23.31 20.73 -26.79
N LEU F 255 22.38 20.11 -26.08
CA LEU F 255 21.84 18.82 -26.45
C LEU F 255 20.35 18.94 -26.76
N LYS F 256 19.85 18.03 -27.59
CA LYS F 256 18.43 18.01 -27.93
C LYS F 256 17.53 17.58 -26.77
N LEU F 257 18.04 16.66 -25.95
CA LEU F 257 17.29 16.11 -24.81
C LEU F 257 18.03 16.42 -23.49
N LYS F 258 17.37 16.13 -22.36
CA LYS F 258 18.02 16.21 -21.06
C LYS F 258 18.87 14.95 -20.87
N PRO F 259 19.94 15.04 -20.05
CA PRO F 259 20.77 13.87 -19.76
C PRO F 259 19.97 12.63 -19.37
N SER F 260 18.97 12.78 -18.50
CA SER F 260 18.22 11.62 -18.03
C SER F 260 17.38 11.03 -19.14
N GLU F 261 17.00 11.87 -20.11
CA GLU F 261 16.20 11.43 -21.25
C GLU F 261 17.01 10.59 -22.21
N TYR F 262 18.29 10.94 -22.40
CA TYR F 262 19.20 10.05 -23.12
C TYR F 262 19.36 8.76 -22.36
N PHE F 263 19.43 8.83 -21.04
CA PHE F 263 19.67 7.62 -20.29
C PHE F 263 18.48 6.67 -20.47
N ARG F 264 17.25 7.20 -20.40
CA ARG F 264 16.09 6.34 -20.59
C ARG F 264 15.86 5.94 -22.05
N ARG F 265 16.18 6.82 -23.00
CA ARG F 265 15.97 6.51 -24.41
C ARG F 265 17.00 5.50 -24.95
N ASN F 266 18.26 5.74 -24.61
CA ASN F 266 19.38 5.07 -25.26
C ASN F 266 20.09 4.02 -24.41
N PHE F 267 19.76 3.94 -23.12
CA PHE F 267 20.40 2.97 -22.23
C PHE F 267 19.40 2.00 -21.61
N ALA F 268 19.88 0.81 -21.27
CA ALA F 268 19.18 -0.08 -20.35
C ALA F 268 20.21 -0.56 -19.36
N ILE F 269 19.75 -1.16 -18.27
CA ILE F 269 20.68 -1.59 -17.22
C ILE F 269 20.48 -3.03 -16.82
N THR F 270 21.48 -3.61 -16.17
CA THR F 270 21.34 -4.95 -15.59
C THR F 270 21.67 -4.92 -14.10
N THR F 271 21.24 -5.97 -13.41
CA THR F 271 21.40 -6.05 -11.96
C THR F 271 22.68 -6.78 -11.52
N SER F 272 23.62 -6.97 -12.44
CA SER F 272 24.82 -7.73 -12.11
C SER F 272 25.50 -7.20 -10.86
N GLY F 273 25.80 -8.07 -9.90
CA GLY F 273 26.53 -7.65 -8.72
C GLY F 273 25.85 -6.66 -7.80
N VAL F 274 24.56 -6.41 -8.02
CA VAL F 274 23.79 -5.53 -7.14
C VAL F 274 22.48 -6.23 -6.79
N GLU F 275 22.55 -7.18 -5.85
CA GLU F 275 21.38 -7.98 -5.50
C GLU F 275 20.62 -7.31 -4.36
N SER F 276 20.15 -6.12 -4.65
CA SER F 276 19.43 -5.31 -3.69
C SER F 276 18.02 -5.05 -4.19
N HIS F 277 17.02 -5.55 -3.46
CA HIS F 277 15.65 -5.26 -3.84
C HIS F 277 15.34 -3.77 -3.82
N ALA F 278 15.91 -3.04 -2.87
CA ALA F 278 15.67 -1.60 -2.81
C ALA F 278 16.21 -0.88 -4.04
N ALA F 279 17.42 -1.26 -4.47
CA ALA F 279 18.04 -0.61 -5.62
C ALA F 279 17.30 -1.02 -6.90
N LEU F 280 16.81 -2.26 -6.91
CA LEU F 280 16.03 -2.74 -8.06
C LEU F 280 14.74 -1.94 -8.20
N ARG F 281 14.01 -1.85 -7.09
CA ARG F 281 12.76 -1.08 -7.11
C ARG F 281 13.01 0.37 -7.47
N TYR F 282 14.08 0.98 -6.92
CA TYR F 282 14.41 2.35 -7.30
C TYR F 282 14.60 2.47 -8.82
N SER F 283 15.38 1.55 -9.39
CA SER F 283 15.69 1.60 -10.81
C SER F 283 14.44 1.42 -11.69
N ILE F 284 13.57 0.49 -11.32
CA ILE F 284 12.34 0.29 -12.06
C ILE F 284 11.47 1.55 -12.04
N GLU F 285 11.41 2.20 -10.87
CA GLU F 285 10.61 3.41 -10.72
C GLU F 285 11.12 4.57 -11.59
N VAL F 286 12.43 4.75 -11.68
CA VAL F 286 12.96 5.91 -12.38
C VAL F 286 13.29 5.67 -13.85
N LEU F 287 13.50 4.41 -14.23
CA LEU F 287 13.83 4.09 -15.62
C LEU F 287 12.67 3.48 -16.39
N GLY F 288 11.73 2.89 -15.66
CA GLY F 288 10.68 2.08 -16.26
C GLY F 288 11.07 0.62 -16.26
N PRO F 289 10.09 -0.27 -16.12
CA PRO F 289 10.36 -1.71 -16.04
C PRO F 289 10.95 -2.31 -17.32
N GLU F 290 10.79 -1.64 -18.46
CA GLU F 290 11.35 -2.17 -19.70
C GLU F 290 12.86 -1.98 -19.79
N ASN F 291 13.43 -1.19 -18.89
CA ASN F 291 14.85 -0.83 -19.00
C ASN F 291 15.78 -1.55 -18.04
N VAL F 292 15.25 -2.54 -17.33
CA VAL F 292 16.05 -3.27 -16.33
C VAL F 292 16.07 -4.77 -16.62
N MET F 293 17.29 -5.33 -16.69
CA MET F 293 17.47 -6.75 -16.94
C MET F 293 18.22 -7.41 -15.80
N TRP F 294 17.93 -8.68 -15.58
CA TRP F 294 18.64 -9.48 -14.57
C TRP F 294 19.96 -10.01 -15.15
N ALA F 295 20.95 -10.20 -14.28
CA ALA F 295 22.20 -10.85 -14.67
C ALA F 295 22.79 -11.52 -13.43
N ILE F 296 23.77 -12.39 -13.63
CA ILE F 296 24.45 -13.04 -12.51
C ILE F 296 25.84 -12.47 -12.27
N ASP F 297 26.57 -12.22 -13.36
CA ASP F 297 28.01 -11.87 -13.34
C ASP F 297 28.85 -13.11 -12.99
N TYR F 298 28.40 -14.27 -13.46
CA TYR F 298 29.15 -15.51 -13.35
C TYR F 298 30.39 -15.41 -14.25
N PRO F 299 31.52 -15.99 -13.82
CA PRO F 299 31.81 -16.74 -12.59
C PRO F 299 32.34 -15.86 -11.43
N TYR F 300 32.27 -14.55 -11.59
CA TYR F 300 32.78 -13.62 -10.57
C TYR F 300 31.81 -13.52 -9.41
N GLN F 301 30.55 -13.91 -9.66
CA GLN F 301 29.52 -14.07 -8.62
C GLN F 301 28.89 -15.44 -8.81
N PRO F 302 28.38 -16.04 -7.72
CA PRO F 302 27.71 -17.34 -7.81
C PRO F 302 26.25 -17.24 -8.28
N MET F 303 25.75 -18.30 -8.90
CA MET F 303 24.42 -18.25 -9.50
C MET F 303 23.26 -18.28 -8.51
N ALA F 304 23.33 -19.15 -7.52
CA ALA F 304 22.18 -19.32 -6.61
C ALA F 304 21.68 -18.02 -5.96
N PRO F 305 22.58 -17.21 -5.38
CA PRO F 305 22.05 -15.99 -4.74
C PRO F 305 21.47 -15.02 -5.78
N ALA F 306 22.05 -14.97 -6.97
CA ALA F 306 21.56 -14.06 -8.00
C ALA F 306 20.16 -14.48 -8.44
N VAL F 307 19.98 -15.77 -8.61
CA VAL F 307 18.69 -16.33 -8.98
C VAL F 307 17.65 -16.09 -7.90
N GLN F 308 18.00 -16.37 -6.66
CA GLN F 308 17.03 -16.21 -5.59
C GLN F 308 16.66 -14.72 -5.40
N PHE F 309 17.62 -13.83 -5.67
CA PHE F 309 17.36 -12.40 -5.67
C PHE F 309 16.17 -12.00 -6.57
N ILE F 310 16.18 -12.46 -7.81
CA ILE F 310 15.10 -12.08 -8.72
C ILE F 310 13.81 -12.88 -8.46
N ARG F 311 13.94 -14.15 -8.08
CA ARG F 311 12.76 -14.98 -7.81
C ARG F 311 11.95 -14.46 -6.62
N THR F 312 12.62 -13.80 -5.69
CA THR F 312 11.94 -13.26 -4.50
C THR F 312 11.71 -11.74 -4.57
N ALA F 313 12.01 -11.11 -5.70
CA ALA F 313 11.88 -9.66 -5.79
C ALA F 313 10.44 -9.24 -5.50
N PRO F 314 10.26 -8.18 -4.71
CA PRO F 314 8.93 -7.70 -4.33
C PRO F 314 8.33 -6.81 -5.41
N ILE F 315 8.11 -7.40 -6.58
CA ILE F 315 7.52 -6.73 -7.73
C ILE F 315 6.46 -7.68 -8.32
N PRO F 316 5.48 -7.12 -9.05
CA PRO F 316 4.44 -7.97 -9.65
C PRO F 316 5.03 -8.97 -10.63
N GLU F 317 4.32 -10.08 -10.83
CA GLU F 317 4.83 -11.17 -11.66
C GLU F 317 5.09 -10.75 -13.11
N ASP F 318 4.25 -9.88 -13.67
CA ASP F 318 4.53 -9.45 -15.04
C ASP F 318 5.81 -8.61 -15.15
N VAL F 319 6.06 -7.74 -14.20
CA VAL F 319 7.29 -6.96 -14.20
C VAL F 319 8.49 -7.88 -13.95
N LYS F 320 8.29 -8.84 -13.05
CA LYS F 320 9.35 -9.79 -12.75
C LYS F 320 9.75 -10.56 -14.00
N ALA F 321 8.77 -10.96 -14.80
CA ALA F 321 9.08 -11.67 -16.05
C ALA F 321 9.88 -10.79 -17.05
N MET F 322 9.55 -9.51 -17.11
CA MET F 322 10.31 -8.57 -17.95
C MET F 322 11.74 -8.49 -17.49
N VAL F 323 11.94 -8.31 -16.19
CA VAL F 323 13.29 -8.15 -15.67
C VAL F 323 14.10 -9.44 -15.80
N ALA F 324 13.46 -10.58 -15.52
CA ALA F 324 14.12 -11.87 -15.49
C ALA F 324 14.62 -12.31 -16.87
N GLY F 325 13.90 -11.91 -17.92
CA GLY F 325 14.25 -12.37 -19.26
C GLY F 325 13.59 -11.71 -20.46
N GLY F 326 12.40 -11.13 -20.27
CA GLY F 326 11.64 -10.55 -21.37
C GLY F 326 12.35 -9.39 -22.02
N ASN F 327 12.91 -8.51 -21.20
CA ASN F 327 13.63 -7.37 -21.73
C ASN F 327 14.88 -7.81 -22.48
N ALA F 328 15.60 -8.78 -21.94
CA ALA F 328 16.81 -9.31 -22.59
C ALA F 328 16.48 -9.93 -23.94
N ALA F 329 15.38 -10.67 -24.00
CA ALA F 329 15.00 -11.31 -25.25
C ALA F 329 14.74 -10.24 -26.33
N ARG F 330 14.15 -9.12 -25.91
CA ARG F 330 13.91 -8.02 -26.82
C ARG F 330 15.21 -7.34 -27.23
N ILE F 331 15.98 -6.88 -26.25
CA ILE F 331 17.15 -6.07 -26.50
C ILE F 331 18.25 -6.85 -27.23
N PHE F 332 18.39 -8.12 -26.88
CA PHE F 332 19.45 -8.96 -27.44
C PHE F 332 18.98 -10.00 -28.47
N ARG F 333 17.78 -9.80 -29.02
CA ARG F 333 17.30 -10.64 -30.13
C ARG F 333 17.33 -12.12 -29.81
N ILE F 334 16.74 -12.49 -28.68
CA ILE F 334 16.66 -13.91 -28.32
C ILE F 334 15.22 -14.41 -28.48
N THR F 335 15.05 -15.51 -29.21
CA THR F 335 13.73 -16.10 -29.35
C THR F 335 13.39 -16.94 -28.11
N SER G 1 -11.82 -19.68 -13.61
CA SER G 1 -11.99 -20.33 -12.31
C SER G 1 -10.63 -20.82 -11.80
N LEU G 2 -10.41 -20.68 -10.50
CA LEU G 2 -9.15 -21.09 -9.89
C LEU G 2 -8.96 -22.61 -10.00
N ARG G 3 -7.84 -23.04 -10.62
CA ARG G 3 -7.52 -24.46 -10.65
C ARG G 3 -6.84 -24.88 -9.34
N LEU G 4 -7.53 -25.71 -8.57
CA LEU G 4 -7.05 -26.12 -7.26
C LEU G 4 -6.54 -27.55 -7.29
N ILE G 5 -5.24 -27.70 -7.03
CA ILE G 5 -4.60 -29.00 -6.95
C ILE G 5 -4.08 -29.17 -5.52
N ALA G 6 -4.75 -30.01 -4.74
CA ALA G 6 -4.37 -30.21 -3.33
C ALA G 6 -3.19 -31.19 -3.23
N THR G 7 -2.10 -30.79 -2.58
CA THR G 7 -0.85 -31.57 -2.70
C THR G 7 -0.48 -32.50 -1.53
N GLU G 8 -1.30 -32.56 -0.49
CA GLU G 8 -0.95 -33.46 0.64
C GLU G 8 -2.14 -34.29 1.08
N GLU G 9 -2.66 -35.09 0.16
CA GLU G 9 -3.95 -35.75 0.38
C GLU G 9 -3.75 -37.24 0.58
N ALA G 10 -4.02 -37.68 1.81
CA ALA G 10 -3.66 -39.02 2.21
C ALA G 10 -4.68 -40.04 1.74
N VAL G 11 -4.20 -41.24 1.43
CA VAL G 11 -5.04 -42.35 1.02
C VAL G 11 -4.44 -43.61 1.63
N THR G 12 -5.20 -44.69 1.67
CA THR G 12 -4.64 -45.97 2.01
C THR G 12 -5.31 -47.07 1.19
N PHE G 13 -4.78 -48.27 1.30
CA PHE G 13 -5.27 -49.41 0.54
C PHE G 13 -5.37 -50.60 1.48
N GLN G 14 -6.22 -51.57 1.15
CA GLN G 14 -6.48 -52.67 2.07
C GLN G 14 -5.25 -53.47 2.55
N PRO G 15 -4.31 -53.79 1.65
CA PRO G 15 -3.18 -54.60 2.14
C PRO G 15 -2.35 -53.86 3.19
N VAL G 16 -2.27 -52.55 3.08
CA VAL G 16 -1.54 -51.75 4.06
C VAL G 16 -2.34 -51.61 5.36
N VAL G 17 -3.64 -51.35 5.24
CA VAL G 17 -4.52 -51.34 6.41
C VAL G 17 -4.42 -52.66 7.20
N ASP G 18 -4.53 -53.78 6.51
CA ASP G 18 -4.41 -55.09 7.13
C ASP G 18 -3.09 -55.26 7.87
N ALA G 19 -2.01 -54.77 7.26
CA ALA G 19 -0.68 -54.91 7.85
C ALA G 19 -0.55 -54.02 9.09
N LEU G 20 -1.13 -52.83 9.04
CA LEU G 20 -1.09 -51.93 10.19
C LEU G 20 -2.01 -52.38 11.32
N ARG G 21 -3.15 -52.99 10.97
CA ARG G 21 -4.03 -53.55 11.99
C ARG G 21 -3.25 -54.62 12.78
N ALA G 22 -2.54 -55.49 12.06
CA ALA G 22 -1.72 -56.50 12.71
C ALA G 22 -0.61 -55.85 13.54
N HIS G 23 0.05 -54.85 12.95
CA HIS G 23 1.16 -54.18 13.63
C HIS G 23 0.70 -53.50 14.93
N SER G 24 -0.55 -53.05 14.96
CA SER G 24 -1.09 -52.34 16.11
C SER G 24 -1.08 -53.19 17.38
N ARG G 25 -1.01 -54.50 17.21
CA ARG G 25 -1.06 -55.41 18.34
C ARG G 25 0.33 -55.76 18.88
N THR G 26 1.38 -55.29 18.21
CA THR G 26 2.75 -55.65 18.59
C THR G 26 3.31 -54.74 19.69
N ASP G 27 4.52 -55.05 20.16
CA ASP G 27 5.12 -54.31 21.26
C ASP G 27 6.10 -53.23 20.79
N ASP G 28 5.97 -52.86 19.52
CA ASP G 28 6.77 -51.79 18.93
C ASP G 28 6.73 -50.56 19.82
N ALA G 29 7.91 -50.03 20.14
CA ALA G 29 8.02 -48.88 21.03
C ALA G 29 7.98 -47.53 20.29
N SER G 30 7.91 -47.57 18.97
CA SER G 30 7.82 -46.34 18.18
C SER G 30 6.67 -45.45 18.62
N LEU G 31 6.92 -44.14 18.65
CA LEU G 31 5.90 -43.19 19.07
C LEU G 31 4.71 -43.15 18.11
N ASP G 32 4.93 -43.61 16.87
CA ASP G 32 3.83 -43.75 15.93
C ASP G 32 2.77 -44.76 16.38
N MET G 33 3.09 -45.62 17.33
CA MET G 33 2.12 -46.60 17.79
C MET G 33 0.89 -45.95 18.42
N ILE G 34 1.01 -44.70 18.88
CA ILE G 34 -0.16 -44.02 19.44
C ILE G 34 -1.20 -43.82 18.33
N LEU G 35 -0.77 -43.21 17.23
CA LEU G 35 -1.61 -43.06 16.06
C LEU G 35 -2.09 -44.40 15.50
N VAL G 36 -1.17 -45.34 15.34
CA VAL G 36 -1.52 -46.64 14.76
C VAL G 36 -2.62 -47.33 15.56
N ARG G 37 -2.54 -47.31 16.89
CA ARG G 37 -3.61 -47.90 17.69
C ARG G 37 -4.91 -47.10 17.61
N ASP G 38 -4.80 -45.77 17.51
CA ASP G 38 -5.98 -44.91 17.46
C ASP G 38 -6.77 -45.12 16.19
N VAL G 39 -6.07 -45.40 15.10
CA VAL G 39 -6.71 -45.53 13.79
C VAL G 39 -6.92 -46.97 13.34
N TYR G 40 -5.90 -47.80 13.51
CA TYR G 40 -5.92 -49.15 12.96
C TYR G 40 -6.17 -50.24 13.98
N GLY G 41 -6.30 -49.87 15.26
CA GLY G 41 -6.46 -50.84 16.32
C GLY G 41 -7.87 -51.43 16.41
N ASP G 42 -8.03 -52.42 17.27
CA ASP G 42 -9.31 -53.11 17.37
C ASP G 42 -10.36 -52.27 18.10
N GLU G 43 -9.90 -51.28 18.87
CA GLU G 43 -10.80 -50.39 19.59
C GLU G 43 -10.39 -48.94 19.28
N PRO G 44 -10.58 -48.53 18.02
CA PRO G 44 -10.02 -47.27 17.55
C PRO G 44 -10.66 -46.06 18.23
N ALA G 45 -9.85 -45.14 18.74
CA ALA G 45 -10.39 -43.91 19.28
C ALA G 45 -10.76 -42.98 18.14
N ARG G 46 -10.26 -43.26 16.92
CA ARG G 46 -10.57 -42.43 15.75
C ARG G 46 -11.14 -43.31 14.64
N PRO G 47 -12.38 -43.79 14.83
CA PRO G 47 -12.93 -44.85 13.97
C PRO G 47 -13.34 -44.39 12.57
N ALA G 48 -13.37 -43.08 12.31
CA ALA G 48 -13.74 -42.59 11.00
C ALA G 48 -12.58 -42.63 10.02
N MET G 49 -11.36 -42.72 10.55
CA MET G 49 -10.19 -42.46 9.72
C MET G 49 -9.94 -43.46 8.59
N ILE G 50 -10.01 -44.76 8.88
CA ILE G 50 -9.72 -45.75 7.85
C ILE G 50 -10.66 -45.59 6.64
N GLY G 51 -11.93 -45.37 6.92
CA GLY G 51 -12.91 -45.22 5.85
C GLY G 51 -12.64 -43.98 5.01
N ARG G 52 -12.26 -42.89 5.68
CA ARG G 52 -11.97 -41.66 4.94
C ARG G 52 -10.68 -41.80 4.13
N LEU G 53 -9.68 -42.45 4.70
CA LEU G 53 -8.42 -42.68 4.01
C LEU G 53 -8.61 -43.60 2.80
N SER G 54 -9.45 -44.61 2.96
CA SER G 54 -9.63 -45.62 1.92
C SER G 54 -10.44 -45.10 0.75
N ASP G 55 -11.36 -44.20 1.04
CA ASP G 55 -12.28 -43.71 0.01
C ASP G 55 -11.62 -42.71 -0.93
N VAL G 56 -11.83 -42.92 -2.24
CA VAL G 56 -11.32 -41.99 -3.24
C VAL G 56 -12.47 -41.45 -4.10
N THR G 57 -13.30 -42.36 -4.61
CA THR G 57 -14.30 -41.95 -5.60
C THR G 57 -15.70 -41.70 -5.03
N GLY G 58 -15.86 -41.82 -3.72
CA GLY G 58 -17.15 -41.60 -3.09
C GLY G 58 -17.21 -40.22 -2.44
N GLU G 59 -17.20 -40.20 -1.11
CA GLU G 59 -17.24 -38.95 -0.37
C GLU G 59 -16.12 -37.97 -0.74
N ARG G 60 -14.91 -38.48 -0.96
CA ARG G 60 -13.78 -37.61 -1.30
C ARG G 60 -14.07 -36.80 -2.56
N LEU G 61 -14.51 -37.49 -3.60
CA LEU G 61 -14.76 -36.86 -4.89
C LEU G 61 -15.99 -35.96 -4.80
N ALA G 62 -16.97 -36.38 -4.01
CA ALA G 62 -18.18 -35.57 -3.82
C ALA G 62 -17.82 -34.25 -3.13
N GLU G 63 -16.94 -34.32 -2.14
N GLU G 63 -16.95 -34.33 -2.13
CA GLU G 63 -16.49 -33.10 -1.46
CA GLU G 63 -16.47 -33.12 -1.45
C GLU G 63 -15.59 -32.24 -2.33
C GLU G 63 -15.67 -32.24 -2.41
N MET G 64 -14.83 -32.86 -3.23
CA MET G 64 -14.03 -32.09 -4.20
C MET G 64 -14.98 -31.33 -5.12
N ASP G 65 -16.03 -32.01 -5.57
CA ASP G 65 -16.99 -31.39 -6.46
C ASP G 65 -17.76 -30.25 -5.78
N SER G 66 -18.12 -30.47 -4.52
N SER G 66 -18.13 -30.44 -4.51
CA SER G 66 -18.91 -29.48 -3.77
CA SER G 66 -18.94 -29.44 -3.83
C SER G 66 -18.11 -28.21 -3.48
C SER G 66 -18.12 -28.21 -3.46
N ASN G 67 -16.80 -28.36 -3.38
CA ASN G 67 -15.92 -27.24 -3.06
C ASN G 67 -15.12 -26.71 -4.24
N GLY G 68 -15.35 -27.29 -5.41
CA GLY G 68 -14.67 -26.85 -6.62
C GLY G 68 -13.18 -27.14 -6.63
N VAL G 69 -12.80 -28.27 -6.05
CA VAL G 69 -11.40 -28.72 -6.09
C VAL G 69 -11.17 -29.58 -7.33
N ASP G 70 -10.20 -29.20 -8.15
N ASP G 70 -10.21 -29.21 -8.17
CA ASP G 70 -9.93 -29.94 -9.39
CA ASP G 70 -9.97 -29.97 -9.39
C ASP G 70 -9.28 -31.30 -9.13
C ASP G 70 -9.28 -31.31 -9.13
N MET G 71 -8.24 -31.31 -8.31
CA MET G 71 -7.43 -32.52 -8.07
C MET G 71 -6.95 -32.73 -6.64
N HIS G 72 -6.79 -34.00 -6.26
CA HIS G 72 -5.95 -34.36 -5.13
C HIS G 72 -4.72 -35.07 -5.67
N LEU G 73 -3.56 -34.65 -5.18
CA LEU G 73 -2.32 -35.40 -5.34
C LEU G 73 -2.27 -36.37 -4.15
N LEU G 74 -2.51 -37.65 -4.43
CA LEU G 74 -2.63 -38.65 -3.38
C LEU G 74 -1.30 -39.22 -2.90
N SER G 75 -1.21 -39.51 -1.61
CA SER G 75 -0.02 -40.15 -1.03
C SER G 75 -0.43 -41.17 0.01
N LEU G 76 0.28 -42.30 0.05
CA LEU G 76 0.01 -43.30 1.08
C LEU G 76 0.24 -42.64 2.43
N THR G 77 -0.75 -42.74 3.30
CA THR G 77 -0.76 -42.03 4.56
C THR G 77 0.36 -42.49 5.48
N ALA G 78 0.87 -41.55 6.29
CA ALA G 78 1.86 -41.89 7.30
C ALA G 78 1.30 -42.96 8.24
N PRO G 79 2.15 -43.88 8.70
CA PRO G 79 3.60 -43.95 8.50
C PRO G 79 4.03 -44.74 7.26
N GLY G 80 3.17 -44.82 6.25
CA GLY G 80 3.50 -45.52 5.01
C GLY G 80 3.84 -46.98 5.26
N VAL G 81 4.96 -47.44 4.69
CA VAL G 81 5.42 -48.80 4.91
C VAL G 81 6.65 -48.87 5.81
N GLN G 82 6.96 -47.75 6.47
CA GLN G 82 8.24 -47.61 7.16
C GLN G 82 8.33 -48.30 8.52
N MET G 83 7.20 -48.72 9.09
CA MET G 83 7.25 -49.40 10.38
C MET G 83 7.52 -50.90 10.27
N PHE G 84 7.35 -51.45 9.07
CA PHE G 84 7.48 -52.88 8.86
C PHE G 84 8.94 -53.30 8.74
N ASP G 85 9.20 -54.61 8.85
CA ASP G 85 10.53 -55.11 8.55
C ASP G 85 10.81 -54.88 7.06
N ALA G 86 12.08 -55.02 6.67
CA ALA G 86 12.49 -54.69 5.30
C ALA G 86 11.76 -55.49 4.23
N GLU G 87 11.70 -56.80 4.41
CA GLU G 87 11.02 -57.67 3.44
C GLU G 87 9.56 -57.25 3.27
N THR G 88 8.87 -57.04 4.38
CA THR G 88 7.45 -56.66 4.37
C THR G 88 7.23 -55.28 3.77
N GLY G 89 8.06 -54.32 4.18
CA GLY G 89 7.95 -52.97 3.68
C GLY G 89 8.17 -52.91 2.17
N THR G 90 9.17 -53.65 1.70
CA THR G 90 9.49 -53.67 0.28
C THR G 90 8.33 -54.25 -0.53
N ARG G 91 7.74 -55.32 -0.01
CA ARG G 91 6.62 -55.96 -0.69
C ARG G 91 5.42 -55.04 -0.74
N LEU G 92 5.10 -54.42 0.40
CA LEU G 92 3.92 -53.58 0.47
C LEU G 92 4.04 -52.28 -0.32
N ALA G 93 5.26 -51.77 -0.45
CA ALA G 93 5.47 -50.56 -1.24
C ALA G 93 5.10 -50.81 -2.70
N ARG G 94 5.51 -51.95 -3.23
CA ARG G 94 5.18 -52.31 -4.61
C ARG G 94 3.67 -52.42 -4.79
N ILE G 95 3.03 -53.13 -3.86
CA ILE G 95 1.58 -53.31 -3.90
C ILE G 95 0.86 -51.95 -3.80
N ALA G 96 1.30 -51.12 -2.87
CA ALA G 96 0.65 -49.83 -2.68
C ALA G 96 0.89 -48.92 -3.87
N ASN G 97 2.09 -48.97 -4.43
CA ASN G 97 2.38 -48.16 -5.61
C ASN G 97 1.56 -48.57 -6.83
N ASP G 98 1.40 -49.88 -7.04
CA ASP G 98 0.56 -50.38 -8.12
C ASP G 98 -0.89 -49.91 -7.92
N LEU G 99 -1.39 -50.02 -6.68
CA LEU G 99 -2.75 -49.57 -6.40
C LEU G 99 -2.92 -48.07 -6.60
N MET G 100 -1.89 -47.31 -6.23
CA MET G 100 -1.89 -45.88 -6.47
C MET G 100 -1.98 -45.57 -7.97
N ALA G 101 -1.15 -46.22 -8.78
CA ALA G 101 -1.19 -46.00 -10.22
C ALA G 101 -2.56 -46.36 -10.81
N GLN G 102 -3.16 -47.44 -10.30
CA GLN G 102 -4.48 -47.86 -10.76
C GLN G 102 -5.53 -46.82 -10.39
N THR G 103 -5.41 -46.28 -9.18
CA THR G 103 -6.36 -45.28 -8.68
C THR G 103 -6.29 -44.03 -9.55
N VAL G 104 -5.07 -43.61 -9.86
CA VAL G 104 -4.87 -42.45 -10.72
C VAL G 104 -5.41 -42.70 -12.13
N ALA G 105 -5.09 -43.85 -12.70
CA ALA G 105 -5.53 -44.18 -14.06
C ALA G 105 -7.05 -44.24 -14.23
N ALA G 106 -7.76 -44.53 -13.13
CA ALA G 106 -9.22 -44.60 -13.16
C ALA G 106 -9.87 -43.23 -13.30
N ASN G 107 -9.23 -42.20 -12.76
CA ASN G 107 -9.74 -40.83 -12.88
C ASN G 107 -8.60 -39.84 -12.99
N PRO G 108 -7.87 -39.87 -14.11
CA PRO G 108 -6.62 -39.12 -14.20
C PRO G 108 -6.78 -37.59 -14.26
N THR G 109 -7.98 -37.09 -14.50
CA THR G 109 -8.17 -35.63 -14.47
C THR G 109 -8.44 -35.13 -13.05
N ARG G 110 -8.71 -36.04 -12.13
CA ARG G 110 -9.04 -35.68 -10.74
C ARG G 110 -8.00 -36.13 -9.73
N PHE G 111 -7.21 -37.14 -10.07
CA PHE G 111 -6.21 -37.63 -9.13
C PHE G 111 -4.82 -37.77 -9.75
N ALA G 112 -3.82 -37.32 -9.01
CA ALA G 112 -2.42 -37.59 -9.31
C ALA G 112 -1.89 -38.38 -8.13
N GLY G 113 -0.68 -38.91 -8.22
CA GLY G 113 -0.20 -39.78 -7.18
C GLY G 113 1.28 -39.76 -6.91
N LEU G 114 1.64 -39.85 -5.63
CA LEU G 114 3.04 -40.02 -5.26
C LEU G 114 3.29 -41.48 -4.90
N GLY G 115 4.40 -42.04 -5.40
CA GLY G 115 4.80 -43.37 -4.99
C GLY G 115 5.63 -43.33 -3.72
N THR G 116 5.67 -44.44 -3.00
CA THR G 116 6.48 -44.51 -1.79
C THR G 116 7.46 -45.67 -1.88
N PHE G 117 8.23 -45.89 -0.82
CA PHE G 117 9.26 -46.92 -0.82
C PHE G 117 9.62 -47.30 0.61
N ALA G 118 10.41 -48.35 0.78
CA ALA G 118 10.84 -48.81 2.10
C ALA G 118 12.34 -48.64 2.23
N PRO G 119 12.80 -47.51 2.79
CA PRO G 119 14.23 -47.24 2.87
C PRO G 119 14.93 -48.09 3.93
N GLN G 120 14.19 -48.93 4.64
CA GLN G 120 14.79 -49.98 5.47
C GLN G 120 15.82 -50.79 4.66
N ASP G 121 15.56 -50.89 3.35
CA ASP G 121 16.46 -51.58 2.40
C ASP G 121 16.75 -50.59 1.28
N PRO G 122 17.82 -49.79 1.42
CA PRO G 122 18.08 -48.72 0.46
C PRO G 122 18.23 -49.20 -1.00
N ALA G 123 18.91 -50.31 -1.22
CA ALA G 123 19.06 -50.82 -2.58
C ALA G 123 17.74 -51.21 -3.23
N SER G 124 16.87 -51.92 -2.49
CA SER G 124 15.56 -52.29 -3.02
C SER G 124 14.68 -51.06 -3.22
N ALA G 125 14.83 -50.07 -2.34
CA ALA G 125 14.06 -48.82 -2.46
C ALA G 125 14.48 -48.06 -3.71
N ALA G 126 15.78 -48.04 -3.98
CA ALA G 126 16.32 -47.45 -5.21
C ALA G 126 15.66 -48.08 -6.43
N ARG G 127 15.55 -49.41 -6.43
CA ARG G 127 14.90 -50.11 -7.54
C ARG G 127 13.43 -49.72 -7.67
N GLU G 128 12.74 -49.58 -6.54
CA GLU G 128 11.34 -49.21 -6.58
C GLU G 128 11.14 -47.78 -7.03
N ILE G 129 12.05 -46.90 -6.62
CA ILE G 129 12.00 -45.51 -7.09
C ILE G 129 12.09 -45.46 -8.62
N GLU G 130 13.01 -46.20 -9.21
CA GLU G 130 13.14 -46.25 -10.66
C GLU G 130 11.86 -46.79 -11.31
N ARG G 131 11.27 -47.82 -10.71
CA ARG G 131 10.03 -48.38 -11.24
C ARG G 131 8.89 -47.36 -11.18
N VAL G 132 8.81 -46.61 -10.08
CA VAL G 132 7.77 -45.60 -9.94
C VAL G 132 7.91 -44.56 -11.05
N ALA G 133 9.14 -44.17 -11.32
CA ALA G 133 9.40 -43.11 -12.30
C ALA G 133 9.15 -43.56 -13.73
N THR G 134 9.69 -44.71 -14.10
CA THR G 134 9.74 -45.13 -15.50
C THR G 134 8.58 -46.04 -15.93
N GLN G 135 8.12 -46.91 -15.03
CA GLN G 135 7.08 -47.87 -15.39
C GLN G 135 5.68 -47.39 -14.99
N LEU G 136 5.52 -47.01 -13.72
CA LEU G 136 4.22 -46.52 -13.26
C LEU G 136 3.97 -45.09 -13.70
N ARG G 137 5.07 -44.35 -13.89
CA ARG G 137 5.02 -42.94 -14.26
C ARG G 137 4.17 -42.10 -13.31
N LEU G 138 4.35 -42.32 -12.01
CA LEU G 138 3.67 -41.51 -11.00
C LEU G 138 4.26 -40.11 -10.96
N ASN G 139 3.60 -39.23 -10.20
CA ASN G 139 3.90 -37.82 -10.26
C ASN G 139 5.08 -37.37 -9.39
N GLY G 140 5.46 -38.20 -8.43
CA GLY G 140 6.55 -37.85 -7.53
C GLY G 140 6.64 -38.94 -6.47
N LEU G 141 7.29 -38.63 -5.36
CA LEU G 141 7.50 -39.61 -4.31
C LEU G 141 7.09 -39.04 -2.95
N VAL G 142 6.77 -39.93 -2.01
CA VAL G 142 6.50 -39.50 -0.64
C VAL G 142 7.19 -40.45 0.35
N ILE G 143 7.74 -39.90 1.43
CA ILE G 143 8.27 -40.71 2.51
C ILE G 143 7.97 -39.95 3.80
N ASN G 144 7.83 -40.67 4.92
CA ASN G 144 7.42 -40.03 6.17
C ASN G 144 8.55 -39.89 7.17
N SER G 145 9.18 -38.72 7.17
CA SER G 145 10.38 -38.44 7.96
C SER G 145 11.26 -39.68 8.19
N HIS G 146 11.59 -39.98 9.44
CA HIS G 146 12.63 -40.97 9.72
C HIS G 146 12.32 -42.40 9.28
N THR G 147 13.37 -43.18 9.06
CA THR G 147 13.22 -44.62 8.97
C THR G 147 14.24 -45.27 9.89
N ASN G 148 13.77 -46.24 10.66
CA ASN G 148 14.60 -46.94 11.63
C ASN G 148 15.27 -45.98 12.62
N ASP G 149 14.61 -44.86 12.87
CA ASP G 149 15.10 -43.84 13.78
C ASP G 149 16.42 -43.23 13.34
N LEU G 150 16.62 -43.22 12.03
CA LEU G 150 17.75 -42.54 11.40
C LEU G 150 17.23 -41.43 10.51
N TYR G 151 18.02 -40.38 10.34
CA TYR G 151 17.62 -39.26 9.51
C TYR G 151 18.36 -39.31 8.16
N TYR G 152 17.91 -38.51 7.19
CA TYR G 152 18.34 -38.70 5.81
C TYR G 152 19.68 -38.06 5.46
N ASP G 153 20.37 -37.54 6.46
CA ASP G 153 21.77 -37.21 6.29
C ASP G 153 22.64 -38.46 6.34
N ASP G 154 22.11 -39.54 6.92
CA ASP G 154 22.89 -40.76 7.09
C ASP G 154 23.28 -41.34 5.73
N PRO G 155 24.58 -41.62 5.52
CA PRO G 155 25.06 -42.20 4.26
C PRO G 155 24.42 -43.55 3.93
N PHE G 156 23.83 -44.22 4.91
CA PHE G 156 23.06 -45.45 4.67
C PHE G 156 22.03 -45.23 3.55
N PHE G 157 21.45 -44.03 3.51
CA PHE G 157 20.39 -43.74 2.55
C PHE G 157 20.87 -43.16 1.21
N HIS G 158 22.18 -43.04 1.02
CA HIS G 158 22.70 -42.51 -0.25
C HIS G 158 22.13 -43.20 -1.52
N PRO G 159 22.01 -44.55 -1.53
CA PRO G 159 21.43 -45.18 -2.73
C PRO G 159 20.03 -44.70 -3.05
N VAL G 160 19.27 -44.36 -2.02
CA VAL G 160 17.92 -43.83 -2.21
C VAL G 160 17.97 -42.48 -2.88
N PHE G 161 18.76 -41.58 -2.33
CA PHE G 161 18.80 -40.23 -2.87
C PHE G 161 19.46 -40.13 -4.24
N GLU G 162 20.42 -41.01 -4.50
CA GLU G 162 20.99 -41.12 -5.84
C GLU G 162 19.89 -41.45 -6.84
N ALA G 163 19.05 -42.42 -6.50
CA ALA G 163 17.97 -42.84 -7.40
C ALA G 163 16.91 -41.75 -7.53
N ILE G 164 16.58 -41.09 -6.43
CA ILE G 164 15.60 -40.01 -6.49
C ILE G 164 16.10 -38.90 -7.38
N GLU G 165 17.34 -38.46 -7.16
CA GLU G 165 17.91 -37.40 -7.99
C GLU G 165 17.89 -37.75 -9.47
N ALA G 166 18.30 -38.97 -9.80
CA ALA G 166 18.34 -39.42 -11.19
C ALA G 166 16.95 -39.50 -11.82
N SER G 167 15.94 -39.84 -11.01
CA SER G 167 14.58 -40.02 -11.51
C SER G 167 13.93 -38.71 -11.94
N GLY G 168 14.34 -37.62 -11.31
CA GLY G 168 13.73 -36.31 -11.55
C GLY G 168 12.46 -36.07 -10.76
N LEU G 169 12.05 -37.06 -9.97
CA LEU G 169 10.84 -36.92 -9.17
C LEU G 169 11.11 -36.15 -7.88
N ALA G 170 10.18 -35.26 -7.53
CA ALA G 170 10.23 -34.56 -6.26
C ALA G 170 9.87 -35.51 -5.12
N LEU G 171 10.54 -35.35 -3.98
CA LEU G 171 10.25 -36.16 -2.79
C LEU G 171 9.54 -35.31 -1.75
N TYR G 172 8.30 -35.67 -1.45
CA TYR G 172 7.55 -35.06 -0.36
C TYR G 172 7.98 -35.77 0.93
N ILE G 173 8.64 -35.05 1.83
CA ILE G 173 8.95 -35.65 3.13
C ILE G 173 7.86 -35.22 4.10
N HIS G 174 6.91 -36.14 4.29
CA HIS G 174 5.75 -35.92 5.16
C HIS G 174 6.16 -36.25 6.60
N PRO G 175 5.43 -35.72 7.60
CA PRO G 175 5.81 -36.12 8.96
C PRO G 175 5.48 -37.57 9.35
N ARG G 176 6.08 -37.98 10.45
CA ARG G 176 5.57 -39.06 11.27
C ARG G 176 5.94 -38.65 12.70
N ALA G 177 5.62 -39.48 13.69
CA ALA G 177 5.91 -39.08 15.06
C ALA G 177 7.42 -39.02 15.29
N PRO G 178 7.86 -38.16 16.23
CA PRO G 178 9.27 -38.05 16.64
C PRO G 178 9.93 -39.41 16.79
N SER G 179 11.14 -39.55 16.24
CA SER G 179 11.91 -40.79 16.33
C SER G 179 12.34 -41.06 17.75
N LYS G 180 12.95 -42.23 17.96
CA LYS G 180 13.43 -42.60 19.28
C LYS G 180 14.55 -41.68 19.76
N GLN G 181 15.19 -40.96 18.84
CA GLN G 181 16.24 -40.02 19.26
C GLN G 181 15.67 -38.88 20.08
N ILE G 182 14.39 -38.56 19.86
CA ILE G 182 13.79 -37.38 20.49
C ILE G 182 12.44 -37.63 21.16
N ASP G 183 11.89 -38.84 21.06
CA ASP G 183 10.49 -39.03 21.47
C ASP G 183 10.19 -38.87 22.97
N ARG G 184 11.20 -38.93 23.83
CA ARG G 184 10.94 -38.81 25.27
C ARG G 184 10.17 -37.53 25.62
N ALA G 185 10.42 -36.45 24.86
CA ALA G 185 9.83 -35.16 25.20
C ALA G 185 8.45 -34.94 24.60
N PHE G 186 7.93 -35.95 23.92
CA PHE G 186 6.69 -35.81 23.16
C PHE G 186 5.65 -36.84 23.55
N ARG G 187 5.73 -37.28 24.81
N ARG G 187 5.71 -37.30 24.79
CA ARG G 187 4.84 -38.32 25.35
CA ARG G 187 4.78 -38.32 25.26
C ARG G 187 3.69 -37.73 26.16
C ARG G 187 3.57 -37.71 25.98
N ASP G 188 3.61 -36.40 26.20
CA ASP G 188 2.58 -35.73 26.99
C ASP G 188 1.72 -34.76 26.17
N TYR G 189 0.50 -34.52 26.63
CA TYR G 189 -0.37 -33.47 26.06
C TYR G 189 -0.65 -33.65 24.57
N GLY G 190 -0.59 -34.89 24.08
CA GLY G 190 -0.85 -35.20 22.68
C GLY G 190 0.22 -34.69 21.73
N MET G 191 1.39 -34.33 22.28
CA MET G 191 2.46 -33.73 21.48
C MET G 191 3.18 -34.68 20.53
N ASN G 192 2.83 -35.96 20.58
CA ASN G 192 3.36 -36.92 19.61
C ASN G 192 2.94 -36.61 18.18
N SER G 193 1.86 -35.86 18.05
CA SER G 193 1.15 -35.76 16.78
C SER G 193 1.36 -34.43 16.09
N ALA G 194 0.38 -34.05 15.28
CA ALA G 194 0.45 -32.83 14.47
C ALA G 194 0.61 -31.54 15.29
N ILE G 195 0.11 -31.53 16.52
CA ILE G 195 0.17 -30.30 17.31
C ILE G 195 1.60 -29.83 17.59
N TRP G 196 2.58 -30.75 17.62
CA TRP G 196 3.96 -30.32 17.83
C TRP G 196 5.04 -31.29 17.33
N GLY G 197 4.96 -32.55 17.75
CA GLY G 197 5.98 -33.52 17.40
C GLY G 197 6.23 -33.68 15.90
N TYR G 198 5.17 -33.67 15.10
CA TYR G 198 5.32 -33.85 13.64
C TYR G 198 6.27 -32.80 13.06
N GLY G 199 6.09 -31.55 13.47
CA GLY G 199 6.90 -30.47 12.93
C GLY G 199 8.34 -30.52 13.37
N ILE G 200 8.56 -30.82 14.64
CA ILE G 200 9.92 -30.90 15.17
C ILE G 200 10.67 -32.05 14.51
N GLU G 201 10.01 -33.20 14.39
CA GLU G 201 10.63 -34.39 13.80
C GLU G 201 11.04 -34.12 12.35
N THR G 202 10.12 -33.51 11.60
CA THR G 202 10.33 -33.36 10.17
C THR G 202 11.31 -32.25 9.84
N SER G 203 11.18 -31.12 10.55
CA SER G 203 12.11 -30.02 10.32
C SER G 203 13.54 -30.41 10.70
N THR G 204 13.68 -31.19 11.77
CA THR G 204 15.03 -31.58 12.21
C THR G 204 15.67 -32.50 11.18
N ASN G 205 14.88 -33.41 10.63
CA ASN G 205 15.34 -34.26 9.54
C ASN G 205 15.89 -33.40 8.40
N ALA G 206 15.09 -32.43 7.96
CA ALA G 206 15.44 -31.58 6.83
C ALA G 206 16.69 -30.73 7.09
N VAL G 207 16.78 -30.17 8.30
CA VAL G 207 17.94 -29.37 8.66
C VAL G 207 19.21 -30.22 8.67
N ARG G 208 19.12 -31.41 9.23
CA ARG G 208 20.23 -32.37 9.15
C ARG G 208 20.63 -32.60 7.68
N MET G 209 19.64 -32.81 6.81
CA MET G 209 19.94 -33.02 5.39
C MET G 209 20.74 -31.85 4.81
N ILE G 210 20.28 -30.63 5.05
CA ILE G 210 20.98 -29.46 4.55
C ILE G 210 22.39 -29.33 5.13
N LEU G 211 22.49 -29.34 6.46
CA LEU G 211 23.77 -29.09 7.12
C LEU G 211 24.81 -30.19 6.85
N SER G 212 24.35 -31.40 6.58
CA SER G 212 25.28 -32.51 6.27
C SER G 212 25.93 -32.40 4.89
N GLY G 213 25.40 -31.52 4.04
CA GLY G 213 25.91 -31.39 2.69
C GLY G 213 25.28 -32.33 1.66
N LEU G 214 24.12 -32.90 2.01
CA LEU G 214 23.42 -33.80 1.09
C LEU G 214 23.15 -33.16 -0.25
N PHE G 215 22.84 -31.87 -0.23
CA PHE G 215 22.48 -31.17 -1.46
C PHE G 215 23.70 -30.69 -2.25
N ASP G 216 24.89 -30.87 -1.71
CA ASP G 216 26.09 -30.74 -2.54
C ASP G 216 26.36 -32.06 -3.24
N ARG G 217 26.06 -33.17 -2.56
CA ARG G 217 26.22 -34.50 -3.16
C ARG G 217 25.18 -34.74 -4.26
N PHE G 218 23.94 -34.31 -4.00
CA PHE G 218 22.84 -34.50 -4.94
C PHE G 218 22.14 -33.16 -5.19
N PRO G 219 22.77 -32.27 -5.98
CA PRO G 219 22.26 -30.91 -6.12
C PRO G 219 20.95 -30.78 -6.89
N ARG G 220 20.52 -31.83 -7.58
CA ARG G 220 19.27 -31.75 -8.34
C ARG G 220 18.06 -32.34 -7.60
N LEU G 221 18.24 -32.75 -6.35
CA LEU G 221 17.09 -33.16 -5.54
C LEU G 221 16.06 -32.05 -5.39
N LYS G 222 14.80 -32.42 -5.46
CA LYS G 222 13.72 -31.53 -5.06
C LYS G 222 12.96 -32.15 -3.89
N ILE G 223 12.95 -31.45 -2.77
CA ILE G 223 12.27 -31.92 -1.58
C ILE G 223 11.07 -31.01 -1.33
N VAL G 224 9.93 -31.58 -0.94
CA VAL G 224 8.75 -30.78 -0.59
C VAL G 224 8.38 -31.02 0.87
N LEU G 225 8.14 -29.94 1.61
CA LEU G 225 7.72 -30.03 3.00
C LEU G 225 6.35 -29.37 3.20
N GLY G 226 5.47 -30.08 3.89
CA GLY G 226 4.17 -29.56 4.24
C GLY G 226 4.21 -28.61 5.43
N HIS G 227 3.02 -28.19 5.87
CA HIS G 227 2.87 -27.44 7.12
C HIS G 227 3.73 -26.19 7.10
N MET G 228 3.58 -25.45 6.00
CA MET G 228 4.31 -24.22 5.72
C MET G 228 5.81 -24.40 5.91
N GLY G 229 6.30 -25.51 5.38
CA GLY G 229 7.73 -25.80 5.38
C GLY G 229 8.25 -26.26 6.72
N GLU G 230 7.33 -26.76 7.56
CA GLU G 230 7.66 -27.20 8.92
C GLU G 230 8.43 -26.11 9.69
N ALA G 231 8.09 -24.85 9.38
CA ALA G 231 8.63 -23.64 10.00
C ALA G 231 10.07 -23.27 9.60
N ILE G 232 10.72 -24.11 8.80
CA ILE G 232 12.05 -23.75 8.32
C ILE G 232 12.10 -22.37 7.63
N PRO G 233 11.06 -22.01 6.85
CA PRO G 233 11.14 -20.66 6.26
C PRO G 233 11.27 -19.56 7.32
N PHE G 234 10.79 -19.80 8.54
CA PHE G 234 10.88 -18.77 9.58
C PHE G 234 12.29 -18.62 10.16
N TRP G 235 13.07 -19.71 10.11
CA TRP G 235 14.38 -19.76 10.73
C TRP G 235 15.53 -19.45 9.78
N LEU G 236 15.24 -19.03 8.54
CA LEU G 236 16.28 -18.95 7.51
C LEU G 236 17.45 -18.01 7.87
N TRP G 237 17.14 -16.86 8.46
CA TRP G 237 18.19 -15.90 8.77
C TRP G 237 19.17 -16.49 9.80
N ARG G 238 18.64 -17.12 10.85
CA ARG G 238 19.43 -17.67 11.95
C ARG G 238 20.24 -18.89 11.51
N LEU G 239 19.60 -19.75 10.72
CA LEU G 239 20.33 -20.86 10.09
C LEU G 239 21.55 -20.35 9.32
N ASP G 240 21.38 -19.28 8.56
CA ASP G 240 22.52 -18.72 7.82
C ASP G 240 23.53 -18.09 8.76
N TYR G 241 23.04 -17.32 9.73
CA TYR G 241 23.97 -16.55 10.56
C TYR G 241 24.88 -17.47 11.34
N MET G 242 24.29 -18.51 11.91
CA MET G 242 25.02 -19.40 12.81
C MET G 242 25.84 -20.46 12.08
N HIS G 243 25.72 -20.51 10.76
CA HIS G 243 26.45 -21.52 10.00
C HIS G 243 27.97 -21.36 10.09
N GLY G 244 28.46 -20.13 10.18
CA GLY G 244 29.89 -19.90 10.32
C GLY G 244 30.42 -20.57 11.59
N ASN G 245 29.70 -20.37 12.70
CA ASN G 245 30.08 -21.02 13.96
C ASN G 245 30.06 -22.55 13.84
N ALA G 246 29.07 -23.05 13.12
CA ALA G 246 28.90 -24.50 12.97
C ALA G 246 30.07 -25.13 12.23
N THR G 247 30.57 -24.46 11.19
CA THR G 247 31.67 -25.01 10.42
C THR G 247 33.03 -24.69 11.02
N THR G 248 33.11 -23.65 11.83
CA THR G 248 34.38 -23.24 12.42
C THR G 248 34.75 -24.06 13.66
N PHE G 249 33.85 -24.16 14.62
CA PHE G 249 34.15 -24.96 15.81
C PHE G 249 33.16 -26.07 16.10
N GLY G 250 32.12 -26.20 15.27
CA GLY G 250 31.12 -27.23 15.47
C GLY G 250 31.37 -28.48 14.66
N GLY G 251 32.35 -28.43 13.77
CA GLY G 251 32.70 -29.60 12.98
C GLY G 251 31.75 -29.89 11.82
N ALA G 252 30.85 -28.95 11.54
CA ALA G 252 29.97 -29.08 10.39
C ALA G 252 30.80 -28.93 9.12
N PRO G 253 30.44 -29.68 8.06
CA PRO G 253 31.22 -29.60 6.83
C PRO G 253 31.01 -28.28 6.11
N LYS G 254 32.03 -27.84 5.39
CA LYS G 254 31.88 -26.64 4.58
C LYS G 254 30.97 -26.93 3.41
N LEU G 255 30.06 -26.00 3.12
CA LEU G 255 29.08 -26.18 2.05
C LEU G 255 29.31 -25.15 0.95
N LYS G 256 28.90 -25.49 -0.26
CA LYS G 256 29.01 -24.58 -1.39
C LYS G 256 28.09 -23.36 -1.28
N LEU G 257 26.91 -23.56 -0.70
CA LEU G 257 25.91 -22.50 -0.57
C LEU G 257 25.58 -22.25 0.91
N LYS G 258 24.82 -21.19 1.18
CA LYS G 258 24.27 -20.96 2.52
C LYS G 258 23.08 -21.89 2.75
N PRO G 259 22.77 -22.20 4.03
CA PRO G 259 21.61 -23.04 4.33
C PRO G 259 20.32 -22.55 3.66
N SER G 260 20.04 -21.25 3.74
CA SER G 260 18.81 -20.71 3.15
C SER G 260 18.80 -20.85 1.64
N GLU G 261 19.99 -20.85 1.04
CA GLU G 261 20.10 -21.01 -0.42
C GLU G 261 19.78 -22.44 -0.84
N TYR G 262 20.20 -23.44 -0.05
CA TYR G 262 19.71 -24.80 -0.27
C TYR G 262 18.22 -24.87 -0.14
N PHE G 263 17.67 -24.21 0.87
CA PHE G 263 16.24 -24.30 1.08
C PHE G 263 15.48 -23.77 -0.14
N ARG G 264 15.92 -22.63 -0.67
N ARG G 264 15.90 -22.64 -0.67
CA ARG G 264 15.25 -22.04 -1.82
CA ARG G 264 15.23 -22.07 -1.84
C ARG G 264 15.57 -22.72 -3.16
C ARG G 264 15.50 -22.91 -3.09
N ARG G 265 16.74 -23.33 -3.26
CA ARG G 265 17.12 -24.04 -4.49
C ARG G 265 16.48 -25.43 -4.56
N ASN G 266 16.55 -26.16 -3.45
CA ASN G 266 16.21 -27.58 -3.43
C ASN G 266 14.87 -27.94 -2.77
N PHE G 267 14.22 -26.97 -2.13
CA PHE G 267 12.96 -27.25 -1.45
C PHE G 267 11.80 -26.41 -1.97
N ALA G 268 10.60 -26.96 -1.86
CA ALA G 268 9.37 -26.19 -1.97
C ALA G 268 8.49 -26.57 -0.78
N ILE G 269 7.46 -25.78 -0.51
CA ILE G 269 6.63 -26.05 0.65
C ILE G 269 5.17 -26.08 0.29
N THR G 270 4.36 -26.65 1.18
CA THR G 270 2.91 -26.56 1.03
C THR G 270 2.26 -25.99 2.28
N THR G 271 1.01 -25.59 2.12
CA THR G 271 0.28 -24.90 3.18
C THR G 271 -0.58 -25.84 4.03
N SER G 272 -0.40 -27.15 3.87
CA SER G 272 -1.19 -28.13 4.61
C SER G 272 -1.21 -27.80 6.10
N GLY G 273 -2.40 -27.69 6.67
CA GLY G 273 -2.53 -27.52 8.11
C GLY G 273 -2.11 -26.16 8.65
N VAL G 274 -1.81 -25.22 7.75
CA VAL G 274 -1.42 -23.86 8.15
C VAL G 274 -2.22 -22.86 7.34
N GLU G 275 -3.47 -22.69 7.74
CA GLU G 275 -4.40 -21.85 6.99
C GLU G 275 -4.35 -20.43 7.52
N SER G 276 -3.14 -19.88 7.45
CA SER G 276 -2.85 -18.54 7.94
C SER G 276 -2.40 -17.66 6.79
N HIS G 277 -3.19 -16.63 6.47
CA HIS G 277 -2.81 -15.69 5.41
C HIS G 277 -1.48 -14.98 5.74
N ALA G 278 -1.25 -14.71 7.02
CA ALA G 278 -0.01 -14.07 7.42
C ALA G 278 1.21 -14.97 7.19
N ALA G 279 1.08 -16.25 7.52
CA ALA G 279 2.19 -17.16 7.32
C ALA G 279 2.39 -17.43 5.82
N LEU G 280 1.30 -17.42 5.06
CA LEU G 280 1.40 -17.61 3.61
C LEU G 280 2.15 -16.43 2.98
N ARG G 281 1.79 -15.22 3.38
CA ARG G 281 2.44 -14.00 2.87
C ARG G 281 3.93 -14.00 3.20
N TYR G 282 4.25 -14.38 4.43
CA TYR G 282 5.65 -14.44 4.86
C TYR G 282 6.42 -15.39 3.96
N SER G 283 5.86 -16.57 3.75
CA SER G 283 6.53 -17.62 2.99
C SER G 283 6.73 -17.24 1.52
N ILE G 284 5.72 -16.62 0.94
CA ILE G 284 5.86 -16.10 -0.43
C ILE G 284 6.96 -15.05 -0.50
N GLU G 285 7.07 -14.19 0.51
CA GLU G 285 8.10 -13.14 0.52
C GLU G 285 9.52 -13.69 0.59
N VAL G 286 9.74 -14.68 1.45
CA VAL G 286 11.09 -15.16 1.70
C VAL G 286 11.54 -16.31 0.80
N LEU G 287 10.57 -17.06 0.25
CA LEU G 287 10.91 -18.19 -0.62
C LEU G 287 10.70 -17.87 -2.09
N GLY G 288 9.84 -16.89 -2.37
CA GLY G 288 9.40 -16.61 -3.73
C GLY G 288 8.10 -17.36 -4.05
N PRO G 289 7.26 -16.79 -4.91
CA PRO G 289 5.94 -17.39 -5.17
C PRO G 289 5.97 -18.74 -5.88
N GLU G 290 7.07 -19.08 -6.56
CA GLU G 290 7.15 -20.38 -7.25
C GLU G 290 7.35 -21.54 -6.29
N ASN G 291 7.68 -21.23 -5.03
CA ASN G 291 8.06 -22.24 -4.06
C ASN G 291 6.97 -22.59 -3.04
N VAL G 292 5.77 -22.04 -3.22
CA VAL G 292 4.67 -22.32 -2.27
C VAL G 292 3.48 -22.98 -2.96
N MET G 293 3.04 -24.13 -2.43
CA MET G 293 1.89 -24.85 -2.99
C MET G 293 0.77 -24.99 -1.99
N TRP G 294 -0.47 -25.04 -2.49
CA TRP G 294 -1.64 -25.21 -1.64
C TRP G 294 -1.85 -26.69 -1.35
N ALA G 295 -2.38 -27.00 -0.18
CA ALA G 295 -2.78 -28.36 0.15
C ALA G 295 -3.93 -28.33 1.14
N ILE G 296 -4.64 -29.44 1.27
CA ILE G 296 -5.72 -29.57 2.26
C ILE G 296 -5.28 -30.35 3.49
N ASP G 297 -4.51 -31.43 3.27
CA ASP G 297 -4.22 -32.43 4.29
C ASP G 297 -5.47 -33.27 4.61
N TYR G 298 -6.30 -33.51 3.60
CA TYR G 298 -7.47 -34.38 3.75
C TYR G 298 -6.97 -35.82 3.95
N PRO G 299 -7.64 -36.61 4.82
CA PRO G 299 -8.85 -36.34 5.60
C PRO G 299 -8.57 -35.92 7.04
N TYR G 300 -7.33 -35.59 7.36
CA TYR G 300 -6.97 -35.12 8.70
C TYR G 300 -7.45 -33.69 8.92
N GLN G 301 -7.69 -32.98 7.82
CA GLN G 301 -8.29 -31.65 7.83
C GLN G 301 -9.43 -31.70 6.83
N PRO G 302 -10.51 -30.92 7.08
CA PRO G 302 -11.65 -30.83 6.16
C PRO G 302 -11.36 -29.94 4.94
N MET G 303 -12.03 -30.23 3.83
CA MET G 303 -11.74 -29.51 2.58
C MET G 303 -12.21 -28.06 2.55
N ALA G 304 -13.43 -27.78 3.00
CA ALA G 304 -14.01 -26.45 2.81
C ALA G 304 -13.17 -25.29 3.40
N PRO G 305 -12.70 -25.43 4.65
CA PRO G 305 -11.87 -24.33 5.16
C PRO G 305 -10.56 -24.15 4.42
N ALA G 306 -9.95 -25.26 3.99
CA ALA G 306 -8.69 -25.17 3.26
C ALA G 306 -8.89 -24.47 1.93
N VAL G 307 -9.96 -24.84 1.22
CA VAL G 307 -10.30 -24.18 -0.04
C VAL G 307 -10.60 -22.69 0.14
N GLN G 308 -11.38 -22.35 1.16
CA GLN G 308 -11.75 -20.96 1.38
C GLN G 308 -10.56 -20.09 1.82
N PHE G 309 -9.63 -20.68 2.56
CA PHE G 309 -8.34 -20.08 2.87
C PHE G 309 -7.60 -19.59 1.62
N ILE G 310 -7.48 -20.44 0.60
CA ILE G 310 -6.73 -20.02 -0.59
C ILE G 310 -7.56 -19.09 -1.51
N ARG G 311 -8.86 -19.36 -1.63
CA ARG G 311 -9.75 -18.52 -2.45
C ARG G 311 -9.83 -17.08 -1.95
N THR G 312 -9.61 -16.87 -0.66
CA THR G 312 -9.69 -15.53 -0.07
C THR G 312 -8.31 -14.94 0.26
N ALA G 313 -7.23 -15.58 -0.18
CA ALA G 313 -5.90 -15.10 0.21
C ALA G 313 -5.65 -13.71 -0.36
N PRO G 314 -5.12 -12.80 0.46
CA PRO G 314 -4.84 -11.42 0.04
C PRO G 314 -3.55 -11.33 -0.78
N ILE G 315 -3.56 -11.98 -1.94
CA ILE G 315 -2.44 -11.98 -2.88
C ILE G 315 -2.99 -11.79 -4.28
N PRO G 316 -2.17 -11.30 -5.22
CA PRO G 316 -2.67 -11.08 -6.57
C PRO G 316 -3.15 -12.39 -7.20
N GLU G 317 -4.02 -12.28 -8.19
CA GLU G 317 -4.62 -13.48 -8.79
C GLU G 317 -3.58 -14.36 -9.49
N ASP G 318 -2.58 -13.76 -10.13
CA ASP G 318 -1.56 -14.58 -10.79
C ASP G 318 -0.72 -15.39 -9.79
N VAL G 319 -0.35 -14.79 -8.66
CA VAL G 319 0.33 -15.53 -7.60
C VAL G 319 -0.62 -16.54 -6.97
N LYS G 320 -1.89 -16.17 -6.80
CA LYS G 320 -2.86 -17.11 -6.24
C LYS G 320 -2.97 -18.36 -7.12
N ALA G 321 -2.95 -18.17 -8.44
CA ALA G 321 -3.02 -19.32 -9.36
C ALA G 321 -1.79 -20.22 -9.26
N MET G 322 -0.63 -19.62 -9.07
CA MET G 322 0.60 -20.39 -8.86
C MET G 322 0.49 -21.24 -7.58
N VAL G 323 0.09 -20.60 -6.47
CA VAL G 323 0.00 -21.32 -5.21
C VAL G 323 -1.11 -22.39 -5.25
N ALA G 324 -2.25 -22.05 -5.86
CA ALA G 324 -3.40 -22.95 -5.86
C ALA G 324 -3.20 -24.21 -6.68
N GLY G 325 -2.40 -24.12 -7.74
CA GLY G 325 -2.20 -25.27 -8.61
C GLY G 325 -1.07 -25.22 -9.63
N GLY G 326 -0.66 -24.02 -10.03
CA GLY G 326 0.35 -23.88 -11.06
C GLY G 326 1.68 -24.47 -10.66
N ASN G 327 2.12 -24.17 -9.44
CA ASN G 327 3.38 -24.70 -8.95
C ASN G 327 3.36 -26.23 -8.85
N ALA G 328 2.26 -26.77 -8.33
CA ALA G 328 2.13 -28.23 -8.21
C ALA G 328 2.16 -28.92 -9.58
N ALA G 329 1.53 -28.30 -10.56
CA ALA G 329 1.51 -28.86 -11.91
C ALA G 329 2.92 -28.92 -12.46
N ARG G 330 3.75 -27.93 -12.14
CA ARG G 330 5.14 -27.95 -12.55
C ARG G 330 5.93 -29.01 -11.78
N ILE G 331 5.87 -28.94 -10.45
CA ILE G 331 6.73 -29.73 -9.59
C ILE G 331 6.36 -31.21 -9.69
N PHE G 332 5.07 -31.48 -9.81
CA PHE G 332 4.61 -32.87 -9.82
C PHE G 332 4.13 -33.36 -11.20
N ARG G 333 4.58 -32.70 -12.27
CA ARG G 333 4.35 -33.20 -13.63
C ARG G 333 2.89 -33.47 -13.94
N ILE G 334 2.02 -32.51 -13.66
CA ILE G 334 0.61 -32.66 -13.96
C ILE G 334 0.23 -31.78 -15.14
N THR G 335 -0.47 -32.35 -16.12
CA THR G 335 -0.96 -31.55 -17.23
C THR G 335 -2.22 -30.77 -16.86
N SER H 1 -13.94 -2.61 -23.28
CA SER H 1 -13.65 -4.03 -23.46
C SER H 1 -13.86 -4.85 -22.19
N LEU H 2 -14.16 -4.19 -21.08
CA LEU H 2 -14.65 -4.89 -19.91
C LEU H 2 -15.97 -5.56 -20.30
N ARG H 3 -16.07 -6.88 -20.11
CA ARG H 3 -17.33 -7.57 -20.40
C ARG H 3 -18.29 -7.44 -19.24
N LEU H 4 -19.40 -6.72 -19.45
CA LEU H 4 -20.37 -6.47 -18.39
C LEU H 4 -21.63 -7.31 -18.56
N ILE H 5 -21.86 -8.20 -17.61
CA ILE H 5 -23.06 -9.03 -17.57
C ILE H 5 -23.85 -8.66 -16.30
N ALA H 6 -24.98 -7.96 -16.48
CA ALA H 6 -25.78 -7.51 -15.33
C ALA H 6 -26.69 -8.64 -14.84
N THR H 7 -26.64 -8.97 -13.54
CA THR H 7 -27.24 -10.22 -13.08
C THR H 7 -28.59 -10.14 -12.35
N GLU H 8 -29.15 -8.94 -12.16
CA GLU H 8 -30.44 -8.85 -11.47
C GLU H 8 -31.39 -7.93 -12.21
N GLU H 9 -31.71 -8.29 -13.46
CA GLU H 9 -32.41 -7.37 -14.33
C GLU H 9 -33.84 -7.83 -14.57
N ALA H 10 -34.79 -7.06 -14.06
CA ALA H 10 -36.19 -7.45 -14.04
C ALA H 10 -36.89 -7.28 -15.38
N VAL H 11 -37.84 -8.17 -15.63
CA VAL H 11 -38.65 -8.11 -16.83
C VAL H 11 -40.05 -8.61 -16.44
N THR H 12 -41.06 -8.28 -17.23
CA THR H 12 -42.34 -8.94 -17.05
C THR H 12 -42.97 -9.27 -18.39
N PHE H 13 -44.08 -10.01 -18.34
CA PHE H 13 -44.78 -10.44 -19.54
C PHE H 13 -46.27 -10.15 -19.38
N GLN H 14 -46.96 -9.93 -20.49
CA GLN H 14 -48.37 -9.51 -20.43
C GLN H 14 -49.30 -10.43 -19.61
N PRO H 15 -49.20 -11.76 -19.75
CA PRO H 15 -50.09 -12.60 -18.93
C PRO H 15 -49.86 -12.43 -17.42
N VAL H 16 -48.63 -12.14 -17.00
CA VAL H 16 -48.36 -11.94 -15.58
C VAL H 16 -48.87 -10.58 -15.15
N VAL H 17 -48.60 -9.56 -15.96
CA VAL H 17 -49.13 -8.21 -15.74
C VAL H 17 -50.64 -8.25 -15.57
N ASP H 18 -51.34 -8.91 -16.47
CA ASP H 18 -52.80 -8.99 -16.39
C ASP H 18 -53.27 -9.66 -15.09
N ALA H 19 -52.56 -10.71 -14.67
CA ALA H 19 -52.93 -11.42 -13.45
C ALA H 19 -52.70 -10.55 -12.21
N LEU H 20 -51.63 -9.76 -12.23
CA LEU H 20 -51.34 -8.86 -11.11
C LEU H 20 -52.28 -7.66 -11.09
N ARG H 21 -52.67 -7.17 -12.26
CA ARG H 21 -53.69 -6.12 -12.32
C ARG H 21 -54.97 -6.60 -11.63
N ALA H 22 -55.38 -7.82 -11.95
CA ALA H 22 -56.55 -8.40 -11.28
C ALA H 22 -56.27 -8.56 -9.79
N HIS H 23 -55.09 -9.05 -9.45
CA HIS H 23 -54.77 -9.30 -8.05
C HIS H 23 -54.79 -8.01 -7.23
N SER H 24 -54.44 -6.89 -7.87
CA SER H 24 -54.33 -5.60 -7.18
C SER H 24 -55.67 -5.14 -6.61
N ARG H 25 -56.77 -5.70 -7.12
CA ARG H 25 -58.09 -5.27 -6.68
C ARG H 25 -58.62 -6.11 -5.54
N THR H 26 -57.88 -7.15 -5.16
CA THR H 26 -58.31 -8.05 -4.09
C THR H 26 -57.90 -7.54 -2.71
N ASP H 27 -58.40 -8.19 -1.66
CA ASP H 27 -58.09 -7.77 -0.29
C ASP H 27 -56.95 -8.56 0.34
N ASP H 28 -56.08 -9.11 -0.50
CA ASP H 28 -54.88 -9.80 -0.04
C ASP H 28 -54.15 -8.93 0.99
N ALA H 29 -53.80 -9.51 2.15
CA ALA H 29 -53.13 -8.75 3.21
C ALA H 29 -51.61 -8.76 3.14
N SER H 30 -51.06 -9.43 2.13
CA SER H 30 -49.62 -9.46 1.94
C SER H 30 -49.04 -8.05 1.80
N LEU H 31 -47.89 -7.84 2.44
CA LEU H 31 -47.23 -6.54 2.37
C LEU H 31 -46.80 -6.21 0.93
N ASP H 32 -46.70 -7.22 0.07
CA ASP H 32 -46.39 -6.95 -1.34
C ASP H 32 -47.49 -6.17 -2.05
N MET H 33 -48.66 -6.09 -1.43
CA MET H 33 -49.78 -5.41 -2.07
C MET H 33 -49.52 -3.92 -2.22
N ILE H 34 -48.64 -3.37 -1.38
CA ILE H 34 -48.23 -1.98 -1.54
C ILE H 34 -47.59 -1.76 -2.92
N LEU H 35 -46.54 -2.51 -3.19
CA LEU H 35 -45.91 -2.50 -4.51
C LEU H 35 -46.89 -2.87 -5.64
N VAL H 36 -47.67 -3.93 -5.43
CA VAL H 36 -48.59 -4.40 -6.47
C VAL H 36 -49.60 -3.31 -6.87
N ARG H 37 -50.15 -2.59 -5.89
CA ARG H 37 -51.06 -1.49 -6.22
C ARG H 37 -50.33 -0.31 -6.89
N ASP H 38 -49.12 -0.01 -6.43
CA ASP H 38 -48.33 1.09 -6.99
C ASP H 38 -48.00 0.90 -8.47
N VAL H 39 -47.76 -0.34 -8.88
CA VAL H 39 -47.27 -0.63 -10.23
C VAL H 39 -48.38 -1.20 -11.11
N TYR H 40 -49.16 -2.14 -10.56
CA TYR H 40 -50.16 -2.86 -11.33
C TYR H 40 -51.61 -2.42 -11.07
N GLY H 41 -51.79 -1.45 -10.18
CA GLY H 41 -53.12 -1.04 -9.77
C GLY H 41 -53.85 -0.16 -10.77
N ASP H 42 -55.12 0.07 -10.51
CA ASP H 42 -55.96 0.86 -11.43
C ASP H 42 -55.62 2.35 -11.37
N GLU H 43 -55.06 2.78 -10.25
CA GLU H 43 -54.61 4.18 -10.11
C GLU H 43 -53.15 4.18 -9.68
N PRO H 44 -52.25 3.73 -10.56
CA PRO H 44 -50.88 3.46 -10.11
C PRO H 44 -50.05 4.71 -9.80
N ALA H 45 -49.34 4.66 -8.68
CA ALA H 45 -48.45 5.74 -8.28
C ALA H 45 -47.19 5.73 -9.11
N ARG H 46 -46.88 4.57 -9.70
CA ARG H 46 -45.69 4.40 -10.52
C ARG H 46 -46.11 3.89 -11.90
N PRO H 47 -46.80 4.76 -12.68
CA PRO H 47 -47.48 4.31 -13.90
C PRO H 47 -46.57 3.90 -15.05
N ALA H 48 -45.31 4.33 -15.04
CA ALA H 48 -44.41 4.01 -16.13
C ALA H 48 -43.75 2.63 -15.97
N MET H 49 -43.84 2.07 -14.77
CA MET H 49 -43.05 0.86 -14.47
C MET H 49 -43.41 -0.38 -15.31
N ILE H 50 -44.69 -0.65 -15.53
CA ILE H 50 -45.07 -1.81 -16.34
C ILE H 50 -44.37 -1.74 -17.69
N GLY H 51 -44.44 -0.58 -18.33
CA GLY H 51 -43.78 -0.39 -19.60
C GLY H 51 -42.28 -0.63 -19.57
N ARG H 52 -41.61 -0.15 -18.52
CA ARG H 52 -40.16 -0.31 -18.44
C ARG H 52 -39.75 -1.76 -18.16
N LEU H 53 -40.54 -2.45 -17.35
CA LEU H 53 -40.31 -3.87 -17.07
C LEU H 53 -40.58 -4.72 -18.32
N SER H 54 -41.60 -4.36 -19.09
CA SER H 54 -41.99 -5.15 -20.25
C SER H 54 -41.02 -4.97 -21.42
N ASP H 55 -40.42 -3.80 -21.52
CA ASP H 55 -39.52 -3.52 -22.62
C ASP H 55 -38.19 -4.25 -22.49
N VAL H 56 -37.78 -4.90 -23.58
CA VAL H 56 -36.48 -5.56 -23.66
C VAL H 56 -35.61 -4.96 -24.79
N THR H 57 -36.18 -4.86 -25.99
CA THR H 57 -35.39 -4.50 -27.17
C THR H 57 -35.48 -3.02 -27.57
N GLY H 58 -36.22 -2.23 -26.81
CA GLY H 58 -36.31 -0.81 -27.06
C GLY H 58 -35.34 -0.03 -26.19
N GLU H 59 -35.88 0.71 -25.23
CA GLU H 59 -35.11 1.55 -24.33
C GLU H 59 -34.03 0.78 -23.55
N ARG H 60 -34.37 -0.43 -23.10
CA ARG H 60 -33.42 -1.24 -22.33
C ARG H 60 -32.16 -1.51 -23.16
N LEU H 61 -32.35 -1.98 -24.39
CA LEU H 61 -31.21 -2.33 -25.25
C LEU H 61 -30.45 -1.06 -25.65
N ALA H 62 -31.19 0.02 -25.87
CA ALA H 62 -30.57 1.30 -26.19
C ALA H 62 -29.67 1.77 -25.05
N GLU H 63 -30.16 1.60 -23.82
CA GLU H 63 -29.39 2.00 -22.64
C GLU H 63 -28.17 1.11 -22.46
N MET H 64 -28.35 -0.19 -22.72
CA MET H 64 -27.22 -1.11 -22.68
C MET H 64 -26.15 -0.65 -23.67
N ASP H 65 -26.56 -0.30 -24.88
CA ASP H 65 -25.60 0.09 -25.91
C ASP H 65 -24.90 1.40 -25.56
N SER H 66 -25.63 2.35 -25.00
CA SER H 66 -25.03 3.65 -24.74
C SER H 66 -24.07 3.57 -23.56
N ASN H 67 -24.22 2.55 -22.72
CA ASN H 67 -23.36 2.39 -21.53
C ASN H 67 -22.33 1.26 -21.66
N GLY H 68 -22.31 0.63 -22.83
CA GLY H 68 -21.39 -0.47 -23.07
C GLY H 68 -21.62 -1.72 -22.23
N VAL H 69 -22.88 -2.06 -21.97
CA VAL H 69 -23.24 -3.27 -21.25
C VAL H 69 -23.48 -4.42 -22.22
N ASP H 70 -22.77 -5.52 -22.04
CA ASP H 70 -22.89 -6.63 -22.99
C ASP H 70 -24.22 -7.36 -22.84
N MET H 71 -24.62 -7.66 -21.62
CA MET H 71 -25.79 -8.52 -21.38
C MET H 71 -26.60 -8.14 -20.15
N HIS H 72 -27.89 -8.45 -20.21
CA HIS H 72 -28.73 -8.53 -19.02
C HIS H 72 -29.10 -9.98 -18.83
N LEU H 73 -28.97 -10.46 -17.59
CA LEU H 73 -29.54 -11.74 -17.20
C LEU H 73 -30.92 -11.42 -16.65
N LEU H 74 -31.97 -11.83 -17.39
CA LEU H 74 -33.35 -11.43 -17.08
C LEU H 74 -34.02 -12.35 -16.08
N SER H 75 -34.88 -11.78 -15.23
CA SER H 75 -35.66 -12.55 -14.26
C SER H 75 -37.06 -11.96 -14.16
N LEU H 76 -38.08 -12.80 -14.07
CA LEU H 76 -39.42 -12.27 -13.87
C LEU H 76 -39.42 -11.47 -12.58
N THR H 77 -39.91 -10.24 -12.66
CA THR H 77 -39.86 -9.30 -11.54
C THR H 77 -40.63 -9.81 -10.32
N ALA H 78 -40.15 -9.46 -9.13
CA ALA H 78 -40.89 -9.75 -7.90
C ALA H 78 -42.25 -9.09 -8.00
N PRO H 79 -43.30 -9.74 -7.48
CA PRO H 79 -43.26 -10.97 -6.69
C PRO H 79 -43.42 -12.25 -7.52
N GLY H 80 -43.06 -12.18 -8.79
CA GLY H 80 -43.14 -13.34 -9.66
C GLY H 80 -44.55 -13.88 -9.73
N VAL H 81 -44.70 -15.19 -9.56
CA VAL H 81 -46.01 -15.83 -9.57
C VAL H 81 -46.41 -16.34 -8.18
N GLN H 82 -45.74 -15.84 -7.15
CA GLN H 82 -45.90 -16.42 -5.81
C GLN H 82 -47.12 -15.94 -5.02
N MET H 83 -47.77 -14.87 -5.46
CA MET H 83 -48.96 -14.39 -4.76
C MET H 83 -50.23 -15.11 -5.17
N PHE H 84 -50.22 -15.78 -6.31
CA PHE H 84 -51.43 -16.42 -6.84
C PHE H 84 -51.73 -17.74 -6.15
N ASP H 85 -52.95 -18.23 -6.33
CA ASP H 85 -53.28 -19.58 -5.89
C ASP H 85 -52.39 -20.58 -6.64
N ALA H 86 -52.33 -21.80 -6.14
CA ALA H 86 -51.37 -22.77 -6.67
C ALA H 86 -51.59 -23.08 -8.15
N GLU H 87 -52.84 -23.30 -8.55
CA GLU H 87 -53.13 -23.62 -9.95
C GLU H 87 -52.75 -22.46 -10.87
N THR H 88 -53.13 -21.25 -10.47
CA THR H 88 -52.80 -20.06 -11.23
C THR H 88 -51.30 -19.83 -11.33
N GLY H 89 -50.60 -19.97 -10.21
CA GLY H 89 -49.17 -19.77 -10.19
C GLY H 89 -48.44 -20.79 -11.04
N THR H 90 -48.91 -22.04 -11.00
CA THR H 90 -48.30 -23.10 -11.78
C THR H 90 -48.45 -22.81 -13.28
N ARG H 91 -49.67 -22.44 -13.69
CA ARG H 91 -49.95 -22.09 -15.08
C ARG H 91 -49.09 -20.94 -15.57
N LEU H 92 -49.03 -19.88 -14.78
CA LEU H 92 -48.33 -18.66 -15.18
C LEU H 92 -46.82 -18.83 -15.18
N ALA H 93 -46.30 -19.67 -14.28
CA ALA H 93 -44.87 -19.98 -14.31
C ALA H 93 -44.46 -20.59 -15.66
N ARG H 94 -45.23 -21.57 -16.11
CA ARG H 94 -44.99 -22.20 -17.42
C ARG H 94 -44.98 -21.17 -18.54
N ILE H 95 -46.02 -20.33 -18.56
CA ILE H 95 -46.15 -19.30 -19.57
C ILE H 95 -44.98 -18.32 -19.51
N ALA H 96 -44.67 -17.82 -18.33
CA ALA H 96 -43.57 -16.86 -18.17
C ALA H 96 -42.22 -17.45 -18.57
N ASN H 97 -42.01 -18.73 -18.25
CA ASN H 97 -40.78 -19.42 -18.62
C ASN H 97 -40.65 -19.61 -20.14
N ASP H 98 -41.75 -19.99 -20.79
CA ASP H 98 -41.74 -20.09 -22.26
C ASP H 98 -41.44 -18.73 -22.89
N LEU H 99 -42.02 -17.67 -22.33
CA LEU H 99 -41.81 -16.32 -22.86
C LEU H 99 -40.38 -15.83 -22.60
N MET H 100 -39.82 -16.23 -21.47
CA MET H 100 -38.43 -15.90 -21.17
C MET H 100 -37.49 -16.55 -22.20
N ALA H 101 -37.73 -17.83 -22.50
CA ALA H 101 -36.95 -18.53 -23.51
C ALA H 101 -37.05 -17.83 -24.88
N GLN H 102 -38.26 -17.41 -25.23
CA GLN H 102 -38.52 -16.70 -26.47
C GLN H 102 -37.78 -15.37 -26.51
N THR H 103 -37.82 -14.62 -25.41
CA THR H 103 -37.13 -13.33 -25.29
C THR H 103 -35.62 -13.47 -25.50
N VAL H 104 -35.02 -14.41 -24.76
CA VAL H 104 -33.59 -14.71 -24.85
C VAL H 104 -33.18 -15.11 -26.27
N ALA H 105 -34.01 -15.94 -26.91
CA ALA H 105 -33.69 -16.43 -28.24
C ALA H 105 -33.66 -15.36 -29.33
N ALA H 106 -34.37 -14.26 -29.10
CA ALA H 106 -34.39 -13.19 -30.10
C ALA H 106 -33.05 -12.45 -30.15
N ASN H 107 -32.33 -12.45 -29.03
CA ASN H 107 -31.05 -11.74 -28.92
C ASN H 107 -30.13 -12.41 -27.89
N PRO H 108 -29.70 -13.64 -28.17
CA PRO H 108 -28.97 -14.43 -27.16
C PRO H 108 -27.56 -13.95 -26.84
N THR H 109 -26.99 -13.04 -27.63
CA THR H 109 -25.71 -12.45 -27.26
C THR H 109 -25.88 -11.29 -26.30
N ARG H 110 -27.13 -10.83 -26.14
CA ARG H 110 -27.40 -9.68 -25.28
C ARG H 110 -28.24 -10.02 -24.05
N PHE H 111 -28.95 -11.14 -24.09
CA PHE H 111 -29.81 -11.53 -22.97
C PHE H 111 -29.67 -13.00 -22.63
N ALA H 112 -29.64 -13.26 -21.34
CA ALA H 112 -29.74 -14.61 -20.79
C ALA H 112 -30.96 -14.57 -19.87
N GLY H 113 -31.42 -15.73 -19.40
CA GLY H 113 -32.66 -15.75 -18.65
C GLY H 113 -32.70 -16.73 -17.49
N LEU H 114 -33.38 -16.32 -16.42
CA LEU H 114 -33.63 -17.19 -15.28
C LEU H 114 -35.09 -17.61 -15.32
N GLY H 115 -35.35 -18.90 -15.14
CA GLY H 115 -36.73 -19.36 -15.05
C GLY H 115 -37.26 -19.24 -13.64
N THR H 116 -38.58 -19.25 -13.48
CA THR H 116 -39.15 -19.19 -12.14
C THR H 116 -40.14 -20.33 -11.94
N PHE H 117 -40.79 -20.38 -10.78
CA PHE H 117 -41.68 -21.47 -10.47
C PHE H 117 -42.62 -21.06 -9.35
N ALA H 118 -43.64 -21.87 -9.12
CA ALA H 118 -44.66 -21.60 -8.11
C ALA H 118 -44.56 -22.59 -6.95
N PRO H 119 -43.74 -22.27 -5.94
CA PRO H 119 -43.50 -23.23 -4.85
C PRO H 119 -44.71 -23.43 -3.94
N GLN H 120 -45.81 -22.72 -4.20
CA GLN H 120 -47.12 -23.03 -3.59
C GLN H 120 -47.46 -24.52 -3.75
N ASP H 121 -46.99 -25.10 -4.85
CA ASP H 121 -47.15 -26.52 -5.15
C ASP H 121 -45.76 -27.09 -5.42
N PRO H 122 -45.10 -27.60 -4.38
CA PRO H 122 -43.70 -28.07 -4.51
C PRO H 122 -43.51 -29.14 -5.58
N ALA H 123 -44.43 -30.10 -5.68
CA ALA H 123 -44.29 -31.17 -6.65
C ALA H 123 -44.34 -30.61 -8.07
N SER H 124 -45.29 -29.72 -8.32
CA SER H 124 -45.41 -29.11 -9.63
C SER H 124 -44.24 -28.18 -9.92
N ALA H 125 -43.76 -27.49 -8.91
CA ALA H 125 -42.60 -26.62 -9.09
C ALA H 125 -41.36 -27.44 -9.45
N ALA H 126 -41.21 -28.60 -8.82
CA ALA H 126 -40.09 -29.49 -9.15
C ALA H 126 -40.14 -29.91 -10.61
N ARG H 127 -41.33 -30.21 -11.12
CA ARG H 127 -41.47 -30.58 -12.53
C ARG H 127 -41.09 -29.41 -13.44
N GLU H 128 -41.47 -28.20 -13.04
CA GLU H 128 -41.18 -27.03 -13.86
C GLU H 128 -39.69 -26.69 -13.85
N ILE H 129 -39.05 -26.89 -12.70
CA ILE H 129 -37.61 -26.66 -12.57
C ILE H 129 -36.86 -27.59 -13.52
N GLU H 130 -37.25 -28.85 -13.54
CA GLU H 130 -36.67 -29.81 -14.47
C GLU H 130 -36.88 -29.39 -15.92
N ARG H 131 -38.07 -28.88 -16.24
CA ARG H 131 -38.36 -28.43 -17.59
C ARG H 131 -37.51 -27.22 -17.98
N VAL H 132 -37.32 -26.30 -17.04
CA VAL H 132 -36.49 -25.11 -17.25
C VAL H 132 -35.05 -25.51 -17.58
N ALA H 133 -34.53 -26.46 -16.80
CA ALA H 133 -33.14 -26.91 -16.95
C ALA H 133 -32.88 -27.71 -18.23
N THR H 134 -33.74 -28.69 -18.50
CA THR H 134 -33.45 -29.66 -19.55
C THR H 134 -34.17 -29.43 -20.87
N GLN H 135 -35.38 -28.88 -20.81
CA GLN H 135 -36.15 -28.64 -22.03
C GLN H 135 -35.95 -27.24 -22.59
N LEU H 136 -35.96 -26.22 -21.73
CA LEU H 136 -35.80 -24.84 -22.17
C LEU H 136 -34.35 -24.39 -22.19
N ARG H 137 -33.51 -25.07 -21.41
CA ARG H 137 -32.09 -24.76 -21.32
C ARG H 137 -31.84 -23.31 -20.91
N LEU H 138 -32.60 -22.81 -19.96
CA LEU H 138 -32.34 -21.48 -19.42
C LEU H 138 -31.12 -21.49 -18.51
N ASN H 139 -30.66 -20.31 -18.12
CA ASN H 139 -29.37 -20.15 -17.47
C ASN H 139 -29.37 -20.37 -15.95
N GLY H 140 -30.56 -20.37 -15.35
CA GLY H 140 -30.67 -20.54 -13.91
C GLY H 140 -32.10 -20.29 -13.49
N LEU H 141 -32.29 -20.04 -12.20
CA LEU H 141 -33.61 -19.90 -11.61
C LEU H 141 -33.69 -18.65 -10.74
N VAL H 142 -34.91 -18.16 -10.54
CA VAL H 142 -35.14 -17.04 -9.65
C VAL H 142 -36.43 -17.28 -8.86
N ILE H 143 -36.41 -16.90 -7.58
CA ILE H 143 -37.59 -16.95 -6.73
C ILE H 143 -37.50 -15.79 -5.77
N ASN H 144 -38.64 -15.29 -5.31
CA ASN H 144 -38.68 -14.08 -4.50
C ASN H 144 -38.98 -14.33 -3.04
N SER H 145 -37.91 -14.44 -2.25
CA SER H 145 -37.95 -14.86 -0.86
C SER H 145 -39.13 -15.79 -0.55
N HIS H 146 -39.93 -15.44 0.46
CA HIS H 146 -40.92 -16.40 1.01
C HIS H 146 -42.01 -16.79 0.02
N THR H 147 -42.62 -17.95 0.27
CA THR H 147 -43.87 -18.31 -0.38
C THR H 147 -44.85 -18.76 0.68
N ASN H 148 -46.07 -18.22 0.61
CA ASN H 148 -47.13 -18.50 1.57
C ASN H 148 -46.70 -18.19 3.00
N ASP H 149 -45.80 -17.20 3.15
CA ASP H 149 -45.32 -16.78 4.45
C ASP H 149 -44.54 -17.88 5.19
N LEU H 150 -43.89 -18.73 4.42
CA LEU H 150 -42.97 -19.75 4.93
C LEU H 150 -41.60 -19.54 4.31
N TYR H 151 -40.55 -19.93 5.04
CA TYR H 151 -39.19 -19.76 4.55
C TYR H 151 -38.65 -21.10 4.09
N TYR H 152 -37.52 -21.08 3.39
CA TYR H 152 -37.07 -22.26 2.65
C TYR H 152 -36.30 -23.28 3.48
N ASP H 153 -36.27 -23.08 4.80
CA ASP H 153 -35.88 -24.18 5.68
C ASP H 153 -37.03 -25.19 5.84
N ASP H 154 -38.25 -24.78 5.52
CA ASP H 154 -39.42 -25.63 5.78
C ASP H 154 -39.34 -26.89 4.90
N PRO H 155 -39.48 -28.08 5.50
CA PRO H 155 -39.42 -29.33 4.76
C PRO H 155 -40.48 -29.43 3.64
N PHE H 156 -41.50 -28.59 3.71
CA PHE H 156 -42.53 -28.50 2.67
C PHE H 156 -41.89 -28.27 1.31
N PHE H 157 -40.77 -27.54 1.31
CA PHE H 157 -40.14 -27.18 0.06
C PHE H 157 -39.01 -28.12 -0.35
N HIS H 158 -38.80 -29.21 0.39
CA HIS H 158 -37.74 -30.14 0.01
C HIS H 158 -37.78 -30.63 -1.47
N PRO H 159 -38.99 -30.94 -2.02
CA PRO H 159 -39.01 -31.38 -3.42
C PRO H 159 -38.49 -30.31 -4.40
N VAL H 160 -38.65 -29.05 -4.04
CA VAL H 160 -38.13 -27.96 -4.85
C VAL H 160 -36.60 -27.99 -4.84
N PHE H 161 -36.02 -27.99 -3.65
CA PHE H 161 -34.55 -27.97 -3.56
C PHE H 161 -33.89 -29.24 -4.07
N GLU H 162 -34.57 -30.38 -3.95
CA GLU H 162 -34.07 -31.61 -4.54
C GLU H 162 -33.93 -31.40 -6.04
N ALA H 163 -34.96 -30.84 -6.66
CA ALA H 163 -34.96 -30.65 -8.10
C ALA H 163 -33.95 -29.59 -8.52
N ILE H 164 -33.82 -28.52 -7.75
CA ILE H 164 -32.84 -27.49 -8.06
C ILE H 164 -31.43 -28.06 -7.98
N GLU H 165 -31.14 -28.80 -6.90
CA GLU H 165 -29.81 -29.38 -6.77
C GLU H 165 -29.48 -30.30 -7.93
N ALA H 166 -30.44 -31.13 -8.32
CA ALA H 166 -30.22 -32.09 -9.38
C ALA H 166 -30.01 -31.40 -10.73
N SER H 167 -30.67 -30.26 -10.91
CA SER H 167 -30.65 -29.55 -12.18
C SER H 167 -29.31 -28.88 -12.45
N GLY H 168 -28.58 -28.57 -11.39
CA GLY H 168 -27.34 -27.83 -11.50
C GLY H 168 -27.52 -26.33 -11.72
N LEU H 169 -28.77 -25.87 -11.76
CA LEU H 169 -29.04 -24.44 -11.92
C LEU H 169 -28.89 -23.68 -10.60
N ALA H 170 -28.20 -22.54 -10.65
CA ALA H 170 -28.13 -21.66 -9.50
C ALA H 170 -29.50 -21.01 -9.28
N LEU H 171 -29.85 -20.79 -8.03
CA LEU H 171 -31.10 -20.13 -7.68
C LEU H 171 -30.85 -18.75 -7.10
N TYR H 172 -31.35 -17.75 -7.78
CA TYR H 172 -31.26 -16.38 -7.32
C TYR H 172 -32.44 -16.16 -6.41
N ILE H 173 -32.19 -15.96 -5.12
CA ILE H 173 -33.29 -15.63 -4.21
C ILE H 173 -33.37 -14.11 -4.07
N HIS H 174 -34.27 -13.54 -4.87
CA HIS H 174 -34.54 -12.12 -4.93
C HIS H 174 -35.47 -11.73 -3.78
N PRO H 175 -35.43 -10.45 -3.35
CA PRO H 175 -36.39 -10.09 -2.30
C PRO H 175 -37.85 -10.03 -2.74
N ARG H 176 -38.72 -10.05 -1.73
CA ARG H 176 -40.06 -9.51 -1.82
C ARG H 176 -40.32 -8.84 -0.48
N ALA H 177 -41.49 -8.24 -0.29
CA ALA H 177 -41.78 -7.60 0.98
C ALA H 177 -41.78 -8.62 2.13
N PRO H 178 -41.42 -8.17 3.34
CA PRO H 178 -41.49 -9.00 4.55
C PRO H 178 -42.78 -9.81 4.62
N SER H 179 -42.63 -11.09 4.96
CA SER H 179 -43.75 -12.02 5.10
C SER H 179 -44.62 -11.63 6.29
N LYS H 180 -45.76 -12.31 6.44
CA LYS H 180 -46.68 -12.02 7.52
C LYS H 180 -46.08 -12.33 8.90
N GLN H 181 -45.00 -13.11 8.92
CA GLN H 181 -44.32 -13.43 10.18
C GLN H 181 -43.66 -12.17 10.76
N ILE H 182 -43.30 -11.22 9.91
CA ILE H 182 -42.53 -10.06 10.37
C ILE H 182 -43.05 -8.71 9.88
N ASP H 183 -44.08 -8.70 9.02
CA ASP H 183 -44.47 -7.47 8.33
C ASP H 183 -44.96 -6.32 9.23
N ARG H 184 -45.42 -6.62 10.43
CA ARG H 184 -45.93 -5.58 11.31
C ARG H 184 -44.95 -4.43 11.56
N ALA H 185 -43.65 -4.74 11.54
CA ALA H 185 -42.62 -3.74 11.83
C ALA H 185 -42.19 -2.94 10.59
N PHE H 186 -42.79 -3.25 9.44
CA PHE H 186 -42.36 -2.66 8.17
C PHE H 186 -43.48 -1.90 7.47
N ARG H 187 -44.44 -1.42 8.25
CA ARG H 187 -45.60 -0.75 7.69
C ARG H 187 -45.41 0.75 7.55
N ASP H 188 -44.34 1.28 8.12
CA ASP H 188 -44.12 2.72 8.19
C ASP H 188 -42.89 3.18 7.42
N TYR H 189 -42.91 4.44 6.97
CA TYR H 189 -41.72 5.08 6.37
C TYR H 189 -41.21 4.37 5.12
N GLY H 190 -42.11 3.69 4.41
CA GLY H 190 -41.76 2.98 3.20
C GLY H 190 -40.86 1.79 3.43
N MET H 191 -40.80 1.32 4.67
CA MET H 191 -39.89 0.22 5.00
C MET H 191 -40.34 -1.15 4.48
N ASN H 192 -41.51 -1.22 3.85
CA ASN H 192 -41.96 -2.45 3.19
C ASN H 192 -41.01 -2.86 2.06
N SER H 193 -40.29 -1.87 1.53
CA SER H 193 -39.62 -2.02 0.25
C SER H 193 -38.10 -2.18 0.36
N ALA H 194 -37.42 -1.75 -0.69
CA ALA H 194 -35.98 -1.92 -0.82
C ALA H 194 -35.17 -1.20 0.28
N ILE H 195 -35.75 -0.15 0.87
CA ILE H 195 -34.99 0.65 1.82
C ILE H 195 -34.65 -0.14 3.09
N TRP H 196 -35.43 -1.16 3.42
CA TRP H 196 -35.13 -1.95 4.61
C TRP H 196 -35.78 -3.34 4.62
N GLY H 197 -37.09 -3.39 4.45
CA GLY H 197 -37.81 -4.66 4.49
C GLY H 197 -37.27 -5.77 3.57
N TYR H 198 -36.94 -5.41 2.33
CA TYR H 198 -36.44 -6.39 1.37
C TYR H 198 -35.22 -7.13 1.92
N GLY H 199 -34.28 -6.39 2.49
CA GLY H 199 -33.06 -6.99 2.99
C GLY H 199 -33.26 -7.88 4.22
N ILE H 200 -34.13 -7.45 5.12
CA ILE H 200 -34.42 -8.21 6.33
C ILE H 200 -35.15 -9.51 6.00
N GLU H 201 -36.11 -9.41 5.10
CA GLU H 201 -36.89 -10.58 4.66
C GLU H 201 -35.98 -11.62 4.00
N THR H 202 -35.17 -11.18 3.05
CA THR H 202 -34.36 -12.09 2.26
C THR H 202 -33.20 -12.70 3.06
N SER H 203 -32.49 -11.85 3.82
CA SER H 203 -31.41 -12.37 4.65
C SER H 203 -31.91 -13.33 5.72
N THR H 204 -33.05 -13.05 6.34
CA THR H 204 -33.59 -13.97 7.33
C THR H 204 -33.95 -15.33 6.71
N ASN H 205 -34.52 -15.30 5.51
CA ASN H 205 -34.78 -16.52 4.77
C ASN H 205 -33.48 -17.33 4.60
N ALA H 206 -32.43 -16.68 4.11
CA ALA H 206 -31.16 -17.37 3.82
C ALA H 206 -30.49 -17.90 5.10
N VAL H 207 -30.57 -17.14 6.19
CA VAL H 207 -29.98 -17.58 7.45
C VAL H 207 -30.72 -18.82 7.99
N ARG H 208 -32.05 -18.81 7.88
CA ARG H 208 -32.83 -19.99 8.25
C ARG H 208 -32.40 -21.20 7.41
N MET H 209 -32.23 -21.00 6.11
CA MET H 209 -31.76 -22.09 5.23
C MET H 209 -30.44 -22.68 5.75
N ILE H 210 -29.47 -21.83 6.03
CA ILE H 210 -28.18 -22.31 6.52
C ILE H 210 -28.29 -23.01 7.88
N LEU H 211 -28.93 -22.36 8.85
CA LEU H 211 -28.94 -22.91 10.21
C LEU H 211 -29.76 -24.19 10.33
N SER H 212 -30.72 -24.35 9.44
CA SER H 212 -31.58 -25.54 9.45
C SER H 212 -30.85 -26.78 8.92
N GLY H 213 -29.70 -26.57 8.30
CA GLY H 213 -28.96 -27.66 7.70
C GLY H 213 -29.35 -28.00 6.28
N LEU H 214 -30.01 -27.08 5.57
CA LEU H 214 -30.45 -27.36 4.21
C LEU H 214 -29.29 -27.72 3.30
N PHE H 215 -28.13 -27.12 3.56
CA PHE H 215 -26.94 -27.33 2.72
C PHE H 215 -26.12 -28.55 3.11
N ASP H 216 -26.50 -29.24 4.19
CA ASP H 216 -26.01 -30.60 4.39
C ASP H 216 -26.92 -31.58 3.64
N ARG H 217 -28.22 -31.28 3.57
CA ARG H 217 -29.15 -32.14 2.85
C ARG H 217 -28.90 -32.06 1.34
N PHE H 218 -28.60 -30.84 0.87
CA PHE H 218 -28.40 -30.54 -0.55
C PHE H 218 -27.11 -29.74 -0.73
N PRO H 219 -25.94 -30.42 -0.60
CA PRO H 219 -24.66 -29.70 -0.56
C PRO H 219 -24.22 -29.10 -1.90
N ARG H 220 -24.86 -29.49 -2.99
CA ARG H 220 -24.51 -28.94 -4.30
C ARG H 220 -25.40 -27.77 -4.73
N LEU H 221 -26.27 -27.29 -3.86
CA LEU H 221 -27.05 -26.10 -4.18
C LEU H 221 -26.15 -24.89 -4.38
N LYS H 222 -26.48 -24.06 -5.37
CA LYS H 222 -25.88 -22.74 -5.44
C LYS H 222 -26.98 -21.70 -5.32
N ILE H 223 -26.84 -20.81 -4.35
CA ILE H 223 -27.79 -19.73 -4.11
C ILE H 223 -27.10 -18.38 -4.37
N VAL H 224 -27.81 -17.48 -5.04
CA VAL H 224 -27.29 -16.14 -5.29
C VAL H 224 -28.16 -15.11 -4.59
N LEU H 225 -27.53 -14.19 -3.84
CA LEU H 225 -28.23 -13.11 -3.16
C LEU H 225 -27.75 -11.76 -3.69
N GLY H 226 -28.68 -10.88 -4.04
CA GLY H 226 -28.32 -9.55 -4.47
C GLY H 226 -28.08 -8.62 -3.30
N HIS H 227 -27.94 -7.33 -3.60
CA HIS H 227 -27.80 -6.30 -2.58
C HIS H 227 -26.65 -6.57 -1.62
N MET H 228 -25.51 -6.87 -2.25
CA MET H 228 -24.29 -7.21 -1.55
C MET H 228 -24.52 -8.33 -0.53
N GLY H 229 -25.29 -9.34 -0.95
CA GLY H 229 -25.52 -10.50 -0.12
C GLY H 229 -26.51 -10.28 1.00
N GLU H 230 -27.35 -9.26 0.84
CA GLU H 230 -28.33 -8.90 1.86
C GLU H 230 -27.67 -8.74 3.24
N ALA H 231 -26.43 -8.22 3.20
CA ALA H 231 -25.58 -7.97 4.37
C ALA H 231 -25.07 -9.20 5.12
N ILE H 232 -25.44 -10.40 4.70
CA ILE H 232 -24.90 -11.59 5.35
C ILE H 232 -23.35 -11.63 5.37
N PRO H 233 -22.69 -11.13 4.30
CA PRO H 233 -21.22 -11.11 4.41
C PRO H 233 -20.71 -10.29 5.60
N PHE H 234 -21.46 -9.31 6.04
CA PHE H 234 -21.01 -8.48 7.17
C PHE H 234 -21.13 -9.18 8.51
N TRP H 235 -22.06 -10.14 8.60
CA TRP H 235 -22.36 -10.84 9.85
C TRP H 235 -21.64 -12.18 10.03
N LEU H 236 -20.74 -12.54 9.12
CA LEU H 236 -20.17 -13.88 9.12
C LEU H 236 -19.46 -14.28 10.42
N TRP H 237 -18.71 -13.35 11.00
CA TRP H 237 -17.96 -13.70 12.21
C TRP H 237 -18.91 -14.05 13.35
N ARG H 238 -19.96 -13.26 13.52
CA ARG H 238 -20.93 -13.45 14.61
C ARG H 238 -21.82 -14.67 14.40
N LEU H 239 -22.23 -14.89 13.16
CA LEU H 239 -22.96 -16.12 12.82
C LEU H 239 -22.14 -17.33 13.24
N ASP H 240 -20.85 -17.33 12.93
CA ASP H 240 -19.98 -18.42 13.35
C ASP H 240 -19.81 -18.50 14.87
N TYR H 241 -19.49 -17.36 15.49
CA TYR H 241 -19.20 -17.36 16.93
C TYR H 241 -20.38 -17.90 17.75
N MET H 242 -21.57 -17.40 17.44
CA MET H 242 -22.75 -17.72 18.21
C MET H 242 -23.37 -19.09 17.88
N HIS H 243 -22.84 -19.76 16.87
CA HIS H 243 -23.41 -21.06 16.48
C HIS H 243 -23.28 -22.12 17.57
N GLY H 244 -22.20 -22.07 18.35
CA GLY H 244 -22.05 -22.98 19.49
C GLY H 244 -23.20 -22.88 20.45
N ASN H 245 -23.57 -21.66 20.84
CA ASN H 245 -24.73 -21.44 21.71
C ASN H 245 -26.01 -21.96 21.08
N ALA H 246 -26.17 -21.70 19.79
CA ALA H 246 -27.39 -22.11 19.09
C ALA H 246 -27.61 -23.63 19.13
N THR H 247 -26.55 -24.41 18.95
CA THR H 247 -26.67 -25.86 18.93
C THR H 247 -26.63 -26.45 20.34
N THR H 248 -26.01 -25.73 21.27
CA THR H 248 -25.95 -26.17 22.65
C THR H 248 -27.23 -25.87 23.42
N PHE H 249 -27.68 -24.62 23.37
CA PHE H 249 -28.83 -24.19 24.17
C PHE H 249 -30.08 -23.94 23.34
N GLY H 250 -29.93 -23.71 22.05
CA GLY H 250 -31.03 -23.23 21.24
C GLY H 250 -31.74 -24.27 20.40
N GLY H 251 -31.30 -25.52 20.47
CA GLY H 251 -31.93 -26.59 19.71
C GLY H 251 -31.62 -26.62 18.22
N ALA H 252 -30.66 -25.81 17.79
CA ALA H 252 -30.25 -25.81 16.40
C ALA H 252 -29.56 -27.13 16.10
N PRO H 253 -29.74 -27.65 14.87
CA PRO H 253 -29.12 -28.92 14.55
C PRO H 253 -27.62 -28.79 14.33
N LYS H 254 -26.88 -29.84 14.68
CA LYS H 254 -25.45 -29.84 14.38
C LYS H 254 -25.24 -29.86 12.87
N LEU H 255 -24.29 -29.05 12.42
CA LEU H 255 -23.96 -28.92 11.01
C LEU H 255 -22.56 -29.45 10.72
N LYS H 256 -22.32 -29.85 9.48
CA LYS H 256 -20.99 -30.31 9.10
C LYS H 256 -19.97 -29.18 9.00
N LEU H 257 -20.42 -28.00 8.56
CA LEU H 257 -19.55 -26.84 8.37
C LEU H 257 -19.98 -25.68 9.27
N LYS H 258 -19.15 -24.63 9.34
CA LYS H 258 -19.54 -23.41 10.03
C LYS H 258 -20.51 -22.65 9.13
N PRO H 259 -21.41 -21.86 9.73
CA PRO H 259 -22.32 -21.02 8.92
C PRO H 259 -21.61 -20.25 7.79
N SER H 260 -20.48 -19.62 8.10
CA SER H 260 -19.77 -18.83 7.07
C SER H 260 -19.20 -19.72 5.97
N GLU H 261 -18.91 -20.97 6.30
CA GLU H 261 -18.37 -21.90 5.31
C GLU H 261 -19.45 -22.33 4.33
N TYR H 262 -20.70 -22.45 4.80
CA TYR H 262 -21.82 -22.66 3.89
C TYR H 262 -22.00 -21.44 3.01
N PHE H 263 -21.83 -20.25 3.61
CA PHE H 263 -22.04 -19.05 2.82
C PHE H 263 -21.01 -18.96 1.69
N ARG H 264 -19.76 -19.29 1.98
CA ARG H 264 -18.74 -19.25 0.93
C ARG H 264 -18.84 -20.41 -0.06
N ARG H 265 -19.25 -21.58 0.42
CA ARG H 265 -19.34 -22.75 -0.45
C ARG H 265 -20.58 -22.73 -1.36
N ASN H 266 -21.72 -22.38 -0.77
CA ASN H 266 -23.01 -22.57 -1.44
C ASN H 266 -23.63 -21.28 -1.96
N PHE H 267 -23.07 -20.13 -1.60
CA PHE H 267 -23.67 -18.86 -2.02
C PHE H 267 -22.70 -18.02 -2.87
N ALA H 268 -23.27 -17.18 -3.71
CA ALA H 268 -22.53 -16.07 -4.34
C ALA H 268 -23.39 -14.83 -4.17
N ILE H 269 -22.81 -13.65 -4.36
CA ILE H 269 -23.58 -12.43 -4.18
C ILE H 269 -23.48 -11.51 -5.40
N THR H 270 -24.42 -10.58 -5.50
CA THR H 270 -24.32 -9.52 -6.49
C THR H 270 -24.34 -8.14 -5.85
N THR H 271 -23.93 -7.13 -6.63
CA THR H 271 -23.82 -5.76 -6.14
C THR H 271 -25.07 -4.91 -6.39
N SER H 272 -26.18 -5.54 -6.81
CA SER H 272 -27.39 -4.78 -7.11
C SER H 272 -27.74 -3.81 -5.98
N GLY H 273 -27.98 -2.55 -6.33
CA GLY H 273 -28.41 -1.56 -5.34
C GLY H 273 -27.41 -1.21 -4.25
N VAL H 274 -26.17 -1.65 -4.38
CA VAL H 274 -25.15 -1.32 -3.38
C VAL H 274 -23.89 -0.92 -4.11
N GLU H 275 -23.91 0.30 -4.63
CA GLU H 275 -22.82 0.82 -5.45
C GLU H 275 -21.80 1.51 -4.57
N SER H 276 -21.26 0.73 -3.63
CA SER H 276 -20.28 1.19 -2.67
C SER H 276 -18.95 0.47 -2.88
N HIS H 277 -17.90 1.20 -3.24
CA HIS H 277 -16.59 0.57 -3.39
C HIS H 277 -16.11 -0.06 -2.09
N ALA H 278 -16.42 0.57 -0.95
CA ALA H 278 -15.99 -0.01 0.33
C ALA H 278 -16.68 -1.35 0.63
N ALA H 279 -17.99 -1.42 0.37
CA ALA H 279 -18.72 -2.66 0.60
C ALA H 279 -18.29 -3.74 -0.38
N LEU H 280 -18.00 -3.33 -1.62
CA LEU H 280 -17.48 -4.25 -2.63
C LEU H 280 -16.15 -4.83 -2.19
N ARG H 281 -15.23 -3.97 -1.74
CA ARG H 281 -13.92 -4.45 -1.31
C ARG H 281 -14.02 -5.37 -0.11
N TYR H 282 -14.85 -4.99 0.86
CA TYR H 282 -15.12 -5.84 2.03
C TYR H 282 -15.56 -7.23 1.58
N SER H 283 -16.49 -7.27 0.64
CA SER H 283 -17.09 -8.53 0.24
C SER H 283 -16.08 -9.42 -0.50
N ILE H 284 -15.31 -8.81 -1.39
CA ILE H 284 -14.23 -9.54 -2.05
C ILE H 284 -13.24 -10.10 -1.03
N GLU H 285 -12.91 -9.31 -0.02
CA GLU H 285 -11.99 -9.76 1.02
C GLU H 285 -12.46 -10.99 1.81
N VAL H 286 -13.74 -11.02 2.19
CA VAL H 286 -14.23 -12.06 3.08
C VAL H 286 -14.87 -13.23 2.33
N LEU H 287 -15.30 -13.01 1.09
CA LEU H 287 -15.92 -14.08 0.30
C LEU H 287 -14.98 -14.65 -0.73
N GLY H 288 -14.02 -13.84 -1.19
CA GLY H 288 -13.18 -14.21 -2.31
C GLY H 288 -13.73 -13.58 -3.58
N PRO H 289 -12.84 -13.25 -4.52
CA PRO H 289 -13.29 -12.54 -5.72
C PRO H 289 -14.14 -13.39 -6.68
N GLU H 290 -14.11 -14.72 -6.53
CA GLU H 290 -14.94 -15.57 -7.38
C GLU H 290 -16.41 -15.57 -6.99
N ASN H 291 -16.70 -15.00 -5.82
CA ASN H 291 -18.06 -15.04 -5.25
C ASN H 291 -18.89 -13.76 -5.37
N VAL H 292 -18.36 -12.76 -6.08
CA VAL H 292 -19.06 -11.48 -6.20
C VAL H 292 -19.31 -11.14 -7.68
N MET H 293 -20.56 -10.80 -7.99
CA MET H 293 -20.98 -10.49 -9.35
C MET H 293 -21.58 -9.10 -9.41
N TRP H 294 -21.42 -8.44 -10.55
CA TRP H 294 -22.03 -7.13 -10.76
C TRP H 294 -23.48 -7.29 -11.22
N ALA H 295 -24.30 -6.29 -10.88
CA ALA H 295 -25.69 -6.21 -11.33
C ALA H 295 -26.10 -4.75 -11.37
N ILE H 296 -27.18 -4.45 -12.07
CA ILE H 296 -27.74 -3.11 -12.12
C ILE H 296 -29.01 -2.97 -11.25
N ASP H 297 -29.91 -3.97 -11.34
CA ASP H 297 -31.25 -3.89 -10.75
C ASP H 297 -32.14 -2.97 -11.61
N TYR H 298 -31.90 -3.01 -12.93
CA TYR H 298 -32.77 -2.31 -13.89
C TYR H 298 -34.12 -3.02 -13.92
N PRO H 299 -35.22 -2.27 -14.05
CA PRO H 299 -35.36 -0.82 -14.23
C PRO H 299 -35.57 -0.08 -12.91
N TYR H 300 -35.38 -0.75 -11.78
CA TYR H 300 -35.57 -0.09 -10.48
C TYR H 300 -34.38 0.80 -10.13
N GLN H 301 -33.25 0.56 -10.78
CA GLN H 301 -32.08 1.45 -10.69
C GLN H 301 -31.67 1.76 -12.11
N PRO H 302 -31.04 2.92 -12.33
CA PRO H 302 -30.54 3.32 -13.65
C PRO H 302 -29.21 2.64 -13.99
N MET H 303 -28.97 2.43 -15.28
CA MET H 303 -27.78 1.70 -15.70
C MET H 303 -26.45 2.48 -15.57
N ALA H 304 -26.42 3.74 -15.99
CA ALA H 304 -25.15 4.48 -16.00
C ALA H 304 -24.40 4.49 -14.65
N PRO H 305 -25.07 4.82 -13.55
CA PRO H 305 -24.33 4.83 -12.28
C PRO H 305 -23.81 3.43 -11.89
N ALA H 306 -24.57 2.38 -12.18
CA ALA H 306 -24.14 1.03 -11.80
C ALA H 306 -22.92 0.63 -12.63
N VAL H 307 -22.95 0.98 -13.92
CA VAL H 307 -21.85 0.70 -14.81
C VAL H 307 -20.59 1.46 -14.36
N GLN H 308 -20.76 2.74 -14.05
CA GLN H 308 -19.60 3.54 -13.66
C GLN H 308 -19.01 3.10 -12.30
N PHE H 309 -19.87 2.57 -11.43
CA PHE H 309 -19.42 2.00 -10.15
C PHE H 309 -18.41 0.88 -10.41
N ILE H 310 -18.74 -0.04 -11.30
CA ILE H 310 -17.82 -1.15 -11.54
C ILE H 310 -16.60 -0.75 -12.39
N ARG H 311 -16.78 0.11 -13.39
CA ARG H 311 -15.66 0.53 -14.23
C ARG H 311 -14.59 1.31 -13.45
N THR H 312 -15.00 1.95 -12.37
CA THR H 312 -14.09 2.76 -11.55
C THR H 312 -13.68 2.06 -10.25
N ALA H 313 -14.06 0.80 -10.08
CA ALA H 313 -13.77 0.11 -8.82
C ALA H 313 -12.26 0.01 -8.55
N PRO H 314 -11.83 0.37 -7.32
CA PRO H 314 -10.39 0.36 -7.01
C PRO H 314 -9.92 -1.07 -6.73
N ILE H 315 -9.98 -1.90 -7.76
CA ILE H 315 -9.54 -3.30 -7.68
C ILE H 315 -8.77 -3.63 -8.95
N PRO H 316 -7.85 -4.61 -8.88
CA PRO H 316 -7.07 -4.92 -10.07
C PRO H 316 -7.95 -5.33 -11.25
N GLU H 317 -7.43 -5.15 -12.47
CA GLU H 317 -8.23 -5.43 -13.67
C GLU H 317 -8.69 -6.88 -13.78
N ASP H 318 -7.88 -7.83 -13.33
CA ASP H 318 -8.33 -9.23 -13.45
C ASP H 318 -9.50 -9.54 -12.51
N VAL H 319 -9.46 -8.99 -11.31
CA VAL H 319 -10.56 -9.15 -10.36
C VAL H 319 -11.80 -8.39 -10.85
N LYS H 320 -11.57 -7.21 -11.42
CA LYS H 320 -12.68 -6.42 -11.97
C LYS H 320 -13.41 -7.21 -13.07
N ALA H 321 -12.64 -7.86 -13.94
CA ALA H 321 -13.24 -8.70 -14.98
C ALA H 321 -14.08 -9.85 -14.42
N MET H 322 -13.60 -10.49 -13.36
CA MET H 322 -14.39 -11.53 -12.68
C MET H 322 -15.71 -10.95 -12.19
N VAL H 323 -15.63 -9.85 -11.45
CA VAL H 323 -16.84 -9.25 -10.89
C VAL H 323 -17.80 -8.72 -11.96
N ALA H 324 -17.23 -8.13 -13.02
CA ALA H 324 -18.04 -7.51 -14.08
C ALA H 324 -18.83 -8.53 -14.90
N GLY H 325 -18.28 -9.72 -15.09
CA GLY H 325 -18.94 -10.72 -15.93
C GLY H 325 -18.43 -12.15 -15.89
N GLY H 326 -17.16 -12.33 -15.54
CA GLY H 326 -16.54 -13.64 -15.57
C GLY H 326 -17.22 -14.62 -14.63
N ASN H 327 -17.50 -14.17 -13.41
CA ASN H 327 -18.16 -15.01 -12.42
C ASN H 327 -19.56 -15.40 -12.86
N ALA H 328 -20.31 -14.43 -13.40
CA ALA H 328 -21.67 -14.70 -13.87
C ALA H 328 -21.65 -15.70 -15.01
N ALA H 329 -20.68 -15.56 -15.91
CA ALA H 329 -20.57 -16.49 -17.03
C ALA H 329 -20.38 -17.91 -16.53
N ARG H 330 -19.62 -18.08 -15.45
CA ARG H 330 -19.44 -19.38 -14.84
C ARG H 330 -20.72 -19.87 -14.15
N ILE H 331 -21.22 -19.08 -13.20
CA ILE H 331 -22.34 -19.48 -12.36
C ILE H 331 -23.64 -19.69 -13.13
N PHE H 332 -23.88 -18.84 -14.13
CA PHE H 332 -25.10 -18.95 -14.95
C PHE H 332 -24.87 -19.54 -16.34
N ARG H 333 -23.73 -20.19 -16.53
CA ARG H 333 -23.38 -20.89 -17.76
C ARG H 333 -23.75 -20.09 -19.01
N ILE H 334 -23.12 -18.92 -19.11
CA ILE H 334 -23.30 -18.04 -20.25
C ILE H 334 -22.07 -18.18 -21.16
N THR H 335 -22.30 -18.49 -22.42
CA THR H 335 -21.18 -18.64 -23.35
C THR H 335 -20.67 -17.28 -23.84
#